data_3CMX
#
_entry.id   3CMX
#
_cell.length_a   159.000
_cell.length_b   300.500
_cell.length_c   80.100
_cell.angle_alpha   90.00
_cell.angle_beta   90.00
_cell.angle_gamma   90.00
#
_symmetry.space_group_name_H-M   'P 21 21 2'
#
loop_
_entity.id
_entity.type
_entity.pdbx_description
1 polymer "DNA (5'-D(*DTP*DTP*DTP*DTP*DTP*DTP*DTP*DTP*DTP*DTP*DTP*DTP*DTP*DTP*DT)-3')"
2 polymer "DNA (5'-D(*DAP*DAP*DAP*DAP*DAP*DAP*DAP*DAP*DAP*DAP*DAP*DA)-3')"
3 polymer 'Protein recA'
4 non-polymer 'MAGNESIUM ION'
5 non-polymer 'TETRAFLUOROALUMINATE ION'
6 non-polymer "ADENOSINE-5'-DIPHOSPHATE"
#
loop_
_entity_poly.entity_id
_entity_poly.type
_entity_poly.pdbx_seq_one_letter_code
_entity_poly.pdbx_strand_id
1 'polydeoxyribonucleotide' (DT)(DT)(DT)(DT)(DT)(DT)(DT)(DT)(DT)(DT)(DT)(DT)(DT)(DT)(DT) B,E
2 'polydeoxyribonucleotide' (DA)(DA)(DA)(DA)(DA)(DA)(DA)(DA)(DA)(DA)(DA)(DA) C,F
3 'polypeptide(L)'
;GAMHGEDRSMDVETISTGSLSLDIALGAGGLPMGRIVEIYGPESSGKTTLTLQVIAAAQREGKTCAFIDAEHALDPIYAR
KLGVDIDNLLCSQPDTGEQALEICDALARSGAVDVIVVDSVAALTPKAEIEGEIGDSHMGLAARMMSQAMRKLAGNLKQS
NTLLIFINQIRMKIGVMFGNPETTTGGNALKFYASVRLDIRRIGAVKEGENVVGSETRVKVVKNKIAAPFKQAEFQILYG
EGINFYGELVDLGVKEKLIEKAGAWYSYKGEKIGQGKANATAWLKDNPETAKEIEKKVRELLLSNPNSTTGSTGSGTTGS
TGSMAIDENKQKALAAALGQIEKQFGKGSIMRLGEDRSMDVETISTGSLSLDIALGAGGLPMGRIVEIYGPESSGKTTLT
LQVIAAAQREGKTCAFIDAEHALDPIYARKLGVDIDNLLCSQPDTGEQALEICDALARSGAVDVIVVDSVAALTPKAEIE
GEIGDSHMGLAARMMSQAMRKLAGNLKQSNTLLIFINQIRMKIGVMFGNPETTTGGNALKFYASVRLDIRRIGAVKEGEN
VVGSETRVKVVKNKIAAPFKQAEFQILYGEGINFYGELVDLGVKEKLIEKAGAWYSYKGEKIGQGKANATAWLKDNPETA
KEIEKKVRELLLSNPNSTTGSTGSMGHTTGSMSAIDENKQKALAAALGQIEKQFGKGSIMRLGEDRSMDVETISTGSLSL
DIALGAGGLPMGRIVEIYGPESSGKTTLTLQVIAAAQREGKTCAFIDAEHALDPIYARKLGVDIDNLLCSQPDTGEQALE
ICDALARSGAVDVIVVDSVAALTPKAEIEGEIGDSHMGLAARMMSQAMRKLAGNLKQSNTLLIFINQIRMKIGVMFGNPE
TTTGGNALKFYASVRLDIRRIGAVKEGENVVGSETRVKVVKNKIAAPFKQAEFQILYGEGINFYGELVDLGVKEKLIEKA
GAWYSYKGEKIGQGKANATAWLKDNPETAKEIEKKVRELLLSNPNSTTGSTGSASGSSTGSMSAIDENKQKALAAALGQI
EKQFGKGSIMRLGEDRSMDVETISTGSLSLDIALGAGGLPMGRIVEIYGPESSGKTTLTLQVIAAAQREGKTCAFIDAEH
ALDPIYARKLGVDIDNLLCSQPDTGEQALEICDALARSGAVDVIVVDSVAALTPKAEIEGEIGDSHMGLAARMMSQAMRK
LAGNLKQSNTLLIFINQIRMKIGVMFGNPETTTGGNALKFYASVRLDIRRIGAVKEGENVVGSETRVKVVKNKIAAPFKQ
AEFQILYGEGINFYGELVDLGVKEKLIEKAGAWYSYKGEKIGQGKANATAWLKDNPETAKEIEKKVRELLLSNPNSTTGS
TGSMSGRTGSMSAIDENKQKALAAALGQIEKQFGKGSIMRLGEDRSMDVETISTGSLSLDIALGAGGLPMGRIVEIYGPE
SSGKTTLTLQVIAAAQREGKTCAFIDAEHALDPIYARKLGVDIDNLLCSQPDTGEQALEICDALARSGAVDVIVVDSVAA
LTPKAEIEGEIGDSHMGLAARMMSQAMRKLAGNLKQSNTLLIFINQIRMKIGVMFGNPETTTGGNALKFYASVRLDIRRI
GAVKEGENVVGSETRVKVVKNKIAAPFKQAEFQILYGEGINFYGELVDLGVKEKLIEKAGAWYSYKGEKIGQGKANATAW
LKDNPETAKEIEKKVRELLLSNPNST
;
A,D
#
loop_
_chem_comp.id
_chem_comp.type
_chem_comp.name
_chem_comp.formula
ADP non-polymer ADENOSINE-5'-DIPHOSPHATE 'C10 H15 N5 O10 P2'
ALF non-polymer 'TETRAFLUOROALUMINATE ION' 'Al F4 -1'
DA DNA linking 2'-DEOXYADENOSINE-5'-MONOPHOSPHATE 'C10 H14 N5 O6 P'
DT DNA linking THYMIDINE-5'-MONOPHOSPHATE 'C10 H15 N2 O8 P'
MG non-polymer 'MAGNESIUM ION' 'Mg 2'
#
# COMPACT_ATOMS: atom_id res chain seq x y z
N VAL E 12 -64.89 33.86 -38.30
CA VAL E 12 -64.02 33.64 -37.12
C VAL E 12 -63.27 34.91 -36.71
N GLU E 13 -63.39 35.27 -35.42
CA GLU E 13 -62.71 36.44 -34.86
C GLU E 13 -61.73 35.98 -33.79
N THR E 14 -60.60 36.69 -33.65
CA THR E 14 -59.57 36.26 -32.68
C THR E 14 -59.13 37.35 -31.68
N ILE E 15 -58.53 36.91 -30.58
CA ILE E 15 -57.98 37.77 -29.52
C ILE E 15 -56.51 37.43 -29.33
N SER E 16 -55.67 38.45 -29.16
CA SER E 16 -54.24 38.24 -28.88
C SER E 16 -54.05 37.40 -27.61
N THR E 17 -53.05 36.53 -27.61
CA THR E 17 -52.73 35.72 -26.42
C THR E 17 -51.75 36.43 -25.50
N GLY E 18 -51.23 37.57 -25.97
CA GLY E 18 -50.21 38.31 -25.24
C GLY E 18 -48.82 37.82 -25.58
N SER E 19 -48.75 36.74 -26.36
CA SER E 19 -47.51 36.29 -26.95
C SER E 19 -47.61 36.41 -28.46
N LEU E 20 -46.66 37.12 -29.04
CA LEU E 20 -46.65 37.35 -30.47
C LEU E 20 -46.37 36.06 -31.22
N SER E 21 -45.34 35.34 -30.78
CA SER E 21 -44.95 34.11 -31.46
C SER E 21 -46.04 33.04 -31.33
N LEU E 22 -46.78 33.06 -30.22
CA LEU E 22 -47.90 32.15 -30.06
C LEU E 22 -49.02 32.50 -31.03
N ASP E 23 -49.23 33.81 -31.21
CA ASP E 23 -50.24 34.30 -32.15
C ASP E 23 -49.92 33.90 -33.59
N ILE E 24 -48.63 33.86 -33.91
CA ILE E 24 -48.20 33.40 -35.23
C ILE E 24 -48.41 31.88 -35.34
N ALA E 25 -48.03 31.17 -34.30
CA ALA E 25 -48.18 29.71 -34.22
C ALA E 25 -49.64 29.27 -34.34
N LEU E 26 -50.54 30.12 -33.87
CA LEU E 26 -51.97 29.83 -33.98
C LEU E 26 -52.49 29.94 -35.40
N GLY E 27 -51.69 30.56 -36.29
CA GLY E 27 -52.10 30.77 -37.67
C GLY E 27 -53.09 31.91 -37.86
N ALA E 28 -54.15 31.90 -37.05
CA ALA E 28 -55.23 32.89 -37.14
C ALA E 28 -54.87 34.25 -36.52
N GLY E 29 -53.82 34.27 -35.69
CA GLY E 29 -53.40 35.50 -35.06
C GLY E 29 -53.85 35.65 -33.63
N GLY E 30 -54.55 34.64 -33.13
CA GLY E 30 -55.03 34.63 -31.75
C GLY E 30 -56.07 33.56 -31.50
N LEU E 31 -56.64 33.57 -30.30
CA LEU E 31 -57.64 32.57 -29.92
C LEU E 31 -59.03 32.94 -30.43
N PRO E 32 -59.82 31.93 -30.87
CA PRO E 32 -61.12 32.18 -31.49
C PRO E 32 -62.27 32.49 -30.51
N MET E 33 -62.99 33.57 -30.78
CA MET E 33 -64.13 33.98 -29.99
C MET E 33 -65.32 33.05 -30.18
N GLY E 34 -66.06 32.81 -29.10
CA GLY E 34 -67.24 31.93 -29.16
C GLY E 34 -66.91 30.45 -29.25
N ARG E 35 -65.65 30.11 -28.96
CA ARG E 35 -65.16 28.75 -29.01
C ARG E 35 -64.60 28.29 -27.65
N ILE E 36 -64.21 27.03 -27.56
CA ILE E 36 -63.62 26.47 -26.35
C ILE E 36 -62.13 26.23 -26.57
N VAL E 37 -61.33 26.59 -25.58
CA VAL E 37 -59.88 26.38 -25.63
C VAL E 37 -59.37 25.67 -24.36
N GLU E 38 -58.44 24.72 -24.55
CA GLU E 38 -57.76 24.08 -23.42
C GLU E 38 -56.26 24.38 -23.42
N ILE E 39 -55.74 24.74 -22.26
CA ILE E 39 -54.31 24.83 -22.06
C ILE E 39 -53.92 23.86 -20.96
N TYR E 40 -52.96 22.99 -21.26
CA TYR E 40 -52.43 22.08 -20.25
C TYR E 40 -50.91 22.11 -20.24
N GLY E 41 -50.35 21.65 -19.13
CA GLY E 41 -48.90 21.57 -18.96
C GLY E 41 -48.52 21.19 -17.54
N PRO E 42 -47.23 20.90 -17.30
CA PRO E 42 -46.68 20.60 -15.99
C PRO E 42 -46.93 21.74 -15.00
N GLU E 43 -46.63 21.52 -13.73
CA GLU E 43 -46.86 22.54 -12.71
C GLU E 43 -45.87 23.70 -12.83
N SER E 44 -46.35 24.89 -12.47
CA SER E 44 -45.58 26.13 -12.61
C SER E 44 -44.99 26.29 -14.03
N SER E 45 -45.77 25.93 -15.05
CA SER E 45 -45.26 25.98 -16.42
C SER E 45 -45.61 27.31 -17.07
N GLY E 46 -46.73 27.89 -16.64
CA GLY E 46 -47.16 29.20 -17.12
C GLY E 46 -48.64 29.29 -17.44
N LYS E 47 -49.39 28.23 -17.14
CA LYS E 47 -50.81 28.13 -17.47
C LYS E 47 -51.63 29.33 -16.95
N THR E 48 -51.65 29.53 -15.62
CA THR E 48 -52.35 30.67 -15.03
C THR E 48 -51.86 31.99 -15.65
N THR E 49 -50.54 32.23 -15.58
CA THR E 49 -49.89 33.45 -16.07
C THR E 49 -50.33 33.81 -17.49
N LEU E 50 -50.17 32.86 -18.41
CA LEU E 50 -50.53 33.08 -19.82
C LEU E 50 -51.98 33.50 -19.94
N THR E 51 -52.86 32.76 -19.27
CA THR E 51 -54.28 33.05 -19.21
C THR E 51 -54.54 34.51 -18.85
N LEU E 52 -53.93 34.97 -17.76
CA LEU E 52 -54.09 36.35 -17.28
C LEU E 52 -53.63 37.38 -18.32
N GLN E 53 -52.57 37.06 -19.06
CA GLN E 53 -52.06 37.92 -20.13
C GLN E 53 -53.10 38.13 -21.22
N VAL E 54 -53.89 37.10 -21.51
CA VAL E 54 -54.91 37.23 -22.55
C VAL E 54 -56.10 38.03 -22.02
N ILE E 55 -56.38 37.87 -20.73
CA ILE E 55 -57.40 38.69 -20.06
C ILE E 55 -57.01 40.17 -20.14
N ALA E 56 -55.76 40.43 -19.74
CA ALA E 56 -55.19 41.77 -19.81
C ALA E 56 -55.38 42.34 -21.21
N ALA E 57 -54.92 41.58 -22.21
CA ALA E 57 -55.04 41.95 -23.63
C ALA E 57 -56.48 42.27 -24.03
N ALA E 58 -57.41 41.41 -23.64
CA ALA E 58 -58.84 41.57 -23.95
C ALA E 58 -59.48 42.78 -23.27
N GLN E 59 -59.02 43.08 -22.06
CA GLN E 59 -59.50 44.24 -21.30
C GLN E 59 -58.97 45.54 -21.88
N ARG E 60 -57.77 45.49 -22.45
CA ARG E 60 -57.15 46.65 -23.09
C ARG E 60 -57.98 47.11 -24.29
N GLU E 61 -58.68 46.17 -24.92
CA GLU E 61 -59.63 46.46 -26.01
C GLU E 61 -61.04 46.62 -25.47
N GLY E 62 -61.19 46.54 -24.15
CA GLY E 62 -62.47 46.80 -23.50
C GLY E 62 -63.46 45.65 -23.45
N LYS E 63 -62.95 44.42 -23.40
CA LYS E 63 -63.83 43.27 -23.26
C LYS E 63 -64.00 42.92 -21.79
N THR E 64 -65.16 42.36 -21.45
CA THR E 64 -65.43 41.95 -20.07
C THR E 64 -64.95 40.53 -19.84
N CYS E 65 -64.19 40.33 -18.77
CA CYS E 65 -63.63 39.03 -18.45
C CYS E 65 -64.13 38.48 -17.12
N ALA E 66 -64.10 37.15 -17.01
CA ALA E 66 -64.41 36.45 -15.78
C ALA E 66 -63.37 35.36 -15.55
N PHE E 67 -63.06 35.13 -14.28
CA PHE E 67 -62.09 34.13 -13.89
C PHE E 67 -62.72 33.20 -12.87
N ILE E 68 -62.56 31.90 -13.08
CA ILE E 68 -63.08 30.91 -12.15
C ILE E 68 -61.92 30.18 -11.47
N ASP E 69 -61.54 30.67 -10.29
CA ASP E 69 -60.37 30.16 -9.56
C ASP E 69 -60.68 28.91 -8.73
N ALA E 70 -61.04 27.83 -9.41
CA ALA E 70 -61.40 26.59 -8.74
C ALA E 70 -60.20 26.02 -8.02
N GLU E 71 -59.03 26.37 -8.53
CA GLU E 71 -57.77 25.94 -7.95
C GLU E 71 -57.51 26.67 -6.63
N HIS E 72 -58.29 27.73 -6.41
CA HIS E 72 -58.20 28.58 -5.22
C HIS E 72 -56.78 29.07 -4.95
N ALA E 73 -56.14 29.65 -5.95
CA ALA E 73 -54.71 29.97 -5.84
C ALA E 73 -54.27 31.29 -6.49
N LEU E 74 -55.19 31.94 -7.20
CA LEU E 74 -54.90 33.19 -7.90
C LEU E 74 -54.53 34.37 -6.97
N ASP E 75 -53.38 34.97 -7.22
CA ASP E 75 -52.90 36.12 -6.45
C ASP E 75 -53.25 37.42 -7.17
N PRO E 76 -54.18 38.21 -6.59
CA PRO E 76 -54.63 39.46 -7.20
C PRO E 76 -53.49 40.42 -7.52
N ILE E 77 -52.55 40.60 -6.59
CA ILE E 77 -51.45 41.56 -6.77
C ILE E 77 -50.60 41.19 -7.97
N TYR E 78 -50.28 39.91 -8.09
CA TYR E 78 -49.52 39.41 -9.25
C TYR E 78 -50.32 39.56 -10.54
N ALA E 79 -51.62 39.30 -10.47
CA ALA E 79 -52.49 39.50 -11.64
C ALA E 79 -52.41 40.94 -12.12
N ARG E 80 -52.39 41.88 -11.17
CA ARG E 80 -52.29 43.29 -11.50
C ARG E 80 -50.92 43.63 -12.08
N LYS E 81 -49.88 43.02 -11.53
CA LYS E 81 -48.52 43.19 -12.04
C LYS E 81 -48.40 42.73 -13.48
N LEU E 82 -49.24 41.76 -13.86
CA LEU E 82 -49.26 41.24 -15.21
C LEU E 82 -50.05 42.17 -16.12
N GLY E 83 -50.76 43.13 -15.52
CA GLY E 83 -51.47 44.16 -16.27
C GLY E 83 -52.96 43.90 -16.44
N VAL E 84 -53.53 43.15 -15.50
CA VAL E 84 -54.97 42.88 -15.52
C VAL E 84 -55.69 44.00 -14.75
N ASP E 85 -56.86 44.39 -15.24
CA ASP E 85 -57.71 45.31 -14.51
C ASP E 85 -58.46 44.52 -13.44
N ILE E 86 -57.93 44.57 -12.23
CA ILE E 86 -58.44 43.79 -11.10
C ILE E 86 -59.86 44.21 -10.77
N ASP E 87 -60.08 45.53 -10.75
CA ASP E 87 -61.36 46.10 -10.31
C ASP E 87 -62.53 45.71 -11.19
N ASN E 88 -62.23 45.35 -12.44
CA ASN E 88 -63.26 44.98 -13.41
C ASN E 88 -63.25 43.50 -13.82
N LEU E 89 -62.25 42.77 -13.36
CA LEU E 89 -62.18 41.34 -13.63
C LEU E 89 -63.13 40.64 -12.68
N LEU E 90 -64.21 40.09 -13.24
CA LEU E 90 -65.13 39.26 -12.48
C LEU E 90 -64.42 38.00 -12.08
N CYS E 91 -64.72 37.53 -10.88
CA CYS E 91 -63.97 36.44 -10.29
C CYS E 91 -64.82 35.64 -9.32
N SER E 92 -64.70 34.31 -9.41
CA SER E 92 -65.42 33.43 -8.51
C SER E 92 -64.58 32.26 -8.09
N GLN E 93 -64.58 32.00 -6.79
CA GLN E 93 -64.03 30.75 -6.26
C GLN E 93 -65.23 29.87 -5.86
N PRO E 94 -65.60 28.95 -6.75
CA PRO E 94 -66.80 28.15 -6.54
C PRO E 94 -66.56 27.03 -5.55
N ASP E 95 -67.62 26.44 -5.03
CA ASP E 95 -67.50 25.38 -4.02
C ASP E 95 -67.53 23.99 -4.64
N THR E 96 -68.50 23.73 -5.52
CA THR E 96 -68.53 22.47 -6.27
C THR E 96 -68.15 22.72 -7.73
N GLY E 97 -67.89 21.65 -8.48
CA GLY E 97 -67.57 21.73 -9.90
C GLY E 97 -68.78 22.14 -10.71
N GLU E 98 -69.92 21.56 -10.38
CA GLU E 98 -71.20 21.87 -11.02
C GLU E 98 -71.50 23.35 -10.90
N GLN E 99 -71.24 23.90 -9.72
CA GLN E 99 -71.41 25.32 -9.45
C GLN E 99 -70.57 26.14 -10.42
N ALA E 100 -69.29 25.81 -10.50
CA ALA E 100 -68.37 26.48 -11.43
C ALA E 100 -68.90 26.50 -12.86
N LEU E 101 -69.37 25.34 -13.33
CA LEU E 101 -69.84 25.21 -14.71
C LEU E 101 -71.18 25.88 -14.93
N GLU E 102 -72.08 25.74 -13.96
CA GLU E 102 -73.37 26.43 -13.98
C GLU E 102 -73.17 27.93 -14.09
N ILE E 103 -72.19 28.45 -13.36
CA ILE E 103 -71.82 29.87 -13.42
C ILE E 103 -71.46 30.26 -14.85
N CYS E 104 -70.59 29.47 -15.48
CA CYS E 104 -70.21 29.70 -16.88
C CYS E 104 -71.43 29.78 -17.78
N ASP E 105 -72.30 28.78 -17.68
CA ASP E 105 -73.51 28.71 -18.48
C ASP E 105 -74.38 29.95 -18.33
N ALA E 106 -74.45 30.49 -17.12
CA ALA E 106 -75.15 31.74 -16.87
C ALA E 106 -74.45 32.91 -17.55
N LEU E 107 -73.13 33.01 -17.36
CA LEU E 107 -72.33 34.09 -17.94
C LEU E 107 -72.26 34.02 -19.46
N ALA E 108 -72.30 32.80 -20.00
CA ALA E 108 -72.38 32.61 -21.44
C ALA E 108 -73.71 33.17 -21.94
N ARG E 109 -74.81 32.59 -21.46
CA ARG E 109 -76.16 33.01 -21.85
C ARG E 109 -76.42 34.50 -21.65
N SER E 110 -75.80 35.10 -20.65
CA SER E 110 -75.99 36.52 -20.37
C SER E 110 -75.57 37.38 -21.55
N GLY E 111 -74.53 36.93 -22.26
CA GLY E 111 -73.99 37.67 -23.39
C GLY E 111 -73.28 38.94 -22.99
N ALA E 112 -73.02 39.06 -21.69
CA ALA E 112 -72.36 40.24 -21.13
C ALA E 112 -70.86 40.03 -21.04
N VAL E 113 -70.44 38.79 -20.75
CA VAL E 113 -69.03 38.44 -20.66
C VAL E 113 -68.50 37.99 -22.02
N ASP E 114 -67.28 38.42 -22.32
CA ASP E 114 -66.62 38.12 -23.59
C ASP E 114 -65.64 36.98 -23.47
N VAL E 115 -64.91 36.92 -22.35
CA VAL E 115 -63.93 35.84 -22.10
C VAL E 115 -64.00 35.32 -20.67
N ILE E 116 -64.13 34.00 -20.56
CA ILE E 116 -64.19 33.31 -19.28
C ILE E 116 -63.05 32.30 -19.21
N VAL E 117 -62.33 32.27 -18.10
CA VAL E 117 -61.30 31.24 -17.87
C VAL E 117 -61.54 30.47 -16.57
N VAL E 118 -61.40 29.15 -16.68
CA VAL E 118 -61.55 28.26 -15.54
C VAL E 118 -60.18 27.71 -15.15
N ASP E 119 -59.71 28.03 -13.93
CA ASP E 119 -58.39 27.58 -13.48
C ASP E 119 -58.45 26.19 -12.88
N SER E 120 -57.92 25.24 -13.65
CA SER E 120 -57.85 23.79 -13.39
C SER E 120 -59.18 23.06 -13.48
N VAL E 121 -59.39 22.34 -14.58
CA VAL E 121 -60.52 21.42 -14.64
C VAL E 121 -60.22 20.33 -13.62
N ALA E 122 -58.93 20.12 -13.37
CA ALA E 122 -58.46 19.24 -12.33
C ALA E 122 -59.18 19.51 -11.01
N ALA E 123 -59.41 20.80 -10.73
CA ALA E 123 -60.00 21.25 -9.46
C ALA E 123 -61.53 21.32 -9.47
N LEU E 124 -62.15 20.90 -10.59
CA LEU E 124 -63.62 20.89 -10.72
C LEU E 124 -64.26 19.67 -10.05
N THR E 125 -64.21 19.66 -8.71
CA THR E 125 -64.66 18.53 -7.90
C THR E 125 -66.18 18.42 -7.91
N PRO E 126 -66.71 17.27 -8.38
CA PRO E 126 -68.14 17.06 -8.39
C PRO E 126 -68.74 17.16 -7.01
N LYS E 127 -70.03 17.52 -6.96
CA LYS E 127 -70.76 17.75 -5.72
C LYS E 127 -70.70 16.54 -4.80
N ALA E 128 -71.02 15.37 -5.36
CA ALA E 128 -71.07 14.12 -4.62
C ALA E 128 -69.73 13.74 -4.01
N GLU E 129 -68.65 14.16 -4.66
CA GLU E 129 -67.28 13.88 -4.19
C GLU E 129 -66.93 14.65 -2.92
N ILE E 130 -67.27 15.94 -2.86
CA ILE E 130 -67.04 16.71 -1.65
C ILE E 130 -68.01 16.22 -0.57
N GLU E 131 -69.30 16.17 -0.92
CA GLU E 131 -70.33 15.72 0.01
C GLU E 131 -69.92 14.42 0.68
N GLY E 132 -69.37 13.50 -0.12
CA GLY E 132 -68.97 12.19 0.38
C GLY E 132 -67.69 12.15 1.21
N GLU E 133 -67.05 10.99 1.19
CA GLU E 133 -65.83 10.74 1.92
C GLU E 133 -64.56 11.06 1.11
N ILE E 134 -63.40 10.82 1.73
CA ILE E 134 -62.11 10.58 1.04
C ILE E 134 -61.83 9.09 1.17
N GLY E 135 -61.72 8.41 0.04
CA GLY E 135 -61.34 7.00 0.04
C GLY E 135 -61.94 6.13 -1.05
N ASP E 136 -63.21 5.77 -0.88
CA ASP E 136 -63.97 5.09 -1.93
C ASP E 136 -64.44 6.14 -2.93
N SER E 137 -64.20 5.85 -4.21
CA SER E 137 -64.36 6.82 -5.30
C SER E 137 -65.66 6.68 -6.08
N HIS E 138 -65.64 7.19 -7.30
CA HIS E 138 -66.82 7.38 -8.13
C HIS E 138 -66.23 7.65 -9.48
N MET E 139 -65.18 6.90 -9.80
CA MET E 139 -64.40 7.06 -11.01
C MET E 139 -65.23 7.67 -12.13
N GLY E 140 -64.85 8.87 -12.55
CA GLY E 140 -65.45 9.50 -13.71
C GLY E 140 -66.92 9.86 -13.56
N LEU E 141 -67.28 10.30 -12.35
CA LEU E 141 -68.50 11.09 -12.18
C LEU E 141 -68.09 12.55 -12.39
N ALA E 142 -66.78 12.73 -12.63
CA ALA E 142 -66.18 14.00 -13.04
C ALA E 142 -66.00 14.11 -14.58
N ALA E 143 -65.76 12.98 -15.24
CA ALA E 143 -65.69 12.96 -16.69
C ALA E 143 -67.08 13.06 -17.33
N ARG E 144 -68.05 12.39 -16.72
CA ARG E 144 -69.42 12.39 -17.18
C ARG E 144 -70.01 13.77 -16.99
N MET E 145 -69.56 14.45 -15.94
CA MET E 145 -69.98 15.82 -15.66
C MET E 145 -69.48 16.77 -16.73
N MET E 146 -68.19 16.66 -17.06
CA MET E 146 -67.57 17.43 -18.13
C MET E 146 -68.30 17.26 -19.46
N SER E 147 -68.63 16.01 -19.77
CA SER E 147 -69.23 15.65 -21.03
C SER E 147 -70.60 16.30 -21.17
N GLN E 148 -71.30 16.41 -20.05
CA GLN E 148 -72.58 17.10 -20.03
C GLN E 148 -72.40 18.62 -20.17
N ALA E 149 -71.39 19.16 -19.49
CA ALA E 149 -71.09 20.59 -19.54
C ALA E 149 -70.81 21.03 -20.97
N MET E 150 -69.95 20.28 -21.66
CA MET E 150 -69.60 20.58 -23.05
C MET E 150 -70.81 20.76 -23.95
N ARG E 151 -71.70 19.77 -23.93
CA ARG E 151 -72.95 19.81 -24.70
C ARG E 151 -73.73 21.10 -24.49
N LYS E 152 -73.93 21.47 -23.23
CA LYS E 152 -74.68 22.66 -22.87
C LYS E 152 -73.99 23.97 -23.25
N LEU E 153 -72.67 24.01 -23.11
CA LEU E 153 -71.90 25.25 -23.29
C LEU E 153 -71.66 25.64 -24.74
N ALA E 154 -71.34 24.67 -25.59
CA ALA E 154 -71.03 24.93 -26.99
C ALA E 154 -72.03 25.89 -27.62
N GLY E 155 -73.31 25.54 -27.52
CA GLY E 155 -74.40 26.34 -28.09
C GLY E 155 -74.48 27.75 -27.53
N ASN E 156 -74.42 27.85 -26.21
CA ASN E 156 -74.50 29.14 -25.51
C ASN E 156 -73.28 30.06 -25.72
N LEU E 157 -72.13 29.45 -26.01
CA LEU E 157 -70.90 30.21 -26.18
C LEU E 157 -70.80 30.84 -27.58
N LYS E 158 -71.30 30.14 -28.59
CA LYS E 158 -71.26 30.66 -29.94
C LYS E 158 -72.28 31.76 -30.11
N GLN E 159 -73.51 31.51 -29.69
CA GLN E 159 -74.58 32.51 -29.83
C GLN E 159 -74.35 33.77 -28.99
N SER E 160 -73.39 33.68 -28.05
CA SER E 160 -72.99 34.83 -27.23
C SER E 160 -71.66 35.42 -27.68
N ASN E 161 -71.00 34.72 -28.59
CA ASN E 161 -69.64 35.08 -29.00
C ASN E 161 -68.73 35.26 -27.78
N THR E 162 -68.71 34.24 -26.92
CA THR E 162 -67.93 34.25 -25.67
C THR E 162 -66.83 33.19 -25.70
N LEU E 163 -65.59 33.60 -25.45
CA LEU E 163 -64.46 32.67 -25.39
C LEU E 163 -64.36 32.02 -24.01
N LEU E 164 -64.11 30.71 -24.00
CA LEU E 164 -63.89 29.97 -22.75
C LEU E 164 -62.58 29.19 -22.77
N ILE E 165 -61.69 29.47 -21.83
CA ILE E 165 -60.43 28.75 -21.71
C ILE E 165 -60.40 27.88 -20.45
N PHE E 166 -60.15 26.59 -20.65
CA PHE E 166 -59.95 25.70 -19.53
C PHE E 166 -58.47 25.44 -19.31
N ILE E 167 -57.97 25.71 -18.10
CA ILE E 167 -56.64 25.29 -17.73
C ILE E 167 -56.71 23.86 -17.17
N ASN E 168 -55.80 23.00 -17.61
CA ASN E 168 -55.77 21.63 -17.15
C ASN E 168 -54.40 21.19 -16.71
N GLN E 169 -54.38 20.24 -15.80
CA GLN E 169 -53.15 19.66 -15.29
C GLN E 169 -52.85 18.35 -16.01
N ILE E 170 -51.62 17.88 -15.86
CA ILE E 170 -51.19 16.63 -16.43
C ILE E 170 -51.18 15.52 -15.38
N ARG E 171 -51.79 14.39 -15.71
CA ARG E 171 -51.70 13.18 -14.90
C ARG E 171 -51.04 12.09 -15.73
N MET E 172 -50.70 10.97 -15.11
CA MET E 172 -50.08 9.89 -15.89
C MET E 172 -50.91 8.63 -16.06
N LYS E 173 -51.19 8.30 -17.32
CA LYS E 173 -51.73 7.00 -17.63
C LYS E 173 -50.63 5.97 -17.38
N ILE E 174 -50.91 5.06 -16.47
CA ILE E 174 -49.98 4.00 -16.09
C ILE E 174 -49.51 3.17 -17.28
N GLY E 175 -48.24 2.77 -17.27
CA GLY E 175 -47.66 1.79 -18.20
C GLY E 175 -48.20 1.75 -19.62
N VAL E 176 -48.17 2.91 -20.29
CA VAL E 176 -48.50 3.03 -21.71
C VAL E 176 -47.20 3.09 -22.53
N MET E 177 -46.91 1.98 -23.22
CA MET E 177 -45.67 1.80 -23.97
C MET E 177 -45.93 2.02 -25.46
N PHE E 178 -46.66 3.10 -25.77
CA PHE E 178 -47.16 3.40 -27.13
C PHE E 178 -47.74 4.83 -27.33
N GLY E 179 -46.89 5.86 -27.26
CA GLY E 179 -47.29 7.26 -27.55
C GLY E 179 -46.75 8.39 -26.66
N ASN E 180 -47.11 8.30 -25.37
CA ASN E 180 -46.64 9.07 -24.20
C ASN E 180 -47.56 8.75 -23.02
N PRO E 181 -47.03 8.73 -21.79
CA PRO E 181 -47.85 8.32 -20.66
C PRO E 181 -48.63 9.46 -20.00
N GLU E 182 -48.87 10.52 -20.75
CA GLU E 182 -49.51 11.70 -20.19
C GLU E 182 -50.98 11.85 -20.58
N THR E 183 -51.84 12.21 -19.62
CA THR E 183 -53.21 12.62 -19.95
C THR E 183 -53.60 13.92 -19.27
N THR E 184 -54.91 14.12 -19.25
CA THR E 184 -55.53 15.37 -18.94
C THR E 184 -56.74 15.00 -18.10
N THR E 185 -56.97 15.72 -17.00
CA THR E 185 -58.08 15.39 -16.10
C THR E 185 -59.43 15.69 -16.74
N GLY E 186 -60.47 14.98 -16.31
CA GLY E 186 -61.83 15.27 -16.77
C GLY E 186 -62.21 14.63 -18.09
N GLY E 187 -61.68 13.44 -18.34
CA GLY E 187 -62.09 12.62 -19.47
C GLY E 187 -61.81 13.15 -20.86
N ASN E 188 -62.58 12.65 -21.82
CA ASN E 188 -62.33 12.89 -23.24
C ASN E 188 -63.18 13.99 -23.83
N ALA E 189 -64.20 14.41 -23.09
CA ALA E 189 -65.14 15.40 -23.56
C ALA E 189 -64.45 16.65 -24.11
N LEU E 190 -63.58 17.23 -23.29
CA LEU E 190 -62.93 18.49 -23.64
C LEU E 190 -62.02 18.42 -24.89
N LYS E 191 -61.30 17.30 -25.04
CA LYS E 191 -60.45 17.07 -26.22
C LYS E 191 -61.20 17.43 -27.51
N PHE E 192 -62.43 16.92 -27.61
CA PHE E 192 -63.23 17.00 -28.83
C PHE E 192 -63.77 18.38 -29.06
N TYR E 193 -64.31 18.99 -28.00
CA TYR E 193 -65.00 20.26 -28.12
C TYR E 193 -64.07 21.44 -28.27
N ALA E 194 -62.85 21.31 -27.74
CA ALA E 194 -61.89 22.41 -27.84
C ALA E 194 -61.55 22.69 -29.30
N SER E 195 -61.52 23.97 -29.66
CA SER E 195 -61.16 24.39 -31.01
C SER E 195 -59.64 24.60 -31.10
N VAL E 196 -59.04 24.90 -29.95
CA VAL E 196 -57.59 25.02 -29.83
C VAL E 196 -57.12 24.30 -28.55
N ARG E 197 -56.02 23.55 -28.64
CA ARG E 197 -55.43 22.87 -27.47
C ARG E 197 -53.94 23.18 -27.38
N LEU E 198 -53.54 23.76 -26.25
CA LEU E 198 -52.17 24.22 -26.06
C LEU E 198 -51.37 23.40 -25.05
N ASP E 199 -50.11 23.12 -25.38
CA ASP E 199 -49.23 22.40 -24.47
C ASP E 199 -48.06 23.31 -24.10
N ILE E 200 -48.11 23.84 -22.87
CA ILE E 200 -47.08 24.76 -22.40
C ILE E 200 -46.09 24.09 -21.44
N ARG E 201 -44.81 24.42 -21.60
CA ARG E 201 -43.74 23.81 -20.80
C ARG E 201 -42.59 24.76 -20.50
N ARG E 202 -42.11 24.74 -19.27
CA ARG E 202 -40.91 25.48 -18.89
C ARG E 202 -39.71 24.71 -19.40
N ILE E 203 -38.91 25.35 -20.25
CA ILE E 203 -37.78 24.65 -20.90
C ILE E 203 -36.43 25.06 -20.36
N GLY E 204 -36.36 26.21 -19.70
CA GLY E 204 -35.11 26.72 -19.17
C GLY E 204 -35.31 27.90 -18.22
N ALA E 205 -34.22 28.34 -17.62
CA ALA E 205 -34.27 29.46 -16.69
C ALA E 205 -33.74 30.73 -17.34
N VAL E 206 -34.41 31.86 -17.10
CA VAL E 206 -33.92 33.17 -17.54
C VAL E 206 -33.00 33.74 -16.45
N LYS E 207 -31.69 33.62 -16.66
CA LYS E 207 -30.73 33.93 -15.61
C LYS E 207 -30.22 35.37 -15.64
N GLU E 208 -29.62 35.78 -14.53
CA GLU E 208 -29.11 37.13 -14.31
C GLU E 208 -27.78 37.06 -13.59
N GLY E 209 -26.85 36.29 -14.15
CA GLY E 209 -25.61 35.97 -13.47
C GLY E 209 -25.90 35.01 -12.34
N GLU E 210 -26.39 35.54 -11.23
CA GLU E 210 -26.76 34.73 -10.07
C GLU E 210 -28.26 34.42 -10.06
N ASN E 211 -29.06 35.44 -10.36
CA ASN E 211 -30.52 35.37 -10.21
C ASN E 211 -31.26 34.62 -11.30
N VAL E 212 -32.36 33.98 -10.90
CA VAL E 212 -33.30 33.41 -11.85
C VAL E 212 -34.47 34.37 -11.89
N VAL E 213 -34.59 35.10 -12.99
CA VAL E 213 -35.60 36.17 -13.10
C VAL E 213 -36.81 35.79 -13.99
N GLY E 214 -36.75 34.63 -14.63
CA GLY E 214 -37.84 34.17 -15.49
C GLY E 214 -37.76 32.72 -15.93
N SER E 215 -38.82 32.28 -16.61
CA SER E 215 -38.89 30.95 -17.17
C SER E 215 -38.88 31.03 -18.70
N GLU E 216 -37.90 30.36 -19.31
CA GLU E 216 -37.92 30.13 -20.75
C GLU E 216 -39.07 29.15 -21.06
N THR E 217 -39.88 29.50 -22.05
CA THR E 217 -41.16 28.82 -22.25
C THR E 217 -41.40 28.39 -23.69
N ARG E 218 -42.02 27.22 -23.86
CA ARG E 218 -42.39 26.72 -25.17
C ARG E 218 -43.82 26.20 -25.14
N VAL E 219 -44.60 26.67 -26.09
CA VAL E 219 -45.98 26.23 -26.26
C VAL E 219 -46.11 25.50 -27.60
N LYS E 220 -46.78 24.35 -27.59
CA LYS E 220 -47.13 23.63 -28.82
C LYS E 220 -48.62 23.73 -29.09
N VAL E 221 -48.99 24.06 -30.32
CA VAL E 221 -50.40 23.96 -30.71
C VAL E 221 -50.67 22.50 -31.03
N VAL E 222 -51.47 21.86 -30.18
CA VAL E 222 -51.66 20.42 -30.26
C VAL E 222 -52.95 20.06 -30.99
N LYS E 223 -53.96 20.91 -30.84
CA LYS E 223 -55.15 20.82 -31.69
C LYS E 223 -55.47 22.20 -32.30
N ASN E 224 -55.90 22.19 -33.55
CA ASN E 224 -56.27 23.43 -34.23
C ASN E 224 -57.41 23.26 -35.22
N LYS E 225 -58.57 23.83 -34.88
CA LYS E 225 -59.75 23.81 -35.72
C LYS E 225 -59.86 25.12 -36.51
N ILE E 226 -58.89 25.99 -36.29
CA ILE E 226 -58.93 27.37 -36.77
C ILE E 226 -57.90 27.65 -37.87
N ALA E 227 -56.76 26.96 -37.77
CA ALA E 227 -55.67 27.03 -38.74
C ALA E 227 -54.92 25.69 -38.74
N ALA E 228 -53.79 25.62 -39.45
CA ALA E 228 -52.91 24.45 -39.40
C ALA E 228 -52.38 24.24 -37.98
N PRO E 229 -52.45 22.99 -37.45
CA PRO E 229 -51.97 22.69 -36.10
C PRO E 229 -50.45 22.41 -36.05
N PHE E 230 -49.94 22.18 -34.84
CA PHE E 230 -48.57 21.68 -34.61
C PHE E 230 -47.44 22.69 -34.81
N LYS E 231 -47.77 23.96 -34.97
CA LYS E 231 -46.76 25.01 -34.91
C LYS E 231 -46.44 25.24 -33.45
N GLN E 232 -45.23 25.69 -33.16
CA GLN E 232 -44.86 25.94 -31.77
C GLN E 232 -44.20 27.30 -31.58
N ALA E 233 -44.40 27.87 -30.38
CA ALA E 233 -43.85 29.17 -30.06
C ALA E 233 -43.03 29.09 -28.79
N GLU E 234 -41.91 29.80 -28.78
CA GLU E 234 -41.09 29.94 -27.57
C GLU E 234 -41.08 31.39 -27.14
N PHE E 235 -40.87 31.63 -25.85
CA PHE E 235 -40.76 32.99 -25.33
C PHE E 235 -40.29 33.00 -23.88
N GLN E 236 -40.26 34.19 -23.29
CA GLN E 236 -39.84 34.34 -21.90
C GLN E 236 -40.98 34.82 -21.03
N ILE E 237 -41.16 34.17 -19.89
CA ILE E 237 -42.00 34.71 -18.84
C ILE E 237 -41.08 35.29 -17.80
N LEU E 238 -41.11 36.61 -17.69
CA LEU E 238 -40.36 37.33 -16.66
C LEU E 238 -41.23 37.45 -15.40
N TYR E 239 -40.76 36.86 -14.30
CA TYR E 239 -41.53 36.81 -13.07
C TYR E 239 -41.88 38.22 -12.63
N GLY E 240 -43.17 38.45 -12.39
CA GLY E 240 -43.66 39.74 -11.92
C GLY E 240 -43.94 40.75 -13.02
N GLU E 241 -43.67 40.35 -14.27
CA GLU E 241 -43.90 41.22 -15.41
C GLU E 241 -44.81 40.56 -16.43
N GLY E 242 -44.51 39.31 -16.77
CA GLY E 242 -45.33 38.56 -17.71
C GLY E 242 -44.53 38.08 -18.90
N ILE E 243 -45.25 37.83 -20.00
CA ILE E 243 -44.63 37.39 -21.26
C ILE E 243 -43.73 38.53 -21.81
N ASN E 244 -42.39 38.33 -21.94
CA ASN E 244 -41.47 39.32 -22.56
C ASN E 244 -41.83 39.55 -24.03
N PHE E 245 -42.85 40.39 -24.23
CA PHE E 245 -43.44 40.64 -25.54
C PHE E 245 -42.46 41.34 -26.46
N TYR E 246 -41.82 42.39 -25.95
CA TYR E 246 -40.87 43.16 -26.75
C TYR E 246 -39.63 42.33 -27.08
N GLY E 247 -39.26 41.44 -26.16
CA GLY E 247 -38.23 40.45 -26.42
C GLY E 247 -38.57 39.68 -27.70
N GLU E 248 -39.76 39.07 -27.72
CA GLU E 248 -40.24 38.35 -28.91
C GLU E 248 -40.14 39.24 -30.14
N LEU E 249 -40.61 40.48 -29.99
CA LEU E 249 -40.70 41.43 -31.10
C LEU E 249 -39.33 41.72 -31.73
N VAL E 250 -38.30 41.88 -30.88
CA VAL E 250 -36.93 42.07 -31.35
C VAL E 250 -36.53 40.88 -32.21
N ASP E 251 -36.65 39.68 -31.66
CA ASP E 251 -36.23 38.46 -32.35
C ASP E 251 -36.97 38.22 -33.65
N LEU E 252 -38.29 38.34 -33.60
CA LEU E 252 -39.12 38.18 -34.79
C LEU E 252 -38.75 39.23 -35.87
N GLY E 253 -38.49 40.47 -35.43
CA GLY E 253 -38.10 41.55 -36.33
C GLY E 253 -36.77 41.34 -37.03
N VAL E 254 -35.78 40.85 -36.29
CA VAL E 254 -34.45 40.54 -36.84
C VAL E 254 -34.56 39.39 -37.83
N LYS E 255 -35.40 38.42 -37.48
CA LYS E 255 -35.62 37.22 -38.29
C LYS E 255 -36.25 37.56 -39.63
N GLU E 256 -37.16 38.53 -39.64
CA GLU E 256 -37.84 38.96 -40.86
C GLU E 256 -37.09 40.04 -41.63
N LYS E 257 -35.90 40.39 -41.13
CA LYS E 257 -35.03 41.41 -41.72
C LYS E 257 -35.61 42.84 -41.61
N LEU E 258 -36.52 43.05 -40.66
CA LEU E 258 -37.06 44.38 -40.37
C LEU E 258 -36.15 45.15 -39.42
N ILE E 259 -35.44 44.40 -38.58
CA ILE E 259 -34.41 44.97 -37.71
C ILE E 259 -33.04 44.44 -38.13
N GLU E 260 -32.08 45.34 -38.23
CA GLU E 260 -30.72 44.99 -38.65
C GLU E 260 -29.88 44.60 -37.44
N LYS E 261 -29.17 43.48 -37.55
CA LYS E 261 -28.26 43.07 -36.47
C LYS E 261 -26.81 43.00 -36.95
N ALA E 262 -26.04 44.04 -36.60
CA ALA E 262 -24.61 44.10 -36.89
C ALA E 262 -23.79 43.63 -35.70
N GLY E 263 -23.70 42.31 -35.53
CA GLY E 263 -23.03 41.70 -34.38
C GLY E 263 -23.82 41.85 -33.10
N ALA E 264 -23.43 42.83 -32.28
CA ALA E 264 -24.12 43.13 -31.03
C ALA E 264 -25.00 44.38 -31.15
N TRP E 265 -24.94 45.04 -32.31
CA TRP E 265 -25.70 46.27 -32.56
C TRP E 265 -26.98 46.03 -33.33
N TYR E 266 -28.05 46.64 -32.86
CA TYR E 266 -29.37 46.51 -33.47
C TYR E 266 -29.80 47.83 -34.11
N SER E 267 -30.12 47.79 -35.40
CA SER E 267 -30.53 48.99 -36.13
C SER E 267 -31.93 48.84 -36.72
N TYR E 268 -32.73 49.90 -36.65
CA TYR E 268 -33.99 49.94 -37.35
C TYR E 268 -34.05 51.12 -38.30
N LYS E 269 -34.20 50.81 -39.60
CA LYS E 269 -34.24 51.81 -40.66
C LYS E 269 -33.05 52.77 -40.58
N GLY E 270 -31.85 52.22 -40.37
CA GLY E 270 -30.62 53.01 -40.33
C GLY E 270 -30.28 53.58 -38.96
N GLU E 271 -31.30 53.82 -38.14
CA GLU E 271 -31.11 54.34 -36.79
C GLU E 271 -30.74 53.18 -35.85
N LYS E 272 -29.63 53.32 -35.15
CA LYS E 272 -29.18 52.33 -34.17
C LYS E 272 -30.04 52.43 -32.91
N ILE E 273 -30.63 51.31 -32.50
CA ILE E 273 -31.62 51.30 -31.41
C ILE E 273 -31.17 50.62 -30.12
N GLY E 274 -30.10 49.84 -30.19
CA GLY E 274 -29.59 49.18 -29.01
C GLY E 274 -28.29 48.45 -29.24
N GLN E 275 -27.69 48.01 -28.13
CA GLN E 275 -26.51 47.18 -28.17
C GLN E 275 -26.83 45.93 -27.37
N GLY E 276 -27.05 44.82 -28.07
CA GLY E 276 -27.48 43.57 -27.45
C GLY E 276 -28.98 43.56 -27.13
N LYS E 277 -29.60 42.39 -27.30
CA LYS E 277 -31.06 42.22 -27.16
C LYS E 277 -31.66 42.98 -25.97
N ALA E 278 -30.91 43.06 -24.87
CA ALA E 278 -31.32 43.79 -23.67
C ALA E 278 -31.81 45.21 -23.97
N ASN E 279 -30.95 46.00 -24.61
CA ASN E 279 -31.25 47.40 -24.92
C ASN E 279 -32.26 47.58 -26.04
N ALA E 280 -32.14 46.76 -27.08
CA ALA E 280 -33.07 46.79 -28.21
C ALA E 280 -34.52 46.63 -27.73
N THR E 281 -34.71 45.69 -26.79
CA THR E 281 -36.00 45.47 -26.13
C THR E 281 -36.45 46.73 -25.41
N ALA E 282 -35.56 47.29 -24.59
CA ALA E 282 -35.83 48.52 -23.83
C ALA E 282 -36.17 49.71 -24.73
N TRP E 283 -35.59 49.74 -25.94
CA TRP E 283 -35.85 50.81 -26.88
C TRP E 283 -37.26 50.74 -27.48
N LEU E 284 -37.67 49.55 -27.89
CA LEU E 284 -39.02 49.31 -28.37
C LEU E 284 -40.05 49.60 -27.29
N LYS E 285 -39.65 49.40 -26.03
CA LYS E 285 -40.46 49.74 -24.88
C LYS E 285 -40.69 51.26 -24.91
N ASP E 286 -39.62 52.01 -25.14
CA ASP E 286 -39.64 53.48 -25.11
C ASP E 286 -40.30 54.15 -26.33
N ASN E 287 -40.36 53.41 -27.44
CA ASN E 287 -40.99 53.92 -28.65
C ASN E 287 -42.19 53.07 -29.04
N PRO E 288 -43.31 53.20 -28.30
CA PRO E 288 -44.44 52.29 -28.49
C PRO E 288 -45.01 52.43 -29.89
N GLU E 289 -44.85 53.63 -30.46
CA GLU E 289 -45.36 53.97 -31.79
C GLU E 289 -44.66 53.18 -32.87
N THR E 290 -43.33 53.16 -32.80
CA THR E 290 -42.50 52.42 -33.74
C THR E 290 -42.68 50.92 -33.54
N ALA E 291 -42.92 50.52 -32.28
CA ALA E 291 -43.14 49.11 -31.94
C ALA E 291 -44.40 48.56 -32.60
N LYS E 292 -45.49 49.32 -32.55
CA LYS E 292 -46.74 48.94 -33.22
C LYS E 292 -46.51 48.75 -34.71
N GLU E 293 -45.73 49.65 -35.30
CA GLU E 293 -45.41 49.63 -36.73
C GLU E 293 -44.69 48.35 -37.14
N ILE E 294 -43.74 47.90 -36.32
CA ILE E 294 -42.99 46.67 -36.60
C ILE E 294 -43.88 45.45 -36.36
N GLU E 295 -44.61 45.43 -35.26
CA GLU E 295 -45.52 44.33 -34.95
C GLU E 295 -46.51 44.10 -36.08
N LYS E 296 -47.15 45.16 -36.54
CA LYS E 296 -48.12 45.08 -37.62
C LYS E 296 -47.53 44.39 -38.87
N LYS E 297 -46.33 44.82 -39.28
CA LYS E 297 -45.64 44.25 -40.43
C LYS E 297 -45.30 42.77 -40.23
N VAL E 298 -44.92 42.40 -39.00
CA VAL E 298 -44.64 41.01 -38.67
C VAL E 298 -45.91 40.17 -38.77
N ARG E 299 -47.01 40.68 -38.23
CA ARG E 299 -48.30 40.00 -38.30
C ARG E 299 -48.74 39.80 -39.75
N GLU E 300 -48.56 40.82 -40.58
CA GLU E 300 -48.87 40.72 -42.00
C GLU E 300 -47.98 39.68 -42.67
N LEU E 301 -46.69 39.70 -42.31
CA LEU E 301 -45.70 38.80 -42.88
C LEU E 301 -45.86 37.33 -42.47
N LEU E 302 -46.42 37.09 -41.28
CA LEU E 302 -46.35 35.75 -40.69
C LEU E 302 -47.67 35.08 -40.25
N LEU E 303 -48.78 35.80 -40.27
CA LEU E 303 -50.08 35.19 -39.91
C LEU E 303 -50.67 34.37 -41.05
N SER E 304 -50.83 33.07 -40.85
CA SER E 304 -51.41 32.19 -41.86
C SER E 304 -52.95 32.30 -41.92
N ASN E 305 -53.43 33.55 -41.84
CA ASN E 305 -54.83 33.98 -42.13
C ASN E 305 -55.11 35.41 -41.64
N PRO E 306 -55.76 36.24 -42.49
CA PRO E 306 -56.43 37.49 -42.07
C PRO E 306 -57.68 37.25 -41.21
N ASN E 307 -58.04 38.21 -40.36
CA ASN E 307 -59.26 38.13 -39.51
C ASN E 307 -60.56 38.22 -40.32
N SER E 308 -60.63 39.20 -41.24
CA SER E 308 -61.77 39.34 -42.14
C SER E 308 -61.65 38.41 -43.34
N ALA E 325 -75.38 53.01 -26.53
CA ALA E 325 -76.69 52.43 -26.94
C ALA E 325 -76.62 50.90 -27.05
N ILE E 326 -75.42 50.38 -27.27
CA ILE E 326 -75.20 48.96 -27.55
C ILE E 326 -74.72 48.18 -26.31
N ASP E 327 -73.72 48.74 -25.62
CA ASP E 327 -73.14 48.13 -24.41
C ASP E 327 -73.94 48.43 -23.13
N GLU E 328 -74.95 49.28 -23.26
CA GLU E 328 -75.83 49.64 -22.17
C GLU E 328 -76.84 48.54 -21.92
N ASN E 329 -77.20 47.83 -22.98
CA ASN E 329 -78.02 46.62 -22.91
C ASN E 329 -77.28 45.46 -22.28
N LYS E 330 -75.97 45.42 -22.50
CA LYS E 330 -75.11 44.36 -21.97
C LYS E 330 -75.11 44.35 -20.44
N GLN E 331 -75.04 45.53 -19.85
CA GLN E 331 -74.96 45.67 -18.40
C GLN E 331 -76.28 45.36 -17.70
N LYS E 332 -77.38 45.48 -18.45
CA LYS E 332 -78.69 45.04 -17.98
C LYS E 332 -78.65 43.52 -17.74
N ALA E 333 -78.31 42.76 -18.78
CA ALA E 333 -78.28 41.30 -18.71
C ALA E 333 -77.14 40.78 -17.84
N LEU E 334 -76.09 41.58 -17.69
CA LEU E 334 -74.97 41.24 -16.79
C LEU E 334 -75.44 41.24 -15.34
N ALA E 335 -75.91 42.40 -14.88
CA ALA E 335 -76.40 42.56 -13.52
C ALA E 335 -77.47 41.52 -13.20
N ALA E 336 -78.30 41.21 -14.20
CA ALA E 336 -79.33 40.18 -14.08
C ALA E 336 -78.74 38.79 -13.80
N ALA E 337 -77.63 38.48 -14.45
CA ALA E 337 -76.95 37.20 -14.25
C ALA E 337 -76.32 37.10 -12.87
N LEU E 338 -75.68 38.19 -12.44
CA LEU E 338 -75.04 38.23 -11.12
C LEU E 338 -76.03 38.10 -9.97
N GLY E 339 -77.20 38.73 -10.09
CA GLY E 339 -78.27 38.58 -9.10
C GLY E 339 -78.72 37.14 -9.02
N GLN E 340 -79.00 36.56 -10.19
CA GLN E 340 -79.31 35.14 -10.34
C GLN E 340 -78.30 34.27 -9.59
N ILE E 341 -77.01 34.46 -9.89
CA ILE E 341 -75.93 33.65 -9.36
C ILE E 341 -75.86 33.71 -7.83
N GLU E 342 -75.88 34.92 -7.29
CA GLU E 342 -75.67 35.12 -5.86
C GLU E 342 -76.84 34.65 -5.01
N LYS E 343 -78.05 34.76 -5.55
CA LYS E 343 -79.23 34.24 -4.85
C LYS E 343 -79.39 32.74 -5.12
N GLN E 344 -78.33 32.13 -5.66
CA GLN E 344 -78.31 30.71 -5.96
C GLN E 344 -77.13 29.97 -5.33
N PHE E 345 -75.98 30.65 -5.24
CA PHE E 345 -74.76 29.99 -4.78
C PHE E 345 -74.08 30.73 -3.61
N GLY E 346 -74.83 31.60 -2.95
CA GLY E 346 -74.34 32.21 -1.73
C GLY E 346 -74.09 33.69 -1.80
N LYS E 347 -74.06 34.30 -0.61
CA LYS E 347 -73.92 35.75 -0.41
C LYS E 347 -72.94 36.42 -1.36
N GLY E 348 -71.71 35.90 -1.43
CA GLY E 348 -70.66 36.52 -2.23
C GLY E 348 -69.86 35.53 -3.04
N SER E 349 -70.58 34.66 -3.77
CA SER E 349 -69.94 33.63 -4.58
C SER E 349 -69.17 34.19 -5.77
N ILE E 350 -69.71 35.25 -6.38
CA ILE E 350 -69.02 35.95 -7.46
C ILE E 350 -68.92 37.45 -7.19
N MET E 351 -67.73 38.01 -7.33
CA MET E 351 -67.52 39.46 -7.20
C MET E 351 -66.28 39.93 -7.94
N ARG E 352 -66.11 41.25 -8.02
CA ARG E 352 -64.94 41.85 -8.64
C ARG E 352 -63.70 41.57 -7.82
N LEU E 353 -62.68 41.02 -8.49
CA LEU E 353 -61.44 40.60 -7.85
C LEU E 353 -60.85 41.69 -6.94
N GLY E 354 -60.96 42.94 -7.37
CA GLY E 354 -60.34 44.07 -6.69
C GLY E 354 -60.90 44.38 -5.33
N GLU E 355 -62.12 43.92 -5.07
CA GLU E 355 -62.77 44.19 -3.80
C GLU E 355 -62.90 42.97 -2.89
N ASP E 356 -62.65 41.77 -3.44
CA ASP E 356 -62.67 40.55 -2.65
C ASP E 356 -61.49 40.50 -1.67
N ARG E 357 -61.79 40.66 -0.39
CA ARG E 357 -60.78 40.72 0.67
C ARG E 357 -60.17 39.36 0.98
N SER E 358 -61.00 38.32 0.94
CA SER E 358 -60.57 36.96 1.26
C SER E 358 -59.56 36.42 0.25
N MET E 359 -59.26 37.24 -0.75
CA MET E 359 -58.37 36.87 -1.84
C MET E 359 -56.93 37.34 -1.60
N ASP E 360 -56.76 38.30 -0.69
CA ASP E 360 -55.44 38.85 -0.36
C ASP E 360 -54.59 37.78 0.31
N VAL E 361 -53.29 37.83 0.08
CA VAL E 361 -52.39 36.79 0.58
C VAL E 361 -51.76 37.17 1.91
N GLU E 362 -51.87 36.27 2.89
CA GLU E 362 -51.27 36.48 4.20
C GLU E 362 -50.22 35.41 4.45
N THR E 363 -49.15 35.75 5.18
CA THR E 363 -48.07 34.79 5.42
C THR E 363 -47.70 34.55 6.89
N ILE E 364 -47.00 33.44 7.14
CA ILE E 364 -46.50 33.04 8.46
C ILE E 364 -45.00 32.82 8.36
N SER E 365 -44.25 33.28 9.35
CA SER E 365 -42.80 33.04 9.41
C SER E 365 -42.49 31.53 9.38
N THR E 366 -41.41 31.13 8.71
CA THR E 366 -40.99 29.74 8.70
C THR E 366 -40.06 29.43 9.84
N GLY E 367 -39.65 30.46 10.57
CA GLY E 367 -38.69 30.30 11.66
C GLY E 367 -37.28 30.44 11.14
N SER E 368 -37.13 30.53 9.82
CA SER E 368 -35.86 30.89 9.20
C SER E 368 -36.01 32.20 8.49
N LEU E 369 -35.15 33.15 8.84
CA LEU E 369 -35.21 34.48 8.27
C LEU E 369 -34.83 34.46 6.80
N SER E 370 -33.74 33.76 6.47
CA SER E 370 -33.26 33.73 5.09
C SER E 370 -34.24 32.99 4.20
N LEU E 371 -34.95 32.01 4.76
CA LEU E 371 -35.99 31.30 4.02
C LEU E 371 -37.16 32.21 3.75
N ASP E 372 -37.49 33.03 4.73
CA ASP E 372 -38.58 34.01 4.58
C ASP E 372 -38.26 35.04 3.48
N ILE E 373 -36.99 35.39 3.35
CA ILE E 373 -36.56 36.29 2.30
C ILE E 373 -36.63 35.58 0.95
N ALA E 374 -36.13 34.33 0.92
CA ALA E 374 -36.16 33.50 -0.27
C ALA E 374 -37.58 33.24 -0.78
N LEU E 375 -38.55 33.24 0.12
CA LEU E 375 -39.94 33.06 -0.26
C LEU E 375 -40.52 34.28 -0.96
N GLY E 376 -39.83 35.41 -0.85
CA GLY E 376 -40.30 36.66 -1.44
C GLY E 376 -41.38 37.33 -0.65
N ALA E 377 -42.41 36.57 -0.28
CA ALA E 377 -43.57 37.10 0.44
C ALA E 377 -43.31 37.32 1.92
N GLY E 378 -42.26 36.72 2.44
CA GLY E 378 -41.91 36.87 3.85
C GLY E 378 -42.33 35.70 4.71
N GLY E 379 -42.90 34.67 4.08
CA GLY E 379 -43.35 33.48 4.80
C GLY E 379 -44.28 32.63 3.96
N LEU E 380 -44.82 31.56 4.57
CA LEU E 380 -45.71 30.63 3.87
C LEU E 380 -47.12 31.17 3.82
N PRO E 381 -47.84 30.93 2.71
CA PRO E 381 -49.19 31.49 2.51
C PRO E 381 -50.33 30.74 3.22
N MET E 382 -51.15 31.50 3.95
CA MET E 382 -52.30 30.95 4.65
C MET E 382 -53.40 30.52 3.70
N GLY E 383 -54.07 29.42 4.02
CA GLY E 383 -55.17 28.91 3.20
C GLY E 383 -54.72 28.24 1.93
N ARG E 384 -53.42 27.90 1.88
CA ARG E 384 -52.81 27.27 0.71
C ARG E 384 -52.15 25.94 1.09
N ILE E 385 -51.68 25.21 0.09
CA ILE E 385 -50.99 23.93 0.30
C ILE E 385 -49.49 24.09 0.06
N VAL E 386 -48.68 23.52 0.95
CA VAL E 386 -47.23 23.57 0.81
C VAL E 386 -46.60 22.16 0.92
N GLU E 387 -45.59 21.91 0.10
CA GLU E 387 -44.83 20.66 0.18
C GLU E 387 -43.37 20.93 0.53
N ILE E 388 -42.85 20.19 1.50
CA ILE E 388 -41.41 20.16 1.76
C ILE E 388 -40.88 18.75 1.56
N TYR E 389 -39.87 18.62 0.71
CA TYR E 389 -39.24 17.32 0.52
C TYR E 389 -37.75 17.43 0.64
N GLY E 390 -37.10 16.30 0.87
CA GLY E 390 -35.65 16.22 0.95
C GLY E 390 -35.19 14.85 1.42
N PRO E 391 -33.87 14.60 1.37
CA PRO E 391 -33.23 13.37 1.86
C PRO E 391 -33.54 13.11 3.35
N GLU E 392 -33.16 11.94 3.86
CA GLU E 392 -33.46 11.61 5.25
C GLU E 392 -32.60 12.40 6.21
N SER E 393 -33.17 12.70 7.38
CA SER E 393 -32.53 13.54 8.41
C SER E 393 -32.02 14.86 7.82
N SER E 394 -32.79 15.47 6.93
CA SER E 394 -32.35 16.70 6.28
C SER E 394 -32.84 17.93 7.03
N GLY E 395 -33.98 17.78 7.68
CA GLY E 395 -34.53 18.85 8.49
C GLY E 395 -36.02 19.06 8.32
N LYS E 396 -36.65 18.16 7.55
CA LYS E 396 -38.08 18.28 7.19
C LYS E 396 -39.00 18.42 8.42
N THR E 397 -39.02 17.41 9.28
CA THR E 397 -39.77 17.47 10.56
C THR E 397 -39.42 18.73 11.37
N THR E 398 -38.12 18.90 11.69
CA THR E 398 -37.60 20.02 12.47
C THR E 398 -38.13 21.36 11.98
N LEU E 399 -37.91 21.63 10.69
CA LEU E 399 -38.34 22.90 10.11
C LEU E 399 -39.82 23.13 10.31
N THR E 400 -40.60 22.10 10.00
CA THR E 400 -42.05 22.11 10.21
C THR E 400 -42.42 22.54 11.64
N LEU E 401 -41.82 21.90 12.63
CA LEU E 401 -42.08 22.24 14.03
C LEU E 401 -41.75 23.69 14.36
N GLN E 402 -40.69 24.22 13.74
CA GLN E 402 -40.31 25.61 13.94
C GLN E 402 -41.38 26.59 13.47
N VAL E 403 -42.11 26.22 12.40
CA VAL E 403 -43.17 27.09 11.90
C VAL E 403 -44.40 26.98 12.79
N ILE E 404 -44.63 25.78 13.32
CA ILE E 404 -45.70 25.59 14.32
C ILE E 404 -45.44 26.45 15.55
N ALA E 405 -44.21 26.36 16.08
CA ALA E 405 -43.76 27.16 17.20
C ALA E 405 -44.04 28.62 16.91
N ALA E 406 -43.57 29.08 15.76
CA ALA E 406 -43.75 30.46 15.30
C ALA E 406 -45.23 30.89 15.30
N ALA E 407 -46.07 30.02 14.73
CA ALA E 407 -47.52 30.28 14.61
C ALA E 407 -48.24 30.30 15.96
N GLN E 408 -47.76 29.48 16.89
CA GLN E 408 -48.33 29.41 18.23
C GLN E 408 -47.93 30.62 19.03
N ARG E 409 -46.76 31.16 18.73
CA ARG E 409 -46.26 32.36 19.42
C ARG E 409 -47.16 33.56 19.13
N GLU E 410 -47.81 33.54 17.96
CA GLU E 410 -48.79 34.55 17.58
C GLU E 410 -50.20 34.06 17.91
N GLY E 411 -50.31 32.90 18.54
CA GLY E 411 -51.59 32.39 19.03
C GLY E 411 -52.45 31.66 18.02
N LYS E 412 -51.84 31.01 17.05
CA LYS E 412 -52.60 30.21 16.10
C LYS E 412 -52.70 28.76 16.59
N THR E 413 -53.79 28.08 16.25
CA THR E 413 -53.97 26.68 16.61
C THR E 413 -53.36 25.77 15.56
N CYS E 414 -52.55 24.82 16.02
CA CYS E 414 -51.88 23.90 15.10
C CYS E 414 -52.26 22.45 15.32
N ALA E 415 -52.09 21.66 14.26
CA ALA E 415 -52.31 20.23 14.32
C ALA E 415 -51.18 19.54 13.58
N PHE E 416 -50.80 18.37 14.08
CA PHE E 416 -49.73 17.60 13.49
C PHE E 416 -50.23 16.18 13.23
N ILE E 417 -49.96 15.68 12.03
CA ILE E 417 -50.37 14.31 11.65
C ILE E 417 -49.14 13.43 11.47
N ASP E 418 -48.76 12.73 12.54
CA ASP E 418 -47.52 11.96 12.57
C ASP E 418 -47.70 10.58 11.94
N ALA E 419 -47.98 10.56 10.65
CA ALA E 419 -48.17 9.31 9.92
C ALA E 419 -46.90 8.49 9.89
N GLU E 420 -45.77 9.20 9.98
CA GLU E 420 -44.47 8.58 10.00
C GLU E 420 -44.25 7.87 11.34
N HIS E 421 -45.12 8.18 12.32
CA HIS E 421 -45.07 7.61 13.68
C HIS E 421 -43.69 7.76 14.33
N ALA E 422 -43.14 8.97 14.32
CA ALA E 422 -41.74 9.16 14.73
C ALA E 422 -41.44 10.43 15.50
N LEU E 423 -42.45 11.29 15.64
CA LEU E 423 -42.31 12.57 16.34
C LEU E 423 -42.01 12.43 17.83
N ASP E 424 -40.92 13.06 18.29
CA ASP E 424 -40.52 13.05 19.70
C ASP E 424 -41.01 14.32 20.39
N PRO E 425 -41.99 14.17 21.31
CA PRO E 425 -42.57 15.32 22.02
C PRO E 425 -41.54 16.19 22.72
N ILE E 426 -40.60 15.57 23.45
CA ILE E 426 -39.59 16.30 24.20
C ILE E 426 -38.75 17.21 23.29
N TYR E 427 -38.31 16.66 22.15
CA TYR E 427 -37.54 17.42 21.16
C TYR E 427 -38.40 18.53 20.54
N ALA E 428 -39.66 18.23 20.29
CA ALA E 428 -40.58 19.24 19.79
C ALA E 428 -40.66 20.43 20.77
N ARG E 429 -40.69 20.14 22.06
CA ARG E 429 -40.73 21.18 23.08
C ARG E 429 -39.43 21.94 23.12
N LYS E 430 -38.31 21.23 22.97
CA LYS E 430 -36.98 21.86 22.91
C LYS E 430 -36.85 22.84 21.75
N LEU E 431 -37.62 22.58 20.70
CA LEU E 431 -37.65 23.45 19.54
C LEU E 431 -38.56 24.64 19.79
N GLY E 432 -39.35 24.58 20.87
CA GLY E 432 -40.16 25.70 21.32
C GLY E 432 -41.62 25.60 20.92
N VAL E 433 -42.10 24.38 20.77
CA VAL E 433 -43.50 24.15 20.45
C VAL E 433 -44.30 24.03 21.73
N ASP E 434 -45.51 24.55 21.73
CA ASP E 434 -46.41 24.36 22.84
C ASP E 434 -47.04 22.99 22.71
N ILE E 435 -46.47 22.02 23.42
CA ILE E 435 -46.88 20.62 23.35
C ILE E 435 -48.32 20.45 23.80
N ASP E 436 -48.68 21.12 24.91
CA ASP E 436 -49.98 20.96 25.55
C ASP E 436 -51.13 21.39 24.66
N ASN E 437 -50.85 22.29 23.72
CA ASN E 437 -51.88 22.81 22.84
C ASN E 437 -51.75 22.39 21.39
N LEU E 438 -50.67 21.70 21.06
CA LEU E 438 -50.49 21.17 19.72
C LEU E 438 -51.32 19.91 19.58
N LEU E 439 -52.36 20.01 18.75
CA LEU E 439 -53.18 18.87 18.41
C LEU E 439 -52.35 17.91 17.61
N CYS E 440 -52.56 16.63 17.85
CA CYS E 440 -51.71 15.62 17.26
C CYS E 440 -52.44 14.31 17.05
N SER E 441 -52.18 13.69 15.91
CA SER E 441 -52.80 12.42 15.59
C SER E 441 -51.83 11.50 14.87
N GLN E 442 -51.76 10.26 15.34
CA GLN E 442 -51.10 9.20 14.61
C GLN E 442 -52.19 8.31 14.01
N PRO E 443 -52.51 8.53 12.74
CA PRO E 443 -53.62 7.84 12.10
C PRO E 443 -53.23 6.42 11.70
N ASP E 444 -54.23 5.59 11.44
CA ASP E 444 -53.99 4.19 11.07
C ASP E 444 -53.90 3.99 9.56
N THR E 445 -54.88 4.50 8.81
CA THR E 445 -54.82 4.47 7.35
C THR E 445 -54.52 5.87 6.80
N GLY E 446 -54.18 5.94 5.52
CA GLY E 446 -53.92 7.22 4.87
C GLY E 446 -55.20 8.02 4.71
N GLU E 447 -56.27 7.34 4.32
CA GLU E 447 -57.58 7.97 4.15
C GLU E 447 -58.03 8.63 5.46
N GLN E 448 -57.76 7.94 6.57
CA GLN E 448 -58.06 8.46 7.91
C GLN E 448 -57.33 9.78 8.12
N ALA E 449 -56.02 9.77 7.88
CA ALA E 449 -55.20 10.96 8.00
C ALA E 449 -55.77 12.16 7.23
N LEU E 450 -56.16 11.91 5.97
CA LEU E 450 -56.67 12.96 5.09
C LEU E 450 -58.07 13.39 5.45
N GLU E 451 -58.92 12.43 5.80
CA GLU E 451 -60.26 12.73 6.29
C GLU E 451 -60.21 13.63 7.53
N ILE E 452 -59.23 13.37 8.40
CA ILE E 452 -59.02 14.18 9.58
C ILE E 452 -58.74 15.61 9.16
N CYS E 453 -57.82 15.79 8.22
CA CYS E 453 -57.51 17.12 7.69
C CYS E 453 -58.75 17.84 7.23
N ASP E 454 -59.52 17.17 6.38
CA ASP E 454 -60.76 17.73 5.80
C ASP E 454 -61.73 18.18 6.88
N ALA E 455 -61.82 17.44 7.98
CA ALA E 455 -62.61 17.84 9.15
C ALA E 455 -62.05 19.08 9.83
N LEU E 456 -60.74 19.08 10.07
CA LEU E 456 -60.06 20.20 10.71
C LEU E 456 -60.03 21.45 9.85
N ALA E 457 -59.98 21.26 8.52
CA ALA E 457 -60.08 22.37 7.58
C ALA E 457 -61.47 23.00 7.69
N ARG E 458 -62.51 22.20 7.40
CA ARG E 458 -63.90 22.64 7.47
C ARG E 458 -64.30 23.25 8.82
N SER E 459 -63.70 22.76 9.90
CA SER E 459 -64.01 23.26 11.24
C SER E 459 -63.71 24.74 11.37
N GLY E 460 -62.66 25.20 10.67
CA GLY E 460 -62.22 26.59 10.71
C GLY E 460 -61.61 26.97 12.04
N ALA E 461 -61.32 25.96 12.85
CA ALA E 461 -60.76 26.16 14.17
C ALA E 461 -59.24 26.09 14.13
N VAL E 462 -58.71 25.20 13.27
CA VAL E 462 -57.27 25.05 13.10
C VAL E 462 -56.74 26.00 12.03
N ASP E 463 -55.56 26.57 12.30
CA ASP E 463 -54.93 27.54 11.42
C ASP E 463 -53.83 26.91 10.59
N VAL E 464 -53.08 25.98 11.17
CA VAL E 464 -52.01 25.29 10.45
C VAL E 464 -51.96 23.79 10.78
N ILE E 465 -51.96 22.98 9.72
CA ILE E 465 -51.92 21.52 9.81
C ILE E 465 -50.71 21.02 9.06
N VAL E 466 -49.95 20.12 9.68
CA VAL E 466 -48.82 19.48 8.99
C VAL E 466 -48.94 17.96 9.01
N VAL E 467 -48.70 17.34 7.86
CA VAL E 467 -48.73 15.91 7.69
C VAL E 467 -47.30 15.39 7.50
N ASP E 468 -46.82 14.56 8.44
CA ASP E 468 -45.44 14.06 8.39
C ASP E 468 -45.36 12.80 7.55
N SER E 469 -44.79 13.00 6.36
CA SER E 469 -44.56 12.01 5.30
C SER E 469 -45.82 11.60 4.57
N VAL E 470 -46.02 12.15 3.37
CA VAL E 470 -47.06 11.60 2.47
C VAL E 470 -46.61 10.18 2.11
N ALA E 471 -45.30 9.98 2.10
CA ALA E 471 -44.73 8.67 1.98
C ALA E 471 -45.43 7.64 2.89
N ALA E 472 -45.76 8.07 4.10
CA ALA E 472 -46.34 7.19 5.11
C ALA E 472 -47.87 7.12 5.06
N LEU E 473 -48.48 7.79 4.08
CA LEU E 473 -49.94 7.78 3.93
C LEU E 473 -50.44 6.51 3.24
N THR E 474 -50.35 5.40 3.95
CA THR E 474 -50.66 4.08 3.40
C THR E 474 -52.17 3.93 3.20
N PRO E 475 -52.60 3.67 1.95
CA PRO E 475 -54.02 3.42 1.68
C PRO E 475 -54.59 2.25 2.48
N LYS E 476 -55.91 2.31 2.72
CA LYS E 476 -56.61 1.34 3.54
C LYS E 476 -56.37 -0.06 3.01
N ALA E 477 -56.62 -0.23 1.71
CA ALA E 477 -56.53 -1.53 1.03
C ALA E 477 -55.14 -2.14 1.12
N GLU E 478 -54.13 -1.28 1.20
CA GLU E 478 -52.74 -1.73 1.29
C GLU E 478 -52.40 -2.37 2.63
N ILE E 479 -52.90 -1.78 3.71
CA ILE E 479 -52.70 -2.34 5.04
C ILE E 479 -53.54 -3.60 5.20
N GLU E 480 -54.77 -3.54 4.69
CA GLU E 480 -55.68 -4.68 4.73
C GLU E 480 -55.22 -5.84 3.83
N GLY E 481 -54.54 -5.50 2.73
CA GLY E 481 -53.90 -6.51 1.89
C GLY E 481 -52.61 -7.02 2.50
N GLU E 482 -51.96 -7.96 1.79
CA GLU E 482 -50.66 -8.50 2.23
C GLU E 482 -49.49 -7.69 1.69
N ILE E 483 -48.27 -8.07 2.08
CA ILE E 483 -47.07 -7.49 1.48
C ILE E 483 -46.76 -8.30 0.23
N GLY E 484 -46.70 -7.59 -0.89
CA GLY E 484 -46.65 -8.23 -2.20
C GLY E 484 -47.88 -7.87 -3.01
N ASP E 485 -49.04 -7.77 -2.35
CA ASP E 485 -50.26 -7.31 -3.00
C ASP E 485 -49.95 -6.00 -3.70
N SER E 486 -50.12 -5.95 -5.01
CA SER E 486 -49.81 -4.74 -5.75
C SER E 486 -51.02 -3.84 -5.89
N HIS E 487 -50.84 -2.59 -5.50
CA HIS E 487 -51.89 -1.60 -5.63
C HIS E 487 -51.37 -0.51 -6.55
N MET E 488 -51.47 -0.75 -7.87
CA MET E 488 -50.99 0.18 -8.90
C MET E 488 -51.57 1.56 -8.70
N GLY E 489 -50.70 2.54 -8.53
CA GLY E 489 -51.08 3.95 -8.32
C GLY E 489 -52.36 4.21 -7.52
N LEU E 490 -52.65 3.35 -6.55
CA LEU E 490 -53.80 3.52 -5.66
C LEU E 490 -53.47 4.67 -4.75
N ALA E 491 -52.23 4.70 -4.26
CA ALA E 491 -51.74 5.75 -3.38
C ALA E 491 -51.91 7.13 -4.03
N ALA E 492 -51.48 7.23 -5.29
CA ALA E 492 -51.48 8.46 -6.08
C ALA E 492 -52.88 8.93 -6.43
N ARG E 493 -53.77 7.98 -6.72
CA ARG E 493 -55.15 8.28 -7.03
C ARG E 493 -55.87 8.81 -5.78
N MET E 494 -55.44 8.32 -4.62
CA MET E 494 -55.99 8.78 -3.35
C MET E 494 -55.60 10.23 -3.09
N MET E 495 -54.33 10.55 -3.30
CA MET E 495 -53.81 11.90 -3.18
C MET E 495 -54.57 12.88 -4.06
N SER E 496 -54.81 12.46 -5.30
CA SER E 496 -55.41 13.30 -6.32
C SER E 496 -56.83 13.66 -5.93
N GLN E 497 -57.50 12.72 -5.26
CA GLN E 497 -58.84 12.96 -4.74
C GLN E 497 -58.79 13.89 -3.55
N ALA E 498 -57.80 13.68 -2.67
CA ALA E 498 -57.63 14.49 -1.47
C ALA E 498 -57.44 15.95 -1.85
N MET E 499 -56.55 16.20 -2.80
CA MET E 499 -56.28 17.56 -3.26
C MET E 499 -57.53 18.32 -3.66
N ARG E 500 -58.34 17.71 -4.53
CA ARG E 500 -59.60 18.28 -5.00
C ARG E 500 -60.49 18.74 -3.84
N LYS E 501 -60.68 17.86 -2.86
CA LYS E 501 -61.54 18.13 -1.70
C LYS E 501 -60.96 19.19 -0.74
N LEU E 502 -59.65 19.19 -0.57
CA LEU E 502 -59.03 20.06 0.42
C LEU E 502 -58.88 21.52 -0.01
N ALA E 503 -58.51 21.74 -1.28
CA ALA E 503 -58.25 23.10 -1.79
C ALA E 503 -59.34 24.07 -1.38
N GLY E 504 -60.58 23.70 -1.69
CA GLY E 504 -61.75 24.52 -1.37
C GLY E 504 -61.94 24.79 0.13
N ASN E 505 -61.84 23.73 0.93
CA ASN E 505 -62.04 23.82 2.37
C ASN E 505 -60.91 24.57 3.09
N LEU E 506 -59.72 24.58 2.49
CA LEU E 506 -58.57 25.22 3.12
C LEU E 506 -58.57 26.73 2.92
N LYS E 507 -59.04 27.17 1.75
CA LYS E 507 -59.09 28.60 1.46
C LYS E 507 -60.21 29.27 2.24
N GLN E 508 -61.40 28.68 2.18
CA GLN E 508 -62.56 29.25 2.90
C GLN E 508 -62.41 29.22 4.42
N SER E 509 -61.43 28.46 4.90
CA SER E 509 -61.10 28.39 6.34
C SER E 509 -59.86 29.20 6.68
N ASN E 510 -59.16 29.66 5.64
CA ASN E 510 -57.86 30.27 5.78
C ASN E 510 -56.90 29.41 6.62
N THR E 511 -56.75 28.14 6.21
CA THR E 511 -55.96 27.16 6.96
C THR E 511 -54.78 26.71 6.11
N LEU E 512 -53.57 26.81 6.65
CA LEU E 512 -52.36 26.35 5.97
C LEU E 512 -52.16 24.85 6.17
N LEU E 513 -51.79 24.15 5.10
CA LEU E 513 -51.46 22.71 5.15
C LEU E 513 -50.08 22.42 4.54
N ILE E 514 -49.18 21.86 5.36
CA ILE E 514 -47.85 21.47 4.90
C ILE E 514 -47.70 19.96 4.83
N PHE E 515 -47.35 19.45 3.66
CA PHE E 515 -47.03 18.04 3.50
C PHE E 515 -45.53 17.83 3.49
N ILE E 516 -45.02 17.00 4.41
CA ILE E 516 -43.64 16.56 4.31
C ILE E 516 -43.56 15.34 3.41
N ASN E 517 -42.59 15.33 2.50
CA ASN E 517 -42.44 14.21 1.59
C ASN E 517 -41.02 13.69 1.54
N GLN E 518 -40.89 12.40 1.22
CA GLN E 518 -39.59 11.77 1.06
C GLN E 518 -39.19 11.71 -0.39
N ILE E 519 -37.91 11.42 -0.63
CA ILE E 519 -37.38 11.28 -1.99
C ILE E 519 -37.24 9.82 -2.34
N ARG E 520 -37.75 9.45 -3.51
CA ARG E 520 -37.52 8.13 -4.11
C ARG E 520 -36.74 8.31 -5.40
N MET E 521 -36.07 7.25 -5.83
CA MET E 521 -35.33 7.29 -7.10
C MET E 521 -36.22 6.77 -8.21
N LYS E 522 -36.22 7.45 -9.36
CA LYS E 522 -36.90 6.91 -10.52
C LYS E 522 -35.85 6.24 -11.36
N ILE E 523 -36.17 5.05 -11.83
CA ILE E 523 -35.21 4.21 -12.52
C ILE E 523 -35.52 4.17 -14.00
N GLY E 524 -34.47 4.24 -14.83
CA GLY E 524 -34.63 4.32 -16.27
C GLY E 524 -34.69 5.75 -16.78
N VAL E 525 -34.06 6.68 -16.06
CA VAL E 525 -33.94 8.08 -16.49
C VAL E 525 -32.46 8.49 -16.50
N MET E 526 -31.99 8.97 -17.65
CA MET E 526 -30.56 9.25 -17.87
C MET E 526 -30.28 10.75 -17.98
N PHE E 527 -31.21 11.47 -18.59
CA PHE E 527 -31.25 12.94 -18.55
C PHE E 527 -31.76 13.40 -17.17
N GLY E 528 -31.97 14.70 -17.02
CA GLY E 528 -32.59 15.31 -15.82
C GLY E 528 -32.00 14.87 -14.50
N ASN E 529 -32.84 14.81 -13.48
CA ASN E 529 -32.44 14.20 -12.22
C ASN E 529 -33.30 12.97 -11.94
N PRO E 530 -32.72 11.96 -11.26
CA PRO E 530 -33.45 10.72 -11.06
C PRO E 530 -34.29 10.72 -9.79
N GLU E 531 -34.65 11.90 -9.28
CA GLU E 531 -35.39 11.99 -8.03
C GLU E 531 -36.88 12.28 -8.21
N THR E 532 -37.74 11.61 -7.45
CA THR E 532 -39.15 11.99 -7.36
C THR E 532 -39.63 12.07 -5.93
N THR E 533 -40.94 12.07 -5.83
CA THR E 533 -41.66 12.42 -4.65
C THR E 533 -42.81 11.41 -4.57
N THR E 534 -43.07 10.86 -3.39
CA THR E 534 -44.12 9.84 -3.26
C THR E 534 -45.51 10.44 -3.43
N GLY E 535 -46.46 9.62 -3.84
CA GLY E 535 -47.86 10.06 -3.93
C GLY E 535 -48.23 10.80 -5.20
N GLY E 536 -47.60 10.41 -6.30
CA GLY E 536 -47.97 10.90 -7.62
C GLY E 536 -47.79 12.38 -7.89
N ASN E 537 -48.53 12.86 -8.88
CA ASN E 537 -48.36 14.21 -9.42
C ASN E 537 -49.33 15.24 -8.85
N ALA E 538 -50.36 14.76 -8.15
CA ALA E 538 -51.40 15.63 -7.64
C ALA E 538 -50.83 16.79 -6.83
N LEU E 539 -49.99 16.47 -5.87
CA LEU E 539 -49.48 17.48 -4.95
C LEU E 539 -48.61 18.55 -5.62
N LYS E 540 -47.81 18.16 -6.62
CA LYS E 540 -46.97 19.09 -7.36
C LYS E 540 -47.77 20.31 -7.82
N PHE E 541 -48.95 20.03 -8.37
CA PHE E 541 -49.81 21.05 -9.00
C PHE E 541 -50.50 21.95 -7.98
N TYR E 542 -51.07 21.34 -6.94
CA TYR E 542 -51.87 22.06 -5.97
C TYR E 542 -51.04 22.88 -4.99
N ALA E 543 -49.80 22.47 -4.75
CA ALA E 543 -48.95 23.20 -3.82
C ALA E 543 -48.68 24.60 -4.35
N SER E 544 -48.78 25.58 -3.45
CA SER E 544 -48.50 26.97 -3.82
C SER E 544 -47.02 27.26 -3.60
N VAL E 545 -46.40 26.51 -2.68
CA VAL E 545 -44.96 26.57 -2.43
C VAL E 545 -44.39 25.15 -2.33
N ARG E 546 -43.23 24.92 -2.96
CA ARG E 546 -42.54 23.62 -2.87
C ARG E 546 -41.08 23.81 -2.48
N LEU E 547 -40.67 23.19 -1.36
CA LEU E 547 -39.35 23.39 -0.79
C LEU E 547 -38.48 22.15 -0.89
N ASP E 548 -37.22 22.38 -1.23
CA ASP E 548 -36.22 21.30 -1.30
C ASP E 548 -35.13 21.56 -0.27
N ILE E 549 -35.20 20.82 0.85
CA ILE E 549 -34.24 20.96 1.96
C ILE E 549 -33.14 19.87 1.94
N ARG E 550 -31.90 20.27 2.20
CA ARG E 550 -30.76 19.36 2.18
C ARG E 550 -29.70 19.70 3.21
N ARG E 551 -29.19 18.68 3.89
CA ARG E 551 -28.05 18.85 4.79
C ARG E 551 -26.80 18.97 3.94
N ILE E 552 -26.07 20.09 4.08
CA ILE E 552 -24.92 20.37 3.21
C ILE E 552 -23.58 20.23 3.91
N GLY E 553 -23.60 20.30 5.24
CA GLY E 553 -22.38 20.21 6.04
C GLY E 553 -22.65 19.99 7.51
N ALA E 554 -21.59 19.82 8.28
CA ALA E 554 -21.71 19.60 9.71
C ALA E 554 -21.31 20.87 10.45
N VAL E 555 -22.07 21.21 11.49
CA VAL E 555 -21.72 22.32 12.40
C VAL E 555 -20.83 21.77 13.51
N LYS E 556 -19.52 21.98 13.38
CA LYS E 556 -18.56 21.34 14.25
C LYS E 556 -18.20 22.16 15.49
N GLU E 557 -17.59 21.48 16.47
CA GLU E 557 -17.20 22.06 17.75
C GLU E 557 -15.86 21.50 18.15
N GLY E 558 -14.88 21.64 17.27
CA GLY E 558 -13.58 20.99 17.44
C GLY E 558 -13.73 19.50 17.20
N GLU E 559 -14.23 18.81 18.23
CA GLU E 559 -14.50 17.38 18.13
C GLU E 559 -15.95 17.10 17.78
N ASN E 560 -16.86 17.82 18.43
CA ASN E 560 -18.30 17.55 18.37
C ASN E 560 -19.01 18.02 17.11
N VAL E 561 -20.03 17.27 16.72
CA VAL E 561 -20.95 17.69 15.67
C VAL E 561 -22.20 18.15 16.40
N VAL E 562 -22.42 19.45 16.41
CA VAL E 562 -23.52 20.03 17.19
C VAL E 562 -24.73 20.48 16.34
N GLY E 563 -24.58 20.43 15.02
CA GLY E 563 -25.67 20.83 14.11
C GLY E 563 -25.48 20.46 12.65
N SER E 564 -26.50 20.72 11.85
CA SER E 564 -26.47 20.48 10.43
C SER E 564 -26.52 21.80 9.68
N GLU E 565 -25.51 22.04 8.85
CA GLU E 565 -25.56 23.13 7.88
C GLU E 565 -26.62 22.78 6.84
N THR E 566 -27.49 23.73 6.54
CA THR E 566 -28.70 23.44 5.78
C THR E 566 -28.95 24.42 4.63
N ARG E 567 -29.46 23.88 3.53
CA ARG E 567 -29.83 24.70 2.38
C ARG E 567 -31.20 24.30 1.87
N VAL E 568 -32.06 25.30 1.71
CA VAL E 568 -33.41 25.09 1.18
C VAL E 568 -33.53 25.82 -0.15
N LYS E 569 -34.09 25.16 -1.17
CA LYS E 569 -34.40 25.78 -2.45
C LYS E 569 -35.90 25.95 -2.61
N VAL E 570 -36.35 27.14 -3.03
CA VAL E 570 -37.75 27.32 -3.38
C VAL E 570 -37.89 26.79 -4.79
N VAL E 571 -38.60 25.68 -4.93
CA VAL E 571 -38.66 24.96 -6.20
C VAL E 571 -39.94 25.30 -6.96
N LYS E 572 -41.02 25.55 -6.23
CA LYS E 572 -42.22 26.12 -6.82
C LYS E 572 -42.68 27.32 -6.00
N ASN E 573 -43.18 28.35 -6.70
CA ASN E 573 -43.67 29.55 -6.03
C ASN E 573 -44.82 30.24 -6.78
N LYS E 574 -46.00 30.16 -6.18
CA LYS E 574 -47.20 30.76 -6.73
C LYS E 574 -47.47 32.09 -6.05
N ILE E 575 -46.56 32.45 -5.13
CA ILE E 575 -46.75 33.58 -4.23
C ILE E 575 -45.79 34.73 -4.52
N ALA E 576 -44.59 34.37 -5.00
CA ALA E 576 -43.54 35.32 -5.40
C ALA E 576 -42.67 34.67 -6.47
N ALA E 577 -41.58 35.32 -6.84
CA ALA E 577 -40.60 34.73 -7.76
C ALA E 577 -39.99 33.45 -7.14
N PRO E 578 -39.92 32.35 -7.92
CA PRO E 578 -39.36 31.08 -7.42
C PRO E 578 -37.84 31.01 -7.53
N PHE E 579 -37.26 29.91 -7.06
CA PHE E 579 -35.85 29.55 -7.28
C PHE E 579 -34.81 30.33 -6.47
N LYS E 580 -35.26 31.10 -5.49
CA LYS E 580 -34.34 31.69 -4.52
C LYS E 580 -33.99 30.59 -3.54
N GLN E 581 -32.82 30.69 -2.92
CA GLN E 581 -32.44 29.68 -1.94
C GLN E 581 -31.90 30.28 -0.66
N ALA E 582 -32.12 29.58 0.44
CA ALA E 582 -31.68 30.02 1.76
C ALA E 582 -30.81 28.97 2.43
N GLU E 583 -29.76 29.42 3.10
CA GLU E 583 -28.94 28.54 3.89
C GLU E 583 -29.04 28.94 5.35
N PHE E 584 -28.80 27.99 6.25
CA PHE E 584 -28.79 28.27 7.68
C PHE E 584 -28.29 27.09 8.50
N GLN E 585 -28.35 27.23 9.82
CA GLN E 585 -27.89 26.18 10.69
C GLN E 585 -29.04 25.61 11.50
N ILE E 586 -29.12 24.28 11.56
CA ILE E 586 -29.97 23.61 12.54
C ILE E 586 -29.07 23.08 13.66
N LEU E 587 -29.21 23.70 14.83
CA LEU E 587 -28.49 23.28 16.01
C LEU E 587 -29.32 22.23 16.73
N TYR E 588 -28.75 21.02 16.84
CA TYR E 588 -29.48 19.89 17.42
C TYR E 588 -29.95 20.24 18.84
N GLY E 589 -31.24 20.07 19.07
CA GLY E 589 -31.82 20.31 20.39
C GLY E 589 -32.22 21.75 20.63
N GLU E 590 -31.97 22.60 19.64
CA GLU E 590 -32.31 24.01 19.73
C GLU E 590 -33.21 24.47 18.59
N GLY E 591 -32.81 24.13 17.37
CA GLY E 591 -33.59 24.46 16.18
C GLY E 591 -32.80 25.26 15.18
N ILE E 592 -33.52 26.02 14.35
CA ILE E 592 -32.92 26.90 13.36
C ILE E 592 -32.16 28.08 14.02
N ASN E 593 -30.92 28.37 13.64
CA ASN E 593 -30.16 29.53 14.19
C ASN E 593 -30.60 30.84 13.55
N PHE E 594 -31.71 31.36 14.05
CA PHE E 594 -32.35 32.55 13.49
C PHE E 594 -31.49 33.78 13.67
N TYR E 595 -30.98 33.95 14.88
CA TYR E 595 -30.16 35.12 15.20
C TYR E 595 -28.83 35.07 14.44
N GLY E 596 -28.33 33.86 14.24
CA GLY E 596 -27.18 33.65 13.37
C GLY E 596 -27.43 34.29 12.01
N GLU E 597 -28.53 33.90 11.38
CA GLU E 597 -28.94 34.47 10.09
C GLU E 597 -28.98 35.99 10.18
N LEU E 598 -29.61 36.47 11.24
CA LEU E 598 -29.81 37.89 11.43
C LEU E 598 -28.50 38.68 11.48
N VAL E 599 -27.52 38.15 12.19
CA VAL E 599 -26.21 38.76 12.23
C VAL E 599 -25.67 38.89 10.81
N ASP E 600 -25.62 37.78 10.09
CA ASP E 600 -25.04 37.76 8.74
C ASP E 600 -25.76 38.67 7.77
N LEU E 601 -27.07 38.58 7.77
CA LEU E 601 -27.89 39.43 6.92
C LEU E 601 -27.67 40.90 7.25
N GLY E 602 -27.57 41.21 8.54
CA GLY E 602 -27.35 42.59 9.01
C GLY E 602 -26.02 43.19 8.58
N VAL E 603 -24.96 42.39 8.67
CA VAL E 603 -23.61 42.79 8.25
C VAL E 603 -23.57 43.01 6.74
N LYS E 604 -24.26 42.13 6.03
CA LYS E 604 -24.32 42.17 4.57
C LYS E 604 -25.03 43.42 4.07
N GLU E 605 -26.06 43.86 4.79
CA GLU E 605 -26.82 45.06 4.43
C GLU E 605 -26.24 46.36 5.00
N LYS E 606 -25.09 46.22 5.69
CA LYS E 606 -24.37 47.35 6.31
C LYS E 606 -25.14 47.96 7.51
N LEU E 607 -26.05 47.19 8.10
CA LEU E 607 -26.75 47.60 9.31
C LEU E 607 -25.94 47.27 10.55
N ILE E 608 -25.12 46.24 10.45
CA ILE E 608 -24.17 45.89 11.51
C ILE E 608 -22.75 46.08 10.98
N GLU E 609 -21.91 46.72 11.79
CA GLU E 609 -20.53 47.01 11.42
C GLU E 609 -19.63 45.85 11.82
N LYS E 610 -18.77 45.41 10.91
CA LYS E 610 -17.80 44.36 11.22
C LYS E 610 -16.36 44.84 11.07
N ALA E 611 -15.74 45.17 12.19
CA ALA E 611 -14.33 45.57 12.23
C ALA E 611 -13.43 44.37 12.57
N GLY E 612 -13.17 43.55 11.55
CA GLY E 612 -12.40 42.31 11.73
C GLY E 612 -13.19 41.24 12.47
N ALA E 613 -12.91 41.09 13.76
CA ALA E 613 -13.62 40.14 14.62
C ALA E 613 -14.67 40.83 15.51
N TRP E 614 -14.71 42.17 15.45
CA TRP E 614 -15.62 42.97 16.26
C TRP E 614 -16.89 43.39 15.51
N TYR E 615 -18.02 43.22 16.17
CA TYR E 615 -19.32 43.56 15.60
C TYR E 615 -19.93 44.75 16.31
N SER E 616 -20.26 45.80 15.57
CA SER E 616 -20.83 47.01 16.14
C SER E 616 -22.21 47.31 15.54
N TYR E 617 -23.13 47.74 16.39
CA TYR E 617 -24.41 48.25 15.91
C TYR E 617 -24.64 49.67 16.38
N LYS E 618 -24.77 50.58 15.41
CA LYS E 618 -24.95 52.01 15.69
C LYS E 618 -23.90 52.55 16.65
N GLY E 619 -22.64 52.18 16.43
CA GLY E 619 -21.53 52.66 17.24
C GLY E 619 -21.24 51.85 18.49
N GLU E 620 -22.27 51.20 19.02
CA GLU E 620 -22.12 50.34 20.19
C GLU E 620 -21.60 48.96 19.77
N LYS E 621 -20.50 48.54 20.38
CA LYS E 621 -19.92 47.25 20.11
C LYS E 621 -20.76 46.17 20.78
N ILE E 622 -21.20 45.18 19.99
CA ILE E 622 -22.15 44.17 20.47
C ILE E 622 -21.60 42.75 20.64
N GLY E 623 -20.43 42.49 20.05
CA GLY E 623 -19.82 41.18 20.19
C GLY E 623 -18.43 41.09 19.59
N GLN E 624 -17.77 39.98 19.88
CA GLN E 624 -16.49 39.67 19.30
C GLN E 624 -16.63 38.31 18.65
N GLY E 625 -16.71 38.30 17.31
CA GLY E 625 -16.96 37.07 16.57
C GLY E 625 -18.43 36.68 16.57
N LYS E 626 -18.91 36.15 15.44
CA LYS E 626 -20.33 35.81 15.22
C LYS E 626 -21.00 35.16 16.43
N ALA E 627 -20.25 34.34 17.16
CA ALA E 627 -20.72 33.68 18.38
C ALA E 627 -21.41 34.65 19.34
N ASN E 628 -20.67 35.67 19.76
CA ASN E 628 -21.16 36.64 20.74
C ASN E 628 -22.21 37.59 20.18
N ALA E 629 -22.02 38.04 18.95
CA ALA E 629 -22.96 38.93 18.27
C ALA E 629 -24.36 38.32 18.24
N THR E 630 -24.41 37.03 17.94
CA THR E 630 -25.64 36.25 17.99
C THR E 630 -26.24 36.28 19.38
N ALA E 631 -25.41 35.95 20.37
CA ALA E 631 -25.85 35.94 21.77
C ALA E 631 -26.35 37.29 22.24
N TRP E 632 -25.81 38.38 21.68
CA TRP E 632 -26.22 39.72 22.06
C TRP E 632 -27.61 40.06 21.54
N LEU E 633 -27.86 39.74 20.27
CA LEU E 633 -29.18 39.92 19.68
C LEU E 633 -30.20 39.07 20.41
N LYS E 634 -29.75 37.95 20.95
CA LYS E 634 -30.59 37.09 21.77
C LYS E 634 -31.03 37.89 22.99
N ASP E 635 -30.07 38.60 23.59
CA ASP E 635 -30.29 39.34 24.84
C ASP E 635 -31.05 40.65 24.68
N ASN E 636 -31.04 41.19 23.47
CA ASN E 636 -31.74 42.43 23.18
C ASN E 636 -32.83 42.22 22.14
N PRO E 637 -33.93 41.56 22.54
CA PRO E 637 -34.93 41.15 21.55
C PRO E 637 -35.54 42.36 20.86
N GLU E 638 -35.56 43.48 21.57
CA GLU E 638 -36.11 44.74 21.10
C GLU E 638 -35.33 45.28 19.91
N THR E 639 -34.01 45.32 20.06
CA THR E 639 -33.12 45.81 19.02
C THR E 639 -33.08 44.82 17.86
N ALA E 640 -33.27 43.54 18.18
CA ALA E 640 -33.28 42.48 17.17
C ALA E 640 -34.46 42.64 16.20
N LYS E 641 -35.64 42.91 16.76
CA LYS E 641 -36.84 43.16 15.96
C LYS E 641 -36.61 44.34 15.02
N GLU E 642 -35.97 45.38 15.54
CA GLU E 642 -35.67 46.60 14.79
C GLU E 642 -34.80 46.31 13.57
N ILE E 643 -33.79 45.46 13.74
CA ILE E 643 -32.89 45.11 12.65
C ILE E 643 -33.59 44.21 11.65
N GLU E 644 -34.28 43.20 12.17
CA GLU E 644 -35.03 42.29 11.30
C GLU E 644 -35.99 43.04 10.38
N LYS E 645 -36.78 43.96 10.96
CA LYS E 645 -37.76 44.73 10.21
C LYS E 645 -37.11 45.45 9.05
N LYS E 646 -35.99 46.11 9.31
CA LYS E 646 -35.25 46.84 8.28
C LYS E 646 -34.71 45.93 7.18
N VAL E 647 -34.28 44.73 7.58
CA VAL E 647 -33.80 43.73 6.63
C VAL E 647 -34.95 43.25 5.74
N ARG E 648 -36.09 42.99 6.34
CA ARG E 648 -37.27 42.58 5.60
C ARG E 648 -37.70 43.65 4.60
N GLU E 649 -37.69 44.91 5.03
CA GLU E 649 -38.00 46.03 4.14
C GLU E 649 -36.98 46.12 3.01
N LEU E 650 -35.71 45.94 3.36
CA LEU E 650 -34.61 46.03 2.39
C LEU E 650 -34.57 44.89 1.37
N LEU E 651 -35.07 43.71 1.75
CA LEU E 651 -34.83 42.50 0.95
C LEU E 651 -36.03 41.66 0.50
N LEU E 652 -37.23 41.98 0.96
CA LEU E 652 -38.42 41.24 0.52
C LEU E 652 -38.98 41.71 -0.83
N SER E 653 -39.21 40.73 -1.71
CA SER E 653 -39.74 40.99 -3.05
C SER E 653 -41.23 41.29 -3.08
N ASN E 654 -41.96 40.85 -2.05
CA ASN E 654 -43.40 41.13 -1.97
C ASN E 654 -43.94 41.39 -0.56
N PRO E 655 -43.78 42.64 -0.04
CA PRO E 655 -44.34 42.96 1.28
C PRO E 655 -45.87 42.85 1.34
N ASN E 656 -46.33 42.11 2.34
CA ASN E 656 -47.75 41.83 2.54
C ASN E 656 -48.55 43.07 2.92
N SER E 657 -48.79 43.22 4.22
CA SER E 657 -49.66 44.26 4.74
C SER E 657 -49.06 44.86 6.01
N ALA E 674 -65.12 37.27 22.05
CA ALA E 674 -66.37 37.23 21.25
C ALA E 674 -66.16 36.53 19.91
N ILE E 675 -64.92 36.55 19.42
CA ILE E 675 -64.57 36.06 18.08
C ILE E 675 -63.98 34.63 18.09
N ASP E 676 -63.03 34.40 19.00
CA ASP E 676 -62.36 33.09 19.15
C ASP E 676 -63.15 32.10 20.03
N GLU E 677 -64.23 32.59 20.62
CA GLU E 677 -65.12 31.78 21.46
C GLU E 677 -66.03 30.93 20.57
N ASN E 678 -66.33 31.43 19.38
CA ASN E 678 -67.03 30.68 18.35
C ASN E 678 -66.18 29.60 17.72
N LYS E 679 -64.87 29.85 17.67
CA LYS E 679 -63.90 28.92 17.11
C LYS E 679 -63.85 27.61 17.89
N GLN E 680 -63.86 27.72 19.22
CA GLN E 680 -63.77 26.56 20.09
C GLN E 680 -65.03 25.72 20.12
N LYS E 681 -66.16 26.34 19.76
CA LYS E 681 -67.41 25.62 19.53
C LYS E 681 -67.25 24.63 18.37
N ALA E 682 -66.84 25.16 17.21
CA ALA E 682 -66.66 24.33 15.99
C ALA E 682 -65.45 23.40 16.07
N LEU E 683 -64.48 23.75 16.91
CA LEU E 683 -63.32 22.89 17.18
C LEU E 683 -63.76 21.63 17.90
N ALA E 684 -64.29 21.81 19.11
CA ALA E 684 -64.76 20.69 19.92
C ALA E 684 -65.72 19.80 19.14
N ALA E 685 -66.55 20.43 18.29
CA ALA E 685 -67.48 19.72 17.41
C ALA E 685 -66.76 18.81 16.40
N ALA E 686 -65.63 19.29 15.87
CA ALA E 686 -64.84 18.50 14.93
C ALA E 686 -64.17 17.33 15.62
N LEU E 687 -63.63 17.56 16.81
CA LEU E 687 -62.96 16.52 17.58
C LEU E 687 -63.91 15.38 18.02
N GLY E 688 -65.13 15.73 18.41
CA GLY E 688 -66.15 14.73 18.72
C GLY E 688 -66.46 13.87 17.51
N GLN E 689 -66.72 14.55 16.39
CA GLN E 689 -66.89 13.92 15.09
C GLN E 689 -65.78 12.91 14.81
N ILE E 690 -64.54 13.37 14.89
CA ILE E 690 -63.37 12.55 14.55
C ILE E 690 -63.26 11.30 15.41
N GLU E 691 -63.38 11.46 16.72
CA GLU E 691 -63.14 10.35 17.65
C GLU E 691 -64.24 9.31 17.63
N LYS E 692 -65.48 9.74 17.35
CA LYS E 692 -66.58 8.79 17.19
C LYS E 692 -66.61 8.22 15.77
N GLN E 693 -65.51 8.44 15.05
CA GLN E 693 -65.36 7.96 13.67
C GLN E 693 -64.09 7.13 13.45
N PHE E 694 -63.01 7.49 14.13
CA PHE E 694 -61.73 6.85 13.92
C PHE E 694 -61.08 6.30 15.20
N GLY E 695 -61.89 6.13 16.23
CA GLY E 695 -61.44 5.44 17.42
C GLY E 695 -61.32 6.29 18.66
N LYS E 696 -61.31 5.60 19.81
CA LYS E 696 -61.31 6.17 21.15
C LYS E 696 -60.43 7.41 21.29
N GLY E 697 -59.16 7.28 20.91
CA GLY E 697 -58.18 8.36 21.08
C GLY E 697 -57.32 8.60 19.85
N SER E 698 -57.97 8.70 18.70
CA SER E 698 -57.27 8.91 17.42
C SER E 698 -56.57 10.27 17.35
N ILE E 699 -57.22 11.31 17.88
CA ILE E 699 -56.64 12.65 17.96
C ILE E 699 -56.69 13.20 19.37
N MET E 700 -55.55 13.71 19.86
CA MET E 700 -55.48 14.36 21.16
C MET E 700 -54.31 15.32 21.26
N ARG E 701 -54.27 16.08 22.35
CA ARG E 701 -53.17 17.01 22.61
C ARG E 701 -51.89 16.25 22.89
N LEU E 702 -50.84 16.61 22.15
CA LEU E 702 -49.55 15.94 22.21
C LEU E 702 -49.04 15.77 23.64
N GLY E 703 -49.28 16.79 24.46
CA GLY E 703 -48.76 16.84 25.82
C GLY E 703 -49.31 15.79 26.76
N GLU E 704 -50.47 15.24 26.42
CA GLU E 704 -51.10 14.25 27.28
C GLU E 704 -51.09 12.85 26.71
N ASP E 705 -50.74 12.71 25.43
CA ASP E 705 -50.63 11.39 24.79
C ASP E 705 -49.41 10.62 25.35
N ARG E 706 -49.70 9.59 26.14
CA ARG E 706 -48.67 8.79 26.80
C ARG E 706 -47.92 7.87 25.84
N SER E 707 -48.65 7.31 24.87
CA SER E 707 -48.09 6.35 23.94
C SER E 707 -47.07 7.01 23.03
N MET E 708 -46.87 8.31 23.22
CA MET E 708 -45.97 9.11 22.39
C MET E 708 -44.58 9.26 23.01
N ASP E 709 -44.47 9.01 24.31
CA ASP E 709 -43.21 9.12 25.04
C ASP E 709 -42.26 8.04 24.57
N VAL E 710 -40.99 8.30 24.74
CA VAL E 710 -40.00 7.40 24.19
C VAL E 710 -39.40 6.51 25.28
N GLU E 711 -39.40 5.21 25.03
CA GLU E 711 -38.80 4.24 25.95
C GLU E 711 -37.64 3.54 25.24
N THR E 712 -36.60 3.17 25.99
CA THR E 712 -35.42 2.54 25.37
C THR E 712 -35.00 1.19 25.98
N ILE E 713 -34.18 0.44 25.22
CA ILE E 713 -33.63 -0.87 25.63
C ILE E 713 -32.12 -0.80 25.50
N SER E 714 -31.39 -1.35 26.47
CA SER E 714 -29.93 -1.42 26.39
C SER E 714 -29.48 -2.18 25.14
N THR E 715 -28.38 -1.75 24.53
CA THR E 715 -27.84 -2.43 23.36
C THR E 715 -26.87 -3.52 23.78
N GLY E 716 -26.55 -3.55 25.07
CA GLY E 716 -25.53 -4.47 25.58
C GLY E 716 -24.14 -3.87 25.52
N SER E 717 -24.04 -2.70 24.90
CA SER E 717 -22.83 -1.90 24.96
C SER E 717 -23.13 -0.61 25.68
N LEU E 718 -22.35 -0.35 26.74
CA LEU E 718 -22.55 0.84 27.54
C LEU E 718 -22.20 2.09 26.75
N SER E 719 -21.06 2.07 26.07
CA SER E 719 -20.60 3.25 25.36
C SER E 719 -21.52 3.54 24.19
N LEU E 720 -22.12 2.50 23.62
CA LEU E 720 -23.09 2.68 22.55
C LEU E 720 -24.34 3.32 23.08
N ASP E 721 -24.74 2.91 24.28
CA ASP E 721 -25.92 3.48 24.95
C ASP E 721 -25.72 4.97 25.24
N ILE E 722 -24.48 5.35 25.55
CA ILE E 722 -24.17 6.74 25.78
C ILE E 722 -24.21 7.48 24.47
N ALA E 723 -23.61 6.89 23.44
CA ALA E 723 -23.57 7.48 22.10
C ALA E 723 -24.97 7.67 21.50
N LEU E 724 -25.92 6.85 21.93
CA LEU E 724 -27.30 6.98 21.47
C LEU E 724 -28.01 8.18 22.09
N GLY E 725 -27.42 8.74 23.13
CA GLY E 725 -28.01 9.87 23.86
C GLY E 725 -29.16 9.48 24.78
N ALA E 726 -30.10 8.70 24.26
CA ALA E 726 -31.27 8.27 25.00
C ALA E 726 -31.01 7.16 25.99
N GLY E 727 -29.89 6.47 25.84
CA GLY E 727 -29.54 5.39 26.75
C GLY E 727 -29.83 4.01 26.20
N GLY E 728 -30.34 3.95 24.96
CA GLY E 728 -30.62 2.70 24.26
C GLY E 728 -31.49 2.88 23.03
N LEU E 729 -31.92 1.78 22.45
CA LEU E 729 -32.73 1.80 21.22
C LEU E 729 -34.19 2.02 21.54
N PRO E 730 -34.90 2.79 20.72
CA PRO E 730 -36.29 3.15 20.99
C PRO E 730 -37.32 2.09 20.66
N MET E 731 -38.20 1.82 21.62
CA MET E 731 -39.29 0.85 21.44
C MET E 731 -40.36 1.36 20.50
N GLY E 732 -40.92 0.47 19.70
CA GLY E 732 -41.98 0.82 18.76
C GLY E 732 -41.48 1.56 17.53
N ARG E 733 -40.17 1.53 17.32
CA ARG E 733 -39.55 2.23 16.20
C ARG E 733 -38.76 1.24 15.31
N ILE E 734 -38.24 1.75 14.19
CA ILE E 734 -37.42 0.94 13.30
C ILE E 734 -35.94 1.34 13.44
N VAL E 735 -35.06 0.34 13.46
CA VAL E 735 -33.62 0.58 13.53
C VAL E 735 -32.85 -0.21 12.47
N GLU E 736 -31.85 0.41 11.87
CA GLU E 736 -30.98 -0.28 10.91
C GLU E 736 -29.54 -0.33 11.42
N ILE E 737 -28.91 -1.52 11.34
CA ILE E 737 -27.49 -1.64 11.56
C ILE E 737 -26.85 -2.17 10.30
N TYR E 738 -25.83 -1.47 9.81
CA TYR E 738 -25.09 -1.95 8.66
C TYR E 738 -23.59 -1.88 8.93
N GLY E 739 -22.83 -2.63 8.13
CA GLY E 739 -21.37 -2.66 8.24
C GLY E 739 -20.79 -3.74 7.36
N PRO E 740 -19.45 -3.74 7.20
CA PRO E 740 -18.71 -4.75 6.44
C PRO E 740 -18.96 -6.16 7.00
N GLU E 741 -18.46 -7.19 6.32
CA GLU E 741 -18.69 -8.56 6.77
C GLU E 741 -17.89 -8.90 8.00
N SER E 742 -18.46 -9.78 8.83
CA SER E 742 -17.88 -10.15 10.12
C SER E 742 -17.49 -8.92 10.95
N SER E 743 -18.34 -7.90 10.94
CA SER E 743 -18.04 -6.67 11.67
C SER E 743 -18.61 -6.70 13.09
N GLY E 744 -19.72 -7.42 13.23
CA GLY E 744 -20.38 -7.57 14.52
C GLY E 744 -21.89 -7.38 14.49
N LYS E 745 -22.45 -7.23 13.29
CA LYS E 745 -23.89 -6.98 13.11
C LYS E 745 -24.77 -8.03 13.83
N THR E 746 -24.67 -9.31 13.44
CA THR E 746 -25.41 -10.41 14.10
C THR E 746 -25.18 -10.41 15.61
N THR E 747 -23.90 -10.53 16.01
CA THR E 747 -23.47 -10.54 17.43
C THR E 747 -24.11 -9.44 18.26
N LEU E 748 -23.93 -8.18 17.86
CA LEU E 748 -24.50 -7.04 18.56
C LEU E 748 -26.00 -7.21 18.75
N THR E 749 -26.69 -7.55 17.65
CA THR E 749 -28.12 -7.82 17.66
C THR E 749 -28.50 -8.80 18.76
N LEU E 750 -27.81 -9.95 18.81
CA LEU E 750 -28.10 -10.98 19.80
C LEU E 750 -27.90 -10.48 21.21
N GLN E 751 -26.91 -9.62 21.42
CA GLN E 751 -26.66 -9.02 22.73
C GLN E 751 -27.84 -8.19 23.22
N VAL E 752 -28.54 -7.52 22.30
CA VAL E 752 -29.69 -6.70 22.70
C VAL E 752 -30.88 -7.59 22.99
N ILE E 753 -30.98 -8.70 22.28
CA ILE E 753 -32.01 -9.71 22.54
C ILE E 753 -31.80 -10.27 23.94
N ALA E 754 -30.56 -10.67 24.22
CA ALA E 754 -30.17 -11.18 25.52
C ALA E 754 -30.60 -10.19 26.58
N ALA E 755 -30.18 -8.93 26.41
CA ALA E 755 -30.51 -7.82 27.32
C ALA E 755 -32.03 -7.69 27.55
N ALA E 756 -32.81 -7.72 26.47
CA ALA E 756 -34.26 -7.59 26.52
C ALA E 756 -34.94 -8.77 27.19
N GLN E 757 -34.37 -9.95 27.02
CA GLN E 757 -34.89 -11.17 27.64
C GLN E 757 -34.61 -11.18 29.13
N ARG E 758 -33.50 -10.57 29.52
CA ARG E 758 -33.11 -10.48 30.92
C ARG E 758 -34.13 -9.66 31.69
N GLU E 759 -34.78 -8.73 31.01
CA GLU E 759 -35.87 -7.95 31.59
C GLU E 759 -37.21 -8.58 31.26
N GLY E 760 -37.19 -9.74 30.62
CA GLY E 760 -38.41 -10.52 30.34
C GLY E 760 -39.23 -10.11 29.15
N LYS E 761 -38.59 -9.57 28.12
CA LYS E 761 -39.30 -9.24 26.89
C LYS E 761 -39.23 -10.42 25.92
N THR E 762 -40.26 -10.55 25.08
CA THR E 762 -40.30 -11.62 24.09
C THR E 762 -39.63 -11.17 22.81
N CYS E 763 -38.71 -12.00 22.31
CA CYS E 763 -37.98 -11.67 21.10
C CYS E 763 -38.22 -12.65 19.96
N ALA E 764 -38.00 -12.16 18.74
CA ALA E 764 -38.08 -12.97 17.55
C ALA E 764 -36.90 -12.64 16.64
N PHE E 765 -36.40 -13.66 15.95
CA PHE E 765 -35.29 -13.51 15.06
C PHE E 765 -35.65 -14.07 13.69
N ILE E 766 -35.36 -13.31 12.64
CA ILE E 766 -35.64 -13.73 11.27
C ILE E 766 -34.33 -13.94 10.53
N ASP E 767 -33.85 -15.18 10.54
CA ASP E 767 -32.54 -15.54 9.98
C ASP E 767 -32.61 -15.76 8.46
N ALA E 768 -32.94 -14.70 7.73
CA ALA E 768 -33.03 -14.77 6.28
C ALA E 768 -31.68 -15.08 5.67
N GLU E 769 -30.62 -14.69 6.36
CA GLU E 769 -29.26 -14.95 5.93
C GLU E 769 -28.93 -16.46 6.08
N HIS E 770 -29.80 -17.18 6.80
CA HIS E 770 -29.66 -18.62 7.05
C HIS E 770 -28.29 -18.98 7.60
N ALA E 771 -27.87 -18.31 8.68
CA ALA E 771 -26.50 -18.46 9.15
C ALA E 771 -26.31 -18.43 10.67
N LEU E 772 -27.37 -18.14 11.40
CA LEU E 772 -27.32 -18.03 12.86
C LEU E 772 -27.00 -19.36 13.58
N ASP E 773 -25.99 -19.32 14.43
CA ASP E 773 -25.55 -20.50 15.17
C ASP E 773 -26.15 -20.46 16.57
N PRO E 774 -27.08 -21.39 16.87
CA PRO E 774 -27.75 -21.42 18.17
C PRO E 774 -26.78 -21.49 19.37
N ILE E 775 -25.78 -22.36 19.28
CA ILE E 775 -24.84 -22.54 20.39
C ILE E 775 -24.10 -21.23 20.71
N TYR E 776 -23.63 -20.54 19.67
CA TYR E 776 -22.96 -19.24 19.85
C TYR E 776 -23.92 -18.19 20.40
N ALA E 777 -25.17 -18.21 19.93
CA ALA E 777 -26.19 -17.31 20.46
C ALA E 777 -26.35 -17.53 21.95
N ARG E 778 -26.34 -18.79 22.39
CA ARG E 778 -26.45 -19.10 23.81
C ARG E 778 -25.22 -18.64 24.58
N LYS E 779 -24.05 -18.82 23.98
CA LYS E 779 -22.80 -18.36 24.57
C LYS E 779 -22.80 -16.86 24.78
N LEU E 780 -23.55 -16.15 23.94
CA LEU E 780 -23.69 -14.70 24.07
C LEU E 780 -24.69 -14.34 25.17
N GLY E 781 -25.43 -15.34 25.63
CA GLY E 781 -26.36 -15.19 26.76
C GLY E 781 -27.81 -15.00 26.37
N VAL E 782 -28.18 -15.54 25.20
CA VAL E 782 -29.56 -15.50 24.72
C VAL E 782 -30.30 -16.72 25.24
N ASP E 783 -31.57 -16.51 25.60
CA ASP E 783 -32.43 -17.61 25.99
C ASP E 783 -32.94 -18.28 24.71
N ILE E 784 -32.26 -19.34 24.32
CA ILE E 784 -32.53 -20.03 23.07
C ILE E 784 -33.94 -20.61 23.07
N ASP E 785 -34.31 -21.21 24.19
CA ASP E 785 -35.57 -21.94 24.29
C ASP E 785 -36.78 -21.03 24.12
N ASN E 786 -36.60 -19.74 24.39
CA ASN E 786 -37.70 -18.79 24.29
C ASN E 786 -37.57 -17.79 23.18
N LEU E 787 -36.44 -17.81 22.49
CA LEU E 787 -36.24 -16.93 21.35
C LEU E 787 -36.97 -17.53 20.14
N LEU E 788 -38.03 -16.86 19.73
CA LEU E 788 -38.74 -17.22 18.52
C LEU E 788 -37.82 -17.00 17.35
N CYS E 789 -37.90 -17.90 16.39
CA CYS E 789 -36.98 -17.88 15.27
C CYS E 789 -37.59 -18.43 14.01
N SER E 790 -37.31 -17.77 12.88
CA SER E 790 -37.80 -18.22 11.59
C SER E 790 -36.78 -18.02 10.50
N GLN E 791 -36.57 -19.07 9.70
CA GLN E 791 -35.81 -18.97 8.46
C GLN E 791 -36.82 -19.02 7.32
N PRO E 792 -37.20 -17.83 6.81
CA PRO E 792 -38.25 -17.73 5.82
C PRO E 792 -37.75 -18.12 4.44
N ASP E 793 -38.66 -18.39 3.53
CA ASP E 793 -38.30 -18.81 2.18
C ASP E 793 -38.22 -17.63 1.19
N THR E 794 -39.25 -16.80 1.17
CA THR E 794 -39.21 -15.58 0.36
C THR E 794 -39.06 -14.36 1.28
N GLY E 795 -38.76 -13.20 0.69
CA GLY E 795 -38.64 -11.95 1.43
C GLY E 795 -40.00 -11.50 1.94
N GLU E 796 -41.01 -11.61 1.08
CA GLU E 796 -42.38 -11.22 1.42
C GLU E 796 -42.84 -12.00 2.63
N GLN E 797 -42.48 -13.28 2.67
CA GLN E 797 -42.79 -14.15 3.79
C GLN E 797 -42.20 -13.58 5.07
N ALA E 798 -40.91 -13.27 5.02
CA ALA E 798 -40.19 -12.70 6.16
C ALA E 798 -40.91 -11.47 6.70
N LEU E 799 -41.28 -10.57 5.82
CA LEU E 799 -41.91 -9.30 6.21
C LEU E 799 -43.34 -9.49 6.68
N GLU E 800 -44.09 -10.34 5.98
CA GLU E 800 -45.45 -10.69 6.39
C GLU E 800 -45.46 -11.26 7.80
N ILE E 801 -44.44 -12.08 8.11
CA ILE E 801 -44.27 -12.62 9.44
C ILE E 801 -44.15 -11.48 10.46
N CYS E 802 -43.29 -10.53 10.17
CA CYS E 802 -43.12 -9.36 11.03
C CYS E 802 -44.43 -8.66 11.29
N ASP E 803 -45.14 -8.36 10.22
CA ASP E 803 -46.41 -7.67 10.30
C ASP E 803 -47.40 -8.40 11.20
N ALA E 804 -47.39 -9.73 11.16
CA ALA E 804 -48.21 -10.56 12.04
C ALA E 804 -47.75 -10.44 13.50
N LEU E 805 -46.44 -10.56 13.72
CA LEU E 805 -45.86 -10.46 15.06
C LEU E 805 -45.97 -9.07 15.66
N ALA E 806 -45.93 -8.04 14.80
CA ALA E 806 -46.17 -6.67 15.23
C ALA E 806 -47.59 -6.55 15.72
N ARG E 807 -48.56 -6.78 14.83
CA ARG E 807 -49.99 -6.70 15.13
C ARG E 807 -50.42 -7.57 16.33
N SER E 808 -49.76 -8.70 16.53
CA SER E 808 -50.09 -9.59 17.65
C SER E 808 -49.91 -8.87 18.99
N GLY E 809 -48.92 -7.99 19.06
CA GLY E 809 -48.61 -7.25 20.29
C GLY E 809 -48.01 -8.13 21.36
N ALA E 810 -47.60 -9.33 20.96
CA ALA E 810 -47.04 -10.31 21.87
C ALA E 810 -45.53 -10.21 21.89
N VAL E 811 -44.94 -9.90 20.73
CA VAL E 811 -43.50 -9.76 20.63
C VAL E 811 -43.10 -8.32 20.90
N ASP E 812 -41.99 -8.15 21.60
CA ASP E 812 -41.45 -6.85 21.98
C ASP E 812 -40.31 -6.39 21.07
N VAL E 813 -39.45 -7.32 20.67
CA VAL E 813 -38.33 -7.00 19.78
C VAL E 813 -38.11 -8.07 18.68
N ILE E 814 -38.06 -7.61 17.44
CA ILE E 814 -37.89 -8.45 16.27
C ILE E 814 -36.65 -8.00 15.55
N VAL E 815 -35.81 -8.95 15.16
CA VAL E 815 -34.65 -8.63 14.32
C VAL E 815 -34.63 -9.45 13.06
N VAL E 816 -34.32 -8.78 11.94
CA VAL E 816 -34.23 -9.41 10.64
C VAL E 816 -32.76 -9.43 10.22
N ASP E 817 -32.19 -10.64 10.06
CA ASP E 817 -30.78 -10.77 9.67
C ASP E 817 -30.60 -10.70 8.15
N SER E 818 -30.08 -9.54 7.73
CA SER E 818 -29.76 -9.15 6.35
C SER E 818 -30.98 -8.83 5.52
N VAL E 819 -31.26 -7.53 5.33
CA VAL E 819 -32.25 -7.14 4.33
C VAL E 819 -31.70 -7.57 2.98
N ALA E 820 -30.37 -7.61 2.90
CA ALA E 820 -29.66 -8.14 1.75
C ALA E 820 -30.23 -9.49 1.32
N ALA E 821 -30.60 -10.31 2.31
CA ALA E 821 -31.07 -11.67 2.05
C ALA E 821 -32.60 -11.78 1.88
N LEU E 822 -33.31 -10.64 1.91
CA LEU E 822 -34.76 -10.61 1.69
C LEU E 822 -35.14 -10.72 0.20
N THR E 823 -34.94 -11.91 -0.36
CA THR E 823 -35.14 -12.16 -1.78
C THR E 823 -36.62 -12.19 -2.14
N PRO E 824 -37.06 -11.29 -3.03
CA PRO E 824 -38.45 -11.28 -3.48
C PRO E 824 -38.89 -12.61 -4.07
N LYS E 825 -40.19 -12.87 -3.98
CA LYS E 825 -40.79 -14.12 -4.43
C LYS E 825 -40.45 -14.40 -5.88
N ALA E 826 -40.71 -13.42 -6.73
CA ALA E 826 -40.48 -13.53 -8.18
C ALA E 826 -39.04 -13.83 -8.55
N GLU E 827 -38.11 -13.39 -7.72
CA GLU E 827 -36.68 -13.59 -7.95
C GLU E 827 -36.27 -15.04 -7.76
N ILE E 828 -36.78 -15.66 -6.72
CA ILE E 828 -36.51 -17.07 -6.45
C ILE E 828 -37.22 -17.93 -7.47
N GLU E 829 -38.45 -17.56 -7.80
CA GLU E 829 -39.25 -18.27 -8.79
C GLU E 829 -38.69 -18.10 -10.20
N GLY E 830 -38.06 -16.96 -10.45
CA GLY E 830 -37.33 -16.72 -11.70
C GLY E 830 -35.98 -17.42 -11.73
N GLU E 831 -35.26 -17.27 -12.84
CA GLU E 831 -33.92 -17.85 -12.95
C GLU E 831 -32.84 -16.88 -12.48
N ILE E 832 -31.59 -17.32 -12.48
CA ILE E 832 -30.47 -16.43 -12.25
C ILE E 832 -30.12 -15.76 -13.57
N GLY E 833 -30.16 -14.43 -13.58
CA GLY E 833 -30.05 -13.68 -14.81
C GLY E 833 -31.32 -12.90 -15.05
N ASP E 834 -32.47 -13.48 -14.70
CA ASP E 834 -33.75 -12.77 -14.77
C ASP E 834 -33.59 -11.46 -14.01
N SER E 835 -33.81 -10.33 -14.68
CA SER E 835 -33.63 -9.04 -14.04
C SER E 835 -34.92 -8.53 -13.48
N HIS E 836 -34.86 -8.18 -12.20
CA HIS E 836 -36.00 -7.62 -11.51
C HIS E 836 -35.61 -6.22 -11.07
N MET E 837 -35.72 -5.25 -11.98
CA MET E 837 -35.36 -3.85 -11.71
C MET E 837 -36.07 -3.32 -10.48
N GLY E 838 -35.29 -2.86 -9.51
CA GLY E 838 -35.81 -2.33 -8.25
C GLY E 838 -37.09 -2.94 -7.71
N LEU E 839 -37.27 -4.25 -7.92
CA LEU E 839 -38.40 -4.99 -7.38
C LEU E 839 -38.18 -5.12 -5.88
N ALA E 840 -36.93 -5.41 -5.50
CA ALA E 840 -36.56 -5.58 -4.11
C ALA E 840 -36.87 -4.33 -3.29
N ALA E 841 -36.44 -3.19 -3.81
CA ALA E 841 -36.58 -1.88 -3.18
C ALA E 841 -38.03 -1.43 -3.04
N ARG E 842 -38.82 -1.73 -4.07
CA ARG E 842 -40.24 -1.41 -4.09
C ARG E 842 -40.97 -2.25 -3.04
N MET E 843 -40.48 -3.46 -2.81
CA MET E 843 -41.02 -4.33 -1.78
C MET E 843 -40.77 -3.75 -0.39
N MET E 844 -39.54 -3.32 -0.14
CA MET E 844 -39.17 -2.67 1.11
C MET E 844 -40.01 -1.45 1.41
N SER E 845 -40.23 -0.65 0.38
CA SER E 845 -40.93 0.61 0.50
C SER E 845 -42.38 0.37 0.92
N GLN E 846 -42.95 -0.72 0.41
CA GLN E 846 -44.28 -1.12 0.81
C GLN E 846 -44.29 -1.63 2.23
N ALA E 847 -43.28 -2.42 2.58
CA ALA E 847 -43.16 -3.00 3.93
C ALA E 847 -43.12 -1.91 4.99
N MET E 848 -42.28 -0.91 4.75
CA MET E 848 -42.15 0.22 5.67
C MET E 848 -43.47 0.88 6.00
N ARG E 849 -44.22 1.25 4.97
CA ARG E 849 -45.54 1.86 5.13
C ARG E 849 -46.44 1.06 6.06
N LYS E 850 -46.52 -0.26 5.83
CA LYS E 850 -47.38 -1.15 6.61
C LYS E 850 -46.90 -1.36 8.05
N LEU E 851 -45.58 -1.42 8.23
CA LEU E 851 -45.03 -1.77 9.54
C LEU E 851 -45.02 -0.63 10.56
N ALA E 852 -44.70 0.58 10.10
CA ALA E 852 -44.59 1.75 10.99
C ALA E 852 -45.77 1.84 11.95
N GLY E 853 -46.98 1.83 11.38
CA GLY E 853 -48.23 1.92 12.15
C GLY E 853 -48.41 0.79 13.16
N ASN E 854 -48.19 -0.44 12.69
CA ASN E 854 -48.34 -1.63 13.53
C ASN E 854 -47.27 -1.77 14.61
N LEU E 855 -46.10 -1.18 14.39
CA LEU E 855 -45.01 -1.28 15.34
C LEU E 855 -45.15 -0.32 16.52
N LYS E 856 -45.69 0.88 16.25
CA LYS E 856 -45.89 1.87 17.30
C LYS E 856 -47.06 1.47 18.19
N GLN E 857 -48.19 1.12 17.58
CA GLN E 857 -49.38 0.76 18.36
C GLN E 857 -49.18 -0.53 19.16
N SER E 858 -48.12 -1.27 18.85
CA SER E 858 -47.77 -2.50 19.57
C SER E 858 -46.60 -2.28 20.51
N ASN E 859 -45.97 -1.12 20.39
CA ASN E 859 -44.72 -0.83 21.09
C ASN E 859 -43.67 -1.94 20.88
N THR E 860 -43.44 -2.28 19.62
CA THR E 860 -42.53 -3.35 19.22
C THR E 860 -41.31 -2.79 18.47
N LEU E 861 -40.10 -3.12 18.93
CA LEU E 861 -38.87 -2.69 18.26
C LEU E 861 -38.51 -3.63 17.11
N LEU E 862 -38.09 -3.07 15.97
CA LEU E 862 -37.65 -3.87 14.83
C LEU E 862 -36.26 -3.42 14.37
N ILE E 863 -35.31 -4.34 14.39
CA ILE E 863 -33.97 -4.06 13.90
C ILE E 863 -33.68 -4.79 12.59
N PHE E 864 -33.31 -4.04 11.56
CA PHE E 864 -32.85 -4.63 10.30
C PHE E 864 -31.32 -4.62 10.22
N ILE E 865 -30.72 -5.79 10.04
CA ILE E 865 -29.30 -5.85 9.73
C ILE E 865 -29.13 -5.73 8.23
N ASN E 866 -28.19 -4.90 7.80
CA ASN E 866 -27.95 -4.72 6.38
C ASN E 866 -26.48 -4.85 6.02
N GLN E 867 -26.23 -5.24 4.78
CA GLN E 867 -24.88 -5.36 4.25
C GLN E 867 -24.51 -4.13 3.45
N ILE E 868 -23.22 -4.00 3.15
CA ILE E 868 -22.72 -2.89 2.37
C ILE E 868 -22.45 -3.34 0.94
N ARG E 869 -22.93 -2.57 -0.03
CA ARG E 869 -22.57 -2.76 -1.44
C ARG E 869 -21.87 -1.51 -1.91
N MET E 870 -21.15 -1.60 -3.01
CA MET E 870 -20.46 -0.45 -3.58
C MET E 870 -21.33 0.14 -4.69
N LYS E 871 -21.41 1.46 -4.73
CA LYS E 871 -22.04 2.12 -5.86
C LYS E 871 -20.95 2.57 -6.80
N ILE E 872 -21.17 2.29 -8.07
CA ILE E 872 -20.14 2.47 -9.07
C ILE E 872 -20.48 3.69 -9.91
N GLY E 873 -19.46 4.49 -10.24
CA GLY E 873 -19.65 5.75 -10.96
C GLY E 873 -19.88 6.94 -10.03
N VAL E 874 -19.33 6.87 -8.81
CA VAL E 874 -19.36 7.98 -7.87
C VAL E 874 -17.92 8.30 -7.42
N MET E 875 -17.53 9.57 -7.60
CA MET E 875 -16.14 10.01 -7.37
C MET E 875 -15.99 10.94 -6.16
N PHE E 876 -17.00 11.77 -5.95
CA PHE E 876 -17.21 12.51 -4.70
C PHE E 876 -17.74 11.54 -3.62
N GLY E 877 -18.07 12.08 -2.44
CA GLY E 877 -18.71 11.33 -1.34
C GLY E 877 -18.02 10.01 -0.96
N ASN E 878 -18.78 9.03 -0.47
CA ASN E 878 -18.28 7.66 -0.28
C ASN E 878 -18.99 6.71 -1.24
N PRO E 879 -18.32 5.64 -1.69
CA PRO E 879 -18.93 4.77 -2.67
C PRO E 879 -19.75 3.64 -2.05
N GLU E 880 -20.21 3.82 -0.82
CA GLU E 880 -20.93 2.75 -0.13
C GLU E 880 -22.43 2.95 -0.08
N THR E 881 -23.20 1.87 -0.28
CA THR E 881 -24.64 1.90 0.00
C THR E 881 -25.09 0.69 0.78
N THR E 882 -26.39 0.51 0.75
CA THR E 882 -27.13 -0.35 1.62
C THR E 882 -28.17 -1.00 0.72
N THR E 883 -28.35 -2.32 0.86
CA THR E 883 -29.30 -3.05 0.00
C THR E 883 -30.75 -2.68 0.32
N GLY E 884 -31.62 -2.78 -0.68
CA GLY E 884 -33.05 -2.59 -0.44
C GLY E 884 -33.52 -1.15 -0.49
N GLY E 885 -32.87 -0.39 -1.37
CA GLY E 885 -33.31 0.96 -1.70
C GLY E 885 -33.30 1.99 -0.58
N ASN E 886 -34.10 3.02 -0.76
CA ASN E 886 -34.06 4.20 0.10
C ASN E 886 -35.11 4.18 1.21
N ALA E 887 -36.07 3.26 1.10
CA ALA E 887 -37.21 3.23 2.03
C ALA E 887 -36.73 3.20 3.48
N LEU E 888 -35.83 2.28 3.80
CA LEU E 888 -35.40 2.07 5.18
C LEU E 888 -34.64 3.26 5.80
N LYS E 889 -33.83 3.93 4.99
CA LYS E 889 -33.11 5.13 5.43
C LYS E 889 -34.06 6.12 6.14
N PHE E 890 -35.20 6.38 5.52
CA PHE E 890 -36.15 7.36 6.00
C PHE E 890 -36.90 6.93 7.25
N TYR E 891 -37.39 5.69 7.23
CA TYR E 891 -38.24 5.20 8.31
C TYR E 891 -37.47 4.87 9.57
N ALA E 892 -36.19 4.51 9.45
CA ALA E 892 -35.39 4.17 10.61
C ALA E 892 -35.29 5.37 11.54
N SER E 893 -35.43 5.12 12.85
CA SER E 893 -35.30 6.17 13.86
C SER E 893 -33.85 6.24 14.34
N VAL E 894 -33.14 5.11 14.22
CA VAL E 894 -31.71 5.05 14.50
C VAL E 894 -31.01 4.24 13.39
N ARG E 895 -29.84 4.73 12.94
CA ARG E 895 -29.02 4.02 11.93
C ARG E 895 -27.60 3.88 12.41
N LEU E 896 -27.14 2.64 12.53
CA LEU E 896 -25.82 2.36 13.08
C LEU E 896 -24.81 1.86 12.05
N ASP E 897 -23.57 2.34 12.14
CA ASP E 897 -22.50 1.90 11.27
C ASP E 897 -21.41 1.22 12.10
N ILE E 898 -21.37 -0.10 12.05
CA ILE E 898 -20.42 -0.89 12.85
C ILE E 898 -19.23 -1.39 12.00
N ARG E 899 -18.03 -1.33 12.57
CA ARG E 899 -16.82 -1.71 11.86
C ARG E 899 -15.77 -2.33 12.78
N ARG E 900 -15.12 -3.40 12.28
CA ARG E 900 -13.99 -3.99 12.99
C ARG E 900 -12.77 -3.12 12.73
N ILE E 901 -12.16 -2.60 13.78
CA ILE E 901 -11.06 -1.63 13.64
C ILE E 901 -9.71 -2.20 14.01
N GLY E 902 -9.71 -3.29 14.77
CA GLY E 902 -8.47 -3.94 15.20
C GLY E 902 -8.68 -5.32 15.79
N ALA E 903 -7.58 -5.99 16.11
CA ALA E 903 -7.65 -7.31 16.69
C ALA E 903 -7.37 -7.26 18.17
N VAL E 904 -8.13 -8.02 18.97
CA VAL E 904 -7.86 -8.16 20.41
C VAL E 904 -6.90 -9.33 20.62
N LYS E 905 -5.63 -9.01 20.80
CA LYS E 905 -4.60 -10.03 20.79
C LYS E 905 -4.29 -10.62 22.16
N GLU E 906 -3.60 -11.76 22.15
CA GLU E 906 -3.24 -12.52 23.35
C GLU E 906 -1.83 -13.06 23.20
N GLY E 907 -0.88 -12.17 22.93
CA GLY E 907 0.47 -12.56 22.56
C GLY E 907 0.44 -13.16 21.16
N GLU E 908 0.03 -14.43 21.08
CA GLU E 908 -0.09 -15.13 19.81
C GLU E 908 -1.53 -15.10 19.29
N ASN E 909 -2.49 -15.33 20.19
CA ASN E 909 -3.89 -15.51 19.82
C ASN E 909 -4.67 -14.25 19.49
N VAL E 910 -5.63 -14.38 18.57
CA VAL E 910 -6.60 -13.34 18.31
C VAL E 910 -7.87 -13.80 18.99
N VAL E 911 -8.22 -13.16 20.10
CA VAL E 911 -9.36 -13.57 20.93
C VAL E 911 -10.62 -12.68 20.76
N GLY E 912 -10.50 -11.59 20.00
CA GLY E 912 -11.61 -10.67 19.78
C GLY E 912 -11.40 -9.63 18.71
N SER E 913 -12.47 -8.88 18.44
CA SER E 913 -12.46 -7.79 17.47
C SER E 913 -12.66 -6.46 18.18
N GLU E 914 -11.69 -5.55 18.01
CA GLU E 914 -11.87 -4.17 18.41
C GLU E 914 -12.91 -3.54 17.49
N THR E 915 -13.87 -2.85 18.08
CA THR E 915 -15.06 -2.45 17.34
C THR E 915 -15.44 -1.00 17.54
N ARG E 916 -15.91 -0.36 16.49
CA ARG E 916 -16.38 1.01 16.54
C ARG E 916 -17.73 1.15 15.85
N VAL E 917 -18.69 1.75 16.53
CA VAL E 917 -20.01 2.00 15.97
C VAL E 917 -20.22 3.51 15.87
N LYS E 918 -20.73 3.97 14.73
CA LYS E 918 -21.12 5.38 14.58
C LYS E 918 -22.65 5.50 14.52
N VAL E 919 -23.21 6.43 15.28
CA VAL E 919 -24.63 6.73 15.12
C VAL E 919 -24.75 7.64 13.91
N VAL E 920 -25.36 7.12 12.85
CA VAL E 920 -25.38 7.83 11.57
C VAL E 920 -26.70 8.56 11.35
N LYS E 921 -27.78 8.00 11.89
CA LYS E 921 -29.05 8.72 11.97
C LYS E 921 -29.60 8.62 13.39
N ASN E 922 -30.18 9.72 13.85
CA ASN E 922 -30.79 9.75 15.18
C ASN E 922 -32.02 10.67 15.28
N LYS E 923 -33.17 10.05 15.46
CA LYS E 923 -34.44 10.75 15.58
C LYS E 923 -34.81 10.87 17.06
N ILE E 924 -33.93 10.33 17.90
CA ILE E 924 -34.19 10.16 19.32
C ILE E 924 -33.36 11.09 20.19
N ALA E 925 -32.15 11.39 19.71
CA ALA E 925 -31.20 12.26 20.38
C ALA E 925 -30.29 12.89 19.32
N ALA E 926 -29.25 13.61 19.75
CA ALA E 926 -28.26 14.15 18.82
C ALA E 926 -27.53 12.99 18.12
N PRO E 927 -27.37 13.08 16.79
CA PRO E 927 -26.68 12.03 16.02
C PRO E 927 -25.16 12.18 16.00
N PHE E 928 -24.47 11.25 15.35
CA PHE E 928 -23.02 11.34 15.05
C PHE E 928 -22.06 11.15 16.22
N LYS E 929 -22.56 10.70 17.37
CA LYS E 929 -21.69 10.25 18.44
C LYS E 929 -21.21 8.86 18.06
N GLN E 930 -20.04 8.47 18.53
CA GLN E 930 -19.54 7.13 18.23
C GLN E 930 -19.03 6.40 19.46
N ALA E 931 -19.14 5.08 19.43
CA ALA E 931 -18.73 4.23 20.54
C ALA E 931 -17.75 3.18 20.07
N GLU E 932 -16.74 2.91 20.88
CA GLU E 932 -15.82 1.82 20.63
C GLU E 932 -15.93 0.80 21.74
N PHE E 933 -15.59 -0.45 21.45
CA PHE E 933 -15.58 -1.51 22.45
C PHE E 933 -14.95 -2.78 21.91
N GLN E 934 -14.97 -3.82 22.74
CA GLN E 934 -14.41 -5.11 22.34
C GLN E 934 -15.48 -6.19 22.22
N ILE E 935 -15.43 -6.93 21.11
CA ILE E 935 -16.20 -8.16 21.02
C ILE E 935 -15.23 -9.30 21.24
N LEU E 936 -15.40 -9.98 22.37
CA LEU E 936 -14.62 -11.17 22.68
C LEU E 936 -15.32 -12.39 22.11
N TYR E 937 -14.66 -13.09 21.19
CA TYR E 937 -15.27 -14.22 20.50
C TYR E 937 -15.74 -15.25 21.50
N GLY E 938 -17.00 -15.64 21.39
CA GLY E 938 -17.58 -16.66 22.25
C GLY E 938 -18.10 -16.12 23.57
N GLU E 939 -17.95 -14.83 23.79
CA GLU E 939 -18.42 -14.20 25.02
C GLU E 939 -19.38 -13.05 24.70
N GLY E 940 -18.97 -12.17 23.80
CA GLY E 940 -19.81 -11.06 23.39
C GLY E 940 -19.12 -9.73 23.58
N ILE E 941 -19.92 -8.67 23.70
CA ILE E 941 -19.44 -7.32 23.97
C ILE E 941 -18.82 -7.24 25.35
N ASN E 942 -17.59 -6.77 25.41
CA ASN E 942 -16.95 -6.58 26.68
C ASN E 942 -17.52 -5.36 27.41
N PHE E 943 -18.65 -5.57 28.08
CA PHE E 943 -19.38 -4.51 28.76
C PHE E 943 -18.61 -3.95 29.93
N TYR E 944 -18.08 -4.85 30.76
CA TYR E 944 -17.33 -4.44 31.92
C TYR E 944 -16.03 -3.75 31.53
N GLY E 945 -15.45 -4.19 30.42
CA GLY E 945 -14.33 -3.49 29.81
C GLY E 945 -14.66 -2.03 29.59
N GLU E 946 -15.74 -1.77 28.86
CA GLU E 946 -16.22 -0.41 28.64
C GLU E 946 -16.36 0.30 29.97
N LEU E 947 -16.99 -0.36 30.94
CA LEU E 947 -17.30 0.24 32.24
C LEU E 947 -16.06 0.73 32.99
N VAL E 948 -15.00 -0.08 32.96
CA VAL E 948 -13.74 0.31 33.56
C VAL E 948 -13.24 1.60 32.91
N ASP E 949 -13.14 1.61 31.59
CA ASP E 949 -12.60 2.76 30.87
C ASP E 949 -13.42 4.03 31.08
N LEU E 950 -14.73 3.90 30.96
CA LEU E 950 -15.63 5.01 31.16
C LEU E 950 -15.52 5.54 32.59
N GLY E 951 -15.38 4.62 33.55
CA GLY E 951 -15.24 4.97 34.97
C GLY E 951 -13.97 5.73 35.29
N VAL E 952 -12.86 5.30 34.72
CA VAL E 952 -11.58 5.97 34.89
C VAL E 952 -11.59 7.36 34.26
N LYS E 953 -12.26 7.44 33.10
CA LYS E 953 -12.36 8.67 32.34
C LYS E 953 -13.16 9.72 33.08
N GLU E 954 -14.20 9.28 33.80
CA GLU E 954 -15.03 10.19 34.59
C GLU E 954 -14.51 10.42 36.00
N LYS E 955 -13.36 9.86 36.30
CA LYS E 955 -12.70 9.99 37.61
C LYS E 955 -13.45 9.27 38.73
N LEU E 956 -14.28 8.30 38.36
CA LEU E 956 -14.98 7.47 39.34
C LEU E 956 -14.10 6.31 39.79
N ILE E 957 -13.20 5.88 38.90
CA ILE E 957 -12.21 4.86 39.22
C ILE E 957 -10.83 5.50 39.13
N GLU E 958 -10.01 5.23 40.14
CA GLU E 958 -8.67 5.78 40.24
C GLU E 958 -7.68 4.88 39.51
N LYS E 959 -6.83 5.47 38.68
CA LYS E 959 -5.79 4.68 38.04
C LYS E 959 -4.38 5.16 38.41
N ALA E 960 -3.74 4.43 39.31
CA ALA E 960 -2.36 4.71 39.74
C ALA E 960 -1.38 3.83 38.96
N GLY E 961 -1.09 4.25 37.72
CA GLY E 961 -0.24 3.49 36.81
C GLY E 961 -0.93 2.25 36.28
N ALA E 962 -0.60 1.10 36.86
CA ALA E 962 -1.20 -0.18 36.50
C ALA E 962 -2.25 -0.62 37.52
N TRP E 963 -2.40 0.15 38.60
CA TRP E 963 -3.34 -0.17 39.67
C TRP E 963 -4.65 0.61 39.56
N TYR E 964 -5.76 -0.11 39.74
CA TYR E 964 -7.10 0.47 39.66
C TYR E 964 -7.77 0.47 41.03
N SER E 965 -8.20 1.64 41.49
CA SER E 965 -8.82 1.78 42.79
C SER E 965 -10.22 2.34 42.66
N TYR E 966 -11.16 1.81 43.45
CA TYR E 966 -12.47 2.42 43.57
C TYR E 966 -12.78 2.78 45.01
N LYS E 967 -13.03 4.07 45.24
CA LYS E 967 -13.29 4.60 46.58
C LYS E 967 -12.24 4.13 47.59
N GLY E 968 -10.97 4.20 47.20
CA GLY E 968 -9.87 3.86 48.09
C GLY E 968 -9.48 2.40 48.11
N GLU E 969 -10.46 1.53 47.81
CA GLU E 969 -10.21 0.09 47.73
C GLU E 969 -9.61 -0.26 46.38
N LYS E 970 -8.46 -0.94 46.41
CA LYS E 970 -7.79 -1.38 45.18
C LYS E 970 -8.55 -2.57 44.59
N ILE E 971 -8.93 -2.48 43.32
CA ILE E 971 -9.80 -3.49 42.69
C ILE E 971 -9.15 -4.34 41.62
N GLY E 972 -7.99 -3.91 41.13
CA GLY E 972 -7.27 -4.69 40.13
C GLY E 972 -5.91 -4.15 39.79
N GLN E 973 -5.16 -4.94 39.04
CA GLN E 973 -3.88 -4.53 38.52
C GLN E 973 -3.95 -4.73 37.03
N GLY E 974 -4.09 -3.63 36.29
CA GLY E 974 -4.27 -3.67 34.83
C GLY E 974 -5.70 -3.98 34.44
N LYS E 975 -6.17 -3.35 33.36
CA LYS E 975 -7.56 -3.44 32.92
C LYS E 975 -8.17 -4.84 32.99
N ALA E 976 -7.33 -5.86 32.74
CA ALA E 976 -7.71 -7.26 32.82
C ALA E 976 -8.43 -7.61 34.12
N ASN E 977 -7.76 -7.33 35.24
CA ASN E 977 -8.29 -7.67 36.56
C ASN E 977 -9.41 -6.77 37.02
N ALA E 978 -9.28 -5.48 36.73
CA ALA E 978 -10.30 -4.50 37.09
C ALA E 978 -11.65 -4.89 36.50
N THR E 979 -11.63 -5.34 35.26
CA THR E 979 -12.81 -5.86 34.57
C THR E 979 -13.36 -7.06 35.34
N ALA E 980 -12.48 -8.01 35.64
CA ALA E 980 -12.86 -9.22 36.34
C ALA E 980 -13.46 -8.92 37.72
N TRP E 981 -13.00 -7.84 38.34
CA TRP E 981 -13.49 -7.47 39.66
C TRP E 981 -14.92 -6.93 39.61
N LEU E 982 -15.19 -6.07 38.63
CA LEU E 982 -16.53 -5.55 38.40
C LEU E 982 -17.48 -6.68 38.04
N LYS E 983 -16.93 -7.71 37.41
CA LYS E 983 -17.68 -8.92 37.11
C LYS E 983 -18.14 -9.54 38.43
N ASP E 984 -17.21 -9.62 39.38
CA ASP E 984 -17.44 -10.28 40.68
C ASP E 984 -18.30 -9.48 41.66
N ASN E 985 -18.35 -8.16 41.47
CA ASN E 985 -19.15 -7.30 42.33
C ASN E 985 -20.25 -6.62 41.52
N PRO E 986 -21.30 -7.36 41.15
CA PRO E 986 -22.30 -6.81 40.23
C PRO E 986 -23.01 -5.63 40.85
N GLU E 987 -23.09 -5.64 42.18
CA GLU E 987 -23.75 -4.59 42.96
C GLU E 987 -23.04 -3.25 42.79
N THR E 988 -21.72 -3.27 42.96
CA THR E 988 -20.90 -2.08 42.85
C THR E 988 -20.83 -1.64 41.39
N ALA E 989 -20.91 -2.61 40.48
CA ALA E 989 -20.88 -2.32 39.05
C ALA E 989 -22.10 -1.50 38.63
N LYS E 990 -23.28 -1.90 39.11
CA LYS E 990 -24.52 -1.17 38.83
C LYS E 990 -24.39 0.27 39.31
N GLU E 991 -23.81 0.43 40.49
CA GLU E 991 -23.62 1.73 41.12
C GLU E 991 -22.77 2.66 40.26
N ILE E 992 -21.70 2.12 39.70
CA ILE E 992 -20.82 2.92 38.84
C ILE E 992 -21.49 3.22 37.51
N GLU E 993 -22.11 2.20 36.90
CA GLU E 993 -22.82 2.38 35.65
C GLU E 993 -23.86 3.49 35.74
N LYS E 994 -24.69 3.45 36.78
CA LYS E 994 -25.74 4.44 36.98
C LYS E 994 -25.19 5.87 37.00
N LYS E 995 -24.10 6.06 37.74
CA LYS E 995 -23.45 7.38 37.82
C LYS E 995 -22.89 7.83 36.46
N VAL E 996 -22.35 6.89 35.69
CA VAL E 996 -21.82 7.17 34.35
C VAL E 996 -22.96 7.60 33.42
N ARG E 997 -24.06 6.87 33.47
CA ARG E 997 -25.25 7.21 32.69
C ARG E 997 -25.77 8.60 33.06
N GLU E 998 -25.84 8.91 34.35
CA GLU E 998 -26.25 10.23 34.79
C GLU E 998 -25.28 11.28 34.29
N LEU E 999 -23.99 10.98 34.37
CA LEU E 999 -22.94 11.92 33.98
C LEU E 999 -22.86 12.17 32.48
N LEU E 1000 -23.25 11.18 31.67
CA LEU E 1000 -22.96 11.23 30.23
C LEU E 1000 -24.11 11.10 29.22
N LEU E 1001 -25.32 10.77 29.68
CA LEU E 1001 -26.47 10.68 28.77
C LEU E 1001 -27.07 12.05 28.43
N SER E 1002 -27.10 12.42 27.17
CA SER E 1002 -27.58 13.75 26.83
C SER E 1002 -29.09 13.82 26.88
N ASN E 1003 -29.76 12.67 26.91
CA ASN E 1003 -31.23 12.58 26.79
C ASN E 1003 -31.97 11.53 27.68
N PRO E 1004 -31.65 11.46 29.00
CA PRO E 1004 -32.20 10.39 29.87
C PRO E 1004 -33.74 10.11 29.86
N ASN E 1005 -34.10 8.86 30.23
CA ASN E 1005 -35.48 8.34 30.30
C ASN E 1005 -35.70 7.39 31.50
N SER E 1006 -36.50 7.82 32.47
CA SER E 1006 -36.89 7.01 33.64
C SER E 1006 -38.16 7.56 34.30
N ALA E 1024 -52.50 -11.59 34.85
CA ALA E 1024 -53.75 -11.00 34.29
C ALA E 1024 -53.49 -10.22 33.01
N ILE E 1025 -52.25 -9.72 32.87
CA ILE E 1025 -51.87 -8.82 31.76
C ILE E 1025 -51.13 -9.54 30.62
N ASP E 1026 -50.14 -10.36 30.98
CA ASP E 1026 -49.34 -11.13 30.02
C ASP E 1026 -50.01 -12.45 29.59
N GLU E 1027 -51.13 -12.76 30.22
CA GLU E 1027 -51.91 -13.95 29.89
C GLU E 1027 -52.73 -13.71 28.63
N ASN E 1028 -53.10 -12.45 28.41
CA ASN E 1028 -53.73 -12.03 27.16
C ASN E 1028 -52.77 -12.01 25.99
N LYS E 1029 -51.50 -11.74 26.28
CA LYS E 1029 -50.43 -11.69 25.29
C LYS E 1029 -50.25 -13.05 24.61
N GLN E 1030 -50.26 -14.10 25.41
CA GLN E 1030 -50.03 -15.45 24.90
C GLN E 1030 -51.20 -16.00 24.10
N LYS E 1031 -52.39 -15.44 24.33
CA LYS E 1031 -53.54 -15.72 23.50
C LYS E 1031 -53.28 -15.23 22.06
N ALA E 1032 -52.97 -13.95 21.91
CA ALA E 1032 -52.71 -13.34 20.60
C ALA E 1032 -51.40 -13.82 19.94
N LEU E 1033 -50.46 -14.28 20.77
CA LEU E 1033 -49.21 -14.88 20.29
C LEU E 1033 -49.50 -16.18 19.57
N ALA E 1034 -50.04 -17.15 20.30
CA ALA E 1034 -50.38 -18.45 19.75
C ALA E 1034 -51.24 -18.31 18.50
N ALA E 1035 -52.14 -17.33 18.51
CA ALA E 1035 -53.00 -17.01 17.38
C ALA E 1035 -52.20 -16.60 16.16
N ALA E 1036 -51.14 -15.84 16.36
CA ALA E 1036 -50.28 -15.38 15.27
C ALA E 1036 -49.47 -16.55 14.70
N LEU E 1037 -48.94 -17.41 15.57
CA LEU E 1037 -48.15 -18.55 15.15
C LEU E 1037 -48.95 -19.56 14.33
N GLY E 1038 -50.20 -19.80 14.73
CA GLY E 1038 -51.11 -20.67 13.98
C GLY E 1038 -51.36 -20.12 12.59
N GLN E 1039 -51.69 -18.83 12.55
CA GLN E 1039 -51.80 -18.06 11.31
C GLN E 1039 -50.59 -18.28 10.40
N ILE E 1040 -49.41 -18.04 10.94
CA ILE E 1040 -48.17 -18.09 10.19
C ILE E 1040 -47.91 -19.46 9.59
N GLU E 1041 -48.02 -20.50 10.41
CA GLU E 1041 -47.67 -21.84 9.99
C GLU E 1041 -48.65 -22.44 8.98
N LYS E 1042 -49.92 -22.07 9.09
CA LYS E 1042 -50.92 -22.51 8.13
C LYS E 1042 -50.91 -21.61 6.89
N GLN E 1043 -49.84 -20.81 6.77
CA GLN E 1043 -49.67 -19.89 5.65
C GLN E 1043 -48.32 -20.05 4.94
N PHE E 1044 -47.29 -20.38 5.70
CA PHE E 1044 -45.93 -20.43 5.16
C PHE E 1044 -45.22 -21.77 5.42
N GLY E 1045 -45.99 -22.79 5.77
CA GLY E 1045 -45.44 -24.13 5.85
C GLY E 1045 -45.40 -24.73 7.24
N LYS E 1046 -45.30 -26.06 7.26
CA LYS E 1046 -45.35 -26.89 8.46
C LYS E 1046 -44.60 -26.31 9.65
N GLY E 1047 -43.34 -25.95 9.44
CA GLY E 1047 -42.48 -25.48 10.53
C GLY E 1047 -41.66 -24.26 10.16
N SER E 1048 -42.32 -23.26 9.57
CA SER E 1048 -41.67 -22.02 9.14
C SER E 1048 -41.12 -21.20 10.30
N ILE E 1049 -41.87 -21.15 11.40
CA ILE E 1049 -41.44 -20.47 12.63
C ILE E 1049 -41.52 -21.39 13.83
N MET E 1050 -40.44 -21.45 14.61
CA MET E 1050 -40.44 -22.22 15.86
C MET E 1050 -39.39 -21.72 16.84
N ARG E 1051 -39.42 -22.24 18.05
CA ARG E 1051 -38.43 -21.90 19.07
C ARG E 1051 -37.06 -22.44 18.70
N LEU E 1052 -36.07 -21.55 18.72
CA LEU E 1052 -34.72 -21.87 18.29
C LEU E 1052 -34.18 -23.14 18.94
N GLY E 1053 -34.52 -23.33 20.21
CA GLY E 1053 -33.97 -24.42 21.01
C GLY E 1053 -34.40 -25.80 20.58
N GLU E 1054 -35.50 -25.87 19.83
CA GLU E 1054 -36.01 -27.17 19.40
C GLU E 1054 -35.86 -27.42 17.91
N ASP E 1055 -35.51 -26.38 17.15
CA ASP E 1055 -35.26 -26.53 15.71
C ASP E 1055 -33.98 -27.32 15.45
N ARG E 1056 -34.14 -28.57 14.97
CA ARG E 1056 -33.01 -29.48 14.75
C ARG E 1056 -32.18 -29.11 13.53
N SER E 1057 -32.86 -28.64 12.47
CA SER E 1057 -32.20 -28.27 11.21
C SER E 1057 -31.27 -27.07 11.37
N MET E 1058 -31.22 -26.54 12.59
CA MET E 1058 -30.42 -25.37 12.89
C MET E 1058 -29.04 -25.73 13.47
N ASP E 1059 -28.88 -26.97 13.95
CA ASP E 1059 -27.62 -27.44 14.54
C ASP E 1059 -26.54 -27.55 13.48
N VAL E 1060 -25.28 -27.45 13.88
CA VAL E 1060 -24.16 -27.39 12.91
C VAL E 1060 -23.41 -28.73 12.77
N GLU E 1061 -23.28 -29.19 11.52
CA GLU E 1061 -22.56 -30.42 11.23
C GLU E 1061 -21.35 -30.09 10.37
N THR E 1062 -20.25 -30.83 10.52
CA THR E 1062 -19.03 -30.55 9.75
C THR E 1062 -18.44 -31.73 8.96
N ILE E 1063 -17.60 -31.42 7.97
CA ILE E 1063 -16.89 -32.39 7.13
C ILE E 1063 -15.39 -32.12 7.23
N SER E 1064 -14.58 -33.16 7.32
CA SER E 1064 -13.12 -33.01 7.32
C SER E 1064 -12.64 -32.32 6.05
N THR E 1065 -11.61 -31.49 6.17
CA THR E 1065 -11.04 -30.81 5.01
C THR E 1065 -9.94 -31.62 4.41
N GLY E 1066 -9.58 -32.71 5.08
CA GLY E 1066 -8.48 -33.55 4.62
C GLY E 1066 -7.17 -33.07 5.19
N SER E 1067 -7.21 -31.92 5.86
CA SER E 1067 -6.07 -31.45 6.65
C SER E 1067 -6.48 -31.41 8.10
N LEU E 1068 -5.70 -32.10 8.94
CA LEU E 1068 -5.99 -32.19 10.35
C LEU E 1068 -5.79 -30.86 11.02
N SER E 1069 -4.67 -30.20 10.72
CA SER E 1069 -4.37 -28.91 11.36
C SER E 1069 -5.36 -27.82 10.93
N LEU E 1070 -5.87 -27.92 9.70
CA LEU E 1070 -6.90 -27.01 9.22
C LEU E 1070 -8.20 -27.26 9.96
N ASP E 1071 -8.52 -28.52 10.22
CA ASP E 1071 -9.71 -28.88 10.96
C ASP E 1071 -9.65 -28.35 12.39
N ILE E 1072 -8.45 -28.31 12.96
CA ILE E 1072 -8.27 -27.75 14.28
C ILE E 1072 -8.44 -26.24 14.22
N ALA E 1073 -7.82 -25.63 13.22
CA ALA E 1073 -7.88 -24.19 13.01
C ALA E 1073 -9.31 -23.70 12.78
N LEU E 1074 -10.15 -24.57 12.22
CA LEU E 1074 -11.56 -24.22 12.00
C LEU E 1074 -12.37 -24.18 13.29
N GLY E 1075 -11.80 -24.73 14.36
CA GLY E 1075 -12.48 -24.80 15.65
C GLY E 1075 -13.53 -25.90 15.72
N ALA E 1076 -14.40 -25.94 14.71
CA ALA E 1076 -15.52 -26.88 14.68
C ALA E 1076 -15.10 -28.29 14.27
N GLY E 1077 -13.92 -28.41 13.69
CA GLY E 1077 -13.42 -29.71 13.27
C GLY E 1077 -13.60 -29.99 11.79
N GLY E 1078 -14.14 -29.01 11.07
CA GLY E 1078 -14.31 -29.12 9.63
C GLY E 1078 -15.22 -28.06 9.07
N LEU E 1079 -15.53 -28.16 7.78
CA LEU E 1079 -16.40 -27.18 7.11
C LEU E 1079 -17.88 -27.47 7.36
N PRO E 1080 -18.70 -26.41 7.52
CA PRO E 1080 -20.12 -26.57 7.87
C PRO E 1080 -21.07 -26.93 6.72
N MET E 1081 -21.86 -27.97 6.93
CA MET E 1081 -22.83 -28.42 5.96
C MET E 1081 -23.97 -27.44 5.81
N GLY E 1082 -24.45 -27.27 4.59
CA GLY E 1082 -25.59 -26.38 4.31
C GLY E 1082 -25.22 -24.91 4.37
N ARG E 1083 -23.92 -24.64 4.29
CA ARG E 1083 -23.40 -23.27 4.33
C ARG E 1083 -22.56 -22.98 3.09
N ILE E 1084 -22.11 -21.73 2.95
CA ILE E 1084 -21.27 -21.32 1.84
C ILE E 1084 -19.85 -21.09 2.35
N VAL E 1085 -18.86 -21.57 1.60
CA VAL E 1085 -17.45 -21.39 1.94
C VAL E 1085 -16.65 -20.82 0.75
N GLU E 1086 -15.73 -19.91 1.03
CA GLU E 1086 -14.83 -19.40 0.01
C GLU E 1086 -13.36 -19.73 0.34
N ILE E 1087 -12.63 -20.23 -0.67
CA ILE E 1087 -11.19 -20.36 -0.55
C ILE E 1087 -10.54 -19.51 -1.62
N TYR E 1088 -9.62 -18.64 -1.22
CA TYR E 1088 -8.88 -17.85 -2.18
C TYR E 1088 -7.39 -17.91 -1.88
N GLY E 1089 -6.58 -17.55 -2.88
CA GLY E 1089 -5.13 -17.54 -2.75
C GLY E 1089 -4.47 -17.29 -4.09
N PRO E 1090 -3.14 -17.07 -4.10
CA PRO E 1090 -2.30 -16.92 -5.29
C PRO E 1090 -2.38 -18.14 -6.20
N GLU E 1091 -1.80 -18.06 -7.40
CA GLU E 1091 -1.87 -19.17 -8.35
C GLU E 1091 -1.01 -20.34 -7.92
N SER E 1092 -1.47 -21.55 -8.26
CA SER E 1092 -0.81 -22.78 -7.85
C SER E 1092 -0.55 -22.82 -6.34
N SER E 1093 -1.52 -22.37 -5.55
CA SER E 1093 -1.28 -22.30 -4.10
C SER E 1093 -1.78 -23.56 -3.42
N GLY E 1094 -2.82 -24.14 -4.01
CA GLY E 1094 -3.40 -25.37 -3.50
C GLY E 1094 -4.90 -25.38 -3.49
N LYS E 1095 -5.51 -24.33 -4.03
CA LYS E 1095 -6.98 -24.18 -4.02
C LYS E 1095 -7.73 -25.42 -4.59
N THR E 1096 -7.51 -25.74 -5.87
CA THR E 1096 -8.12 -26.92 -6.49
C THR E 1096 -7.83 -28.16 -5.66
N THR E 1097 -6.53 -28.44 -5.44
CA THR E 1097 -6.06 -29.62 -4.70
C THR E 1097 -6.80 -29.82 -3.38
N LEU E 1098 -6.76 -28.81 -2.52
CA LEU E 1098 -7.42 -28.87 -1.23
C LEU E 1098 -8.89 -29.24 -1.38
N THR E 1099 -9.57 -28.54 -2.28
CA THR E 1099 -10.95 -28.80 -2.60
C THR E 1099 -11.19 -30.30 -2.87
N LEU E 1100 -10.39 -30.86 -3.78
CA LEU E 1100 -10.52 -32.26 -4.13
C LEU E 1100 -10.34 -33.21 -2.94
N GLN E 1101 -9.44 -32.84 -2.02
CA GLN E 1101 -9.21 -33.61 -0.81
C GLN E 1101 -10.45 -33.68 0.05
N VAL E 1102 -11.24 -32.61 0.07
CA VAL E 1102 -12.46 -32.61 0.89
C VAL E 1102 -13.54 -33.43 0.23
N ILE E 1103 -13.55 -33.42 -1.11
CA ILE E 1103 -14.46 -34.25 -1.90
C ILE E 1103 -14.16 -35.70 -1.61
N ALA E 1104 -12.87 -36.05 -1.72
CA ALA E 1104 -12.39 -37.39 -1.40
C ALA E 1104 -12.87 -37.82 -0.01
N ALA E 1105 -12.59 -36.98 0.98
CA ALA E 1105 -13.01 -37.20 2.34
C ALA E 1105 -14.51 -37.47 2.46
N ALA E 1106 -15.31 -36.63 1.81
CA ALA E 1106 -16.77 -36.72 1.86
C ALA E 1106 -17.33 -37.97 1.17
N GLN E 1107 -16.63 -38.40 0.12
CA GLN E 1107 -17.02 -39.60 -0.61
C GLN E 1107 -16.69 -40.84 0.17
N ARG E 1108 -15.62 -40.77 0.97
CA ARG E 1108 -15.20 -41.88 1.82
C ARG E 1108 -16.28 -42.20 2.85
N GLU E 1109 -17.04 -41.18 3.25
CA GLU E 1109 -18.20 -41.35 4.14
C GLU E 1109 -19.49 -41.51 3.35
N GLY E 1110 -19.36 -41.55 2.01
CA GLY E 1110 -20.49 -41.84 1.14
C GLY E 1110 -21.39 -40.67 0.80
N LYS E 1111 -20.82 -39.48 0.73
CA LYS E 1111 -21.60 -38.33 0.31
C LYS E 1111 -21.47 -38.12 -1.19
N THR E 1112 -22.49 -37.55 -1.81
CA THR E 1112 -22.47 -37.27 -3.24
C THR E 1112 -21.90 -35.89 -3.50
N CYS E 1113 -20.93 -35.82 -4.41
CA CYS E 1113 -20.26 -34.55 -4.72
C CYS E 1113 -20.43 -34.14 -6.16
N ALA E 1114 -20.30 -32.84 -6.38
CA ALA E 1114 -20.34 -32.28 -7.71
C ALA E 1114 -19.24 -31.24 -7.82
N PHE E 1115 -18.65 -31.14 -9.02
CA PHE E 1115 -17.58 -30.20 -9.27
C PHE E 1115 -17.95 -29.35 -10.49
N ILE E 1116 -17.79 -28.04 -10.36
CA ILE E 1116 -18.05 -27.11 -11.47
C ILE E 1116 -16.76 -26.49 -11.98
N ASP E 1117 -16.16 -27.12 -12.99
CA ASP E 1117 -14.85 -26.71 -13.49
C ASP E 1117 -14.93 -25.55 -14.48
N ALA E 1118 -15.38 -24.40 -13.99
CA ALA E 1118 -15.53 -23.21 -14.82
C ALA E 1118 -14.18 -22.74 -15.33
N GLU E 1119 -13.15 -23.06 -14.56
CA GLU E 1119 -11.79 -22.71 -14.92
C GLU E 1119 -11.30 -23.60 -16.07
N HIS E 1120 -12.06 -24.66 -16.36
CA HIS E 1120 -11.77 -25.60 -17.43
C HIS E 1120 -10.33 -26.16 -17.37
N ALA E 1121 -9.93 -26.67 -16.21
CA ALA E 1121 -8.54 -27.03 -16.00
C ALA E 1121 -8.31 -28.27 -15.14
N LEU E 1122 -9.37 -28.83 -14.57
CA LEU E 1122 -9.30 -30.04 -13.72
C LEU E 1122 -8.80 -31.30 -14.45
N ASP E 1123 -7.76 -31.92 -13.90
CA ASP E 1123 -7.19 -33.13 -14.47
C ASP E 1123 -7.73 -34.34 -13.73
N PRO E 1124 -8.56 -35.17 -14.41
CA PRO E 1124 -9.18 -36.34 -13.80
C PRO E 1124 -8.17 -37.31 -13.17
N ILE E 1125 -7.08 -37.60 -13.86
CA ILE E 1125 -6.08 -38.55 -13.37
C ILE E 1125 -5.48 -38.09 -12.05
N TYR E 1126 -5.12 -36.80 -11.98
CA TYR E 1126 -4.60 -36.21 -10.75
C TYR E 1126 -5.65 -36.22 -9.63
N ALA E 1127 -6.89 -35.94 -9.98
CA ALA E 1127 -7.97 -36.00 -9.01
C ALA E 1127 -8.05 -37.39 -8.40
N ARG E 1128 -7.87 -38.41 -9.24
CA ARG E 1128 -7.92 -39.80 -8.78
C ARG E 1128 -6.73 -40.11 -7.90
N LYS E 1129 -5.57 -39.58 -8.28
CA LYS E 1129 -4.34 -39.74 -7.49
C LYS E 1129 -4.51 -39.13 -6.10
N LEU E 1130 -5.36 -38.13 -6.00
CA LEU E 1130 -5.63 -37.49 -4.72
C LEU E 1130 -6.64 -38.29 -3.93
N GLY E 1131 -7.27 -39.26 -4.58
CA GLY E 1131 -8.15 -40.22 -3.91
C GLY E 1131 -9.63 -39.91 -4.05
N VAL E 1132 -9.97 -39.22 -5.15
CA VAL E 1132 -11.36 -38.93 -5.45
C VAL E 1132 -11.96 -40.08 -6.25
N ASP E 1133 -13.22 -40.37 -5.97
CA ASP E 1133 -13.95 -41.35 -6.77
C ASP E 1133 -14.44 -40.67 -8.04
N ILE E 1134 -13.67 -40.86 -9.11
CA ILE E 1134 -13.89 -40.17 -10.39
C ILE E 1134 -15.23 -40.58 -10.97
N ASP E 1135 -15.51 -41.89 -10.90
CA ASP E 1135 -16.70 -42.47 -11.53
C ASP E 1135 -18.00 -41.96 -10.95
N ASN E 1136 -17.95 -41.49 -9.70
CA ASN E 1136 -19.14 -41.00 -9.03
C ASN E 1136 -19.15 -39.50 -8.76
N LEU E 1137 -18.04 -38.83 -9.07
CA LEU E 1137 -17.96 -37.39 -8.94
C LEU E 1137 -18.66 -36.75 -10.13
N LEU E 1138 -19.80 -36.14 -9.85
CA LEU E 1138 -20.50 -35.34 -10.84
C LEU E 1138 -19.67 -34.15 -11.20
N CYS E 1139 -19.70 -33.80 -12.46
CA CYS E 1139 -18.81 -32.78 -12.97
C CYS E 1139 -19.41 -32.04 -14.16
N SER E 1140 -19.24 -30.73 -14.15
CA SER E 1140 -19.73 -29.91 -15.26
C SER E 1140 -18.75 -28.80 -15.60
N GLN E 1141 -18.50 -28.65 -16.89
CA GLN E 1141 -17.78 -27.49 -17.40
C GLN E 1141 -18.83 -26.65 -18.12
N PRO E 1142 -19.34 -25.63 -17.43
CA PRO E 1142 -20.42 -24.82 -17.94
C PRO E 1142 -19.94 -23.81 -18.95
N ASP E 1143 -20.84 -23.25 -19.74
CA ASP E 1143 -20.49 -22.31 -20.79
C ASP E 1143 -20.56 -20.87 -20.30
N THR E 1144 -21.66 -20.50 -19.66
CA THR E 1144 -21.79 -19.16 -19.08
C THR E 1144 -21.72 -19.27 -17.56
N GLY E 1145 -21.58 -18.14 -16.88
CA GLY E 1145 -21.56 -18.10 -15.41
C GLY E 1145 -22.93 -18.40 -14.84
N GLU E 1146 -23.95 -17.81 -15.44
CA GLU E 1146 -25.34 -18.03 -15.05
C GLU E 1146 -25.69 -19.50 -15.10
N GLN E 1147 -25.22 -20.17 -16.16
CA GLN E 1147 -25.39 -21.61 -16.32
C GLN E 1147 -24.81 -22.36 -15.13
N ALA E 1148 -23.56 -22.05 -14.81
CA ALA E 1148 -22.87 -22.64 -13.66
C ALA E 1148 -23.68 -22.51 -12.35
N LEU E 1149 -24.18 -21.31 -12.09
CA LEU E 1149 -24.92 -21.04 -10.88
C LEU E 1149 -26.31 -21.65 -10.88
N GLU E 1150 -27.01 -21.56 -12.01
CA GLU E 1150 -28.29 -22.22 -12.19
C GLU E 1150 -28.20 -23.72 -11.93
N ILE E 1151 -27.10 -24.33 -12.39
CA ILE E 1151 -26.82 -25.72 -12.13
C ILE E 1151 -26.78 -25.97 -10.62
N CYS E 1152 -26.01 -25.16 -9.91
CA CYS E 1152 -25.94 -25.28 -8.45
C CYS E 1152 -27.30 -25.25 -7.82
N ASP E 1153 -28.08 -24.23 -8.16
CA ASP E 1153 -29.42 -24.04 -7.63
C ASP E 1153 -30.31 -25.28 -7.84
N ALA E 1154 -30.16 -25.93 -9.00
CA ALA E 1154 -30.86 -27.19 -9.28
C ALA E 1154 -30.35 -28.31 -8.38
N LEU E 1155 -29.03 -28.45 -8.28
CA LEU E 1155 -28.42 -29.49 -7.44
C LEU E 1155 -28.65 -29.26 -5.94
N ALA E 1156 -28.76 -28.00 -5.55
CA ALA E 1156 -29.11 -27.68 -4.18
C ALA E 1156 -30.52 -28.15 -3.93
N ARG E 1157 -31.48 -27.59 -4.67
CA ARG E 1157 -32.90 -27.93 -4.52
C ARG E 1157 -33.20 -29.42 -4.62
N SER E 1158 -32.41 -30.13 -5.43
CA SER E 1158 -32.61 -31.56 -5.62
C SER E 1158 -32.48 -32.33 -4.30
N GLY E 1159 -31.60 -31.84 -3.43
CA GLY E 1159 -31.33 -32.48 -2.14
C GLY E 1159 -30.59 -33.79 -2.28
N ALA E 1160 -30.07 -34.05 -3.48
CA ALA E 1160 -29.37 -35.28 -3.79
C ALA E 1160 -27.88 -35.11 -3.58
N VAL E 1161 -27.37 -33.94 -3.92
CA VAL E 1161 -25.96 -33.63 -3.73
C VAL E 1161 -25.69 -33.07 -2.34
N ASP E 1162 -24.58 -33.48 -1.75
CA ASP E 1162 -24.17 -33.08 -0.41
C ASP E 1162 -23.12 -31.99 -0.43
N VAL E 1163 -22.19 -32.07 -1.38
CA VAL E 1163 -21.12 -31.06 -1.51
C VAL E 1163 -20.85 -30.66 -2.98
N ILE E 1164 -20.89 -29.36 -3.24
CA ILE E 1164 -20.67 -28.80 -4.57
C ILE E 1164 -19.50 -27.82 -4.47
N VAL E 1165 -18.57 -27.94 -5.40
CA VAL E 1165 -17.49 -26.96 -5.50
C VAL E 1165 -17.41 -26.32 -6.88
N VAL E 1166 -17.23 -25.00 -6.87
CA VAL E 1166 -17.13 -24.21 -8.09
C VAL E 1166 -15.67 -23.75 -8.24
N ASP E 1167 -14.99 -24.17 -9.30
CA ASP E 1167 -13.58 -23.81 -9.50
C ASP E 1167 -13.44 -22.48 -10.23
N SER E 1168 -13.08 -21.47 -9.43
CA SER E 1168 -12.86 -20.05 -9.80
C SER E 1168 -14.14 -19.29 -10.06
N VAL E 1169 -14.54 -18.47 -9.10
CA VAL E 1169 -15.61 -17.52 -9.37
C VAL E 1169 -15.06 -16.55 -10.40
N ALA E 1170 -13.75 -16.37 -10.38
CA ALA E 1170 -13.04 -15.62 -11.40
C ALA E 1170 -13.47 -16.00 -12.81
N ALA E 1171 -13.71 -17.29 -13.02
CA ALA E 1171 -14.06 -17.84 -14.32
C ALA E 1171 -15.57 -17.87 -14.62
N LEU E 1172 -16.38 -17.34 -13.69
CA LEU E 1172 -17.84 -17.28 -13.86
C LEU E 1172 -18.27 -16.12 -14.78
N THR E 1173 -17.94 -16.25 -16.06
CA THR E 1173 -18.17 -15.18 -17.03
C THR E 1173 -19.65 -15.04 -17.34
N PRO E 1174 -20.21 -13.84 -17.09
CA PRO E 1174 -21.61 -13.58 -17.43
C PRO E 1174 -21.93 -13.79 -18.92
N LYS E 1175 -23.20 -14.11 -19.18
CA LYS E 1175 -23.68 -14.46 -20.50
C LYS E 1175 -23.35 -13.35 -21.47
N ALA E 1176 -23.73 -12.13 -21.10
CA ALA E 1176 -23.58 -10.95 -21.96
C ALA E 1176 -22.12 -10.67 -22.32
N GLU E 1177 -21.21 -11.07 -21.43
CA GLU E 1177 -19.78 -10.85 -21.62
C GLU E 1177 -19.26 -11.78 -22.72
N ILE E 1178 -19.72 -13.04 -22.68
CA ILE E 1178 -19.35 -14.05 -23.69
C ILE E 1178 -20.01 -13.70 -25.00
N GLU E 1179 -21.29 -13.35 -24.92
CA GLU E 1179 -22.04 -12.93 -26.10
C GLU E 1179 -21.56 -11.60 -26.67
N GLY E 1180 -21.06 -10.72 -25.82
CA GLY E 1180 -20.40 -9.49 -26.25
C GLY E 1180 -18.99 -9.73 -26.77
N GLU E 1181 -18.32 -8.67 -27.21
CA GLU E 1181 -16.93 -8.77 -27.66
C GLU E 1181 -15.94 -8.57 -26.54
N ILE E 1182 -14.67 -8.71 -26.84
CA ILE E 1182 -13.61 -8.34 -25.90
C ILE E 1182 -13.37 -6.84 -26.03
N GLY E 1183 -13.52 -6.15 -24.91
CA GLY E 1183 -13.52 -4.69 -24.90
C GLY E 1183 -14.88 -4.18 -24.44
N ASP E 1184 -15.94 -4.90 -24.81
CA ASP E 1184 -17.29 -4.55 -24.35
C ASP E 1184 -17.22 -4.47 -22.83
N SER E 1185 -17.57 -3.33 -22.26
CA SER E 1185 -17.47 -3.17 -20.81
C SER E 1185 -18.79 -3.50 -20.15
N HIS E 1186 -18.72 -4.38 -19.17
CA HIS E 1186 -19.87 -4.75 -18.40
C HIS E 1186 -19.62 -4.34 -16.94
N MET E 1187 -19.85 -3.07 -16.63
CA MET E 1187 -19.59 -2.54 -15.29
C MET E 1187 -20.30 -3.35 -14.23
N GLY E 1188 -19.53 -3.86 -13.28
CA GLY E 1188 -20.02 -4.69 -12.18
C GLY E 1188 -21.22 -5.59 -12.47
N LEU E 1189 -21.30 -6.09 -13.70
CA LEU E 1189 -22.35 -7.04 -14.10
C LEU E 1189 -22.06 -8.37 -13.41
N ALA E 1190 -20.78 -8.74 -13.39
CA ALA E 1190 -20.36 -9.98 -12.77
C ALA E 1190 -20.76 -9.99 -11.30
N ALA E 1191 -20.49 -8.88 -10.63
CA ALA E 1191 -20.71 -8.74 -9.18
C ALA E 1191 -22.19 -8.76 -8.82
N ARG E 1192 -22.98 -8.13 -9.68
CA ARG E 1192 -24.44 -8.05 -9.54
C ARG E 1192 -25.03 -9.44 -9.71
N MET E 1193 -24.40 -10.23 -10.57
CA MET E 1193 -24.83 -11.59 -10.82
C MET E 1193 -24.59 -12.44 -9.58
N MET E 1194 -23.39 -12.32 -9.02
CA MET E 1194 -23.04 -13.01 -7.77
C MET E 1194 -24.00 -12.69 -6.63
N SER E 1195 -24.33 -11.41 -6.52
CA SER E 1195 -25.18 -10.92 -5.44
C SER E 1195 -26.57 -11.51 -5.52
N GLN E 1196 -27.04 -11.72 -6.75
CA GLN E 1196 -28.31 -12.40 -6.99
C GLN E 1196 -28.21 -13.88 -6.68
N ALA E 1197 -27.12 -14.49 -7.08
CA ALA E 1197 -26.92 -15.90 -6.85
C ALA E 1197 -26.96 -16.21 -5.36
N MET E 1198 -26.21 -15.44 -4.58
CA MET E 1198 -26.15 -15.62 -3.12
C MET E 1198 -27.53 -15.68 -2.49
N ARG E 1199 -28.35 -14.68 -2.77
CA ARG E 1199 -29.73 -14.59 -2.28
C ARG E 1199 -30.52 -15.87 -2.52
N LYS E 1200 -30.47 -16.36 -3.76
CA LYS E 1200 -31.19 -17.58 -4.16
C LYS E 1200 -30.64 -18.87 -3.55
N LEU E 1201 -29.32 -18.95 -3.40
CA LEU E 1201 -28.68 -20.19 -2.95
C LEU E 1201 -28.75 -20.44 -1.46
N ALA E 1202 -28.58 -19.40 -0.66
CA ALA E 1202 -28.58 -19.53 0.82
C ALA E 1202 -29.71 -20.38 1.32
N GLY E 1203 -30.93 -20.02 0.92
CA GLY E 1203 -32.14 -20.74 1.32
C GLY E 1203 -32.17 -22.19 0.86
N ASN E 1204 -31.85 -22.42 -0.40
CA ASN E 1204 -31.85 -23.78 -0.96
C ASN E 1204 -30.75 -24.67 -0.45
N LEU E 1205 -29.66 -24.09 0.04
CA LEU E 1205 -28.52 -24.86 0.53
C LEU E 1205 -28.72 -25.34 1.95
N LYS E 1206 -29.37 -24.53 2.78
CA LYS E 1206 -29.64 -24.92 4.16
C LYS E 1206 -30.73 -25.98 4.23
N GLN E 1207 -31.84 -25.75 3.56
CA GLN E 1207 -32.96 -26.70 3.55
C GLN E 1207 -32.61 -28.04 2.89
N SER E 1208 -31.48 -28.09 2.18
CA SER E 1208 -30.97 -29.31 1.54
C SER E 1208 -29.80 -29.87 2.29
N ASN E 1209 -29.31 -29.12 3.27
CA ASN E 1209 -28.08 -29.45 3.96
C ASN E 1209 -26.95 -29.78 2.98
N THR E 1210 -26.71 -28.85 2.07
CA THR E 1210 -25.70 -29.01 1.01
C THR E 1210 -24.59 -27.98 1.16
N LEU E 1211 -23.34 -28.45 1.21
CA LEU E 1211 -22.16 -27.56 1.29
C LEU E 1211 -21.75 -27.05 -0.08
N LEU E 1212 -21.43 -25.76 -0.17
CA LEU E 1212 -20.94 -25.14 -1.42
C LEU E 1212 -19.63 -24.39 -1.18
N ILE E 1213 -18.59 -24.81 -1.88
CA ILE E 1213 -17.29 -24.13 -1.80
C ILE E 1213 -16.98 -23.37 -3.10
N PHE E 1214 -16.72 -22.07 -2.98
CA PHE E 1214 -16.26 -21.31 -4.10
C PHE E 1214 -14.75 -21.10 -4.02
N ILE E 1215 -14.04 -21.50 -5.08
CA ILE E 1215 -12.63 -21.16 -5.20
C ILE E 1215 -12.52 -19.80 -5.89
N ASN E 1216 -11.68 -18.93 -5.36
CA ASN E 1216 -11.50 -17.61 -5.94
C ASN E 1216 -10.03 -17.26 -6.12
N GLN E 1217 -9.79 -16.38 -7.10
CA GLN E 1217 -8.47 -15.88 -7.39
C GLN E 1217 -8.26 -14.53 -6.75
N ILE E 1218 -7.01 -14.11 -6.68
CA ILE E 1218 -6.64 -12.81 -6.15
C ILE E 1218 -6.37 -11.83 -7.28
N ARG E 1219 -6.97 -10.65 -7.18
CA ARG E 1219 -6.66 -9.53 -8.04
C ARG E 1219 -6.07 -8.42 -7.20
N MET E 1220 -5.33 -7.55 -7.86
CA MET E 1220 -4.77 -6.40 -7.19
C MET E 1220 -5.72 -5.22 -7.36
N LYS E 1221 -5.93 -4.50 -6.27
CA LYS E 1221 -6.66 -3.24 -6.35
C LYS E 1221 -5.64 -2.12 -6.43
N ILE E 1222 -5.87 -1.22 -7.37
CA ILE E 1222 -4.91 -0.20 -7.68
C ILE E 1222 -5.39 1.14 -7.11
N GLY E 1223 -4.46 1.91 -6.56
CA GLY E 1223 -4.78 3.17 -5.89
C GLY E 1223 -5.07 3.01 -4.40
N VAL E 1224 -4.48 2.00 -3.79
CA VAL E 1224 -4.59 1.78 -2.33
C VAL E 1224 -3.18 1.69 -1.73
N MET E 1225 -2.91 2.53 -0.75
CA MET E 1225 -1.55 2.68 -0.18
C MET E 1225 -1.45 2.15 1.24
N PHE E 1226 -2.52 2.35 2.01
CA PHE E 1226 -2.75 1.67 3.29
C PHE E 1226 -3.15 0.19 3.03
N GLY E 1227 -3.48 -0.52 4.10
CA GLY E 1227 -4.03 -1.88 4.03
C GLY E 1227 -3.25 -2.86 3.19
N ASN E 1228 -3.98 -3.83 2.66
CA ASN E 1228 -3.40 -4.69 1.65
C ASN E 1228 -4.06 -4.44 0.31
N PRO E 1229 -3.30 -4.55 -0.77
CA PRO E 1229 -3.85 -4.21 -2.08
C PRO E 1229 -4.52 -5.40 -2.77
N GLU E 1230 -4.96 -6.39 -2.00
CA GLU E 1230 -5.53 -7.59 -2.58
C GLU E 1230 -7.05 -7.66 -2.50
N THR E 1231 -7.70 -8.10 -3.57
CA THR E 1231 -9.13 -8.44 -3.49
C THR E 1231 -9.42 -9.78 -4.11
N THR E 1232 -10.71 -9.95 -4.38
CA THR E 1232 -11.34 -11.21 -4.69
C THR E 1232 -12.32 -10.88 -5.81
N THR E 1233 -12.36 -11.70 -6.86
CA THR E 1233 -13.25 -11.45 -7.99
C THR E 1233 -14.73 -11.64 -7.61
N GLY E 1234 -15.62 -10.93 -8.31
CA GLY E 1234 -17.05 -11.13 -8.13
C GLY E 1234 -17.65 -10.37 -6.97
N GLY E 1235 -17.14 -9.17 -6.74
CA GLY E 1235 -17.72 -8.24 -5.78
C GLY E 1235 -17.77 -8.64 -4.32
N ASN E 1236 -18.69 -8.00 -3.61
CA ASN E 1236 -18.74 -8.13 -2.16
C ASN E 1236 -19.74 -9.15 -1.65
N ALA E 1237 -20.61 -9.62 -2.53
CA ALA E 1237 -21.68 -10.54 -2.14
C ALA E 1237 -21.14 -11.73 -1.37
N LEU E 1238 -20.14 -12.39 -1.94
CA LEU E 1238 -19.65 -13.64 -1.35
C LEU E 1238 -19.02 -13.47 0.01
N LYS E 1239 -18.30 -12.36 0.23
CA LYS E 1239 -17.69 -12.06 1.54
C LYS E 1239 -18.69 -12.23 2.69
N PHE E 1240 -19.89 -11.70 2.47
CA PHE E 1240 -20.93 -11.65 3.49
C PHE E 1240 -21.57 -13.01 3.72
N TYR E 1241 -21.92 -13.68 2.64
CA TYR E 1241 -22.68 -14.92 2.73
C TYR E 1241 -21.85 -16.13 3.17
N ALA E 1242 -20.55 -16.09 2.93
CA ALA E 1242 -19.68 -17.21 3.31
C ALA E 1242 -19.65 -17.34 4.81
N SER E 1243 -19.74 -18.58 5.28
CA SER E 1243 -19.69 -18.86 6.71
C SER E 1243 -18.23 -19.09 7.13
N VAL E 1244 -17.41 -19.51 6.16
CA VAL E 1244 -15.98 -19.68 6.35
C VAL E 1244 -15.23 -19.09 5.13
N ARG E 1245 -14.14 -18.36 5.39
CA ARG E 1245 -13.30 -17.84 4.32
C ARG E 1245 -11.86 -18.21 4.57
N LEU E 1246 -11.26 -18.89 3.61
CA LEU E 1246 -9.89 -19.40 3.74
C LEU E 1246 -8.87 -18.71 2.82
N ASP E 1247 -7.70 -18.43 3.37
CA ASP E 1247 -6.61 -17.82 2.62
C ASP E 1247 -5.43 -18.79 2.57
N ILE E 1248 -5.26 -19.45 1.43
CA ILE E 1248 -4.20 -20.46 1.24
C ILE E 1248 -2.99 -19.91 0.45
N ARG E 1249 -1.79 -20.26 0.91
CA ARG E 1249 -0.55 -19.76 0.32
C ARG E 1249 0.58 -20.76 0.34
N ARG E 1250 1.31 -20.85 -0.77
CA ARG E 1250 2.51 -21.67 -0.84
C ARG E 1250 3.63 -20.89 -0.16
N ILE E 1251 4.21 -21.45 0.89
CA ILE E 1251 5.21 -20.74 1.70
C ILE E 1251 6.62 -21.23 1.50
N GLY E 1252 6.76 -22.44 0.98
CA GLY E 1252 8.08 -23.04 0.75
C GLY E 1252 8.04 -24.29 -0.12
N ALA E 1253 9.22 -24.82 -0.44
CA ALA E 1253 9.29 -26.01 -1.27
C ALA E 1253 9.62 -27.22 -0.42
N VAL E 1254 8.95 -28.35 -0.68
CA VAL E 1254 9.28 -29.62 -0.03
C VAL E 1254 10.37 -30.33 -0.85
N LYS E 1255 11.61 -30.23 -0.39
CA LYS E 1255 12.76 -30.67 -1.18
C LYS E 1255 13.18 -32.11 -0.93
N GLU E 1256 13.95 -32.64 -1.86
CA GLU E 1256 14.43 -34.01 -1.84
C GLU E 1256 15.88 -34.05 -2.28
N GLY E 1257 16.72 -33.27 -1.60
CA GLY E 1257 18.10 -33.05 -2.03
C GLY E 1257 18.08 -32.17 -3.28
N GLU E 1258 17.81 -32.81 -4.41
CA GLU E 1258 17.71 -32.11 -5.68
C GLU E 1258 16.26 -31.76 -6.01
N ASN E 1259 15.37 -32.72 -5.80
CA ASN E 1259 13.99 -32.62 -6.27
C ASN E 1259 13.08 -31.76 -5.44
N VAL E 1260 12.12 -31.13 -6.11
CA VAL E 1260 11.02 -30.46 -5.44
C VAL E 1260 9.81 -31.39 -5.55
N VAL E 1261 9.43 -32.00 -4.43
CA VAL E 1261 8.39 -33.01 -4.43
C VAL E 1261 7.04 -32.52 -3.86
N GLY E 1262 7.01 -31.29 -3.32
CA GLY E 1262 5.80 -30.73 -2.75
C GLY E 1262 5.85 -29.26 -2.41
N SER E 1263 4.71 -28.72 -2.00
CA SER E 1263 4.59 -27.32 -1.58
C SER E 1263 4.28 -27.25 -0.09
N GLU E 1264 5.15 -26.58 0.65
CA GLU E 1264 4.85 -26.20 2.02
C GLU E 1264 3.71 -25.17 2.00
N THR E 1265 2.69 -25.38 2.84
CA THR E 1265 1.44 -24.64 2.69
C THR E 1265 0.94 -24.08 4.02
N ARG E 1266 0.35 -22.90 3.95
CA ARG E 1266 -0.26 -22.25 5.11
C ARG E 1266 -1.63 -21.69 4.75
N VAL E 1267 -2.61 -22.05 5.57
CA VAL E 1267 -3.99 -21.58 5.39
C VAL E 1267 -4.35 -20.72 6.60
N LYS E 1268 -4.94 -19.55 6.36
CA LYS E 1268 -5.48 -18.70 7.41
C LYS E 1268 -7.00 -18.71 7.40
N VAL E 1269 -7.63 -18.92 8.55
CA VAL E 1269 -9.08 -18.76 8.62
C VAL E 1269 -9.36 -17.26 8.73
N VAL E 1270 -9.93 -16.68 7.68
CA VAL E 1270 -10.07 -15.23 7.59
C VAL E 1270 -11.48 -14.78 8.00
N LYS E 1271 -12.46 -15.61 7.73
CA LYS E 1271 -13.79 -15.41 8.30
C LYS E 1271 -14.29 -16.70 8.95
N ASN E 1272 -14.95 -16.57 10.10
CA ASN E 1272 -15.51 -17.73 10.79
C ASN E 1272 -16.82 -17.45 11.51
N LYS E 1273 -17.91 -18.03 11.00
CA LYS E 1273 -19.25 -17.89 11.56
C LYS E 1273 -19.58 -19.11 12.38
N ILE E 1274 -18.62 -20.02 12.44
CA ILE E 1274 -18.82 -21.33 13.04
C ILE E 1274 -18.05 -21.52 14.36
N ALA E 1275 -16.87 -20.89 14.44
CA ALA E 1275 -16.01 -20.89 15.61
C ALA E 1275 -15.20 -19.57 15.65
N ALA E 1276 -14.26 -19.45 16.58
CA ALA E 1276 -13.34 -18.32 16.59
C ALA E 1276 -12.51 -18.27 15.28
N PRO E 1277 -12.42 -17.07 14.65
CA PRO E 1277 -11.65 -16.91 13.41
C PRO E 1277 -10.17 -16.68 13.64
N PHE E 1278 -9.40 -16.56 12.55
CA PHE E 1278 -8.00 -16.14 12.59
C PHE E 1278 -6.96 -17.15 13.11
N LYS E 1279 -7.38 -18.40 13.31
CA LYS E 1279 -6.43 -19.48 13.54
C LYS E 1279 -5.83 -19.87 12.19
N GLN E 1280 -4.61 -20.38 12.20
CA GLN E 1280 -3.98 -20.77 10.95
C GLN E 1280 -3.34 -22.15 11.02
N ALA E 1281 -3.34 -22.83 9.88
CA ALA E 1281 -2.80 -24.17 9.78
C ALA E 1281 -1.74 -24.25 8.70
N GLU E 1282 -0.66 -24.98 8.99
CA GLU E 1282 0.36 -25.25 7.99
C GLU E 1282 0.40 -26.74 7.70
N PHE E 1283 0.86 -27.11 6.50
CA PHE E 1283 1.01 -28.51 6.14
C PHE E 1283 1.74 -28.67 4.82
N GLN E 1284 1.85 -29.91 4.37
CA GLN E 1284 2.53 -30.22 3.12
C GLN E 1284 1.57 -30.74 2.08
N ILE E 1285 1.65 -30.19 0.87
CA ILE E 1285 1.04 -30.81 -0.28
C ILE E 1285 2.12 -31.53 -1.06
N LEU E 1286 2.06 -32.86 -1.06
CA LEU E 1286 2.97 -33.68 -1.84
C LEU E 1286 2.36 -33.90 -3.22
N TYR E 1287 3.07 -33.44 -4.25
CA TYR E 1287 2.57 -33.50 -5.62
C TYR E 1287 2.25 -34.93 -6.00
N GLY E 1288 1.02 -35.14 -6.46
CA GLY E 1288 0.59 -36.47 -6.89
C GLY E 1288 0.04 -37.36 -5.79
N GLU E 1289 0.07 -36.84 -4.57
CA GLU E 1289 -0.42 -37.59 -3.44
C GLU E 1289 -1.50 -36.81 -2.69
N GLY E 1290 -1.22 -35.54 -2.38
CA GLY E 1290 -2.18 -34.67 -1.71
C GLY E 1290 -1.62 -34.10 -0.43
N ILE E 1291 -2.52 -33.70 0.46
CA ILE E 1291 -2.18 -33.19 1.79
C ILE E 1291 -1.52 -34.31 2.61
N ASN E 1292 -0.29 -34.15 3.03
CA ASN E 1292 0.38 -35.10 3.92
C ASN E 1292 -0.26 -35.15 5.30
N PHE E 1293 -1.32 -35.93 5.42
CA PHE E 1293 -2.12 -36.01 6.64
C PHE E 1293 -1.34 -36.59 7.81
N TYR E 1294 -0.68 -37.70 7.57
CA TYR E 1294 0.09 -38.36 8.60
C TYR E 1294 1.27 -37.50 9.04
N GLY E 1295 1.83 -36.75 8.10
CA GLY E 1295 2.82 -35.75 8.43
C GLY E 1295 2.30 -34.83 9.51
N GLU E 1296 1.15 -34.23 9.25
CA GLU E 1296 0.51 -33.35 10.22
C GLU E 1296 0.36 -34.08 11.55
N LEU E 1297 -0.10 -35.32 11.48
CA LEU E 1297 -0.42 -36.11 12.67
C LEU E 1297 0.81 -36.34 13.54
N VAL E 1298 1.94 -36.62 12.92
CA VAL E 1298 3.20 -36.74 13.65
C VAL E 1298 3.49 -35.45 14.41
N ASP E 1299 3.51 -34.33 13.70
CA ASP E 1299 3.84 -33.04 14.30
C ASP E 1299 2.89 -32.64 15.40
N LEU E 1300 1.60 -32.76 15.14
CA LEU E 1300 0.59 -32.45 16.13
C LEU E 1300 0.73 -33.35 17.37
N GLY E 1301 1.05 -34.63 17.14
CA GLY E 1301 1.23 -35.61 18.22
C GLY E 1301 2.40 -35.31 19.12
N VAL E 1302 3.53 -34.92 18.51
CA VAL E 1302 4.73 -34.55 19.25
C VAL E 1302 4.51 -33.28 20.06
N LYS E 1303 3.77 -32.35 19.46
CA LYS E 1303 3.47 -31.06 20.07
C LYS E 1303 2.59 -31.22 21.31
N GLU E 1304 1.68 -32.20 21.27
CA GLU E 1304 0.77 -32.45 22.39
C GLU E 1304 1.34 -33.43 23.39
N LYS E 1305 2.58 -33.86 23.15
CA LYS E 1305 3.29 -34.79 24.02
C LYS E 1305 2.70 -36.21 23.99
N LEU E 1306 1.97 -36.53 22.93
CA LEU E 1306 1.45 -37.88 22.73
C LEU E 1306 2.49 -38.78 22.05
N ILE E 1307 3.37 -38.17 21.26
CA ILE E 1307 4.51 -38.85 20.66
C ILE E 1307 5.79 -38.28 21.24
N GLU E 1308 6.70 -39.17 21.62
CA GLU E 1308 7.97 -38.77 22.23
C GLU E 1308 9.01 -38.54 21.15
N LYS E 1309 9.73 -37.42 21.24
CA LYS E 1309 10.83 -37.16 20.30
C LYS E 1309 12.19 -37.04 21.01
N ALA E 1310 12.97 -38.12 20.93
CA ALA E 1310 14.33 -38.15 21.49
C ALA E 1310 15.35 -37.84 20.39
N GLY E 1311 15.51 -36.56 20.08
CA GLY E 1311 16.39 -36.11 19.00
C GLY E 1311 15.82 -36.41 17.63
N ALA E 1312 16.33 -37.48 17.02
CA ALA E 1312 15.85 -37.93 15.72
C ALA E 1312 14.92 -39.15 15.83
N TRP E 1313 14.76 -39.65 17.05
CA TRP E 1313 13.94 -40.84 17.32
C TRP E 1313 12.55 -40.51 17.83
N TYR E 1314 11.55 -41.17 17.24
CA TYR E 1314 10.16 -40.95 17.60
C TYR E 1314 9.58 -42.17 18.30
N SER E 1315 9.05 -41.97 19.51
CA SER E 1315 8.48 -43.06 20.29
C SER E 1315 7.02 -42.83 20.61
N TYR E 1316 6.20 -43.88 20.53
CA TYR E 1316 4.83 -43.81 20.99
C TYR E 1316 4.58 -44.85 22.06
N LYS E 1317 4.21 -44.38 23.25
CA LYS E 1317 3.96 -45.25 24.39
C LYS E 1317 5.12 -46.21 24.64
N GLY E 1318 6.35 -45.69 24.58
CA GLY E 1318 7.54 -46.49 24.85
C GLY E 1318 8.10 -47.24 23.65
N GLU E 1319 7.22 -47.58 22.71
CA GLU E 1319 7.62 -48.26 21.49
C GLU E 1319 8.18 -47.24 20.50
N LYS E 1320 9.40 -47.49 20.02
CA LYS E 1320 10.03 -46.63 19.02
C LYS E 1320 9.40 -46.87 17.66
N ILE E 1321 8.93 -45.80 17.01
CA ILE E 1321 8.14 -45.93 15.79
C ILE E 1321 8.83 -45.41 14.52
N GLY E 1322 9.90 -44.64 14.69
CA GLY E 1322 10.64 -44.14 13.55
C GLY E 1322 11.91 -43.41 13.90
N GLN E 1323 12.69 -43.13 12.87
CA GLN E 1323 13.88 -42.30 12.99
C GLN E 1323 13.74 -41.16 12.00
N GLY E 1324 13.43 -39.97 12.51
CA GLY E 1324 13.15 -38.81 11.67
C GLY E 1324 11.74 -38.82 11.10
N LYS E 1325 11.13 -37.65 11.02
CA LYS E 1325 9.71 -37.49 10.60
C LYS E 1325 9.30 -38.38 9.43
N ALA E 1326 10.23 -38.60 8.50
CA ALA E 1326 10.03 -39.47 7.35
C ALA E 1326 9.44 -40.84 7.73
N ASN E 1327 10.15 -41.54 8.60
CA ASN E 1327 9.76 -42.88 9.02
C ASN E 1327 8.56 -42.91 9.95
N ALA E 1328 8.52 -41.96 10.88
CA ALA E 1328 7.42 -41.85 11.83
C ALA E 1328 6.10 -41.75 11.07
N THR E 1329 6.09 -40.95 10.01
CA THR E 1329 4.94 -40.80 9.13
C THR E 1329 4.59 -42.14 8.51
N ALA E 1330 5.59 -42.80 7.94
CA ALA E 1330 5.40 -44.10 7.29
C ALA E 1330 4.87 -45.15 8.26
N TRP E 1331 5.22 -45.02 9.54
CA TRP E 1331 4.78 -45.97 10.56
C TRP E 1331 3.30 -45.82 10.89
N LEU E 1332 2.87 -44.59 11.08
CA LEU E 1332 1.45 -44.30 11.27
C LEU E 1332 0.63 -44.72 10.05
N LYS E 1333 1.26 -44.69 8.89
CA LYS E 1333 0.64 -45.15 7.66
C LYS E 1333 0.36 -46.63 7.85
N ASP E 1334 1.35 -47.36 8.36
CA ASP E 1334 1.28 -48.83 8.49
C ASP E 1334 0.41 -49.32 9.64
N ASN E 1335 0.16 -48.46 10.61
CA ASN E 1335 -0.68 -48.80 11.75
C ASN E 1335 -1.89 -47.91 11.82
N PRO E 1336 -2.87 -48.13 10.92
CA PRO E 1336 -3.98 -47.20 10.80
C PRO E 1336 -4.79 -47.15 12.08
N GLU E 1337 -4.77 -48.28 12.80
CA GLU E 1337 -5.50 -48.44 14.05
C GLU E 1337 -4.99 -47.50 15.14
N THR E 1338 -3.67 -47.50 15.30
CA THR E 1338 -3.00 -46.65 16.28
C THR E 1338 -3.08 -45.19 15.85
N ALA E 1339 -3.10 -44.95 14.54
CA ALA E 1339 -3.20 -43.60 13.99
C ALA E 1339 -4.53 -42.97 14.36
N LYS E 1340 -5.62 -43.72 14.21
CA LYS E 1340 -6.96 -43.24 14.58
C LYS E 1340 -7.00 -42.85 16.06
N GLU E 1341 -6.37 -43.69 16.89
CA GLU E 1341 -6.30 -43.48 18.33
C GLU E 1341 -5.61 -42.15 18.70
N ILE E 1342 -4.52 -41.83 18.00
CA ILE E 1342 -3.80 -40.60 18.25
C ILE E 1342 -4.59 -39.41 17.71
N GLU E 1343 -5.10 -39.52 16.50
CA GLU E 1343 -5.91 -38.46 15.92
C GLU E 1343 -7.08 -38.08 16.83
N LYS E 1344 -7.82 -39.07 17.31
CA LYS E 1344 -8.97 -38.84 18.18
C LYS E 1344 -8.60 -38.01 19.41
N LYS E 1345 -7.50 -38.39 20.06
CA LYS E 1345 -7.01 -37.68 21.25
C LYS E 1345 -6.59 -36.26 20.93
N VAL E 1346 -5.98 -36.05 19.75
CA VAL E 1346 -5.60 -34.70 19.28
C VAL E 1346 -6.85 -33.83 19.05
N ARG E 1347 -7.85 -34.41 18.40
CA ARG E 1347 -9.11 -33.71 18.18
C ARG E 1347 -9.80 -33.34 19.49
N GLU E 1348 -9.81 -34.25 20.44
CA GLU E 1348 -10.34 -33.94 21.77
C GLU E 1348 -9.53 -32.85 22.44
N LEU E 1349 -8.22 -32.92 22.32
CA LEU E 1349 -7.32 -31.96 22.95
C LEU E 1349 -7.35 -30.57 22.34
N LEU E 1350 -7.69 -30.45 21.05
CA LEU E 1350 -7.49 -29.20 20.32
C LEU E 1350 -8.67 -28.56 19.59
N LEU E 1351 -9.81 -29.26 19.49
CA LEU E 1351 -11.00 -28.69 18.83
C LEU E 1351 -11.77 -27.75 19.74
N SER E 1352 -11.88 -26.49 19.38
CA SER E 1352 -12.52 -25.55 20.32
C SER E 1352 -14.06 -25.62 20.34
N ASN E 1353 -14.66 -26.05 19.24
CA ASN E 1353 -16.11 -26.23 19.19
C ASN E 1353 -16.45 -27.67 18.80
N PRO E 1354 -16.34 -28.63 19.77
CA PRO E 1354 -16.54 -30.06 19.50
C PRO E 1354 -17.89 -30.28 18.82
N ASN E 1355 -18.05 -31.33 18.01
CA ASN E 1355 -19.18 -31.33 17.05
C ASN E 1355 -20.59 -31.70 17.56
N SER E 1356 -21.46 -32.04 16.62
CA SER E 1356 -22.89 -32.30 16.86
C SER E 1356 -23.27 -33.75 16.57
N ALA E 1373 -33.79 -48.00 1.86
CA ALA E 1373 -35.13 -47.35 1.98
C ALA E 1373 -35.01 -45.83 1.99
N ILE E 1374 -33.85 -45.33 2.42
CA ILE E 1374 -33.63 -43.90 2.64
C ILE E 1374 -32.86 -43.22 1.48
N ASP E 1375 -31.78 -43.86 1.03
CA ASP E 1375 -30.95 -43.36 -0.08
C ASP E 1375 -31.50 -43.73 -1.47
N GLU E 1376 -32.56 -44.55 -1.48
CA GLU E 1376 -33.23 -44.96 -2.71
C GLU E 1376 -34.14 -43.84 -3.22
N ASN E 1377 -34.66 -43.04 -2.28
CA ASN E 1377 -35.38 -41.82 -2.60
C ASN E 1377 -34.49 -40.71 -3.13
N LYS E 1378 -33.24 -40.70 -2.68
CA LYS E 1378 -32.24 -39.72 -3.10
C LYS E 1378 -31.92 -39.82 -4.60
N GLN E 1379 -31.80 -41.05 -5.09
CA GLN E 1379 -31.46 -41.29 -6.48
C GLN E 1379 -32.60 -40.99 -7.44
N LYS E 1380 -33.83 -41.02 -6.92
CA LYS E 1380 -35.00 -40.57 -7.66
C LYS E 1380 -34.86 -39.07 -7.98
N ALA E 1381 -34.68 -38.26 -6.94
CA ALA E 1381 -34.56 -36.80 -7.10
C ALA E 1381 -33.24 -36.36 -7.76
N LEU E 1382 -32.22 -37.20 -7.66
CA LEU E 1382 -30.94 -36.97 -8.33
C LEU E 1382 -31.13 -37.07 -9.84
N ALA E 1383 -31.55 -38.24 -10.31
CA ALA E 1383 -31.77 -38.49 -11.73
C ALA E 1383 -32.72 -37.45 -12.32
N ALA E 1384 -33.71 -37.04 -11.52
CA ALA E 1384 -34.64 -35.99 -11.91
C ALA E 1384 -33.95 -34.65 -12.15
N ALA E 1385 -32.97 -34.32 -11.31
CA ALA E 1385 -32.22 -33.09 -11.46
C ALA E 1385 -31.33 -33.11 -12.70
N LEU E 1386 -30.67 -34.24 -12.94
CA LEU E 1386 -29.77 -34.40 -14.09
C LEU E 1386 -30.52 -34.31 -15.43
N GLY E 1387 -31.72 -34.88 -15.50
CA GLY E 1387 -32.57 -34.78 -16.69
C GLY E 1387 -32.93 -33.33 -16.95
N GLN E 1388 -33.40 -32.67 -15.88
CA GLN E 1388 -33.66 -31.24 -15.90
C GLN E 1388 -32.49 -30.46 -16.49
N ILE E 1389 -31.30 -30.67 -15.92
CA ILE E 1389 -30.11 -29.94 -16.29
C ILE E 1389 -29.75 -30.11 -17.76
N GLU E 1390 -29.71 -31.36 -18.22
CA GLU E 1390 -29.24 -31.66 -19.56
C GLU E 1390 -30.20 -31.21 -20.66
N LYS E 1391 -31.50 -31.24 -20.36
CA LYS E 1391 -32.49 -30.73 -21.30
C LYS E 1391 -32.62 -29.21 -21.18
N GLN E 1392 -31.66 -28.60 -20.49
CA GLN E 1392 -31.64 -27.15 -20.28
C GLN E 1392 -30.33 -26.50 -20.70
N PHE E 1393 -29.22 -27.21 -20.52
CA PHE E 1393 -27.90 -26.64 -20.77
C PHE E 1393 -27.04 -27.49 -21.72
N GLY E 1394 -27.70 -28.38 -22.46
CA GLY E 1394 -27.00 -29.10 -23.52
C GLY E 1394 -26.83 -30.58 -23.31
N LYS E 1395 -26.58 -31.28 -24.43
CA LYS E 1395 -26.49 -32.73 -24.51
C LYS E 1395 -25.73 -33.37 -23.34
N GLY E 1396 -24.52 -32.88 -23.08
CA GLY E 1396 -23.68 -33.47 -22.05
C GLY E 1396 -23.00 -32.46 -21.15
N SER E 1397 -23.80 -31.53 -20.62
CA SER E 1397 -23.30 -30.45 -19.78
C SER E 1397 -22.79 -30.95 -18.44
N ILE E 1398 -23.48 -31.94 -17.88
CA ILE E 1398 -23.05 -32.58 -16.63
C ILE E 1398 -22.97 -34.10 -16.79
N MET E 1399 -21.86 -34.69 -16.38
CA MET E 1399 -21.71 -36.14 -16.36
C MET E 1399 -20.66 -36.61 -15.37
N ARG E 1400 -20.59 -37.92 -15.18
CA ARG E 1400 -19.58 -38.52 -14.30
C ARG E 1400 -18.18 -38.35 -14.86
N LEU E 1401 -17.29 -37.80 -14.04
CA LEU E 1401 -15.95 -37.45 -14.46
C LEU E 1401 -15.25 -38.61 -15.17
N GLY E 1402 -15.49 -39.83 -14.69
CA GLY E 1402 -14.79 -41.01 -15.17
C GLY E 1402 -15.09 -41.41 -16.59
N GLU E 1403 -16.20 -40.92 -17.11
CA GLU E 1403 -16.62 -41.27 -18.47
C GLU E 1403 -16.52 -40.11 -19.46
N ASP E 1404 -16.33 -38.90 -18.94
CA ASP E 1404 -16.13 -37.73 -19.80
C ASP E 1404 -14.78 -37.79 -20.53
N ARG E 1405 -14.84 -38.04 -21.85
CA ARG E 1405 -13.65 -38.22 -22.65
C ARG E 1405 -12.92 -36.91 -22.94
N SER E 1406 -13.70 -35.84 -23.14
CA SER E 1406 -13.16 -34.52 -23.44
C SER E 1406 -12.33 -33.94 -22.30
N MET E 1407 -12.27 -34.69 -21.19
CA MET E 1407 -11.58 -34.27 -19.98
C MET E 1407 -10.15 -34.82 -19.90
N ASP E 1408 -9.85 -35.82 -20.71
CA ASP E 1408 -8.54 -36.45 -20.71
C ASP E 1408 -7.50 -35.49 -21.28
N VAL E 1409 -6.25 -35.67 -20.85
CA VAL E 1409 -5.18 -34.72 -21.24
C VAL E 1409 -4.34 -35.23 -22.40
N GLU E 1410 -4.24 -34.42 -23.44
CA GLU E 1410 -3.42 -34.75 -24.61
C GLU E 1410 -2.29 -33.73 -24.73
N THR E 1411 -1.12 -34.16 -25.22
CA THR E 1411 0.03 -33.24 -25.34
C THR E 1411 0.66 -33.13 -26.75
N ILE E 1412 1.43 -32.07 -26.96
CA ILE E 1412 2.16 -31.81 -28.20
C ILE E 1412 3.62 -31.61 -27.84
N SER E 1413 4.53 -32.16 -28.65
CA SER E 1413 5.97 -31.94 -28.46
C SER E 1413 6.31 -30.45 -28.52
N THR E 1414 7.25 -30.03 -27.68
CA THR E 1414 7.72 -28.63 -27.71
C THR E 1414 8.85 -28.42 -28.72
N GLY E 1415 9.35 -29.54 -29.27
CA GLY E 1415 10.50 -29.51 -30.16
C GLY E 1415 11.80 -29.62 -29.39
N SER E 1416 11.69 -29.58 -28.06
CA SER E 1416 12.82 -29.87 -27.19
C SER E 1416 12.51 -31.12 -26.40
N LEU E 1417 13.39 -32.11 -26.50
CA LEU E 1417 13.17 -33.37 -25.84
C LEU E 1417 13.28 -33.22 -24.34
N SER E 1418 14.32 -32.54 -23.89
CA SER E 1418 14.54 -32.37 -22.45
C SER E 1418 13.44 -31.53 -21.83
N LEU E 1419 12.89 -30.58 -22.61
CA LEU E 1419 11.76 -29.81 -22.13
C LEU E 1419 10.53 -30.70 -21.99
N ASP E 1420 10.36 -31.62 -22.92
CA ASP E 1420 9.24 -32.55 -22.89
C ASP E 1420 9.31 -33.46 -21.70
N ILE E 1421 10.53 -33.82 -21.30
CA ILE E 1421 10.73 -34.62 -20.08
C ILE E 1421 10.43 -33.77 -18.84
N ALA E 1422 10.94 -32.54 -18.84
CA ALA E 1422 10.73 -31.61 -17.74
C ALA E 1422 9.26 -31.29 -17.52
N LEU E 1423 8.47 -31.36 -18.59
CA LEU E 1423 7.03 -31.13 -18.49
C LEU E 1423 6.30 -32.27 -17.81
N GLY E 1424 6.97 -33.42 -17.68
CA GLY E 1424 6.38 -34.60 -17.07
C GLY E 1424 5.42 -35.33 -18.00
N ALA E 1425 4.51 -34.59 -18.62
CA ALA E 1425 3.47 -35.18 -19.48
C ALA E 1425 3.97 -35.52 -20.86
N GLY E 1426 5.14 -35.00 -21.23
CA GLY E 1426 5.72 -35.28 -22.53
C GLY E 1426 5.49 -34.18 -23.55
N GLY E 1427 4.82 -33.11 -23.13
CA GLY E 1427 4.57 -31.96 -24.01
C GLY E 1427 3.54 -31.00 -23.45
N LEU E 1428 3.17 -30.00 -24.24
CA LEU E 1428 2.18 -29.01 -23.80
C LEU E 1428 0.75 -29.53 -23.96
N PRO E 1429 -0.15 -29.19 -23.01
CA PRO E 1429 -1.52 -29.71 -23.01
C PRO E 1429 -2.48 -29.01 -23.98
N MET E 1430 -3.18 -29.82 -24.78
CA MET E 1430 -4.17 -29.30 -25.73
C MET E 1430 -5.41 -28.76 -25.04
N GLY E 1431 -5.98 -27.68 -25.59
CA GLY E 1431 -7.18 -27.09 -25.02
C GLY E 1431 -6.94 -26.34 -23.73
N ARG E 1432 -5.67 -26.00 -23.49
CA ARG E 1432 -5.28 -25.26 -22.29
C ARG E 1432 -4.54 -23.98 -22.65
N ILE E 1433 -4.22 -23.17 -21.63
CA ILE E 1433 -3.46 -21.93 -21.84
C ILE E 1433 -2.04 -22.10 -21.32
N VAL E 1434 -1.06 -21.62 -22.09
CA VAL E 1434 0.35 -21.67 -21.70
C VAL E 1434 1.04 -20.30 -21.82
N GLU E 1435 1.89 -19.97 -20.87
CA GLU E 1435 2.68 -18.74 -20.91
C GLU E 1435 4.16 -19.06 -20.96
N ILE E 1436 4.87 -18.42 -21.87
CA ILE E 1436 6.32 -18.44 -21.85
C ILE E 1436 6.84 -17.05 -21.67
N TYR E 1437 7.69 -16.84 -20.67
CA TYR E 1437 8.31 -15.54 -20.48
C TYR E 1437 9.83 -15.69 -20.32
N GLY E 1438 10.55 -14.58 -20.54
CA GLY E 1438 12.00 -14.53 -20.38
C GLY E 1438 12.56 -13.23 -20.88
N PRO E 1439 13.85 -12.98 -20.60
CA PRO E 1439 14.58 -11.79 -21.06
C PRO E 1439 14.54 -11.68 -22.59
N GLU E 1440 15.02 -10.57 -23.13
CA GLU E 1440 15.01 -10.35 -24.58
C GLU E 1440 16.01 -11.25 -25.29
N SER E 1441 15.66 -11.63 -26.51
CA SER E 1441 16.46 -12.58 -27.31
C SER E 1441 16.82 -13.84 -26.52
N SER E 1442 15.88 -14.35 -25.73
CA SER E 1442 16.18 -15.51 -24.92
C SER E 1442 15.81 -16.80 -25.64
N GLY E 1443 14.80 -16.71 -26.52
CA GLY E 1443 14.35 -17.84 -27.32
C GLY E 1443 12.85 -18.00 -27.40
N LYS E 1444 12.12 -17.06 -26.81
CA LYS E 1444 10.65 -17.11 -26.73
C LYS E 1444 9.99 -17.36 -28.11
N THR E 1445 10.17 -16.42 -29.04
CA THR E 1445 9.64 -16.59 -30.41
C THR E 1445 10.09 -17.92 -31.02
N THR E 1446 11.40 -18.13 -31.06
CA THR E 1446 12.01 -19.33 -31.66
C THR E 1446 11.38 -20.61 -31.17
N LEU E 1447 11.36 -20.78 -29.84
CA LEU E 1447 10.80 -21.98 -29.23
C LEU E 1447 9.36 -22.19 -29.69
N THR E 1448 8.58 -21.12 -29.62
CA THR E 1448 7.21 -21.12 -30.08
C THR E 1448 7.09 -21.71 -31.50
N LEU E 1449 7.90 -21.19 -32.42
CA LEU E 1449 7.86 -21.63 -33.80
C LEU E 1449 8.20 -23.11 -33.95
N GLN E 1450 9.11 -23.58 -33.13
CA GLN E 1450 9.46 -25.00 -33.12
C GLN E 1450 8.27 -25.91 -32.75
N VAL E 1451 7.40 -25.46 -31.86
CA VAL E 1451 6.24 -26.26 -31.50
C VAL E 1451 5.20 -26.21 -32.59
N ILE E 1452 5.10 -25.07 -33.27
CA ILE E 1452 4.24 -24.93 -34.45
C ILE E 1452 4.69 -25.91 -35.53
N ALA E 1453 5.99 -25.89 -35.82
CA ALA E 1453 6.59 -26.79 -36.78
C ALA E 1453 6.22 -28.21 -36.43
N ALA E 1454 6.45 -28.59 -35.17
CA ALA E 1454 6.16 -29.91 -34.64
C ALA E 1454 4.70 -30.31 -34.85
N ALA E 1455 3.79 -29.41 -34.50
CA ALA E 1455 2.36 -29.64 -34.65
C ALA E 1455 1.90 -29.76 -36.11
N GLN E 1456 2.56 -29.02 -37.00
CA GLN E 1456 2.25 -29.05 -38.42
C GLN E 1456 2.73 -30.35 -39.03
N ARG E 1457 3.82 -30.89 -38.48
CA ARG E 1457 4.39 -32.13 -38.94
C ARG E 1457 3.41 -33.29 -38.71
N GLU E 1458 2.58 -33.14 -37.68
CA GLU E 1458 1.50 -34.09 -37.41
C GLU E 1458 0.19 -33.63 -38.02
N GLY E 1459 0.25 -32.52 -38.77
CA GLY E 1459 -0.90 -32.04 -39.54
C GLY E 1459 -1.92 -31.19 -38.77
N LYS E 1460 -1.48 -30.48 -37.76
CA LYS E 1460 -2.40 -29.62 -37.05
C LYS E 1460 -2.36 -28.22 -37.68
N THR E 1461 -3.47 -27.48 -37.57
CA THR E 1461 -3.53 -26.13 -38.11
C THR E 1461 -3.09 -25.14 -37.05
N CYS E 1462 -2.17 -24.26 -37.41
CA CYS E 1462 -1.67 -23.25 -36.48
C CYS E 1462 -1.96 -21.81 -36.89
N ALA E 1463 -1.97 -20.93 -35.91
CA ALA E 1463 -2.12 -19.52 -36.13
C ALA E 1463 -1.12 -18.78 -35.27
N PHE E 1464 -0.62 -17.67 -35.79
CA PHE E 1464 0.34 -16.86 -35.08
C PHE E 1464 -0.16 -15.42 -35.03
N ILE E 1465 -0.12 -14.82 -33.83
CA ILE E 1465 -0.52 -13.43 -33.67
C ILE E 1465 0.69 -12.54 -33.37
N ASP E 1466 1.27 -11.95 -34.41
CA ASP E 1466 2.52 -11.19 -34.28
C ASP E 1466 2.27 -9.76 -33.81
N ALA E 1467 1.75 -9.62 -32.60
CA ALA E 1467 1.45 -8.30 -32.05
C ALA E 1467 2.74 -7.51 -31.87
N GLU E 1468 3.84 -8.24 -31.65
CA GLU E 1468 5.15 -7.62 -31.50
C GLU E 1468 5.64 -7.05 -32.85
N HIS E 1469 4.95 -7.43 -33.93
CA HIS E 1469 5.26 -7.00 -35.29
C HIS E 1469 6.73 -7.20 -35.64
N ALA E 1470 7.22 -8.42 -35.45
CA ALA E 1470 8.67 -8.66 -35.57
C ALA E 1470 9.05 -10.01 -36.17
N LEU E 1471 8.07 -10.88 -36.40
CA LEU E 1471 8.31 -12.23 -36.94
C LEU E 1471 8.88 -12.24 -38.37
N ASP E 1472 10.01 -12.93 -38.56
CA ASP E 1472 10.66 -13.02 -39.87
C ASP E 1472 10.26 -14.34 -40.54
N PRO E 1473 9.46 -14.27 -41.62
CA PRO E 1473 8.98 -15.46 -42.30
C PRO E 1473 10.10 -16.42 -42.73
N ILE E 1474 11.18 -15.87 -43.30
CA ILE E 1474 12.29 -16.69 -43.81
C ILE E 1474 12.94 -17.52 -42.70
N TYR E 1475 13.19 -16.87 -41.56
CA TYR E 1475 13.73 -17.55 -40.38
C TYR E 1475 12.76 -18.58 -39.84
N ALA E 1476 11.46 -18.26 -39.86
CA ALA E 1476 10.45 -19.21 -39.45
C ALA E 1476 10.51 -20.47 -40.31
N ARG E 1477 10.70 -20.29 -41.61
CA ARG E 1477 10.82 -21.41 -42.52
C ARG E 1477 12.09 -22.20 -42.27
N LYS E 1478 13.18 -21.50 -41.99
CA LYS E 1478 14.46 -22.14 -41.64
C LYS E 1478 14.31 -23.02 -40.40
N LEU E 1479 13.38 -22.64 -39.52
CA LEU E 1479 13.12 -23.40 -38.30
C LEU E 1479 12.24 -24.58 -38.60
N GLY E 1480 11.70 -24.62 -39.81
CA GLY E 1480 10.93 -25.77 -40.30
C GLY E 1480 9.43 -25.61 -40.17
N VAL E 1481 8.96 -24.37 -40.19
CA VAL E 1481 7.53 -24.09 -40.16
C VAL E 1481 6.99 -24.08 -41.60
N ASP E 1482 5.77 -24.58 -41.77
CA ASP E 1482 5.08 -24.49 -43.04
C ASP E 1482 4.47 -23.10 -43.15
N ILE E 1483 5.20 -22.20 -43.82
CA ILE E 1483 4.82 -20.80 -43.93
C ILE E 1483 3.51 -20.67 -44.67
N ASP E 1484 3.35 -21.42 -45.76
CA ASP E 1484 2.19 -21.30 -46.63
C ASP E 1484 0.89 -21.65 -45.95
N ASN E 1485 0.97 -22.45 -44.88
CA ASN E 1485 -0.23 -22.87 -44.16
C ASN E 1485 -0.36 -22.33 -42.76
N LEU E 1486 0.66 -21.62 -42.30
CA LEU E 1486 0.61 -20.98 -40.99
C LEU E 1486 -0.20 -19.69 -41.11
N LEU E 1487 -1.37 -19.73 -40.48
CA LEU E 1487 -2.20 -18.53 -40.40
C LEU E 1487 -1.49 -17.51 -39.56
N CYS E 1488 -1.61 -16.26 -39.96
CA CYS E 1488 -0.85 -15.23 -39.31
C CYS E 1488 -1.58 -13.90 -39.34
N SER E 1489 -1.55 -13.18 -38.22
CA SER E 1489 -2.15 -11.87 -38.15
C SER E 1489 -1.31 -10.89 -37.35
N GLN E 1490 -1.11 -9.69 -37.91
CA GLN E 1490 -0.55 -8.57 -37.17
C GLN E 1490 -1.70 -7.62 -36.86
N PRO E 1491 -2.26 -7.73 -35.65
CA PRO E 1491 -3.45 -6.97 -35.28
C PRO E 1491 -3.11 -5.52 -34.93
N ASP E 1492 -4.11 -4.66 -34.93
CA ASP E 1492 -3.89 -3.24 -34.66
C ASP E 1492 -4.06 -2.90 -33.19
N THR E 1493 -5.17 -3.33 -32.59
CA THR E 1493 -5.37 -3.16 -31.15
C THR E 1493 -5.20 -4.51 -30.44
N GLY E 1494 -5.10 -4.47 -29.12
CA GLY E 1494 -5.02 -5.70 -28.31
C GLY E 1494 -6.32 -6.45 -28.30
N GLU E 1495 -7.43 -5.72 -28.19
CA GLU E 1495 -8.77 -6.31 -28.23
C GLU E 1495 -8.99 -7.05 -29.52
N GLN E 1496 -8.53 -6.47 -30.62
CA GLN E 1496 -8.58 -7.12 -31.93
C GLN E 1496 -7.87 -8.46 -31.89
N ALA E 1497 -6.63 -8.46 -31.40
CA ALA E 1497 -5.83 -9.68 -31.27
C ALA E 1497 -6.58 -10.77 -30.52
N LEU E 1498 -7.15 -10.41 -29.37
CA LEU E 1498 -7.84 -11.38 -28.52
C LEU E 1498 -9.17 -11.83 -29.10
N GLU E 1499 -9.93 -10.89 -29.67
CA GLU E 1499 -11.17 -11.21 -30.38
C GLU E 1499 -10.92 -12.21 -31.50
N ILE E 1500 -9.81 -12.03 -32.20
CA ILE E 1500 -9.40 -12.97 -33.24
C ILE E 1500 -9.25 -14.36 -32.64
N CYS E 1501 -8.53 -14.46 -31.53
CA CYS E 1501 -8.35 -15.74 -30.85
C CYS E 1501 -9.67 -16.39 -30.56
N ASP E 1502 -10.55 -15.64 -29.91
CA ASP E 1502 -11.87 -16.12 -29.54
C ASP E 1502 -12.66 -16.68 -30.74
N ALA E 1503 -12.52 -16.03 -31.90
CA ALA E 1503 -13.12 -16.51 -33.15
C ALA E 1503 -12.47 -17.81 -33.60
N LEU E 1504 -11.15 -17.85 -33.59
CA LEU E 1504 -10.40 -19.04 -33.99
C LEU E 1504 -10.57 -20.20 -33.02
N ALA E 1505 -10.77 -19.88 -31.75
CA ALA E 1505 -11.06 -20.90 -30.75
C ALA E 1505 -12.42 -21.52 -31.07
N ARG E 1506 -13.46 -20.69 -31.03
CA ARG E 1506 -14.82 -21.13 -31.33
C ARG E 1506 -14.98 -21.85 -32.67
N SER E 1507 -14.18 -21.47 -33.67
CA SER E 1507 -14.27 -22.08 -34.99
C SER E 1507 -13.99 -23.57 -34.91
N GLY E 1508 -13.09 -23.95 -34.00
CA GLY E 1508 -12.69 -25.35 -33.84
C GLY E 1508 -11.85 -25.88 -35.00
N ALA E 1509 -11.39 -24.94 -35.84
CA ALA E 1509 -10.61 -25.27 -37.02
C ALA E 1509 -9.12 -25.21 -36.71
N VAL E 1510 -8.73 -24.27 -35.86
CA VAL E 1510 -7.34 -24.14 -35.44
C VAL E 1510 -7.06 -24.97 -34.19
N ASP E 1511 -5.88 -25.60 -34.19
CA ASP E 1511 -5.45 -26.48 -33.13
C ASP E 1511 -4.50 -25.79 -32.15
N VAL E 1512 -3.63 -24.93 -32.68
CA VAL E 1512 -2.68 -24.20 -31.83
C VAL E 1512 -2.54 -22.75 -32.30
N ILE E 1513 -2.72 -21.84 -31.33
CA ILE E 1513 -2.60 -20.39 -31.54
C ILE E 1513 -1.50 -19.84 -30.62
N VAL E 1514 -0.63 -19.01 -31.16
CA VAL E 1514 0.36 -18.33 -30.34
C VAL E 1514 0.28 -16.82 -30.52
N VAL E 1515 0.33 -16.12 -29.39
CA VAL E 1515 0.33 -14.66 -29.36
C VAL E 1515 1.73 -14.16 -28.97
N ASP E 1516 2.40 -13.43 -29.89
CA ASP E 1516 3.75 -12.93 -29.64
C ASP E 1516 3.72 -11.59 -28.90
N SER E 1517 4.06 -11.69 -27.61
CA SER E 1517 4.12 -10.63 -26.59
C SER E 1517 2.75 -10.13 -26.13
N VAL E 1518 2.33 -10.55 -24.94
CA VAL E 1518 1.17 -9.92 -24.33
C VAL E 1518 1.58 -8.48 -24.04
N ALA E 1519 2.89 -8.29 -23.83
CA ALA E 1519 3.47 -6.97 -23.69
C ALA E 1519 2.99 -6.02 -24.79
N ALA E 1520 2.85 -6.56 -26.00
CA ALA E 1520 2.47 -5.78 -27.16
C ALA E 1520 0.95 -5.68 -27.41
N LEU E 1521 0.15 -6.26 -26.51
CA LEU E 1521 -1.30 -6.21 -26.61
C LEU E 1521 -1.87 -4.88 -26.13
N THR E 1522 -1.62 -3.82 -26.89
CA THR E 1522 -1.99 -2.46 -26.52
C THR E 1522 -3.49 -2.26 -26.63
N PRO E 1523 -4.14 -1.88 -25.52
CA PRO E 1523 -5.58 -1.59 -25.54
C PRO E 1523 -5.98 -0.48 -26.51
N LYS E 1524 -7.21 -0.57 -26.99
CA LYS E 1524 -7.74 0.33 -28.00
C LYS E 1524 -7.57 1.77 -27.57
N ALA E 1525 -8.03 2.06 -26.35
CA ALA E 1525 -8.03 3.43 -25.80
C ALA E 1525 -6.62 4.00 -25.69
N GLU E 1526 -5.63 3.13 -25.50
CA GLU E 1526 -4.25 3.55 -25.38
C GLU E 1526 -3.67 4.04 -26.71
N ALA E 1540 -4.48 -4.82 -17.99
CA ALA E 1540 -4.65 -5.97 -17.08
C ALA E 1540 -6.09 -6.40 -16.95
N ARG E 1541 -6.99 -5.41 -16.88
CA ARG E 1541 -8.42 -5.64 -16.80
C ARG E 1541 -8.90 -6.25 -18.10
N MET E 1542 -8.24 -5.89 -19.21
CA MET E 1542 -8.57 -6.44 -20.50
C MET E 1542 -8.20 -7.90 -20.56
N MET E 1543 -6.99 -8.22 -20.09
CA MET E 1543 -6.51 -9.60 -19.99
C MET E 1543 -7.42 -10.48 -19.16
N SER E 1544 -7.86 -9.95 -18.04
CA SER E 1544 -8.68 -10.67 -17.10
C SER E 1544 -10.02 -11.05 -17.71
N GLN E 1545 -10.53 -10.17 -18.56
CA GLN E 1545 -11.76 -10.43 -19.30
C GLN E 1545 -11.52 -11.46 -20.39
N ALA E 1546 -10.39 -11.35 -21.08
CA ALA E 1546 -10.05 -12.27 -22.15
C ALA E 1546 -9.97 -13.70 -21.60
N MET E 1547 -9.27 -13.88 -20.48
CA MET E 1547 -9.12 -15.19 -19.86
C MET E 1547 -10.45 -15.88 -19.65
N ARG E 1548 -11.36 -15.21 -18.97
CA ARG E 1548 -12.70 -15.71 -18.71
C ARG E 1548 -13.40 -16.24 -19.97
N LYS E 1549 -13.36 -15.46 -21.06
CA LYS E 1549 -14.01 -15.82 -22.32
C LYS E 1549 -13.31 -16.98 -23.04
N LEU E 1550 -11.98 -17.02 -22.97
CA LEU E 1550 -11.22 -17.97 -23.76
C LEU E 1550 -11.17 -19.38 -23.18
N ALA E 1551 -11.03 -19.50 -21.87
CA ALA E 1551 -10.94 -20.80 -21.20
C ALA E 1551 -11.98 -21.79 -21.71
N GLY E 1552 -13.25 -21.38 -21.68
CA GLY E 1552 -14.37 -22.20 -22.13
C GLY E 1552 -14.31 -22.60 -23.59
N ASN E 1553 -14.03 -21.63 -24.45
CA ASN E 1553 -13.94 -21.85 -25.89
C ASN E 1553 -12.73 -22.65 -26.33
N LEU E 1554 -11.67 -22.62 -25.53
CA LEU E 1554 -10.45 -23.35 -25.86
C LEU E 1554 -10.51 -24.84 -25.54
N LYS E 1555 -11.20 -25.19 -24.44
CA LYS E 1555 -11.36 -26.59 -24.04
C LYS E 1555 -12.34 -27.30 -24.95
N GLN E 1556 -13.50 -26.70 -25.17
CA GLN E 1556 -14.53 -27.31 -26.03
C GLN E 1556 -14.10 -27.44 -27.49
N SER E 1557 -13.02 -26.74 -27.85
CA SER E 1557 -12.43 -26.80 -29.21
C SER E 1557 -11.16 -27.63 -29.23
N ASN E 1558 -10.69 -28.02 -28.05
CA ASN E 1558 -9.41 -28.65 -27.88
C ASN E 1558 -8.31 -27.88 -28.64
N THR E 1559 -8.21 -26.58 -28.33
CA THR E 1559 -7.26 -25.69 -28.98
C THR E 1559 -6.22 -25.17 -27.98
N LEU E 1560 -4.93 -25.35 -28.29
CA LEU E 1560 -3.85 -24.85 -27.44
C LEU E 1560 -3.57 -23.36 -27.72
N LEU E 1561 -3.37 -22.58 -26.67
CA LEU E 1561 -2.99 -21.16 -26.80
C LEU E 1561 -1.74 -20.84 -25.98
N ILE E 1562 -0.70 -20.37 -26.66
CA ILE E 1562 0.53 -19.95 -25.99
C ILE E 1562 0.71 -18.42 -26.03
N PHE E 1563 0.85 -17.82 -24.86
CA PHE E 1563 1.18 -16.40 -24.79
C PHE E 1563 2.66 -16.22 -24.51
N ILE E 1564 3.34 -15.49 -25.39
CA ILE E 1564 4.71 -15.08 -25.07
C ILE E 1564 4.66 -13.78 -24.26
N ASN E 1565 5.46 -13.70 -23.21
CA ASN E 1565 5.47 -12.49 -22.38
C ASN E 1565 6.89 -12.00 -22.12
N GLN E 1566 7.02 -10.69 -21.91
CA GLN E 1566 8.28 -10.09 -21.58
C GLN E 1566 8.41 -9.91 -20.08
N ILE E 1567 9.62 -9.62 -19.64
CA ILE E 1567 9.87 -9.33 -18.23
C ILE E 1567 9.98 -7.83 -17.98
N ARG E 1568 9.29 -7.36 -16.95
CA ARG E 1568 9.47 -5.99 -16.46
C ARG E 1568 10.00 -6.04 -15.03
N ASN E 1577 12.20 -11.82 -5.81
CA ASN E 1577 12.83 -11.33 -7.03
C ASN E 1577 12.07 -10.13 -7.57
N PRO E 1578 12.78 -9.19 -8.22
CA PRO E 1578 12.13 -7.97 -8.67
C PRO E 1578 11.54 -8.05 -10.07
N GLU E 1579 11.22 -9.27 -10.52
CA GLU E 1579 10.71 -9.49 -11.88
C GLU E 1579 9.21 -9.75 -11.94
N THR E 1580 8.53 -9.13 -12.92
CA THR E 1580 7.16 -9.51 -13.23
C THR E 1580 6.94 -9.72 -14.72
N THR E 1581 5.67 -9.70 -15.06
CA THR E 1581 5.14 -10.14 -16.31
C THR E 1581 4.07 -9.13 -16.68
N THR E 1582 4.05 -8.67 -17.93
CA THR E 1582 3.08 -7.66 -18.35
C THR E 1582 1.66 -8.23 -18.39
N GLY E 1583 0.67 -7.36 -18.21
CA GLY E 1583 -0.73 -7.76 -18.34
C GLY E 1583 -1.34 -8.41 -17.11
N GLY E 1584 -0.91 -7.93 -15.94
CA GLY E 1584 -1.53 -8.28 -14.67
C GLY E 1584 -1.45 -9.73 -14.24
N ASN E 1585 -2.38 -10.10 -13.36
CA ASN E 1585 -2.34 -11.38 -12.69
C ASN E 1585 -3.21 -12.44 -13.34
N ALA E 1586 -4.11 -12.02 -14.22
CA ALA E 1586 -5.05 -12.93 -14.86
C ALA E 1586 -4.38 -14.17 -15.44
N LEU E 1587 -3.37 -13.96 -16.27
CA LEU E 1587 -2.73 -15.05 -16.98
C LEU E 1587 -2.01 -16.06 -16.09
N LYS E 1588 -1.40 -15.58 -14.99
CA LYS E 1588 -0.74 -16.46 -14.02
C LYS E 1588 -1.67 -17.62 -13.62
N PHE E 1589 -2.92 -17.28 -13.30
CA PHE E 1589 -3.90 -18.22 -12.77
C PHE E 1589 -4.41 -19.21 -13.82
N TYR E 1590 -4.76 -18.68 -15.00
CA TYR E 1590 -5.40 -19.47 -16.02
C TYR E 1590 -4.44 -20.38 -16.75
N ALA E 1591 -3.16 -20.01 -16.81
CA ALA E 1591 -2.17 -20.84 -17.52
C ALA E 1591 -2.04 -22.19 -16.82
N SER E 1592 -2.00 -23.25 -17.63
CA SER E 1592 -1.83 -24.62 -17.10
C SER E 1592 -0.35 -24.97 -17.01
N VAL E 1593 0.45 -24.32 -17.87
CA VAL E 1593 1.91 -24.40 -17.83
C VAL E 1593 2.54 -23.00 -17.96
N ARG E 1594 3.59 -22.74 -17.17
CA ARG E 1594 4.30 -21.46 -17.25
C ARG E 1594 5.79 -21.71 -17.35
N LEU E 1595 6.39 -21.19 -18.41
CA LEU E 1595 7.78 -21.46 -18.70
C LEU E 1595 8.66 -20.24 -18.55
N ASP E 1596 9.84 -20.44 -17.98
CA ASP E 1596 10.85 -19.37 -17.83
C ASP E 1596 12.10 -19.72 -18.63
N ILE E 1597 12.26 -19.10 -19.78
CA ILE E 1597 13.40 -19.36 -20.67
C ILE E 1597 14.50 -18.29 -20.55
N ARG E 1598 15.75 -18.73 -20.55
CA ARG E 1598 16.90 -17.84 -20.39
C ARG E 1598 18.13 -18.29 -21.17
N ARG E 1599 18.79 -17.32 -21.82
CA ARG E 1599 20.07 -17.58 -22.48
C ARG E 1599 21.15 -17.63 -21.40
N ILE E 1600 21.84 -18.76 -21.30
CA ILE E 1600 22.80 -18.96 -20.21
C ILE E 1600 24.25 -18.93 -20.68
N GLY E 1601 24.48 -19.11 -21.98
CA GLY E 1601 25.83 -19.12 -22.54
C GLY E 1601 25.84 -19.04 -24.06
N ALA E 1602 27.03 -18.94 -24.64
CA ALA E 1602 27.16 -18.87 -26.09
C ALA E 1602 27.66 -20.18 -26.64
N VAL E 1603 27.08 -20.61 -27.77
CA VAL E 1603 27.55 -21.81 -28.47
C VAL E 1603 28.64 -21.36 -29.44
N LYS E 1604 29.89 -21.59 -29.06
CA LYS E 1604 31.03 -21.07 -29.81
C LYS E 1604 31.60 -21.99 -30.88
N GLU E 1605 32.37 -21.40 -31.79
CA GLU E 1605 32.96 -22.10 -32.93
C GLU E 1605 34.38 -21.59 -33.13
N GLY E 1606 35.17 -21.68 -32.07
CA GLY E 1606 36.50 -21.08 -32.05
C GLY E 1606 36.35 -19.57 -31.98
N GLU E 1607 36.05 -18.97 -33.12
CA GLU E 1607 35.82 -17.53 -33.21
C GLU E 1607 34.34 -17.21 -33.16
N ASN E 1608 33.55 -17.98 -33.90
CA ASN E 1608 32.14 -17.67 -34.12
C ASN E 1608 31.21 -18.00 -32.98
N VAL E 1609 30.14 -17.20 -32.85
CA VAL E 1609 29.04 -17.52 -31.95
C VAL E 1609 27.92 -18.04 -32.85
N VAL E 1610 27.66 -19.33 -32.79
CA VAL E 1610 26.71 -19.96 -33.71
C VAL E 1610 25.35 -20.29 -33.06
N GLY E 1611 25.26 -20.12 -31.75
CA GLY E 1611 24.03 -20.44 -31.02
C GLY E 1611 23.98 -19.91 -29.59
N SER E 1612 22.81 -20.09 -28.96
CA SER E 1612 22.60 -19.73 -27.57
C SER E 1612 22.36 -20.97 -26.74
N GLU E 1613 23.19 -21.16 -25.72
CA GLU E 1613 22.94 -22.16 -24.67
C GLU E 1613 21.72 -21.71 -23.86
N THR E 1614 20.79 -22.62 -23.65
CA THR E 1614 19.46 -22.22 -23.18
C THR E 1614 18.98 -23.09 -22.03
N ARG E 1615 18.30 -22.46 -21.08
CA ARG E 1615 17.70 -23.16 -19.95
C ARG E 1615 16.27 -22.73 -19.73
N VAL E 1616 15.37 -23.68 -19.65
CA VAL E 1616 13.96 -23.41 -19.40
C VAL E 1616 13.57 -24.02 -18.05
N LYS E 1617 12.84 -23.27 -17.22
CA LYS E 1617 12.30 -23.78 -15.95
C LYS E 1617 10.79 -23.92 -16.07
N VAL E 1618 10.24 -25.05 -15.68
CA VAL E 1618 8.80 -25.14 -15.56
C VAL E 1618 8.41 -24.48 -14.23
N VAL E 1619 7.71 -23.34 -14.32
CA VAL E 1619 7.45 -22.53 -13.15
C VAL E 1619 6.05 -22.77 -12.60
N LYS E 1620 5.12 -23.05 -13.49
CA LYS E 1620 3.81 -23.57 -13.08
C LYS E 1620 3.46 -24.84 -13.87
N ASN E 1621 2.83 -25.79 -13.17
CA ASN E 1621 2.42 -27.03 -13.82
C ASN E 1621 1.14 -27.61 -13.23
N LYS E 1622 0.09 -27.59 -14.05
CA LYS E 1622 -1.21 -28.13 -13.67
C LYS E 1622 -1.39 -29.53 -14.28
N ILE E 1623 -0.34 -29.97 -14.99
CA ILE E 1623 -0.40 -31.17 -15.78
C ILE E 1623 0.47 -32.29 -15.20
N ALA E 1624 1.57 -31.92 -14.56
CA ALA E 1624 2.50 -32.85 -13.91
C ALA E 1624 3.18 -32.11 -12.76
N ALA E 1625 4.17 -32.73 -12.13
CA ALA E 1625 4.98 -32.06 -11.11
C ALA E 1625 5.73 -30.86 -11.72
N PRO E 1626 5.68 -29.70 -11.04
CA PRO E 1626 6.36 -28.49 -11.52
C PRO E 1626 7.84 -28.43 -11.14
N PHE E 1627 8.53 -27.38 -11.59
CA PHE E 1627 9.89 -27.03 -11.16
C PHE E 1627 11.02 -27.90 -11.70
N LYS E 1628 10.73 -28.75 -12.67
CA LYS E 1628 11.78 -29.43 -13.42
C LYS E 1628 12.33 -28.45 -14.44
N GLN E 1629 13.60 -28.60 -14.82
CA GLN E 1629 14.20 -27.69 -15.78
C GLN E 1629 14.95 -28.41 -16.87
N ALA E 1630 14.94 -27.82 -18.06
CA ALA E 1630 15.59 -28.39 -19.24
C ALA E 1630 16.61 -27.43 -19.81
N GLU E 1631 17.75 -27.94 -20.23
CA GLU E 1631 18.74 -27.13 -20.93
C GLU E 1631 18.89 -27.66 -22.33
N PHE E 1632 19.32 -26.81 -23.25
CA PHE E 1632 19.58 -27.22 -24.63
C PHE E 1632 20.26 -26.12 -25.44
N GLN E 1633 20.44 -26.36 -26.74
CA GLN E 1633 21.08 -25.39 -27.61
C GLN E 1633 20.13 -24.90 -28.66
N ILE E 1634 20.09 -23.58 -28.85
CA ILE E 1634 19.44 -22.98 -30.01
C ILE E 1634 20.54 -22.60 -30.98
N LEU E 1635 20.58 -23.30 -32.10
CA LEU E 1635 21.52 -23.00 -33.15
C LEU E 1635 20.84 -22.01 -34.10
N TYR E 1636 21.46 -20.83 -34.22
CA TYR E 1636 20.90 -19.75 -35.05
C TYR E 1636 20.69 -20.21 -36.48
N GLY E 1637 19.46 -20.04 -36.95
CA GLY E 1637 19.11 -20.40 -38.31
C GLY E 1637 18.72 -21.86 -38.49
N GLU E 1638 18.75 -22.61 -37.39
CA GLU E 1638 18.41 -24.02 -37.44
C GLU E 1638 17.31 -24.33 -36.45
N GLY E 1639 17.50 -23.90 -35.21
CA GLY E 1639 16.51 -24.11 -34.17
C GLY E 1639 17.08 -24.83 -32.97
N ILE E 1640 16.20 -25.45 -32.20
CA ILE E 1640 16.57 -26.28 -31.06
C ILE E 1640 17.40 -27.46 -31.61
N ASN E 1641 18.70 -27.31 -31.51
CA ASN E 1641 19.68 -28.33 -31.74
C ASN E 1641 19.28 -29.67 -31.14
N PHE E 1642 18.52 -30.45 -31.92
CA PHE E 1642 17.96 -31.71 -31.49
C PHE E 1642 19.05 -32.73 -31.20
N TYR E 1643 20.00 -32.85 -32.14
CA TYR E 1643 21.07 -33.83 -31.99
C TYR E 1643 21.98 -33.48 -30.83
N GLY E 1644 22.14 -32.18 -30.60
CA GLY E 1644 22.83 -31.70 -29.42
C GLY E 1644 22.23 -32.32 -28.18
N GLU E 1645 20.91 -32.12 -28.01
CA GLU E 1645 20.17 -32.70 -26.88
C GLU E 1645 20.45 -34.19 -26.82
N LEU E 1646 20.37 -34.85 -27.97
CA LEU E 1646 20.47 -36.31 -28.04
C LEU E 1646 21.82 -36.81 -27.52
N VAL E 1647 22.89 -36.11 -27.88
CA VAL E 1647 24.21 -36.43 -27.38
C VAL E 1647 24.21 -36.36 -25.86
N ASP E 1648 23.79 -35.22 -25.32
CA ASP E 1648 23.80 -35.03 -23.88
C ASP E 1648 22.95 -36.04 -23.11
N LEU E 1649 21.73 -36.23 -23.59
CA LEU E 1649 20.83 -37.18 -22.98
C LEU E 1649 21.42 -38.58 -23.04
N GLY E 1650 22.04 -38.93 -24.16
CA GLY E 1650 22.65 -40.25 -24.33
C GLY E 1650 23.82 -40.53 -23.39
N VAL E 1651 24.67 -39.52 -23.19
CA VAL E 1651 25.82 -39.61 -22.28
C VAL E 1651 25.34 -39.75 -20.85
N LYS E 1652 24.27 -39.01 -20.54
CA LYS E 1652 23.68 -38.98 -19.21
C LYS E 1652 23.10 -40.33 -18.83
N GLU E 1653 22.51 -41.02 -19.81
CA GLU E 1653 21.90 -42.33 -19.57
C GLU E 1653 22.89 -43.46 -19.76
N LYS E 1654 24.15 -43.13 -20.03
CA LYS E 1654 25.23 -44.10 -20.22
C LYS E 1654 25.10 -44.94 -21.52
N LEU E 1655 24.36 -44.40 -22.49
CA LEU E 1655 24.22 -45.04 -23.80
C LEU E 1655 25.36 -44.60 -24.69
N ILE E 1656 25.89 -43.41 -24.44
CA ILE E 1656 27.08 -42.90 -25.13
C ILE E 1656 28.21 -42.76 -24.11
N GLU E 1657 29.39 -43.25 -24.48
CA GLU E 1657 30.56 -43.21 -23.62
C GLU E 1657 31.32 -41.90 -23.82
N LYS E 1658 31.68 -41.25 -22.72
CA LYS E 1658 32.50 -40.04 -22.81
C LYS E 1658 33.84 -40.20 -22.10
N ALA E 1659 34.89 -40.44 -22.89
CA ALA E 1659 36.26 -40.55 -22.39
C ALA E 1659 36.98 -39.20 -22.54
N GLY E 1660 36.70 -38.29 -21.62
CA GLY E 1660 37.24 -36.93 -21.65
C GLY E 1660 36.60 -36.09 -22.74
N ALA E 1661 37.30 -35.96 -23.86
CA ALA E 1661 36.81 -35.21 -25.01
C ALA E 1661 36.31 -36.15 -26.12
N TRP E 1662 36.49 -37.45 -25.92
CA TRP E 1662 36.10 -38.46 -26.89
C TRP E 1662 34.75 -39.11 -26.58
N TYR E 1663 33.92 -39.22 -27.61
CA TYR E 1663 32.59 -39.80 -27.49
C TYR E 1663 32.52 -41.13 -28.22
N SER E 1664 32.15 -42.18 -27.51
CA SER E 1664 32.04 -43.52 -28.09
C SER E 1664 30.63 -44.07 -28.00
N TYR E 1665 30.16 -44.72 -29.06
CA TYR E 1665 28.91 -45.48 -29.00
C TYR E 1665 29.13 -46.95 -29.34
N LYS E 1666 28.81 -47.83 -28.39
CA LYS E 1666 29.02 -49.26 -28.54
C LYS E 1666 30.42 -49.60 -28.99
N GLY E 1667 31.42 -48.97 -28.39
CA GLY E 1667 32.82 -49.25 -28.69
C GLY E 1667 33.40 -48.45 -29.84
N GLU E 1668 32.54 -48.04 -30.78
CA GLU E 1668 32.95 -47.24 -31.92
C GLU E 1668 33.04 -45.76 -31.52
N LYS E 1669 34.20 -45.15 -31.74
CA LYS E 1669 34.39 -43.74 -31.45
C LYS E 1669 33.66 -42.90 -32.49
N ILE E 1670 32.80 -41.98 -32.04
CA ILE E 1670 31.94 -41.24 -32.96
C ILE E 1670 32.23 -39.74 -33.08
N GLY E 1671 33.04 -39.21 -32.16
CA GLY E 1671 33.42 -37.81 -32.23
C GLY E 1671 34.46 -37.40 -31.20
N GLN E 1672 34.97 -36.20 -31.38
CA GLN E 1672 35.85 -35.60 -30.41
C GLN E 1672 35.22 -34.28 -30.03
N GLY E 1673 34.65 -34.22 -28.82
CA GLY E 1673 33.93 -33.04 -28.35
C GLY E 1673 32.53 -32.96 -28.93
N LYS E 1674 31.58 -32.50 -28.11
CA LYS E 1674 30.15 -32.45 -28.45
C LYS E 1674 29.85 -32.00 -29.90
N ALA E 1675 30.66 -31.07 -30.41
CA ALA E 1675 30.56 -30.59 -31.78
C ALA E 1675 30.47 -31.73 -32.82
N ASN E 1676 31.47 -32.60 -32.81
CA ASN E 1676 31.56 -33.69 -33.78
C ASN E 1676 30.59 -34.83 -33.52
N ALA E 1677 30.40 -35.18 -32.25
CA ALA E 1677 29.45 -36.21 -31.84
C ALA E 1677 28.06 -35.89 -32.39
N THR E 1678 27.66 -34.63 -32.28
CA THR E 1678 26.41 -34.12 -32.84
C THR E 1678 26.39 -34.35 -34.35
N ALA E 1679 27.45 -33.92 -35.02
CA ALA E 1679 27.56 -34.04 -36.47
C ALA E 1679 27.53 -35.51 -36.92
N TRP E 1680 28.00 -36.41 -36.08
CA TRP E 1680 28.02 -37.83 -36.41
C TRP E 1680 26.63 -38.43 -36.37
N LEU E 1681 25.87 -38.09 -35.33
CA LEU E 1681 24.47 -38.52 -35.22
C LEU E 1681 23.66 -37.96 -36.36
N LYS E 1682 24.06 -36.81 -36.85
CA LYS E 1682 23.45 -36.19 -37.99
C LYS E 1682 23.66 -37.11 -39.18
N ASP E 1683 24.88 -37.62 -39.32
CA ASP E 1683 25.26 -38.45 -40.48
C ASP E 1683 24.75 -39.87 -40.43
N ASN E 1684 24.41 -40.35 -39.23
CA ASN E 1684 23.87 -41.69 -39.06
C ASN E 1684 22.46 -41.64 -38.50
N PRO E 1685 21.49 -41.27 -39.34
CA PRO E 1685 20.16 -41.04 -38.82
C PRO E 1685 19.56 -42.33 -38.26
N GLU E 1686 20.01 -43.46 -38.79
CA GLU E 1686 19.55 -44.78 -38.39
C GLU E 1686 19.91 -45.09 -36.95
N THR E 1687 21.17 -44.85 -36.61
CA THR E 1687 21.68 -45.08 -35.27
C THR E 1687 21.11 -44.06 -34.32
N ALA E 1688 20.84 -42.87 -34.83
CA ALA E 1688 20.26 -41.79 -34.02
C ALA E 1688 18.87 -42.15 -33.54
N LYS E 1689 18.04 -42.69 -34.44
CA LYS E 1689 16.70 -43.14 -34.08
C LYS E 1689 16.77 -44.20 -32.98
N GLU E 1690 17.75 -45.10 -33.11
CA GLU E 1690 17.96 -46.19 -32.16
C GLU E 1690 18.25 -45.68 -30.75
N ILE E 1691 19.07 -44.65 -30.66
CA ILE E 1691 19.42 -44.05 -29.36
C ILE E 1691 18.24 -43.28 -28.79
N GLU E 1692 17.61 -42.48 -29.64
CA GLU E 1692 16.45 -41.70 -29.24
C GLU E 1692 15.37 -42.59 -28.64
N LYS E 1693 15.03 -43.67 -29.34
CA LYS E 1693 14.01 -44.61 -28.89
C LYS E 1693 14.30 -45.12 -27.48
N LYS E 1694 15.56 -45.53 -27.24
CA LYS E 1694 15.97 -46.03 -25.93
C LYS E 1694 15.90 -44.98 -24.84
N VAL E 1695 16.24 -43.74 -25.19
CA VAL E 1695 16.13 -42.61 -24.25
C VAL E 1695 14.66 -42.37 -23.88
N ARG E 1696 13.79 -42.38 -24.88
CA ARG E 1696 12.35 -42.19 -24.68
C ARG E 1696 11.78 -43.28 -23.78
N GLU E 1697 12.18 -44.53 -24.02
CA GLU E 1697 11.78 -45.64 -23.16
C GLU E 1697 12.31 -45.46 -21.75
N LEU E 1698 13.57 -45.03 -21.64
CA LEU E 1698 14.22 -44.83 -20.35
C LEU E 1698 13.67 -43.66 -19.54
N LEU E 1699 13.15 -42.62 -20.20
CA LEU E 1699 12.86 -41.36 -19.52
C LEU E 1699 11.44 -40.77 -19.61
N LEU E 1700 10.56 -41.36 -20.42
CA LEU E 1700 9.17 -40.86 -20.52
C LEU E 1700 8.24 -41.39 -19.41
N VAL F 12 73.75 -14.32 -32.16
CA VAL F 12 72.58 -14.67 -31.29
C VAL F 12 71.83 -15.91 -31.82
N GLU F 13 71.64 -16.89 -30.94
CA GLU F 13 70.91 -18.09 -31.27
C GLU F 13 69.66 -18.18 -30.40
N THR F 14 68.58 -18.75 -30.93
CA THR F 14 67.32 -18.82 -30.16
C THR F 14 66.70 -20.22 -30.04
N ILE F 15 65.80 -20.36 -29.06
CA ILE F 15 65.06 -21.61 -28.78
C ILE F 15 63.58 -21.29 -28.80
N SER F 16 62.77 -22.16 -29.40
CA SER F 16 61.31 -22.00 -29.39
C SER F 16 60.76 -21.93 -27.96
N THR F 17 59.73 -21.10 -27.75
CA THR F 17 59.08 -21.00 -26.44
C THR F 17 57.94 -21.99 -26.32
N GLY F 18 57.62 -22.65 -27.42
CA GLY F 18 56.50 -23.58 -27.46
C GLY F 18 55.22 -22.86 -27.82
N SER F 19 55.29 -21.54 -27.89
CA SER F 19 54.21 -20.73 -28.44
C SER F 19 54.70 -20.05 -29.71
N LEU F 20 53.97 -20.28 -30.79
CA LEU F 20 54.34 -19.71 -32.08
C LEU F 20 54.17 -18.20 -32.06
N SER F 21 53.03 -17.72 -31.57
CA SER F 21 52.77 -16.30 -31.58
C SER F 21 53.74 -15.56 -30.66
N LEU F 22 54.18 -16.22 -29.60
CA LEU F 22 55.16 -15.64 -28.69
C LEU F 22 56.49 -15.54 -29.40
N ASP F 23 56.81 -16.56 -30.19
CA ASP F 23 58.05 -16.57 -30.95
C ASP F 23 58.08 -15.45 -31.98
N ILE F 24 56.92 -15.11 -32.52
CA ILE F 24 56.82 -14.02 -33.47
C ILE F 24 56.97 -12.70 -32.72
N ALA F 25 56.28 -12.60 -31.58
CA ALA F 25 56.34 -11.42 -30.73
C ALA F 25 57.75 -11.12 -30.21
N LEU F 26 58.57 -12.16 -30.05
CA LEU F 26 59.96 -11.99 -29.65
C LEU F 26 60.82 -11.38 -30.74
N GLY F 27 60.32 -11.38 -31.98
CA GLY F 27 61.05 -10.87 -33.14
C GLY F 27 62.12 -11.84 -33.64
N ALA F 28 62.93 -12.35 -32.72
CA ALA F 28 64.05 -13.23 -33.05
C ALA F 28 63.61 -14.65 -33.37
N GLY F 29 62.41 -15.01 -32.96
CA GLY F 29 61.90 -16.35 -33.20
C GLY F 29 61.99 -17.27 -31.99
N GLY F 30 62.50 -16.73 -30.88
CA GLY F 30 62.59 -17.48 -29.64
C GLY F 30 63.47 -16.80 -28.61
N LEU F 31 63.70 -17.49 -27.49
CA LEU F 31 64.53 -16.95 -26.41
C LEU F 31 66.04 -17.12 -26.68
N PRO F 32 66.85 -16.11 -26.31
CA PRO F 32 68.27 -16.12 -26.64
C PRO F 32 69.14 -17.00 -25.73
N MET F 33 69.96 -17.85 -26.36
CA MET F 33 70.91 -18.71 -25.66
C MET F 33 72.05 -17.92 -25.02
N GLY F 34 72.47 -18.34 -23.82
CA GLY F 34 73.58 -17.68 -23.13
C GLY F 34 73.20 -16.35 -22.52
N ARG F 35 71.90 -16.12 -22.40
CA ARG F 35 71.37 -14.87 -21.84
C ARG F 35 70.46 -15.16 -20.65
N ILE F 36 70.01 -14.08 -19.99
CA ILE F 36 69.10 -14.19 -18.85
C ILE F 36 67.70 -13.74 -19.27
N VAL F 37 66.68 -14.49 -18.84
CA VAL F 37 65.30 -14.15 -19.13
C VAL F 37 64.43 -14.18 -17.86
N GLU F 38 63.55 -13.20 -17.74
CA GLU F 38 62.58 -13.17 -16.64
C GLU F 38 61.14 -13.29 -17.15
N ILE F 39 60.35 -14.17 -16.53
CA ILE F 39 58.92 -14.21 -16.76
C ILE F 39 58.20 -13.93 -15.44
N TYR F 40 57.31 -12.94 -15.45
CA TYR F 40 56.50 -12.65 -14.27
C TYR F 40 55.05 -12.53 -14.64
N GLY F 41 54.18 -12.65 -13.64
CA GLY F 41 52.74 -12.55 -13.82
C GLY F 41 51.99 -12.97 -12.57
N PRO F 42 50.67 -12.74 -12.53
CA PRO F 42 49.78 -13.11 -11.43
C PRO F 42 49.82 -14.60 -11.17
N GLU F 43 49.20 -15.04 -10.07
CA GLU F 43 49.21 -16.47 -9.73
C GLU F 43 48.36 -17.30 -10.68
N SER F 44 48.81 -18.53 -10.91
CA SER F 44 48.16 -19.45 -11.86
C SER F 44 47.99 -18.79 -13.24
N SER F 45 48.99 -18.04 -13.69
CA SER F 45 48.84 -17.33 -14.96
C SER F 45 49.40 -18.15 -16.12
N GLY F 46 50.39 -18.98 -15.80
CA GLY F 46 51.00 -19.86 -16.78
C GLY F 46 52.51 -19.90 -16.72
N LYS F 47 53.08 -19.21 -15.73
CA LYS F 47 54.54 -19.09 -15.60
C LYS F 47 55.26 -20.46 -15.62
N THR F 48 54.98 -21.32 -14.65
CA THR F 48 55.57 -22.66 -14.59
C THR F 48 55.32 -23.41 -15.91
N THR F 49 54.04 -23.52 -16.30
CA THR F 49 53.60 -24.25 -17.51
C THR F 49 54.39 -23.84 -18.73
N LEU F 50 54.44 -22.54 -19.02
CA LEU F 50 55.16 -22.02 -20.19
C LEU F 50 56.61 -22.45 -20.17
N THR F 51 57.22 -22.27 -19.01
CA THR F 51 58.60 -22.67 -18.78
C THR F 51 58.83 -24.12 -19.20
N LEU F 52 57.99 -25.02 -18.70
CA LEU F 52 58.12 -26.44 -19.00
C LEU F 52 57.99 -26.75 -20.49
N GLN F 53 57.15 -25.98 -21.18
CA GLN F 53 56.97 -26.10 -22.63
C GLN F 53 58.25 -25.79 -23.39
N VAL F 54 59.03 -24.82 -22.89
CA VAL F 54 60.30 -24.50 -23.55
C VAL F 54 61.35 -25.56 -23.26
N ILE F 55 61.29 -26.14 -22.05
CA ILE F 55 62.15 -27.26 -21.71
C ILE F 55 61.86 -28.44 -22.63
N ALA F 56 60.57 -28.76 -22.76
CA ALA F 56 60.11 -29.82 -23.65
C ALA F 56 60.68 -29.59 -25.04
N ALA F 57 60.48 -28.37 -25.56
CA ALA F 57 60.95 -27.96 -26.88
C ALA F 57 62.45 -28.16 -27.05
N ALA F 58 63.21 -27.70 -26.06
CA ALA F 58 64.67 -27.82 -26.06
C ALA F 58 65.18 -29.27 -25.98
N GLN F 59 64.43 -30.11 -25.28
CA GLN F 59 64.78 -31.52 -25.14
C GLN F 59 64.50 -32.26 -26.42
N ARG F 60 63.50 -31.80 -27.15
CA ARG F 60 63.11 -32.41 -28.42
C ARG F 60 64.23 -32.23 -29.43
N GLU F 61 65.02 -31.17 -29.28
CA GLU F 61 66.20 -30.95 -30.10
C GLU F 61 67.44 -31.51 -29.41
N GLY F 62 67.26 -32.16 -28.26
CA GLY F 62 68.34 -32.83 -27.54
C GLY F 62 69.22 -31.96 -26.65
N LYS F 63 68.66 -30.89 -26.09
CA LYS F 63 69.42 -30.07 -25.17
C LYS F 63 69.20 -30.55 -23.74
N THR F 64 70.20 -30.37 -22.89
CA THR F 64 70.08 -30.77 -21.47
C THR F 64 69.48 -29.63 -20.65
N CYS F 65 68.46 -29.97 -19.87
CA CYS F 65 67.78 -28.98 -19.04
C CYS F 65 67.88 -29.25 -17.55
N ALA F 66 67.75 -28.18 -16.77
CA ALA F 66 67.71 -28.27 -15.34
C ALA F 66 66.60 -27.37 -14.82
N PHE F 67 65.96 -27.79 -13.74
CA PHE F 67 64.87 -27.05 -13.15
C PHE F 67 65.16 -26.86 -11.66
N ILE F 68 65.00 -25.63 -11.18
CA ILE F 68 65.22 -25.34 -9.77
C ILE F 68 63.90 -24.97 -9.08
N ASP F 69 63.25 -25.98 -8.48
CA ASP F 69 61.91 -25.82 -7.94
C ASP F 69 61.94 -25.22 -6.53
N ALA F 70 62.40 -23.98 -6.43
CA ALA F 70 62.50 -23.30 -5.15
C ALA F 70 61.13 -23.08 -4.55
N GLU F 71 60.13 -22.99 -5.43
CA GLU F 71 58.75 -22.81 -5.02
C GLU F 71 58.20 -24.12 -4.40
N HIS F 72 58.96 -25.21 -4.60
CA HIS F 72 58.62 -26.54 -4.08
C HIS F 72 57.22 -26.96 -4.46
N ALA F 73 56.89 -26.89 -5.74
CA ALA F 73 55.50 -27.09 -6.18
C ALA F 73 55.30 -27.81 -7.51
N LEU F 74 56.40 -28.09 -8.21
CA LEU F 74 56.36 -28.76 -9.51
C LEU F 74 55.83 -30.19 -9.47
N ASP F 75 54.83 -30.47 -10.29
CA ASP F 75 54.23 -31.80 -10.36
C ASP F 75 54.81 -32.58 -11.53
N PRO F 76 55.60 -33.64 -11.25
CA PRO F 76 56.26 -34.41 -12.30
C PRO F 76 55.29 -34.95 -13.35
N ILE F 77 54.18 -35.52 -12.93
CA ILE F 77 53.21 -36.13 -13.84
C ILE F 77 52.67 -35.11 -14.84
N TYR F 78 52.31 -33.92 -14.34
CA TYR F 78 51.84 -32.82 -15.20
C TYR F 78 52.95 -32.35 -16.14
N ALA F 79 54.17 -32.30 -15.64
CA ALA F 79 55.30 -31.94 -16.48
C ALA F 79 55.42 -32.89 -17.64
N ARG F 80 55.22 -34.18 -17.36
CA ARG F 80 55.29 -35.19 -18.41
C ARG F 80 54.15 -35.03 -19.39
N LYS F 81 52.95 -34.71 -18.87
CA LYS F 81 51.78 -34.47 -19.71
C LYS F 81 52.02 -33.32 -20.66
N LEU F 82 52.87 -32.39 -20.25
CA LEU F 82 53.22 -31.23 -21.08
C LEU F 82 54.25 -31.63 -22.10
N GLY F 83 54.83 -32.80 -21.92
CA GLY F 83 55.75 -33.36 -22.91
C GLY F 83 57.21 -33.18 -22.55
N VAL F 84 57.50 -33.11 -21.26
CA VAL F 84 58.87 -32.99 -20.80
C VAL F 84 59.43 -34.38 -20.60
N ASP F 85 60.71 -34.56 -20.93
CA ASP F 85 61.41 -35.80 -20.60
C ASP F 85 61.82 -35.79 -19.15
N ILE F 86 60.98 -36.40 -18.31
CA ILE F 86 61.15 -36.38 -16.86
C ILE F 86 62.47 -37.04 -16.47
N ASP F 87 62.77 -38.18 -17.10
CA ASP F 87 63.90 -39.01 -16.74
C ASP F 87 65.23 -38.31 -16.97
N ASN F 88 65.24 -37.33 -17.87
CA ASN F 88 66.46 -36.61 -18.18
C ASN F 88 66.49 -35.15 -17.74
N LEU F 89 65.36 -34.68 -17.22
CA LEU F 89 65.29 -33.33 -16.69
C LEU F 89 65.93 -33.31 -15.32
N LEU F 90 67.09 -32.66 -15.23
CA LEU F 90 67.74 -32.43 -13.95
C LEU F 90 66.87 -31.51 -13.13
N CYS F 91 66.83 -31.79 -11.84
CA CYS F 91 65.91 -31.08 -10.97
C CYS F 91 66.43 -30.98 -9.54
N SER F 92 66.27 -29.81 -8.95
CA SER F 92 66.70 -29.59 -7.57
C SER F 92 65.70 -28.73 -6.81
N GLN F 93 65.36 -29.19 -5.61
CA GLN F 93 64.63 -28.37 -4.67
C GLN F 93 65.64 -27.94 -3.60
N PRO F 94 66.20 -26.72 -3.74
CA PRO F 94 67.26 -26.25 -2.85
C PRO F 94 66.70 -25.80 -1.51
N ASP F 95 67.57 -25.68 -0.52
CA ASP F 95 67.15 -25.29 0.84
C ASP F 95 67.26 -23.79 1.08
N THR F 96 68.40 -23.21 0.73
CA THR F 96 68.54 -21.76 0.79
C THR F 96 68.56 -21.16 -0.62
N GLY F 97 68.42 -19.84 -0.73
CA GLY F 97 68.49 -19.15 -2.01
C GLY F 97 69.89 -19.18 -2.58
N GLU F 98 70.88 -18.97 -1.72
CA GLU F 98 72.29 -19.00 -2.10
C GLU F 98 72.63 -20.35 -2.71
N GLN F 99 72.10 -21.41 -2.10
CA GLN F 99 72.28 -22.77 -2.60
C GLN F 99 71.76 -22.88 -4.03
N ALA F 100 70.53 -22.43 -4.24
CA ALA F 100 69.90 -22.43 -5.57
C ALA F 100 70.78 -21.74 -6.61
N LEU F 101 71.30 -20.57 -6.27
CA LEU F 101 72.09 -19.78 -7.21
C LEU F 101 73.48 -20.35 -7.42
N GLU F 102 74.10 -20.82 -6.34
CA GLU F 102 75.38 -21.49 -6.42
C GLU F 102 75.31 -22.71 -7.33
N ILE F 103 74.20 -23.43 -7.24
CA ILE F 103 73.94 -24.56 -8.14
C ILE F 103 73.98 -24.11 -9.60
N CYS F 104 73.24 -23.04 -9.92
CA CYS F 104 73.24 -22.49 -11.25
C CYS F 104 74.65 -22.20 -11.74
N ASP F 105 75.39 -21.47 -10.92
CA ASP F 105 76.76 -21.09 -11.24
C ASP F 105 77.62 -22.30 -11.58
N ALA F 106 77.40 -23.40 -10.86
CA ALA F 106 78.10 -24.67 -11.14
C ALA F 106 77.66 -25.25 -12.47
N LEU F 107 76.35 -25.30 -12.69
CA LEU F 107 75.78 -25.83 -13.93
C LEU F 107 76.10 -24.96 -15.13
N ALA F 108 76.22 -23.65 -14.92
CA ALA F 108 76.63 -22.75 -15.98
C ALA F 108 78.08 -23.08 -16.36
N ARG F 109 78.99 -22.94 -15.41
CA ARG F 109 80.41 -23.22 -15.61
C ARG F 109 80.70 -24.60 -16.18
N SER F 110 79.89 -25.58 -15.81
CA SER F 110 80.07 -26.95 -16.30
C SER F 110 80.02 -27.02 -17.82
N GLY F 111 79.18 -26.18 -18.41
CA GLY F 111 78.97 -26.14 -19.87
C GLY F 111 78.23 -27.37 -20.37
N ALA F 112 77.65 -28.12 -19.45
CA ALA F 112 76.94 -29.35 -19.77
C ALA F 112 75.45 -29.09 -19.95
N VAL F 113 74.91 -28.18 -19.16
CA VAL F 113 73.51 -27.80 -19.23
C VAL F 113 73.32 -26.66 -20.23
N ASP F 114 72.25 -26.76 -21.00
CA ASP F 114 71.91 -25.78 -22.03
C ASP F 114 70.84 -24.78 -21.57
N VAL F 115 69.86 -25.27 -20.81
CA VAL F 115 68.81 -24.38 -20.29
C VAL F 115 68.47 -24.69 -18.82
N ILE F 116 68.50 -23.64 -17.99
CA ILE F 116 68.20 -23.72 -16.57
C ILE F 116 67.03 -22.80 -16.28
N VAL F 117 66.05 -23.31 -15.53
CA VAL F 117 64.96 -22.47 -15.05
C VAL F 117 64.83 -22.54 -13.52
N VAL F 118 64.67 -21.35 -12.93
CA VAL F 118 64.46 -21.17 -11.50
C VAL F 118 62.99 -20.78 -11.23
N ASP F 119 62.25 -21.65 -10.52
CA ASP F 119 60.84 -21.39 -10.24
C ASP F 119 60.67 -20.53 -9.00
N SER F 120 60.34 -19.27 -9.25
CA SER F 120 60.10 -18.18 -8.30
C SER F 120 61.36 -17.62 -7.65
N VAL F 121 61.81 -16.47 -8.13
CA VAL F 121 62.86 -15.76 -7.42
C VAL F 121 62.26 -15.35 -6.09
N ALA F 122 60.95 -15.17 -6.09
CA ALA F 122 60.18 -14.94 -4.87
C ALA F 122 60.55 -15.93 -3.76
N ALA F 123 60.79 -17.18 -4.16
CA ALA F 123 61.06 -18.26 -3.22
C ALA F 123 62.53 -18.44 -2.88
N LEU F 124 63.39 -17.58 -3.44
CA LEU F 124 64.83 -17.63 -3.19
C LEU F 124 65.20 -17.01 -1.85
N THR F 125 64.83 -17.70 -0.77
CA THR F 125 65.01 -17.21 0.59
C THR F 125 66.47 -17.25 1.02
N PRO F 126 67.05 -16.08 1.38
CA PRO F 126 68.42 -16.02 1.84
C PRO F 126 68.66 -16.89 3.05
N LYS F 127 69.91 -17.34 3.20
CA LYS F 127 70.32 -18.23 4.26
C LYS F 127 69.95 -17.67 5.63
N ALA F 128 70.35 -16.43 5.89
CA ALA F 128 70.14 -15.75 7.16
C ALA F 128 68.66 -15.64 7.54
N GLU F 129 67.81 -15.57 6.52
CA GLU F 129 66.37 -15.44 6.72
C GLU F 129 65.79 -16.75 7.30
N ILE F 130 66.42 -17.87 6.93
CA ILE F 130 65.94 -19.23 7.22
C ILE F 130 66.09 -19.76 8.65
N GLU F 131 67.28 -19.66 9.25
CA GLU F 131 67.51 -20.15 10.64
C GLU F 131 67.07 -19.10 11.65
N GLY F 132 66.86 -17.88 11.16
CA GLY F 132 66.44 -16.76 11.98
C GLY F 132 64.93 -16.53 11.90
N GLU F 133 64.37 -16.12 13.04
CA GLU F 133 62.92 -16.02 13.25
C GLU F 133 62.14 -15.19 12.23
N ILE F 134 60.81 -15.39 12.24
CA ILE F 134 59.87 -14.64 11.43
C ILE F 134 59.58 -13.33 12.16
N GLY F 135 59.87 -12.21 11.50
CA GLY F 135 59.63 -10.88 12.07
C GLY F 135 60.91 -10.09 12.30
N ASP F 136 62.02 -10.65 11.83
CA ASP F 136 63.30 -9.94 11.79
C ASP F 136 63.61 -9.75 10.33
N SER F 137 62.96 -8.75 9.73
CA SER F 137 63.07 -8.55 8.29
C SER F 137 64.53 -8.29 7.93
N HIS F 138 64.98 -9.07 6.96
CA HIS F 138 66.29 -8.87 6.37
C HIS F 138 66.10 -7.93 5.21
N MET F 139 66.24 -6.64 5.53
CA MET F 139 65.94 -5.53 4.64
C MET F 139 66.27 -5.87 3.21
N GLY F 140 65.31 -6.52 2.55
CA GLY F 140 65.47 -7.07 1.21
C GLY F 140 66.87 -7.59 0.95
N LEU F 141 67.47 -8.24 1.95
CA LEU F 141 68.81 -8.81 1.84
C LEU F 141 68.86 -9.57 0.53
N ALA F 142 67.73 -10.25 0.24
CA ALA F 142 67.50 -10.95 -1.02
C ALA F 142 67.84 -10.11 -2.26
N ALA F 143 67.61 -8.79 -2.21
CA ALA F 143 67.92 -7.95 -3.38
C ALA F 143 69.42 -7.84 -3.60
N ARG F 144 70.16 -7.67 -2.51
CA ARG F 144 71.61 -7.58 -2.54
C ARG F 144 72.21 -8.92 -2.97
N MET F 145 71.55 -10.01 -2.59
CA MET F 145 71.96 -11.34 -2.97
C MET F 145 71.80 -11.53 -4.47
N MET F 146 70.64 -11.14 -4.98
CA MET F 146 70.35 -11.18 -6.42
C MET F 146 71.37 -10.40 -7.24
N SER F 147 71.70 -9.21 -6.75
CA SER F 147 72.60 -8.32 -7.43
C SER F 147 73.99 -8.91 -7.56
N GLN F 148 74.39 -9.66 -6.55
CA GLN F 148 75.66 -10.37 -6.58
C GLN F 148 75.61 -11.55 -7.53
N ALA F 149 74.48 -12.27 -7.51
CA ALA F 149 74.28 -13.42 -8.39
C ALA F 149 74.40 -13.02 -9.86
N MET F 150 73.71 -11.95 -10.24
CA MET F 150 73.72 -11.47 -11.61
C MET F 150 75.13 -11.26 -12.14
N ARG F 151 75.92 -10.50 -11.40
CA ARG F 151 77.32 -10.24 -11.75
C ARG F 151 78.09 -11.52 -12.09
N LYS F 152 77.99 -12.51 -11.21
CA LYS F 152 78.70 -13.78 -11.36
C LYS F 152 78.18 -14.63 -12.52
N LEU F 153 76.87 -14.60 -12.73
CA LEU F 153 76.25 -15.50 -13.70
C LEU F 153 76.40 -15.07 -15.16
N ALA F 154 76.24 -13.77 -15.41
CA ALA F 154 76.31 -13.24 -16.77
C ALA F 154 77.50 -13.80 -17.54
N GLY F 155 78.69 -13.68 -16.95
CA GLY F 155 79.93 -14.16 -17.58
C GLY F 155 79.93 -15.65 -17.85
N ASN F 156 79.53 -16.42 -16.84
CA ASN F 156 79.53 -17.87 -16.94
C ASN F 156 78.44 -18.43 -17.87
N LEU F 157 77.37 -17.67 -18.07
CA LEU F 157 76.28 -18.10 -18.92
C LEU F 157 76.55 -17.89 -20.41
N LYS F 158 77.26 -16.81 -20.76
CA LYS F 158 77.60 -16.54 -22.15
C LYS F 158 78.69 -17.49 -22.63
N GLN F 159 79.77 -17.63 -21.85
CA GLN F 159 80.89 -18.49 -22.23
C GLN F 159 80.51 -19.97 -22.27
N SER F 160 79.35 -20.30 -21.71
CA SER F 160 78.82 -21.67 -21.72
C SER F 160 77.70 -21.80 -22.73
N ASN F 161 77.26 -20.68 -23.28
CA ASN F 161 76.05 -20.64 -24.11
C ASN F 161 74.84 -21.35 -23.44
N THR F 162 74.55 -20.93 -22.20
CA THR F 162 73.51 -21.54 -21.38
C THR F 162 72.40 -20.52 -21.11
N LEU F 163 71.16 -20.88 -21.42
CA LEU F 163 69.98 -20.03 -21.14
C LEU F 163 69.50 -20.20 -19.70
N LEU F 164 69.17 -19.07 -19.05
CA LEU F 164 68.61 -19.09 -17.69
C LEU F 164 67.33 -18.27 -17.62
N ILE F 165 66.24 -18.93 -17.22
CA ILE F 165 64.95 -18.26 -17.06
C ILE F 165 64.56 -18.17 -15.60
N PHE F 166 64.29 -16.96 -15.13
CA PHE F 166 63.78 -16.77 -13.79
C PHE F 166 62.28 -16.53 -13.82
N ILE F 167 61.52 -17.34 -13.11
CA ILE F 167 60.12 -17.05 -12.91
C ILE F 167 59.97 -16.15 -11.68
N ASN F 168 59.16 -15.11 -11.82
CA ASN F 168 58.94 -14.19 -10.73
C ASN F 168 57.46 -13.93 -10.46
N GLN F 169 57.17 -13.59 -9.20
CA GLN F 169 55.82 -13.25 -8.78
C GLN F 169 55.65 -11.76 -8.76
N ILE F 170 54.40 -11.32 -8.68
CA ILE F 170 54.06 -9.91 -8.58
C ILE F 170 53.72 -9.53 -7.14
N ARG F 171 54.34 -8.45 -6.67
CA ARG F 171 53.97 -7.85 -5.40
C ARG F 171 53.44 -6.45 -5.68
N MET F 172 52.68 -5.88 -4.75
CA MET F 172 52.19 -4.51 -4.92
C MET F 172 53.21 -3.51 -4.34
N LYS F 173 53.00 -2.23 -4.62
CA LYS F 173 53.78 -1.17 -4.02
C LYS F 173 52.84 -0.10 -3.54
N ILE F 174 53.13 0.45 -2.37
CA ILE F 174 52.22 1.37 -1.73
C ILE F 174 52.62 2.78 -2.19
N GLY F 175 52.08 3.82 -1.56
CA GLY F 175 52.42 5.23 -1.87
C GLY F 175 52.66 5.50 -3.34
N VAL F 176 51.88 4.83 -4.19
CA VAL F 176 52.12 4.76 -5.62
C VAL F 176 50.94 5.35 -6.40
N MET F 177 50.88 6.68 -6.39
CA MET F 177 49.79 7.40 -6.99
C MET F 177 50.27 7.97 -8.33
N PHE F 178 50.73 7.07 -9.21
CA PHE F 178 51.44 7.43 -10.45
C PHE F 178 50.97 6.70 -11.72
N GLY F 179 51.27 5.40 -11.79
CA GLY F 179 51.31 4.58 -13.01
C GLY F 179 50.86 3.18 -12.65
N ASN F 180 51.78 2.21 -12.51
CA ASN F 180 51.23 0.93 -12.00
C ASN F 180 51.82 0.53 -10.66
N PRO F 181 50.98 -0.04 -9.78
CA PRO F 181 51.46 -0.34 -8.44
C PRO F 181 52.09 -1.72 -8.33
N GLU F 182 52.58 -2.26 -9.45
CA GLU F 182 53.12 -3.62 -9.45
C GLU F 182 54.64 -3.67 -9.49
N THR F 183 55.23 -4.58 -8.71
CA THR F 183 56.66 -4.87 -8.86
C THR F 183 56.94 -6.35 -8.90
N THR F 184 58.21 -6.66 -8.69
CA THR F 184 58.82 -7.94 -8.93
C THR F 184 59.75 -8.18 -7.75
N THR F 185 59.73 -9.38 -7.18
CA THR F 185 60.56 -9.67 -6.00
C THR F 185 62.04 -9.71 -6.34
N GLY F 186 62.89 -9.43 -5.37
CA GLY F 186 64.34 -9.55 -5.57
C GLY F 186 65.01 -8.35 -6.21
N GLY F 187 64.50 -7.17 -5.91
CA GLY F 187 65.14 -5.91 -6.29
C GLY F 187 65.25 -5.62 -7.77
N ASN F 188 66.21 -4.76 -8.11
CA ASN F 188 66.34 -4.20 -9.44
C ASN F 188 67.36 -4.90 -10.31
N ALA F 189 68.19 -5.74 -9.68
CA ALA F 189 69.28 -6.41 -10.37
C ALA F 189 68.81 -7.12 -11.64
N LEU F 190 67.78 -7.95 -11.50
CA LEU F 190 67.32 -8.78 -12.60
C LEU F 190 66.73 -8.00 -13.78
N LYS F 191 66.04 -6.90 -13.50
CA LYS F 191 65.49 -6.01 -14.55
C LYS F 191 66.55 -5.68 -15.61
N PHE F 192 67.74 -5.30 -15.12
CA PHE F 192 68.83 -4.83 -15.96
C PHE F 192 69.51 -5.94 -16.75
N TYR F 193 69.81 -7.04 -16.07
CA TYR F 193 70.56 -8.11 -16.69
C TYR F 193 69.76 -8.96 -17.65
N ALA F 194 68.44 -9.02 -17.46
CA ALA F 194 67.59 -9.81 -18.35
C ALA F 194 67.63 -9.26 -19.78
N SER F 195 67.77 -10.15 -20.75
CA SER F 195 67.78 -9.76 -22.15
C SER F 195 66.35 -9.74 -22.70
N VAL F 196 65.49 -10.55 -22.07
CA VAL F 196 64.06 -10.59 -22.38
C VAL F 196 63.25 -10.60 -21.06
N ARG F 197 62.16 -9.83 -21.01
CA ARG F 197 61.26 -9.81 -19.86
C ARG F 197 59.83 -9.98 -20.31
N LEU F 198 59.18 -11.01 -19.78
CA LEU F 198 57.82 -11.40 -20.21
C LEU F 198 56.77 -11.17 -19.13
N ASP F 199 55.62 -10.66 -19.55
CA ASP F 199 54.50 -10.43 -18.66
C ASP F 199 53.33 -11.29 -19.11
N ILE F 200 53.10 -12.38 -18.40
CA ILE F 200 52.03 -13.34 -18.72
C ILE F 200 50.77 -13.18 -17.83
N ARG F 201 49.60 -13.26 -18.45
CA ARG F 201 48.36 -13.07 -17.75
C ARG F 201 47.23 -13.92 -18.31
N ARG F 202 46.44 -14.48 -17.39
CA ARG F 202 45.22 -15.21 -17.76
C ARG F 202 44.14 -14.18 -18.06
N ILE F 203 43.61 -14.20 -19.29
CA ILE F 203 42.67 -13.18 -19.73
C ILE F 203 41.24 -13.68 -19.84
N GLY F 204 41.07 -15.00 -19.93
CA GLY F 204 39.74 -15.60 -20.04
C GLY F 204 39.75 -17.10 -19.84
N ALA F 205 38.57 -17.70 -19.86
CA ALA F 205 38.45 -19.13 -19.68
C ALA F 205 38.16 -19.81 -21.02
N VAL F 206 38.82 -20.95 -21.26
CA VAL F 206 38.53 -21.80 -22.43
C VAL F 206 37.41 -22.77 -22.06
N LYS F 207 36.18 -22.45 -22.48
CA LYS F 207 35.00 -23.18 -22.03
C LYS F 207 34.60 -24.32 -22.92
N GLU F 208 33.76 -25.20 -22.38
CA GLU F 208 33.29 -26.42 -23.04
C GLU F 208 31.81 -26.63 -22.74
N GLY F 209 31.01 -25.61 -23.01
CA GLY F 209 29.61 -25.57 -22.60
C GLY F 209 29.55 -25.36 -21.10
N GLU F 210 29.79 -26.44 -20.36
CA GLU F 210 29.82 -26.39 -18.90
C GLU F 210 31.23 -26.27 -18.38
N ASN F 211 32.14 -27.05 -18.96
CA ASN F 211 33.51 -27.20 -18.45
C ASN F 211 34.47 -26.06 -18.76
N VAL F 212 35.40 -25.83 -17.83
CA VAL F 212 36.51 -24.94 -18.06
C VAL F 212 37.71 -25.85 -18.31
N VAL F 213 38.15 -25.90 -19.56
CA VAL F 213 39.20 -26.82 -19.98
C VAL F 213 40.58 -26.16 -20.20
N GLY F 214 40.61 -24.82 -20.16
CA GLY F 214 41.85 -24.07 -20.34
C GLY F 214 41.81 -22.60 -19.95
N SER F 215 42.97 -21.96 -20.02
CA SER F 215 43.12 -20.53 -19.75
C SER F 215 43.50 -19.81 -21.02
N GLU F 216 42.68 -18.84 -21.40
CA GLU F 216 43.06 -17.91 -22.45
C GLU F 216 44.19 -17.03 -21.92
N THR F 217 45.24 -16.87 -22.71
CA THR F 217 46.48 -16.31 -22.20
C THR F 217 47.05 -15.20 -23.09
N ARG F 218 47.62 -14.18 -22.46
CA ARG F 218 48.29 -13.10 -23.17
C ARG F 218 49.64 -12.79 -22.54
N VAL F 219 50.67 -12.75 -23.38
CA VAL F 219 52.02 -12.44 -22.93
C VAL F 219 52.44 -11.12 -23.59
N LYS F 220 53.02 -10.22 -22.82
CA LYS F 220 53.63 -9.01 -23.35
C LYS F 220 55.16 -9.09 -23.27
N VAL F 221 55.85 -8.77 -24.36
CA VAL F 221 57.31 -8.59 -24.29
C VAL F 221 57.57 -7.20 -23.71
N VAL F 222 58.08 -7.18 -22.49
CA VAL F 222 58.20 -5.92 -21.75
C VAL F 222 59.62 -5.37 -21.86
N LYS F 223 60.61 -6.26 -21.94
CA LYS F 223 61.96 -5.84 -22.28
C LYS F 223 62.50 -6.72 -23.41
N ASN F 224 63.24 -6.10 -24.33
CA ASN F 224 63.83 -6.83 -25.44
C ASN F 224 65.17 -6.27 -25.89
N LYS F 225 66.22 -7.03 -25.64
CA LYS F 225 67.58 -6.66 -26.03
C LYS F 225 67.95 -7.38 -27.32
N ILE F 226 67.00 -8.16 -27.83
CA ILE F 226 67.25 -9.07 -28.94
C ILE F 226 66.54 -8.63 -30.23
N ALA F 227 65.39 -7.98 -30.06
CA ALA F 227 64.57 -7.45 -31.15
C ALA F 227 63.77 -6.26 -30.62
N ALA F 228 62.86 -5.74 -31.44
CA ALA F 228 61.96 -4.69 -31.00
C ALA F 228 61.08 -5.21 -29.85
N PRO F 229 60.94 -4.43 -28.76
CA PRO F 229 60.10 -4.82 -27.61
C PRO F 229 58.61 -4.49 -27.79
N PHE F 230 57.79 -4.87 -26.81
CA PHE F 230 56.39 -4.44 -26.71
C PHE F 230 55.40 -5.07 -27.68
N LYS F 231 55.83 -6.11 -28.39
CA LYS F 231 54.88 -6.94 -29.15
C LYS F 231 54.21 -7.87 -28.14
N GLN F 232 52.99 -8.30 -28.43
CA GLN F 232 52.31 -9.21 -27.53
C GLN F 232 51.69 -10.40 -28.24
N ALA F 233 51.62 -11.52 -27.53
CA ALA F 233 51.08 -12.75 -28.08
C ALA F 233 49.97 -13.28 -27.22
N GLU F 234 48.91 -13.78 -27.86
CA GLU F 234 47.82 -14.45 -27.14
C GLU F 234 47.77 -15.91 -27.56
N PHE F 235 47.26 -16.75 -26.69
CA PHE F 235 47.10 -18.18 -27.00
C PHE F 235 46.29 -18.92 -25.93
N GLN F 236 46.17 -20.23 -26.09
CA GLN F 236 45.42 -21.03 -25.16
C GLN F 236 46.33 -22.01 -24.43
N ILE F 237 46.17 -22.08 -23.10
CA ILE F 237 46.76 -23.17 -22.33
C ILE F 237 45.64 -24.13 -22.02
N LEU F 238 45.71 -25.32 -22.61
CA LEU F 238 44.75 -26.39 -22.35
C LEU F 238 45.27 -27.22 -21.19
N TYR F 239 44.49 -27.27 -20.10
CA TYR F 239 44.93 -27.92 -18.88
C TYR F 239 45.25 -29.38 -19.17
N GLY F 240 46.45 -29.82 -18.80
CA GLY F 240 46.85 -31.20 -18.96
C GLY F 240 47.45 -31.50 -20.33
N GLU F 241 47.51 -30.47 -21.17
CA GLU F 241 48.07 -30.64 -22.51
C GLU F 241 49.17 -29.62 -22.78
N GLY F 242 48.90 -28.36 -22.48
CA GLY F 242 49.88 -27.30 -22.64
C GLY F 242 49.40 -26.18 -23.53
N ILE F 243 50.34 -25.46 -24.13
CA ILE F 243 50.05 -24.40 -25.09
C ILE F 243 49.42 -24.93 -26.38
N ASN F 244 48.27 -24.36 -26.83
CA ASN F 244 47.66 -24.76 -28.10
C ASN F 244 48.40 -24.19 -29.31
N PHE F 245 49.50 -24.86 -29.66
CA PHE F 245 50.41 -24.42 -30.69
C PHE F 245 49.76 -24.45 -32.06
N TYR F 246 49.11 -25.57 -32.37
CA TYR F 246 48.46 -25.73 -33.66
C TYR F 246 47.29 -24.78 -33.82
N GLY F 247 46.63 -24.48 -32.72
CA GLY F 247 45.62 -23.44 -32.68
C GLY F 247 46.18 -22.14 -33.22
N GLU F 248 47.29 -21.69 -32.63
CA GLU F 248 48.00 -20.50 -33.07
C GLU F 248 48.28 -20.60 -34.55
N LEU F 249 48.78 -21.76 -34.96
CA LEU F 249 49.22 -21.98 -36.33
C LEU F 249 48.10 -21.79 -37.34
N VAL F 250 46.92 -22.30 -37.00
CA VAL F 250 45.74 -22.13 -37.85
C VAL F 250 45.47 -20.65 -38.03
N ASP F 251 45.34 -19.93 -36.91
CA ASP F 251 45.00 -18.51 -36.95
C ASP F 251 46.03 -17.69 -37.70
N LEU F 252 47.30 -17.89 -37.38
CA LEU F 252 48.38 -17.21 -38.05
C LEU F 252 48.36 -17.48 -39.55
N GLY F 253 48.10 -18.73 -39.90
CA GLY F 253 48.07 -19.16 -41.30
C GLY F 253 46.96 -18.51 -42.10
N VAL F 254 45.78 -18.42 -41.48
CA VAL F 254 44.61 -17.79 -42.12
C VAL F 254 44.86 -16.29 -42.30
N LYS F 255 45.50 -15.70 -41.30
CA LYS F 255 45.80 -14.28 -41.28
C LYS F 255 46.77 -13.91 -42.39
N GLU F 256 47.72 -14.81 -42.67
CA GLU F 256 48.72 -14.55 -43.70
C GLU F 256 48.29 -15.01 -45.08
N LYS F 257 47.05 -15.50 -45.17
CA LYS F 257 46.47 -15.99 -46.41
C LYS F 257 47.12 -17.28 -46.93
N LEU F 258 47.77 -18.04 -46.03
CA LEU F 258 48.32 -19.34 -46.36
C LEU F 258 47.26 -20.43 -46.21
N ILE F 259 46.29 -20.20 -45.33
CA ILE F 259 45.13 -21.08 -45.18
C ILE F 259 43.87 -20.33 -45.60
N GLU F 260 43.04 -20.98 -46.40
CA GLU F 260 41.82 -20.38 -46.90
C GLU F 260 40.66 -20.63 -45.92
N LYS F 261 39.90 -19.57 -45.61
CA LYS F 261 38.73 -19.73 -44.76
C LYS F 261 37.44 -19.33 -45.46
N ALA F 262 36.70 -20.33 -45.93
CA ALA F 262 35.40 -20.14 -46.57
C ALA F 262 34.28 -20.33 -45.55
N GLY F 263 34.03 -19.28 -44.76
CA GLY F 263 33.06 -19.33 -43.68
C GLY F 263 33.51 -20.19 -42.51
N ALA F 264 33.01 -21.43 -42.47
CA ALA F 264 33.38 -22.38 -41.43
C ALA F 264 34.36 -23.42 -41.95
N TRP F 265 34.64 -23.37 -43.25
CA TRP F 265 35.53 -24.33 -43.90
C TRP F 265 36.95 -23.80 -44.07
N TYR F 266 37.93 -24.64 -43.73
CA TYR F 266 39.34 -24.29 -43.82
C TYR F 266 40.03 -25.12 -44.93
N SER F 267 40.66 -24.43 -45.87
CA SER F 267 41.33 -25.09 -47.00
C SER F 267 42.81 -24.73 -47.02
N TYR F 268 43.65 -25.72 -47.32
CA TYR F 268 45.06 -25.46 -47.58
C TYR F 268 45.44 -25.96 -48.96
N LYS F 269 45.89 -25.04 -49.81
CA LYS F 269 46.27 -25.34 -51.19
C LYS F 269 45.18 -26.11 -51.94
N GLY F 270 43.94 -25.66 -51.80
CA GLY F 270 42.81 -26.29 -52.49
C GLY F 270 42.18 -27.47 -51.76
N GLU F 271 42.98 -28.17 -50.97
CA GLU F 271 42.49 -29.30 -50.18
C GLU F 271 41.81 -28.78 -48.91
N LYS F 272 40.56 -29.21 -48.70
CA LYS F 272 39.81 -28.85 -47.50
C LYS F 272 40.33 -29.65 -46.30
N ILE F 273 40.70 -28.95 -45.22
CA ILE F 273 41.38 -29.59 -44.08
C ILE F 273 40.57 -29.66 -42.79
N GLY F 274 39.49 -28.88 -42.72
CA GLY F 274 38.64 -28.91 -41.55
C GLY F 274 37.39 -28.10 -41.69
N GLN F 275 36.50 -28.27 -40.72
CA GLN F 275 35.29 -27.48 -40.61
C GLN F 275 35.31 -26.85 -39.23
N GLY F 276 35.60 -25.56 -39.15
CA GLY F 276 35.76 -24.86 -37.87
C GLY F 276 37.12 -25.11 -37.24
N LYS F 277 37.67 -24.07 -36.61
CA LYS F 277 39.03 -24.10 -36.03
C LYS F 277 39.37 -25.41 -35.32
N ALA F 278 38.38 -26.00 -34.64
CA ALA F 278 38.53 -27.28 -33.94
C ALA F 278 39.19 -28.35 -34.80
N ASN F 279 38.59 -28.63 -35.96
CA ASN F 279 39.07 -29.67 -36.85
C ASN F 279 40.34 -29.30 -37.62
N ALA F 280 40.42 -28.05 -38.07
CA ALA F 280 41.60 -27.55 -38.75
C ALA F 280 42.86 -27.77 -37.90
N THR F 281 42.75 -27.47 -36.61
CA THR F 281 43.81 -27.72 -35.63
C THR F 281 44.15 -29.21 -35.60
N ALA F 282 43.13 -30.04 -35.46
CA ALA F 282 43.31 -31.49 -35.40
C ALA F 282 43.97 -32.03 -36.66
N TRP F 283 43.72 -31.39 -37.80
CA TRP F 283 44.29 -31.82 -39.07
C TRP F 283 45.79 -31.55 -39.16
N LEU F 284 46.18 -30.34 -38.76
CA LEU F 284 47.60 -29.98 -38.68
C LEU F 284 48.33 -30.88 -37.69
N LYS F 285 47.61 -31.33 -36.67
CA LYS F 285 48.13 -32.29 -35.71
C LYS F 285 48.48 -33.58 -36.47
N ASP F 286 47.57 -34.01 -37.34
CA ASP F 286 47.71 -35.28 -38.06
C ASP F 286 48.70 -35.23 -39.22
N ASN F 287 48.97 -34.04 -39.72
CA ASN F 287 49.93 -33.87 -40.82
C ASN F 287 51.12 -33.03 -40.38
N PRO F 288 52.02 -33.61 -39.56
CA PRO F 288 53.07 -32.80 -38.96
C PRO F 288 53.99 -32.21 -40.01
N GLU F 289 54.08 -32.92 -41.15
CA GLU F 289 54.93 -32.54 -42.26
C GLU F 289 54.46 -31.25 -42.91
N THR F 290 53.16 -31.18 -43.17
CA THR F 290 52.55 -30.01 -43.77
C THR F 290 52.54 -28.85 -42.77
N ALA F 291 52.44 -29.19 -41.49
CA ALA F 291 52.43 -28.21 -40.43
C ALA F 291 53.76 -27.47 -40.37
N LYS F 292 54.87 -28.21 -40.42
CA LYS F 292 56.21 -27.62 -40.44
C LYS F 292 56.34 -26.64 -41.60
N GLU F 293 55.80 -27.04 -42.75
CA GLU F 293 55.86 -26.27 -43.99
C GLU F 293 55.17 -24.92 -43.83
N ILE F 294 54.01 -24.92 -43.17
CA ILE F 294 53.27 -23.68 -42.95
C ILE F 294 53.96 -22.81 -41.91
N GLU F 295 54.38 -23.44 -40.81
CA GLU F 295 55.10 -22.72 -39.75
C GLU F 295 56.31 -21.98 -40.29
N LYS F 296 57.14 -22.68 -41.06
CA LYS F 296 58.35 -22.10 -41.65
C LYS F 296 58.04 -20.83 -42.44
N LYS F 297 57.01 -20.90 -43.29
CA LYS F 297 56.59 -19.76 -44.11
C LYS F 297 56.09 -18.61 -43.27
N VAL F 298 55.39 -18.93 -42.19
CA VAL F 298 54.91 -17.90 -41.25
C VAL F 298 56.09 -17.20 -40.57
N ARG F 299 57.05 -17.99 -40.12
CA ARG F 299 58.26 -17.47 -39.50
C ARG F 299 59.05 -16.56 -40.44
N GLU F 300 59.18 -16.99 -41.70
CA GLU F 300 59.80 -16.17 -42.72
C GLU F 300 59.01 -14.88 -42.96
N LEU F 301 57.69 -15.02 -42.99
CA LEU F 301 56.81 -13.87 -43.24
C LEU F 301 56.73 -12.87 -42.09
N LEU F 302 56.95 -13.32 -40.86
CA LEU F 302 56.64 -12.49 -39.69
C LEU F 302 57.74 -12.22 -38.65
N LEU F 303 58.88 -12.90 -38.74
CA LEU F 303 59.99 -12.65 -37.81
C LEU F 303 60.78 -11.39 -38.17
N SER F 304 60.76 -10.38 -37.31
CA SER F 304 61.49 -9.14 -37.59
C SER F 304 63.02 -9.38 -37.61
N ASN F 305 63.47 -10.37 -36.83
CA ASN F 305 64.90 -10.69 -36.69
C ASN F 305 65.28 -12.17 -36.90
N PRO F 306 65.31 -12.65 -38.17
CA PRO F 306 65.71 -14.05 -38.33
C PRO F 306 67.21 -14.28 -38.61
N ASN F 307 67.86 -14.97 -37.68
CA ASN F 307 69.11 -15.68 -37.93
C ASN F 307 68.99 -17.06 -37.28
N SER F 308 67.96 -17.21 -36.43
CA SER F 308 67.70 -18.44 -35.67
C SER F 308 66.20 -18.72 -35.53
N ALA F 325 81.71 -37.30 -30.55
CA ALA F 325 83.04 -36.70 -30.28
C ALA F 325 82.93 -35.36 -29.56
N ILE F 326 81.79 -34.70 -29.74
CA ILE F 326 81.57 -33.33 -29.25
C ILE F 326 80.77 -33.29 -27.93
N ASP F 327 79.66 -34.04 -27.89
CA ASP F 327 78.78 -34.12 -26.72
C ASP F 327 79.27 -35.13 -25.66
N GLU F 328 80.33 -35.86 -26.00
CA GLU F 328 80.93 -36.84 -25.09
C GLU F 328 81.80 -36.13 -24.08
N ASN F 329 82.36 -34.99 -24.48
CA ASN F 329 83.07 -34.09 -23.57
C ASN F 329 82.15 -33.37 -22.61
N LYS F 330 80.92 -33.11 -23.07
CA LYS F 330 79.91 -32.43 -22.27
C LYS F 330 79.54 -33.24 -21.02
N GLN F 331 79.40 -34.55 -21.20
CA GLN F 331 78.98 -35.43 -20.10
C GLN F 331 80.08 -35.65 -19.07
N LYS F 332 81.32 -35.45 -19.49
CA LYS F 332 82.46 -35.44 -18.59
C LYS F 332 82.30 -34.29 -17.57
N ALA F 333 82.17 -33.06 -18.09
CA ALA F 333 82.05 -31.86 -17.25
C ALA F 333 80.70 -31.78 -16.52
N LEU F 334 79.68 -32.44 -17.06
CA LEU F 334 78.38 -32.56 -16.41
C LEU F 334 78.49 -33.36 -15.12
N ALA F 335 78.88 -34.63 -15.27
CA ALA F 335 79.04 -35.54 -14.14
C ALA F 335 79.94 -34.92 -13.08
N ALA F 336 80.97 -34.20 -13.54
CA ALA F 336 81.90 -33.49 -12.65
C ALA F 336 81.20 -32.41 -11.82
N ALA F 337 80.24 -31.71 -12.43
CA ALA F 337 79.49 -30.68 -11.73
C ALA F 337 78.55 -31.29 -10.70
N LEU F 338 77.89 -32.38 -11.07
CA LEU F 338 76.94 -33.04 -10.17
C LEU F 338 77.61 -33.63 -8.93
N GLY F 339 78.79 -34.19 -9.11
CA GLY F 339 79.60 -34.70 -7.99
C GLY F 339 79.96 -33.57 -7.04
N GLN F 340 80.47 -32.49 -7.62
CA GLN F 340 80.73 -31.24 -6.90
C GLN F 340 79.53 -30.82 -6.06
N ILE F 341 78.37 -30.69 -6.71
CA ILE F 341 77.15 -30.21 -6.08
C ILE F 341 76.71 -31.06 -4.90
N GLU F 342 76.66 -32.37 -5.10
CA GLU F 342 76.12 -33.28 -4.09
C GLU F 342 77.03 -33.46 -2.88
N LYS F 343 78.34 -33.37 -3.09
CA LYS F 343 79.30 -33.41 -1.98
C LYS F 343 79.44 -32.01 -1.35
N GLN F 344 78.51 -31.12 -1.69
CA GLN F 344 78.49 -29.75 -1.19
C GLN F 344 77.17 -29.36 -0.54
N PHE F 345 76.08 -29.86 -1.11
CA PHE F 345 74.74 -29.47 -0.66
C PHE F 345 73.84 -30.64 -0.27
N GLY F 346 74.45 -31.80 -0.03
CA GLY F 346 73.70 -32.92 0.52
C GLY F 346 73.55 -34.11 -0.40
N LYS F 347 73.27 -35.25 0.23
CA LYS F 347 73.15 -36.57 -0.41
C LYS F 347 72.47 -36.55 -1.76
N GLY F 348 71.27 -35.96 -1.83
CA GLY F 348 70.48 -35.95 -3.05
C GLY F 348 69.84 -34.61 -3.36
N SER F 349 70.66 -33.55 -3.30
CA SER F 349 70.19 -32.19 -3.55
C SER F 349 69.74 -31.97 -4.99
N ILE F 350 70.46 -32.58 -5.94
CA ILE F 350 70.09 -32.53 -7.36
C ILE F 350 70.02 -33.93 -7.97
N MET F 351 68.91 -34.22 -8.65
CA MET F 351 68.77 -35.49 -9.37
C MET F 351 67.76 -35.40 -10.50
N ARG F 352 67.69 -36.45 -11.31
CA ARG F 352 66.73 -36.52 -12.41
C ARG F 352 65.31 -36.60 -11.90
N LEU F 353 64.46 -35.71 -12.38
CA LEU F 353 63.09 -35.58 -11.90
C LEU F 353 62.36 -36.92 -11.89
N GLY F 354 62.64 -37.75 -12.88
CA GLY F 354 61.92 -39.00 -13.08
C GLY F 354 62.15 -40.04 -12.01
N GLU F 355 63.23 -39.90 -11.27
CA GLU F 355 63.57 -40.87 -10.24
C GLU F 355 63.40 -40.34 -8.83
N ASP F 356 63.23 -39.02 -8.69
CA ASP F 356 63.02 -38.41 -7.37
C ASP F 356 61.64 -38.78 -6.84
N ARG F 357 61.63 -39.63 -5.81
CA ARG F 357 60.40 -40.16 -5.22
C ARG F 357 59.66 -39.12 -4.37
N SER F 358 60.43 -38.29 -3.65
CA SER F 358 59.88 -37.28 -2.76
C SER F 358 59.10 -36.20 -3.52
N MET F 359 59.09 -36.32 -4.84
CA MET F 359 58.46 -35.36 -5.73
C MET F 359 57.03 -35.76 -6.12
N ASP F 360 56.70 -37.03 -5.94
CA ASP F 360 55.36 -37.56 -6.27
C ASP F 360 54.31 -36.97 -5.35
N VAL F 361 53.06 -36.93 -5.78
CA VAL F 361 52.00 -36.24 -5.05
C VAL F 361 51.06 -37.18 -4.31
N GLU F 362 50.85 -36.93 -3.01
CA GLU F 362 49.96 -37.73 -2.21
C GLU F 362 48.82 -36.85 -1.71
N THR F 363 47.62 -37.41 -1.56
CA THR F 363 46.46 -36.61 -1.12
C THR F 363 45.71 -37.13 0.12
N ILE F 364 44.91 -36.24 0.73
CA ILE F 364 44.07 -36.55 1.91
C ILE F 364 42.65 -36.17 1.57
N SER F 365 41.69 -37.02 1.96
CA SER F 365 40.27 -36.69 1.77
C SER F 365 39.89 -35.39 2.47
N THR F 366 39.01 -34.60 1.86
CA THR F 366 38.54 -33.35 2.45
C THR F 366 37.32 -33.60 3.34
N GLY F 367 36.79 -34.82 3.29
CA GLY F 367 35.57 -35.14 4.03
C GLY F 367 34.35 -34.85 3.19
N SER F 368 34.56 -34.25 2.02
CA SER F 368 33.51 -34.12 1.03
C SER F 368 33.92 -34.88 -0.20
N LEU F 369 33.06 -35.81 -0.63
CA LEU F 369 33.32 -36.64 -1.79
C LEU F 369 33.31 -35.82 -3.06
N SER F 370 32.30 -34.98 -3.24
CA SER F 370 32.21 -34.19 -4.46
C SER F 370 33.33 -33.16 -4.55
N LEU F 371 33.80 -32.68 -3.41
CA LEU F 371 34.96 -31.78 -3.39
C LEU F 371 36.22 -32.54 -3.80
N ASP F 372 36.33 -33.79 -3.36
CA ASP F 372 37.47 -34.65 -3.72
C ASP F 372 37.51 -34.94 -5.22
N ILE F 373 36.34 -35.04 -5.82
CA ILE F 373 36.24 -35.22 -7.27
C ILE F 373 36.61 -33.92 -7.98
N ALA F 374 36.07 -32.80 -7.49
CA ALA F 374 36.36 -31.48 -8.02
C ALA F 374 37.85 -31.14 -7.95
N LEU F 375 38.55 -31.67 -6.96
CA LEU F 375 39.99 -31.47 -6.85
C LEU F 375 40.80 -32.19 -7.92
N GLY F 376 40.16 -33.14 -8.60
CA GLY F 376 40.81 -33.96 -9.60
C GLY F 376 41.69 -35.05 -9.01
N ALA F 377 42.54 -34.67 -8.05
CA ALA F 377 43.51 -35.60 -7.48
C ALA F 377 42.89 -36.52 -6.46
N GLY F 378 41.71 -36.18 -5.97
CA GLY F 378 41.02 -37.01 -4.98
C GLY F 378 41.17 -36.51 -3.55
N GLY F 379 41.83 -35.37 -3.40
CA GLY F 379 41.98 -34.73 -2.10
C GLY F 379 43.05 -33.64 -2.10
N LEU F 380 43.36 -33.11 -0.92
CA LEU F 380 44.36 -32.05 -0.79
C LEU F 380 45.79 -32.61 -0.74
N PRO F 381 46.75 -31.91 -1.37
CA PRO F 381 48.12 -32.41 -1.49
C PRO F 381 48.99 -32.25 -0.24
N MET F 382 49.65 -33.35 0.15
CA MET F 382 50.54 -33.35 1.30
C MET F 382 51.83 -32.59 1.01
N GLY F 383 52.34 -31.89 2.03
CA GLY F 383 53.59 -31.13 1.89
C GLY F 383 53.43 -29.85 1.07
N ARG F 384 52.19 -29.41 0.91
CA ARG F 384 51.88 -28.20 0.14
C ARG F 384 51.08 -27.20 1.00
N ILE F 385 50.82 -26.02 0.44
CA ILE F 385 50.03 -25.00 1.11
C ILE F 385 48.66 -24.88 0.45
N VAL F 386 47.62 -24.76 1.26
CA VAL F 386 46.26 -24.60 0.78
C VAL F 386 45.55 -23.41 1.44
N GLU F 387 44.78 -22.66 0.66
CA GLU F 387 43.96 -21.57 1.20
C GLU F 387 42.46 -21.85 0.98
N ILE F 388 41.68 -21.67 2.03
CA ILE F 388 40.23 -21.65 1.90
C ILE F 388 39.70 -20.30 2.34
N TYR F 389 38.94 -19.64 1.48
CA TYR F 389 38.32 -18.39 1.84
C TYR F 389 36.84 -18.41 1.52
N GLY F 390 36.09 -17.51 2.14
CA GLY F 390 34.65 -17.38 1.89
C GLY F 390 34.01 -16.40 2.86
N PRO F 391 32.74 -16.04 2.64
CA PRO F 391 31.96 -15.18 3.52
C PRO F 391 31.87 -15.75 4.92
N GLU F 392 31.30 -14.99 5.87
CA GLU F 392 31.22 -15.45 7.25
C GLU F 392 30.17 -16.54 7.42
N SER F 393 30.44 -17.44 8.36
CA SER F 393 29.61 -18.62 8.59
C SER F 393 29.33 -19.39 7.30
N SER F 394 30.33 -19.52 6.44
CA SER F 394 30.12 -20.19 5.16
C SER F 394 30.46 -21.69 5.26
N GLY F 395 31.39 -22.01 6.15
CA GLY F 395 31.79 -23.39 6.38
C GLY F 395 33.27 -23.60 6.50
N LYS F 396 34.03 -22.50 6.48
CA LYS F 396 35.50 -22.56 6.50
C LYS F 396 36.07 -23.41 7.67
N THR F 397 35.80 -22.99 8.91
CA THR F 397 36.23 -23.75 10.10
C THR F 397 35.75 -25.21 10.01
N THR F 398 34.43 -25.39 9.85
CA THR F 398 33.78 -26.71 9.79
C THR F 398 34.49 -27.64 8.83
N LEU F 399 34.62 -27.21 7.57
CA LEU F 399 35.25 -28.03 6.53
C LEU F 399 36.65 -28.46 6.95
N THR F 400 37.42 -27.50 7.42
CA THR F 400 38.75 -27.73 7.94
C THR F 400 38.76 -28.87 8.95
N LEU F 401 37.87 -28.79 9.95
CA LEU F 401 37.80 -29.81 11.00
C LEU F 401 37.47 -31.19 10.46
N GLN F 402 36.64 -31.24 9.42
CA GLN F 402 36.30 -32.50 8.75
C GLN F 402 37.52 -33.17 8.12
N VAL F 403 38.47 -32.38 7.59
CA VAL F 403 39.68 -32.96 7.00
C VAL F 403 40.64 -33.44 8.09
N ILE F 404 40.66 -32.72 9.21
CA ILE F 404 41.42 -33.14 10.38
C ILE F 404 40.89 -34.49 10.86
N ALA F 405 39.57 -34.57 11.03
CA ALA F 405 38.89 -35.80 11.44
C ALA F 405 39.30 -36.92 10.52
N ALA F 406 39.16 -36.70 9.22
CA ALA F 406 39.54 -37.66 8.17
C ALA F 406 40.98 -38.14 8.31
N ALA F 407 41.89 -37.18 8.47
CA ALA F 407 43.32 -37.45 8.62
C ALA F 407 43.67 -38.25 9.89
N GLN F 408 42.92 -37.98 10.96
CA GLN F 408 43.12 -38.66 12.23
C GLN F 408 42.60 -40.09 12.16
N ARG F 409 41.58 -40.29 11.35
CA ARG F 409 40.99 -41.61 11.17
C ARG F 409 42.00 -42.55 10.53
N GLU F 410 42.91 -41.99 9.73
CA GLU F 410 44.02 -42.73 9.14
C GLU F 410 45.28 -42.65 10.02
N GLY F 411 45.14 -42.00 11.19
CA GLY F 411 46.22 -41.92 12.16
C GLY F 411 47.29 -40.86 11.92
N LYS F 412 46.91 -39.73 11.32
CA LYS F 412 47.85 -38.64 11.14
C LYS F 412 47.75 -37.67 12.31
N THR F 413 48.85 -36.99 12.64
CA THR F 413 48.86 -36.03 13.73
C THR F 413 48.49 -34.66 13.18
N CYS F 414 47.54 -34.00 13.84
CA CYS F 414 47.08 -32.69 13.41
C CYS F 414 47.33 -31.60 14.46
N ALA F 415 47.39 -30.36 13.97
CA ALA F 415 47.51 -29.20 14.82
C ALA F 415 46.59 -28.13 14.30
N PHE F 416 46.03 -27.35 15.22
CA PHE F 416 45.11 -26.29 14.88
C PHE F 416 45.58 -24.99 15.53
N ILE F 417 45.61 -23.92 14.73
CA ILE F 417 46.03 -22.61 15.22
C ILE F 417 44.82 -21.66 15.23
N ASP F 418 44.14 -21.59 16.38
CA ASP F 418 42.90 -20.81 16.50
C ASP F 418 43.16 -19.33 16.76
N ALA F 419 43.76 -18.66 15.77
CA ALA F 419 44.10 -17.25 15.90
C ALA F 419 42.83 -16.42 16.00
N GLU F 420 41.77 -16.95 15.41
CA GLU F 420 40.46 -16.31 15.44
C GLU F 420 39.86 -16.38 16.85
N HIS F 421 40.47 -17.20 17.70
CA HIS F 421 40.03 -17.44 19.09
C HIS F 421 38.55 -17.76 19.19
N ALA F 422 38.07 -18.75 18.43
CA ALA F 422 36.64 -19.00 18.31
C ALA F 422 36.22 -20.47 18.19
N LEU F 423 37.20 -21.36 18.09
CA LEU F 423 36.94 -22.80 17.97
C LEU F 423 36.27 -23.44 19.20
N ASP F 424 35.15 -24.11 18.97
CA ASP F 424 34.39 -24.77 20.03
C ASP F 424 34.75 -26.25 20.06
N PRO F 425 35.45 -26.69 21.13
CA PRO F 425 35.88 -28.09 21.24
C PRO F 425 34.74 -29.10 21.10
N ILE F 426 33.62 -28.86 21.77
CA ILE F 426 32.49 -29.79 21.79
C ILE F 426 31.96 -30.00 20.37
N TYR F 427 31.81 -28.91 19.62
CA TYR F 427 31.37 -28.97 18.23
C TYR F 427 32.39 -29.69 17.37
N ALA F 428 33.67 -29.43 17.61
CA ALA F 428 34.73 -30.13 16.89
C ALA F 428 34.61 -31.63 17.09
N ARG F 429 34.30 -32.04 18.31
CA ARG F 429 34.13 -33.45 18.62
C ARG F 429 32.90 -34.03 17.94
N LYS F 430 31.83 -33.24 17.91
CA LYS F 430 30.60 -33.62 17.22
C LYS F 430 30.83 -33.85 15.73
N LEU F 431 31.82 -33.14 15.19
CA LEU F 431 32.20 -33.28 13.79
C LEU F 431 33.07 -34.52 13.59
N GLY F 432 33.55 -35.10 14.70
CA GLY F 432 34.28 -36.35 14.67
C GLY F 432 35.78 -36.20 14.75
N VAL F 433 36.23 -35.12 15.36
CA VAL F 433 37.65 -34.87 15.59
C VAL F 433 38.06 -35.52 16.91
N ASP F 434 39.27 -36.08 16.93
CA ASP F 434 39.85 -36.58 18.17
C ASP F 434 40.42 -35.39 18.93
N ILE F 435 39.64 -34.89 19.88
CA ILE F 435 39.98 -33.69 20.64
C ILE F 435 41.25 -33.92 21.46
N ASP F 436 41.32 -35.09 22.10
CA ASP F 436 42.40 -35.40 23.01
C ASP F 436 43.77 -35.43 22.36
N ASN F 437 43.79 -35.67 21.06
CA ASN F 437 45.04 -35.75 20.31
C ASN F 437 45.27 -34.63 19.31
N LEU F 438 44.27 -33.77 19.14
CA LEU F 438 44.42 -32.62 18.27
C LEU F 438 45.19 -31.55 19.02
N LEU F 439 46.41 -31.30 18.55
CA LEU F 439 47.23 -30.22 19.06
C LEU F 439 46.58 -28.91 18.71
N CYS F 440 46.65 -27.96 19.62
CA CYS F 440 45.93 -26.73 19.46
C CYS F 440 46.62 -25.58 20.14
N SER F 441 46.65 -24.43 19.47
CA SER F 441 47.27 -23.24 20.02
C SER F 441 46.46 -21.99 19.69
N GLN F 442 46.21 -21.17 20.69
CA GLN F 442 45.70 -19.83 20.49
C GLN F 442 46.85 -18.88 20.75
N PRO F 443 47.51 -18.45 19.66
CA PRO F 443 48.72 -17.63 19.77
C PRO F 443 48.38 -16.18 20.08
N ASP F 444 49.36 -15.42 20.55
CA ASP F 444 49.15 -14.02 20.93
C ASP F 444 49.44 -13.05 19.79
N THR F 445 50.59 -13.20 19.14
CA THR F 445 50.92 -12.42 17.95
C THR F 445 50.81 -13.30 16.70
N GLY F 446 50.84 -12.67 15.53
CA GLY F 446 50.83 -13.38 14.26
C GLY F 446 52.14 -14.11 14.03
N GLU F 447 53.24 -13.43 14.33
CA GLU F 447 54.58 -13.99 14.20
C GLU F 447 54.70 -15.26 15.02
N GLN F 448 54.14 -15.22 16.23
CA GLN F 448 54.10 -16.37 17.12
C GLN F 448 53.41 -17.54 16.42
N ALA F 449 52.21 -17.30 15.90
CA ALA F 449 51.45 -18.30 15.17
C ALA F 449 52.28 -18.97 14.07
N LEU F 450 52.95 -18.16 13.26
CA LEU F 450 53.70 -18.65 12.13
C LEU F 450 54.99 -19.34 12.55
N GLU F 451 55.67 -18.78 13.53
CA GLU F 451 56.87 -19.40 14.11
C GLU F 451 56.55 -20.79 14.63
N ILE F 452 55.37 -20.93 15.24
CA ILE F 452 54.89 -22.22 15.73
C ILE F 452 54.82 -23.21 14.57
N CYS F 453 54.19 -22.80 13.47
CA CYS F 453 54.09 -23.63 12.27
C CYS F 453 55.43 -24.10 11.83
N ASP F 454 56.36 -23.16 11.67
CA ASP F 454 57.71 -23.45 11.23
C ASP F 454 58.40 -24.50 12.10
N ALA F 455 58.15 -24.44 13.41
CA ALA F 455 58.66 -25.43 14.35
C ALA F 455 58.00 -26.79 14.10
N LEU F 456 56.68 -26.79 13.97
CA LEU F 456 55.92 -28.00 13.75
C LEU F 456 56.17 -28.61 12.39
N ALA F 457 56.47 -27.77 11.42
CA ALA F 457 56.86 -28.26 10.09
C ALA F 457 58.19 -28.97 10.22
N ARG F 458 59.23 -28.24 10.64
CA ARG F 458 60.58 -28.79 10.81
C ARG F 458 60.65 -30.03 11.70
N SER F 459 59.78 -30.12 12.70
CA SER F 459 59.76 -31.26 13.60
C SER F 459 59.51 -32.55 12.84
N GLY F 460 58.70 -32.48 11.79
CA GLY F 460 58.32 -33.64 10.97
C GLY F 460 57.40 -34.60 11.70
N ALA F 461 56.86 -34.13 12.83
CA ALA F 461 56.00 -34.95 13.67
C ALA F 461 54.55 -34.73 13.29
N VAL F 462 54.22 -33.49 12.92
CA VAL F 462 52.85 -33.15 12.53
C VAL F 462 52.68 -33.35 11.03
N ASP F 463 51.51 -33.87 10.67
CA ASP F 463 51.16 -34.17 9.28
C ASP F 463 50.28 -33.11 8.64
N VAL F 464 49.35 -32.56 9.42
CA VAL F 464 48.46 -31.49 8.93
C VAL F 464 48.26 -30.36 9.97
N ILE F 465 48.51 -29.13 9.53
CA ILE F 465 48.37 -27.94 10.35
C ILE F 465 47.36 -27.01 9.70
N VAL F 466 46.43 -26.48 10.50
CA VAL F 466 45.49 -25.48 9.99
C VAL F 466 45.53 -24.24 10.85
N VAL F 467 45.57 -23.09 10.15
CA VAL F 467 45.55 -21.76 10.77
C VAL F 467 44.19 -21.10 10.54
N ASP F 468 43.44 -20.85 11.62
CA ASP F 468 42.09 -20.27 11.49
C ASP F 468 42.17 -18.74 11.44
N SER F 469 41.93 -18.24 10.22
CA SER F 469 41.94 -16.84 9.79
C SER F 469 43.32 -16.23 9.72
N VAL F 470 43.85 -16.07 8.51
CA VAL F 470 45.03 -15.25 8.33
C VAL F 470 44.64 -13.83 8.67
N ALA F 471 43.37 -13.52 8.45
CA ALA F 471 42.78 -12.28 8.90
C ALA F 471 43.16 -11.92 10.35
N ALA F 472 43.22 -12.94 11.21
CA ALA F 472 43.46 -12.77 12.63
C ALA F 472 44.95 -12.83 13.01
N LEU F 473 45.82 -12.95 12.01
CA LEU F 473 47.27 -13.01 12.24
C LEU F 473 47.85 -11.63 12.45
N THR F 474 47.54 -11.03 13.60
CA THR F 474 47.91 -9.66 13.90
C THR F 474 49.39 -9.55 14.20
N PRO F 475 50.13 -8.73 13.43
CA PRO F 475 51.55 -8.52 13.68
C PRO F 475 51.83 -7.98 15.08
N LYS F 476 53.03 -8.27 15.56
CA LYS F 476 53.46 -7.94 16.91
C LYS F 476 53.31 -6.46 17.14
N ALA F 477 53.87 -5.67 16.23
CA ALA F 477 53.88 -4.21 16.34
C ALA F 477 52.49 -3.60 16.40
N GLU F 478 51.54 -4.27 15.77
CA GLU F 478 50.16 -3.81 15.73
C GLU F 478 49.45 -3.93 17.09
N ILE F 479 49.65 -5.04 17.80
CA ILE F 479 49.08 -5.25 19.13
C ILE F 479 49.76 -4.36 20.13
N GLU F 480 51.08 -4.25 20.00
CA GLU F 480 51.88 -3.40 20.86
C GLU F 480 51.59 -1.91 20.62
N GLY F 481 51.25 -1.57 19.39
CA GLY F 481 50.80 -0.21 19.06
C GLY F 481 49.37 0.04 19.51
N GLU F 482 48.87 1.26 19.27
CA GLU F 482 47.49 1.61 19.59
C GLU F 482 46.56 1.32 18.42
N ILE F 483 45.26 1.53 18.63
CA ILE F 483 44.28 1.47 17.54
C ILE F 483 44.27 2.83 16.87
N GLY F 484 44.53 2.81 15.57
CA GLY F 484 44.78 4.03 14.82
C GLY F 484 46.20 4.05 14.31
N ASP F 485 47.15 3.51 15.07
CA ASP F 485 48.53 3.37 14.61
C ASP F 485 48.47 2.65 13.27
N SER F 486 48.99 3.27 12.22
CA SER F 486 48.96 2.65 10.90
C SER F 486 50.21 1.88 10.61
N HIS F 487 50.02 0.63 10.22
CA HIS F 487 51.11 -0.24 9.87
C HIS F 487 50.91 -0.64 8.41
N MET F 488 51.33 0.24 7.50
CA MET F 488 51.19 0.02 6.06
C MET F 488 51.77 -1.31 5.65
N GLY F 489 50.93 -2.15 5.05
CA GLY F 489 51.33 -3.47 4.59
C GLY F 489 52.39 -4.21 5.41
N LEU F 490 52.37 -4.00 6.72
CA LEU F 490 53.24 -4.73 7.62
C LEU F 490 52.76 -6.17 7.66
N ALA F 491 51.43 -6.34 7.72
CA ALA F 491 50.81 -7.64 7.78
C ALA F 491 51.21 -8.49 6.57
N ALA F 492 51.11 -7.91 5.37
CA ALA F 492 51.37 -8.57 4.09
C ALA F 492 52.83 -8.95 3.90
N ARG F 493 53.71 -8.07 4.38
CA ARG F 493 55.14 -8.28 4.30
C ARG F 493 55.52 -9.44 5.20
N MET F 494 54.77 -9.58 6.30
CA MET F 494 55.00 -10.67 7.24
C MET F 494 54.64 -12.00 6.61
N MET F 495 53.50 -12.03 5.96
CA MET F 495 53.04 -13.22 5.23
C MET F 495 54.04 -13.66 4.17
N SER F 496 54.58 -12.68 3.45
CA SER F 496 55.46 -12.93 2.33
C SER F 496 56.74 -13.57 2.81
N GLN F 497 57.17 -13.17 4.00
CA GLN F 497 58.33 -13.77 4.63
C GLN F 497 58.04 -15.19 5.12
N ALA F 498 56.85 -15.37 5.69
CA ALA F 498 56.43 -16.65 6.22
C ALA F 498 56.42 -17.69 5.10
N MET F 499 55.81 -17.34 3.96
CA MET F 499 55.74 -18.23 2.81
C MET F 499 57.10 -18.78 2.40
N ARG F 500 58.06 -17.89 2.18
CA ARG F 500 59.42 -18.25 1.81
C ARG F 500 60.00 -19.32 2.74
N LYS F 501 59.88 -19.09 4.05
CA LYS F 501 60.42 -19.99 5.08
C LYS F 501 59.69 -21.33 5.16
N LEU F 502 58.37 -21.30 4.99
CA LEU F 502 57.56 -22.50 5.19
C LEU F 502 57.60 -23.50 4.04
N ALA F 503 57.54 -23.02 2.79
CA ALA F 503 57.53 -23.88 1.61
C ALA F 503 58.55 -25.01 1.71
N GLY F 504 59.81 -24.65 1.96
CA GLY F 504 60.88 -25.62 2.07
C GLY F 504 60.69 -26.63 3.19
N ASN F 505 60.33 -26.13 4.37
CA ASN F 505 60.14 -26.97 5.55
C ASN F 505 58.91 -27.87 5.48
N LEU F 506 57.93 -27.48 4.69
CA LEU F 506 56.69 -28.24 4.58
C LEU F 506 56.82 -29.42 3.63
N LYS F 507 57.60 -29.25 2.56
CA LYS F 507 57.80 -30.32 1.60
C LYS F 507 58.72 -31.39 2.17
N GLN F 508 59.85 -30.98 2.72
CA GLN F 508 60.81 -31.92 3.28
C GLN F 508 60.27 -32.67 4.51
N SER F 509 59.15 -32.19 5.05
CA SER F 509 58.48 -32.85 6.19
C SER F 509 57.23 -33.58 5.75
N ASN F 510 56.84 -33.37 4.49
CA ASN F 510 55.57 -33.85 3.96
C ASN F 510 54.39 -33.47 4.86
N THR F 511 54.29 -32.18 5.18
CA THR F 511 53.27 -31.65 6.08
C THR F 511 52.32 -30.72 5.35
N LEU F 512 51.02 -30.98 5.43
CA LEU F 512 50.01 -30.11 4.81
C LEU F 512 49.67 -28.91 5.70
N LEU F 513 49.56 -27.73 5.10
CA LEU F 513 49.17 -26.51 5.82
C LEU F 513 47.99 -25.83 5.14
N ILE F 514 46.88 -25.69 5.87
CA ILE F 514 45.70 -24.99 5.36
C ILE F 514 45.50 -23.63 6.07
N PHE F 515 45.44 -22.57 5.28
CA PHE F 515 45.09 -21.27 5.82
C PHE F 515 43.63 -20.96 5.54
N ILE F 516 42.87 -20.67 6.58
CA ILE F 516 41.52 -20.11 6.39
C ILE F 516 41.62 -18.59 6.28
N ASN F 517 40.92 -18.03 5.31
CA ASN F 517 40.95 -16.59 5.12
C ASN F 517 39.56 -16.00 5.00
N GLN F 518 39.44 -14.73 5.37
CA GLN F 518 38.21 -13.98 5.26
C GLN F 518 38.20 -13.15 3.99
N ILE F 519 37.02 -12.66 3.65
CA ILE F 519 36.86 -11.80 2.50
C ILE F 519 36.73 -10.35 2.93
N ARG F 520 37.50 -9.48 2.29
CA ARG F 520 37.35 -8.03 2.42
C ARG F 520 36.94 -7.43 1.08
N MET F 521 36.39 -6.22 1.08
CA MET F 521 36.03 -5.55 -0.16
C MET F 521 37.15 -4.61 -0.56
N LYS F 522 37.48 -4.57 -1.84
CA LYS F 522 38.42 -3.57 -2.34
C LYS F 522 37.58 -2.46 -2.95
N ILE F 523 37.96 -1.24 -2.62
CA ILE F 523 37.16 -0.08 -2.96
C ILE F 523 37.85 0.68 -4.07
N GLY F 524 37.05 1.16 -5.03
CA GLY F 524 37.58 1.82 -6.22
C GLY F 524 37.87 0.87 -7.37
N VAL F 525 37.11 -0.23 -7.44
CA VAL F 525 37.20 -1.17 -8.55
C VAL F 525 35.79 -1.38 -9.13
N MET F 526 35.66 -1.14 -10.43
CA MET F 526 34.35 -1.15 -11.12
C MET F 526 34.19 -2.33 -12.07
N PHE F 527 35.29 -2.71 -12.73
CA PHE F 527 35.42 -3.98 -13.45
C PHE F 527 35.58 -5.13 -12.43
N GLY F 528 35.82 -6.35 -12.95
CA GLY F 528 36.13 -7.52 -12.11
C GLY F 528 35.16 -7.78 -10.95
N ASN F 529 35.63 -8.41 -9.87
CA ASN F 529 34.86 -8.53 -8.63
C ASN F 529 35.54 -7.72 -7.54
N PRO F 530 34.75 -7.17 -6.60
CA PRO F 530 35.36 -6.29 -5.62
C PRO F 530 35.85 -7.01 -4.37
N GLU F 531 36.14 -8.30 -4.49
CA GLU F 531 36.53 -9.08 -3.33
C GLU F 531 38.02 -9.38 -3.26
N THR F 532 38.61 -9.29 -2.06
CA THR F 532 39.97 -9.78 -1.84
C THR F 532 40.08 -10.63 -0.59
N THR F 533 41.32 -10.83 -0.20
CA THR F 533 41.72 -11.79 0.77
C THR F 533 42.75 -11.07 1.64
N THR F 534 42.66 -11.22 2.96
CA THR F 534 43.59 -10.53 3.86
C THR F 534 45.01 -11.09 3.75
N GLY F 535 46.00 -10.25 4.04
CA GLY F 535 47.40 -10.70 4.10
C GLY F 535 48.12 -10.72 2.77
N GLY F 536 47.75 -9.76 1.91
CA GLY F 536 48.47 -9.53 0.67
C GLY F 536 48.46 -10.62 -0.37
N ASN F 537 49.46 -10.58 -1.24
CA ASN F 537 49.51 -11.44 -2.41
C ASN F 537 50.34 -12.70 -2.25
N ALA F 538 51.14 -12.75 -1.19
CA ALA F 538 52.06 -13.86 -0.96
C ALA F 538 51.36 -15.21 -1.05
N LEU F 539 50.27 -15.37 -0.30
CA LEU F 539 49.60 -16.66 -0.20
C LEU F 539 48.99 -17.14 -1.52
N LYS F 540 48.44 -16.22 -2.31
CA LYS F 540 47.88 -16.54 -3.64
C LYS F 540 48.85 -17.41 -4.44
N PHE F 541 50.11 -17.00 -4.48
CA PHE F 541 51.14 -17.63 -5.28
C PHE F 541 51.57 -18.99 -4.75
N TYR F 542 51.83 -19.04 -3.44
CA TYR F 542 52.40 -20.23 -2.84
C TYR F 542 51.39 -21.36 -2.66
N ALA F 543 50.11 -21.02 -2.55
CA ALA F 543 49.09 -22.05 -2.38
C ALA F 543 49.05 -22.95 -3.60
N SER F 544 48.95 -24.26 -3.36
CA SER F 544 48.84 -25.24 -4.44
C SER F 544 47.37 -25.47 -4.80
N VAL F 545 46.50 -25.22 -3.81
CA VAL F 545 45.05 -25.28 -4.00
C VAL F 545 44.38 -24.07 -3.31
N ARG F 546 43.40 -23.46 -3.98
CA ARG F 546 42.67 -22.33 -3.41
C ARG F 546 41.19 -22.57 -3.53
N LEU F 547 40.51 -22.60 -2.40
CA LEU F 547 39.09 -22.91 -2.36
C LEU F 547 38.20 -21.71 -2.02
N ASP F 548 37.07 -21.61 -2.71
CA ASP F 548 36.07 -20.57 -2.45
C ASP F 548 34.75 -21.22 -2.00
N ILE F 549 34.49 -21.18 -0.70
CA ILE F 549 33.30 -21.79 -0.13
C ILE F 549 32.19 -20.77 0.16
N ARG F 550 30.94 -21.13 -0.13
CA ARG F 550 29.81 -20.23 0.03
C ARG F 550 28.54 -20.95 0.44
N ARG F 551 27.81 -20.37 1.39
CA ARG F 551 26.48 -20.86 1.77
C ARG F 551 25.49 -20.42 0.70
N ILE F 552 24.83 -21.37 0.04
CA ILE F 552 23.96 -21.05 -1.08
C ILE F 552 22.49 -21.18 -0.75
N GLY F 553 22.16 -21.91 0.30
CA GLY F 553 20.77 -22.14 0.68
C GLY F 553 20.64 -22.75 2.06
N ALA F 554 19.40 -22.90 2.52
CA ALA F 554 19.13 -23.47 3.83
C ALA F 554 18.63 -24.90 3.70
N VAL F 555 19.11 -25.79 4.56
CA VAL F 555 18.59 -27.18 4.62
C VAL F 555 17.41 -27.22 5.59
N LYS F 556 16.20 -27.21 5.05
CA LYS F 556 15.02 -27.02 5.87
C LYS F 556 14.39 -28.31 6.36
N GLU F 557 13.53 -28.17 7.37
CA GLU F 557 12.86 -29.29 8.01
C GLU F 557 11.41 -28.91 8.30
N GLY F 558 10.71 -28.49 7.26
CA GLY F 558 9.39 -27.90 7.42
C GLY F 558 9.52 -26.52 8.05
N GLU F 559 9.71 -26.49 9.37
CA GLU F 559 9.91 -25.25 10.11
C GLU F 559 11.38 -24.99 10.32
N ASN F 560 12.13 -26.03 10.71
CA ASN F 560 13.51 -25.89 11.15
C ASN F 560 14.53 -25.68 10.06
N VAL F 561 15.59 -24.95 10.38
CA VAL F 561 16.77 -24.85 9.54
C VAL F 561 17.83 -25.72 10.21
N VAL F 562 18.11 -26.87 9.60
CA VAL F 562 19.00 -27.87 10.19
C VAL F 562 20.41 -27.92 9.55
N GLY F 563 20.59 -27.18 8.46
CA GLY F 563 21.89 -27.14 7.78
C GLY F 563 22.05 -26.05 6.74
N SER F 564 23.25 -25.95 6.18
CA SER F 564 23.57 -25.00 5.13
C SER F 564 23.88 -25.75 3.86
N GLU F 565 23.14 -25.45 2.81
CA GLU F 565 23.51 -25.88 1.47
C GLU F 565 24.78 -25.14 1.04
N THR F 566 25.74 -25.89 0.53
CA THR F 566 27.11 -25.38 0.37
C THR F 566 27.70 -25.64 -1.03
N ARG F 567 28.46 -24.66 -1.53
CA ARG F 567 29.14 -24.80 -2.81
C ARG F 567 30.57 -24.33 -2.68
N VAL F 568 31.49 -25.16 -3.12
CA VAL F 568 32.90 -24.82 -3.11
C VAL F 568 33.40 -24.76 -4.56
N LYS F 569 34.17 -23.72 -4.90
CA LYS F 569 34.82 -23.64 -6.21
C LYS F 569 36.31 -23.86 -6.04
N VAL F 570 36.92 -24.70 -6.87
CA VAL F 570 38.37 -24.76 -6.92
C VAL F 570 38.85 -23.59 -7.77
N VAL F 571 39.49 -22.62 -7.12
CA VAL F 571 39.86 -21.39 -7.78
C VAL F 571 41.32 -21.39 -8.26
N LYS F 572 42.19 -22.07 -7.51
CA LYS F 572 43.52 -22.37 -8.02
C LYS F 572 43.81 -23.86 -7.88
N ASN F 573 44.49 -24.42 -8.87
CA ASN F 573 44.88 -25.83 -8.82
C ASN F 573 46.22 -26.14 -9.49
N LYS F 574 47.21 -26.50 -8.67
CA LYS F 574 48.54 -26.83 -9.14
C LYS F 574 48.69 -28.34 -9.22
N ILE F 575 47.61 -29.03 -8.88
CA ILE F 575 47.62 -30.49 -8.68
C ILE F 575 46.83 -31.21 -9.77
N ALA F 576 45.77 -30.55 -10.25
CA ALA F 576 44.90 -31.07 -11.33
C ALA F 576 44.29 -29.88 -12.06
N ALA F 577 43.36 -30.14 -12.98
CA ALA F 577 42.64 -29.06 -13.65
C ALA F 577 41.84 -28.24 -12.63
N PRO F 578 41.91 -26.89 -12.72
CA PRO F 578 41.17 -26.01 -11.80
C PRO F 578 39.72 -25.77 -12.22
N PHE F 579 39.00 -25.02 -11.40
CA PHE F 579 37.66 -24.49 -11.75
C PHE F 579 36.49 -25.47 -11.76
N LYS F 580 36.72 -26.68 -11.25
CA LYS F 580 35.62 -27.58 -10.99
C LYS F 580 34.97 -27.12 -9.68
N GLN F 581 33.70 -27.40 -9.51
CA GLN F 581 33.02 -27.01 -8.28
C GLN F 581 32.19 -28.13 -7.70
N ALA F 582 32.06 -28.12 -6.38
CA ALA F 582 31.34 -29.16 -5.64
C ALA F 582 30.28 -28.53 -4.77
N GLU F 583 29.11 -29.15 -4.73
CA GLU F 583 28.05 -28.75 -3.81
C GLU F 583 27.80 -29.85 -2.79
N PHE F 584 27.29 -29.48 -1.62
CA PHE F 584 26.94 -30.46 -0.60
C PHE F 584 26.18 -29.82 0.55
N GLN F 585 25.89 -30.61 1.58
CA GLN F 585 25.18 -30.14 2.73
C GLN F 585 26.07 -30.18 3.97
N ILE F 586 26.06 -29.09 4.74
CA ILE F 586 26.60 -29.09 6.10
C ILE F 586 25.41 -29.15 7.06
N LEU F 587 25.28 -30.29 7.74
CA LEU F 587 24.26 -30.47 8.74
C LEU F 587 24.82 -30.02 10.07
N TYR F 588 24.19 -29.01 10.65
CA TYR F 588 24.67 -28.42 11.90
C TYR F 588 24.77 -29.48 12.98
N GLY F 589 25.95 -29.58 13.59
CA GLY F 589 26.19 -30.52 14.67
C GLY F 589 26.58 -31.90 14.22
N GLU F 590 26.64 -32.09 12.90
CA GLU F 590 27.01 -33.37 12.34
C GLU F 590 28.20 -33.24 11.39
N GLY F 591 28.12 -32.27 10.47
CA GLY F 591 29.19 -32.01 9.53
C GLY F 591 28.72 -32.11 8.10
N ILE F 592 29.68 -32.37 7.20
CA ILE F 592 29.41 -32.55 5.78
C ILE F 592 28.59 -33.82 5.57
N ASN F 593 27.54 -33.74 4.78
CA ASN F 593 26.80 -34.95 4.50
C ASN F 593 27.45 -35.78 3.40
N PHE F 594 28.45 -36.56 3.79
CA PHE F 594 29.26 -37.35 2.87
C PHE F 594 28.43 -38.44 2.20
N TYR F 595 27.67 -39.17 3.00
CA TYR F 595 26.85 -40.25 2.48
C TYR F 595 25.74 -39.72 1.59
N GLY F 596 25.23 -38.54 1.93
CA GLY F 596 24.31 -37.82 1.04
C GLY F 596 24.92 -37.70 -0.35
N GLU F 597 26.10 -37.12 -0.44
CA GLU F 597 26.82 -36.99 -1.71
C GLU F 597 26.90 -38.34 -2.39
N LEU F 598 27.30 -39.35 -1.63
CA LEU F 598 27.53 -40.70 -2.17
C LEU F 598 26.29 -41.29 -2.81
N VAL F 599 25.14 -41.09 -2.19
CA VAL F 599 23.88 -41.54 -2.76
C VAL F 599 23.69 -40.89 -4.12
N ASP F 600 23.77 -39.57 -4.15
CA ASP F 600 23.51 -38.82 -5.38
C ASP F 600 24.48 -39.16 -6.48
N LEU F 601 25.76 -39.21 -6.14
CA LEU F 601 26.79 -39.55 -7.10
C LEU F 601 26.59 -40.98 -7.64
N GLY F 602 26.18 -41.89 -6.75
CA GLY F 602 25.93 -43.29 -7.11
C GLY F 602 24.76 -43.47 -8.07
N VAL F 603 23.67 -42.75 -7.82
CA VAL F 603 22.49 -42.78 -8.68
C VAL F 603 22.81 -42.19 -10.06
N LYS F 604 23.64 -41.14 -10.05
CA LYS F 604 24.03 -40.42 -11.26
C LYS F 604 24.88 -41.28 -12.15
N GLU F 605 25.73 -42.11 -11.54
CA GLU F 605 26.61 -43.02 -12.29
C GLU F 605 25.97 -44.38 -12.60
N LYS F 606 24.69 -44.53 -12.24
CA LYS F 606 23.91 -45.75 -12.47
C LYS F 606 24.40 -46.95 -11.62
N LEU F 607 25.12 -46.65 -10.54
CA LEU F 607 25.53 -47.68 -9.58
C LEU F 607 24.42 -47.96 -8.56
N ILE F 608 23.60 -46.95 -8.29
CA ILE F 608 22.40 -47.12 -7.45
C ILE F 608 21.17 -46.90 -8.31
N GLU F 609 20.19 -47.79 -8.16
CA GLU F 609 18.96 -47.74 -8.92
C GLU F 609 17.94 -46.88 -8.20
N LYS F 610 17.31 -45.97 -8.93
CA LYS F 610 16.23 -45.15 -8.35
C LYS F 610 14.89 -45.36 -9.05
N ALA F 611 14.02 -46.16 -8.41
CA ALA F 611 12.67 -46.42 -8.90
C ALA F 611 11.66 -45.49 -8.20
N GLY F 612 11.60 -44.25 -8.68
CA GLY F 612 10.76 -43.22 -8.07
C GLY F 612 11.31 -42.74 -6.74
N ALA F 613 10.73 -43.26 -5.66
CA ALA F 613 11.17 -42.94 -4.30
C ALA F 613 12.00 -44.06 -3.67
N TRP F 614 12.12 -45.17 -4.39
CA TRP F 614 12.86 -46.34 -3.91
C TRP F 614 14.26 -46.41 -4.48
N TYR F 615 15.22 -46.70 -3.59
CA TYR F 615 16.64 -46.81 -3.95
C TYR F 615 17.14 -48.25 -3.84
N SER F 616 17.66 -48.78 -4.93
CA SER F 616 18.14 -50.16 -4.95
C SER F 616 19.63 -50.22 -5.28
N TYR F 617 20.36 -51.10 -4.60
CA TYR F 617 21.73 -51.40 -4.98
C TYR F 617 21.90 -52.88 -5.27
N LYS F 618 22.30 -53.18 -6.50
CA LYS F 618 22.48 -54.55 -6.97
C LYS F 618 21.27 -55.43 -6.67
N GLY F 619 20.09 -54.89 -6.96
CA GLY F 619 18.84 -55.64 -6.78
C GLY F 619 18.21 -55.53 -5.39
N GLU F 620 19.06 -55.33 -4.38
CA GLU F 620 18.61 -55.19 -3.01
C GLU F 620 18.13 -53.77 -2.78
N LYS F 621 16.90 -53.62 -2.29
CA LYS F 621 16.33 -52.32 -1.97
C LYS F 621 16.95 -51.79 -0.68
N ILE F 622 17.49 -50.58 -0.71
CA ILE F 622 18.28 -50.04 0.41
C ILE F 622 17.62 -48.86 1.15
N GLY F 623 16.62 -48.25 0.53
CA GLY F 623 15.92 -47.14 1.18
C GLY F 623 14.71 -46.65 0.42
N GLN F 624 13.94 -45.80 1.07
CA GLN F 624 12.83 -45.15 0.45
C GLN F 624 13.05 -43.66 0.64
N GLY F 625 13.46 -42.97 -0.44
CA GLY F 625 13.81 -41.56 -0.37
C GLY F 625 15.21 -41.33 0.17
N LYS F 626 15.90 -40.33 -0.39
CA LYS F 626 17.31 -40.05 -0.07
C LYS F 626 17.67 -40.16 1.41
N ALA F 627 16.73 -39.75 2.27
CA ALA F 627 16.88 -39.85 3.72
C ALA F 627 17.37 -41.24 4.17
N ASN F 628 16.60 -42.28 3.83
CA ASN F 628 16.90 -43.64 4.26
C ASN F 628 18.09 -44.27 3.54
N ALA F 629 18.20 -44.00 2.25
CA ALA F 629 19.30 -44.50 1.44
C ALA F 629 20.64 -44.07 2.05
N THR F 630 20.69 -42.81 2.48
CA THR F 630 21.85 -42.28 3.18
C THR F 630 22.10 -43.06 4.45
N ALA F 631 21.06 -43.23 5.25
CA ALA F 631 21.15 -43.95 6.52
C ALA F 631 21.60 -45.40 6.33
N TRP F 632 21.27 -45.99 5.19
CA TRP F 632 21.64 -47.37 4.90
C TRP F 632 23.13 -47.51 4.60
N LEU F 633 23.64 -46.61 3.78
CA LEU F 633 25.05 -46.57 3.50
C LEU F 633 25.85 -46.30 4.76
N LYS F 634 25.25 -45.55 5.69
CA LYS F 634 25.83 -45.32 7.00
C LYS F 634 26.00 -46.65 7.70
N ASP F 635 24.95 -47.48 7.64
CA ASP F 635 24.91 -48.78 8.33
C ASP F 635 25.75 -49.87 7.69
N ASN F 636 26.04 -49.72 6.41
CA ASN F 636 26.85 -50.70 5.69
C ASN F 636 28.13 -50.06 5.18
N PRO F 637 29.10 -49.80 6.10
CA PRO F 637 30.28 -49.03 5.71
C PRO F 637 31.09 -49.77 4.65
N GLU F 638 31.00 -51.09 4.68
CA GLU F 638 31.72 -51.97 3.77
C GLU F 638 31.26 -51.78 2.33
N THR F 639 29.95 -51.78 2.14
CA THR F 639 29.35 -51.60 0.84
C THR F 639 29.53 -50.16 0.37
N ALA F 640 29.58 -49.24 1.33
CA ALA F 640 29.77 -47.82 1.03
C ALA F 640 31.14 -47.57 0.41
N LYS F 641 32.17 -48.16 1.01
CA LYS F 641 33.53 -48.07 0.49
C LYS F 641 33.58 -48.57 -0.96
N GLU F 642 32.89 -49.68 -1.20
CA GLU F 642 32.84 -50.31 -2.51
C GLU F 642 32.26 -49.39 -3.57
N ILE F 643 31.21 -48.66 -3.21
CA ILE F 643 30.57 -47.74 -4.15
C ILE F 643 31.45 -46.52 -4.35
N GLU F 644 31.97 -45.98 -3.25
CA GLU F 644 32.85 -44.82 -3.32
C GLU F 644 34.02 -45.07 -4.26
N LYS F 645 34.69 -46.22 -4.09
CA LYS F 645 35.85 -46.57 -4.89
C LYS F 645 35.54 -46.54 -6.38
N LYS F 646 34.42 -47.14 -6.74
CA LYS F 646 33.98 -47.18 -8.14
C LYS F 646 33.67 -45.79 -8.67
N VAL F 647 33.10 -44.94 -7.84
CA VAL F 647 32.80 -43.57 -8.23
C VAL F 647 34.10 -42.80 -8.47
N ARG F 648 35.06 -42.97 -7.57
CA ARG F 648 36.35 -42.33 -7.71
C ARG F 648 37.05 -42.78 -9.00
N GLU F 649 36.98 -44.09 -9.29
CA GLU F 649 37.56 -44.62 -10.53
C GLU F 649 36.85 -44.06 -11.74
N LEU F 650 35.53 -43.96 -11.64
CA LEU F 650 34.70 -43.45 -12.73
C LEU F 650 34.83 -41.95 -12.99
N LEU F 651 35.17 -41.17 -11.96
CA LEU F 651 35.06 -39.70 -12.06
C LEU F 651 36.30 -38.85 -11.73
N LEU F 652 37.38 -39.45 -11.25
CA LEU F 652 38.59 -38.69 -10.96
C LEU F 652 39.45 -38.42 -12.19
N SER F 653 39.66 -37.11 -12.39
CA SER F 653 40.65 -36.50 -13.28
C SER F 653 42.02 -37.20 -13.18
N ASN F 654 42.56 -37.30 -11.96
CA ASN F 654 43.91 -37.85 -11.77
C ASN F 654 44.01 -39.19 -10.98
N PRO F 655 45.09 -39.96 -11.22
CA PRO F 655 45.28 -41.29 -10.64
C PRO F 655 45.28 -41.40 -9.11
N ASN F 656 45.05 -42.63 -8.66
CA ASN F 656 45.19 -43.15 -7.27
C ASN F 656 45.07 -42.24 -6.03
N SER F 657 43.89 -42.25 -5.39
CA SER F 657 43.62 -41.38 -4.23
C SER F 657 43.70 -42.10 -2.87
N ALA F 674 58.58 -49.04 15.55
CA ALA F 674 60.00 -48.72 15.21
C ALA F 674 60.11 -47.42 14.41
N ILE F 675 59.03 -47.07 13.71
CA ILE F 675 59.03 -45.92 12.78
C ILE F 675 58.38 -44.66 13.38
N ASP F 676 57.21 -44.82 14.01
CA ASP F 676 56.46 -43.72 14.64
C ASP F 676 56.95 -43.40 16.06
N GLU F 677 57.87 -44.22 16.56
CA GLU F 677 58.47 -44.04 17.88
C GLU F 677 59.54 -42.94 17.82
N ASN F 678 60.16 -42.81 16.65
CA ASN F 678 61.07 -41.70 16.37
C ASN F 678 60.35 -40.37 16.19
N LYS F 679 59.12 -40.44 15.70
CA LYS F 679 58.28 -39.26 15.49
C LYS F 679 57.97 -38.54 16.80
N GLN F 680 57.65 -39.32 17.84
CA GLN F 680 57.27 -38.76 19.13
C GLN F 680 58.45 -38.17 19.90
N LYS F 681 59.66 -38.62 19.57
CA LYS F 681 60.89 -38.02 20.06
C LYS F 681 60.97 -36.55 19.57
N ALA F 682 60.91 -36.36 18.25
CA ALA F 682 61.02 -35.03 17.63
C ALA F 682 59.79 -34.15 17.88
N LEU F 683 58.64 -34.79 18.15
CA LEU F 683 57.42 -34.09 18.51
C LEU F 683 57.60 -33.42 19.87
N ALA F 684 57.83 -34.24 20.89
CA ALA F 684 58.01 -33.74 22.25
C ALA F 684 59.09 -32.68 22.30
N ALA F 685 60.13 -32.86 21.49
CA ALA F 685 61.23 -31.90 21.36
C ALA F 685 60.74 -30.54 20.83
N ALA F 686 59.83 -30.57 19.87
CA ALA F 686 59.27 -29.34 19.31
C ALA F 686 58.39 -28.62 20.33
N LEU F 687 57.57 -29.38 21.06
CA LEU F 687 56.67 -28.81 22.05
C LEU F 687 57.41 -28.13 23.22
N GLY F 688 58.51 -28.75 23.66
CA GLY F 688 59.37 -28.17 24.68
C GLY F 688 59.95 -26.85 24.21
N GLN F 689 60.51 -26.87 23.00
CA GLN F 689 60.98 -25.69 22.29
C GLN F 689 59.94 -24.57 22.32
N ILE F 690 58.73 -24.89 21.84
CA ILE F 690 57.66 -23.92 21.69
C ILE F 690 57.27 -23.28 23.02
N GLU F 691 57.05 -24.09 24.03
CA GLU F 691 56.54 -23.59 25.30
C GLU F 691 57.55 -22.78 26.10
N LYS F 692 58.84 -23.13 25.96
CA LYS F 692 59.90 -22.36 26.59
C LYS F 692 60.26 -21.15 25.72
N GLN F 693 59.40 -20.85 24.75
CA GLN F 693 59.59 -19.73 23.84
C GLN F 693 58.39 -18.78 23.77
N PHE F 694 57.19 -19.33 23.89
CA PHE F 694 55.97 -18.54 23.71
C PHE F 694 55.01 -18.66 24.89
N GLY F 695 55.51 -19.12 26.03
CA GLY F 695 54.71 -19.10 27.24
C GLY F 695 54.32 -20.46 27.80
N LYS F 696 53.97 -20.44 29.09
CA LYS F 696 53.66 -21.62 29.89
C LYS F 696 52.82 -22.66 29.16
N GLY F 697 51.71 -22.23 28.60
CA GLY F 697 50.78 -23.15 27.94
C GLY F 697 50.28 -22.65 26.61
N SER F 698 51.20 -22.22 25.76
CA SER F 698 50.87 -21.68 24.45
C SER F 698 50.28 -22.72 23.50
N ILE F 699 50.82 -23.94 23.56
CA ILE F 699 50.30 -25.07 22.78
C ILE F 699 49.99 -26.28 23.68
N MET F 700 48.80 -26.85 23.53
CA MET F 700 48.42 -28.06 24.26
C MET F 700 47.32 -28.83 23.54
N ARG F 701 47.04 -30.05 24.03
CA ARG F 701 45.95 -30.86 23.51
C ARG F 701 44.61 -30.24 23.80
N LEU F 702 43.80 -30.09 22.76
CA LEU F 702 42.51 -29.40 22.85
C LEU F 702 41.64 -29.93 23.98
N GLY F 703 41.71 -31.24 24.20
CA GLY F 703 40.85 -31.94 25.15
C GLY F 703 41.09 -31.58 26.60
N GLU F 704 42.26 -31.03 26.88
CA GLU F 704 42.61 -30.67 28.26
C GLU F 704 42.68 -29.17 28.52
N ASP F 705 42.67 -28.37 27.45
CA ASP F 705 42.67 -26.92 27.58
C ASP F 705 41.33 -26.43 28.13
N ARG F 706 41.34 -25.97 29.38
CA ARG F 706 40.13 -25.54 30.09
C ARG F 706 39.62 -24.19 29.61
N SER F 707 40.54 -23.29 29.28
CA SER F 707 40.20 -21.94 28.85
C SER F 707 39.48 -21.94 27.51
N MET F 708 39.30 -23.13 26.95
CA MET F 708 38.69 -23.31 25.64
C MET F 708 37.19 -23.62 25.73
N ASP F 709 36.75 -24.04 26.91
CA ASP F 709 35.35 -24.38 27.13
C ASP F 709 34.50 -23.12 27.07
N VAL F 710 33.22 -23.28 26.80
CA VAL F 710 32.34 -22.13 26.58
C VAL F 710 31.41 -21.86 27.75
N GLU F 711 31.40 -20.62 28.22
CA GLU F 711 30.53 -20.20 29.31
C GLU F 711 29.55 -19.15 28.79
N THR F 712 28.32 -19.11 29.32
CA THR F 712 27.32 -18.16 28.85
C THR F 712 26.67 -17.28 29.93
N ILE F 713 26.07 -16.17 29.49
CA ILE F 713 25.34 -15.22 30.33
C ILE F 713 23.93 -15.07 29.80
N SER F 714 22.93 -15.05 30.69
CA SER F 714 21.55 -14.81 30.29
C SER F 714 21.41 -13.48 29.52
N THR F 715 20.55 -13.44 28.51
CA THR F 715 20.29 -12.20 27.77
C THR F 715 19.16 -11.40 28.40
N GLY F 716 18.50 -11.99 29.39
CA GLY F 716 17.35 -11.36 30.03
C GLY F 716 16.07 -11.72 29.31
N SER F 717 16.21 -12.40 28.17
CA SER F 717 15.08 -13.01 27.50
C SER F 717 15.24 -14.51 27.50
N LEU F 718 14.23 -15.20 28.02
CA LEU F 718 14.28 -16.64 28.13
C LEU F 718 14.22 -17.27 26.76
N SER F 719 13.29 -16.82 25.93
CA SER F 719 13.13 -17.42 24.61
C SER F 719 14.35 -17.16 23.73
N LEU F 720 15.02 -16.01 23.94
CA LEU F 720 16.26 -15.71 23.23
C LEU F 720 17.35 -16.65 23.68
N ASP F 721 17.38 -16.94 24.98
CA ASP F 721 18.36 -17.87 25.53
C ASP F 721 18.19 -19.28 24.97
N ILE F 722 16.94 -19.66 24.70
CA ILE F 722 16.64 -20.95 24.08
C ILE F 722 17.09 -20.91 22.63
N ALA F 723 16.74 -19.83 21.93
CA ALA F 723 17.10 -19.63 20.54
C ALA F 723 18.61 -19.65 20.32
N LEU F 724 19.37 -19.21 21.33
CA LEU F 724 20.83 -19.22 21.25
C LEU F 724 21.41 -20.64 21.31
N GLY F 725 20.59 -21.61 21.73
CA GLY F 725 21.04 -22.98 21.89
C GLY F 725 21.85 -23.21 23.16
N ALA F 726 22.86 -22.37 23.38
CA ALA F 726 23.77 -22.51 24.51
C ALA F 726 23.19 -22.00 25.83
N GLY F 727 22.13 -21.23 25.75
CA GLY F 727 21.47 -20.74 26.94
C GLY F 727 21.82 -19.31 27.29
N GLY F 728 22.63 -18.69 26.44
CA GLY F 728 23.01 -17.29 26.60
C GLY F 728 24.19 -16.90 25.73
N LEU F 729 24.69 -15.67 25.92
CA LEU F 729 25.80 -15.17 25.12
C LEU F 729 27.14 -15.65 25.67
N PRO F 730 28.10 -15.94 24.76
CA PRO F 730 29.38 -16.52 25.15
C PRO F 730 30.41 -15.53 25.72
N MET F 731 30.97 -15.87 26.87
CA MET F 731 32.01 -15.06 27.50
C MET F 731 33.33 -15.11 26.75
N GLY F 732 34.03 -13.99 26.70
CA GLY F 732 35.34 -13.92 26.02
C GLY F 732 35.22 -13.91 24.50
N ARG F 733 34.02 -13.63 24.01
CA ARG F 733 33.73 -13.59 22.58
C ARG F 733 33.16 -12.23 22.16
N ILE F 734 32.97 -12.05 20.85
CA ILE F 734 32.39 -10.81 20.32
C ILE F 734 30.98 -11.09 19.84
N VAL F 735 30.06 -10.17 20.16
CA VAL F 735 28.67 -10.27 19.72
C VAL F 735 28.19 -8.98 19.04
N GLU F 736 27.43 -9.12 17.95
CA GLU F 736 26.79 -7.96 17.32
C GLU F 736 25.28 -8.04 17.39
N ILE F 737 24.65 -6.94 17.76
CA ILE F 737 23.19 -6.81 17.64
C ILE F 737 22.87 -5.66 16.71
N TYR F 738 22.08 -5.94 15.68
CA TYR F 738 21.64 -4.88 14.78
C TYR F 738 20.13 -4.93 14.56
N GLY F 739 19.58 -3.81 14.10
CA GLY F 739 18.15 -3.70 13.84
C GLY F 739 17.75 -2.27 13.53
N PRO F 740 16.51 -2.06 13.06
CA PRO F 740 15.93 -0.74 12.77
C PRO F 740 15.94 0.15 14.02
N GLU F 741 15.59 1.43 13.86
CA GLU F 741 15.61 2.36 14.99
C GLU F 741 14.49 2.08 15.97
N SER F 742 14.77 2.35 17.25
CA SER F 742 13.83 2.07 18.35
C SER F 742 13.32 0.63 18.28
N SER F 743 14.20 -0.31 17.98
CA SER F 743 13.77 -1.71 17.85
C SER F 743 13.95 -2.46 19.17
N GLY F 744 14.93 -2.03 19.96
CA GLY F 744 15.20 -2.62 21.25
C GLY F 744 16.67 -2.88 21.53
N LYS F 745 17.53 -2.46 20.61
CA LYS F 745 18.98 -2.70 20.72
C LYS F 745 19.58 -2.25 22.05
N THR F 746 19.51 -0.94 22.36
CA THR F 746 19.98 -0.42 23.66
C THR F 746 19.33 -1.20 24.84
N THR F 747 18.00 -1.21 24.86
CA THR F 747 17.20 -1.85 25.93
C THR F 747 17.67 -3.25 26.23
N LEU F 748 17.69 -4.09 25.21
CA LEU F 748 18.11 -5.48 25.35
C LEU F 748 19.49 -5.57 25.99
N THR F 749 20.42 -4.79 25.45
CA THR F 749 21.78 -4.70 25.96
C THR F 749 21.78 -4.47 27.47
N LEU F 750 21.05 -3.43 27.90
CA LEU F 750 20.98 -3.07 29.32
C LEU F 750 20.45 -4.22 30.18
N GLN F 751 19.50 -4.99 29.63
CA GLN F 751 18.94 -6.14 30.34
C GLN F 751 19.99 -7.21 30.62
N VAL F 752 20.96 -7.36 29.71
CA VAL F 752 22.01 -8.35 29.90
C VAL F 752 23.02 -7.86 30.90
N ILE F 753 23.24 -6.56 30.91
CA ILE F 753 24.10 -5.92 31.91
C ILE F 753 23.48 -6.15 33.28
N ALA F 754 22.20 -5.83 33.40
CA ALA F 754 21.45 -6.03 34.63
C ALA F 754 21.64 -7.47 35.11
N ALA F 755 21.37 -8.41 34.22
CA ALA F 755 21.49 -9.84 34.48
C ALA F 755 22.87 -10.20 34.99
N ALA F 756 23.90 -9.69 34.31
CA ALA F 756 25.29 -9.97 34.67
C ALA F 756 25.72 -9.36 36.02
N GLN F 757 25.14 -8.20 36.34
CA GLN F 757 25.42 -7.53 37.60
C GLN F 757 24.74 -8.25 38.75
N ARG F 758 23.59 -8.87 38.47
CA ARG F 758 22.85 -9.63 39.47
C ARG F 758 23.67 -10.83 39.94
N GLU F 759 24.53 -11.34 39.07
CA GLU F 759 25.47 -12.40 39.44
C GLU F 759 26.82 -11.83 39.86
N GLY F 760 26.90 -10.49 39.90
CA GLY F 760 28.09 -9.79 40.40
C GLY F 760 29.23 -9.60 39.41
N LYS F 761 28.90 -9.48 38.14
CA LYS F 761 29.94 -9.20 37.14
C LYS F 761 30.07 -7.69 36.94
N THR F 762 31.27 -7.24 36.59
CA THR F 762 31.53 -5.82 36.34
C THR F 762 31.27 -5.50 34.89
N CYS F 763 30.49 -4.45 34.66
CA CYS F 763 30.12 -4.05 33.30
C CYS F 763 30.60 -2.66 32.95
N ALA F 764 30.75 -2.44 31.65
CA ALA F 764 31.10 -1.13 31.13
C ALA F 764 30.23 -0.84 29.92
N PHE F 765 29.87 0.42 29.75
CA PHE F 765 29.03 0.83 28.64
C PHE F 765 29.73 1.98 27.90
N ILE F 766 29.76 1.88 26.57
CA ILE F 766 30.38 2.92 25.75
C ILE F 766 29.31 3.62 24.91
N ASP F 767 28.79 4.73 25.44
CA ASP F 767 27.67 5.43 24.81
C ASP F 767 28.10 6.36 23.70
N ALA F 768 28.66 5.79 22.64
CA ALA F 768 29.16 6.59 21.52
C ALA F 768 28.01 7.31 20.83
N GLU F 769 26.83 6.73 20.95
CA GLU F 769 25.62 7.28 20.37
C GLU F 769 25.18 8.51 21.17
N HIS F 770 25.77 8.67 22.36
CA HIS F 770 25.50 9.79 23.26
C HIS F 770 24.01 9.94 23.54
N ALA F 771 23.35 8.87 23.96
CA ALA F 771 21.90 8.92 24.07
C ALA F 771 21.31 8.13 25.25
N LEU F 772 22.15 7.40 25.97
CA LEU F 772 21.73 6.57 27.11
C LEU F 772 21.13 7.39 28.28
N ASP F 773 19.92 7.03 28.68
CA ASP F 773 19.24 7.68 29.80
C ASP F 773 19.44 6.88 31.08
N PRO F 774 20.19 7.41 32.04
CA PRO F 774 20.50 6.70 33.28
C PRO F 774 19.25 6.26 34.03
N ILE F 775 18.25 7.13 34.16
CA ILE F 775 17.03 6.80 34.91
C ILE F 775 16.30 5.58 34.31
N TYR F 776 16.17 5.57 32.99
CA TYR F 776 15.57 4.44 32.29
C TYR F 776 16.41 3.17 32.45
N ALA F 777 17.73 3.31 32.40
CA ALA F 777 18.62 2.17 32.64
C ALA F 777 18.36 1.58 34.02
N ARG F 778 18.15 2.43 35.01
CA ARG F 778 17.87 1.98 36.36
C ARG F 778 16.52 1.31 36.43
N LYS F 779 15.54 1.87 35.71
CA LYS F 779 14.20 1.29 35.64
C LYS F 779 14.24 -0.13 35.05
N LEU F 780 15.23 -0.38 34.21
CA LEU F 780 15.40 -1.68 33.60
C LEU F 780 16.10 -2.61 34.55
N GLY F 781 16.64 -2.06 35.63
CA GLY F 781 17.21 -2.86 36.71
C GLY F 781 18.73 -2.95 36.68
N VAL F 782 19.35 -1.92 36.12
CA VAL F 782 20.81 -1.86 36.06
C VAL F 782 21.31 -1.16 37.31
N ASP F 783 22.44 -1.62 37.83
CA ASP F 783 23.10 -0.96 38.94
C ASP F 783 23.90 0.21 38.37
N ILE F 784 23.29 1.40 38.43
CA ILE F 784 23.85 2.61 37.83
C ILE F 784 25.16 2.98 38.50
N ASP F 785 25.18 2.87 39.82
CA ASP F 785 26.33 3.31 40.60
C ASP F 785 27.59 2.53 40.31
N ASN F 786 27.44 1.32 39.81
CA ASN F 786 28.57 0.45 39.53
C ASN F 786 28.81 0.16 38.07
N LEU F 787 27.90 0.63 37.22
CA LEU F 787 28.05 0.49 35.78
C LEU F 787 29.03 1.54 35.30
N LEU F 788 30.21 1.08 34.88
CA LEU F 788 31.19 1.95 34.25
C LEU F 788 30.65 2.43 32.94
N CYS F 789 30.93 3.68 32.62
CA CYS F 789 30.34 4.31 31.49
C CYS F 789 31.24 5.39 30.91
N SER F 790 31.31 5.43 29.58
CA SER F 790 32.11 6.42 28.89
C SER F 790 31.42 6.89 27.62
N GLN F 791 31.37 8.22 27.45
CA GLN F 791 30.99 8.83 26.19
C GLN F 791 32.27 9.35 25.55
N PRO F 792 32.84 8.57 24.62
CA PRO F 792 34.13 8.89 24.03
C PRO F 792 33.98 9.96 22.96
N ASP F 793 35.09 10.60 22.58
CA ASP F 793 35.08 11.68 21.61
C ASP F 793 35.34 11.18 20.19
N THR F 794 36.38 10.38 20.01
CA THR F 794 36.64 9.75 18.72
C THR F 794 36.31 8.26 18.80
N GLY F 795 36.25 7.59 17.64
CA GLY F 795 36.01 6.15 17.59
C GLY F 795 37.20 5.37 18.09
N GLU F 796 38.40 5.81 17.72
CA GLU F 796 39.66 5.19 18.16
C GLU F 796 39.74 5.21 19.67
N GLN F 797 39.33 6.32 20.27
CA GLN F 797 39.26 6.47 21.72
C GLN F 797 38.38 5.39 22.31
N ALA F 798 37.15 5.28 21.80
CA ALA F 798 36.19 4.25 22.24
C ALA F 798 36.80 2.84 22.21
N LEU F 799 37.47 2.49 21.13
CA LEU F 799 38.03 1.17 20.97
C LEU F 799 39.28 0.95 21.82
N GLU F 800 40.14 1.96 21.88
CA GLU F 800 41.30 1.92 22.75
C GLU F 800 40.90 1.68 24.20
N ILE F 801 39.80 2.31 24.61
CA ILE F 801 39.24 2.13 25.92
C ILE F 801 38.92 0.67 26.14
N CYS F 802 38.21 0.07 25.19
CA CYS F 802 37.87 -1.35 25.25
C CYS F 802 39.10 -2.21 25.46
N ASP F 803 40.10 -1.99 24.61
CA ASP F 803 41.35 -2.73 24.65
C ASP F 803 42.03 -2.66 26.03
N ALA F 804 41.94 -1.50 26.67
CA ALA F 804 42.43 -1.31 28.03
C ALA F 804 41.61 -2.13 29.01
N LEU F 805 40.29 -2.02 28.91
CA LEU F 805 39.38 -2.72 29.80
C LEU F 805 39.40 -4.22 29.60
N ALA F 806 39.67 -4.65 28.38
CA ALA F 806 39.85 -6.07 28.09
C ALA F 806 41.11 -6.55 28.81
N ARG F 807 42.26 -5.98 28.45
CA ARG F 807 43.55 -6.34 29.02
C ARG F 807 43.57 -6.27 30.54
N SER F 808 42.81 -5.34 31.11
CA SER F 808 42.78 -5.17 32.57
C SER F 808 42.30 -6.44 33.27
N GLY F 809 41.39 -7.15 32.62
CA GLY F 809 40.81 -8.39 33.16
C GLY F 809 39.90 -8.12 34.33
N ALA F 810 39.54 -6.86 34.52
CA ALA F 810 38.69 -6.44 35.61
C ALA F 810 37.22 -6.40 35.19
N VAL F 811 36.99 -6.02 33.94
CA VAL F 811 35.64 -5.95 33.38
C VAL F 811 35.26 -7.28 32.74
N ASP F 812 34.01 -7.67 32.95
CA ASP F 812 33.48 -8.93 32.47
C ASP F 812 32.66 -8.76 31.21
N VAL F 813 31.89 -7.67 31.14
CA VAL F 813 31.07 -7.39 29.95
C VAL F 813 31.10 -5.90 29.55
N ILE F 814 31.43 -5.66 28.27
CA ILE F 814 31.53 -4.33 27.70
C ILE F 814 30.53 -4.25 26.54
N VAL F 815 29.78 -3.17 26.50
CA VAL F 815 28.91 -2.89 25.36
C VAL F 815 29.18 -1.52 24.74
N VAL F 816 29.27 -1.51 23.41
CA VAL F 816 29.46 -0.31 22.63
C VAL F 816 28.17 0.07 21.91
N ASP F 817 27.61 1.24 22.23
CA ASP F 817 26.33 1.67 21.64
C ASP F 817 26.55 2.41 20.32
N SER F 818 26.21 1.68 19.25
CA SER F 818 26.33 2.06 17.83
C SER F 818 27.75 2.08 17.31
N VAL F 819 28.14 1.05 16.57
CA VAL F 819 29.39 1.14 15.81
C VAL F 819 29.19 2.24 14.77
N ALA F 820 27.93 2.43 14.38
CA ALA F 820 27.55 3.54 13.53
C ALA F 820 28.13 4.86 14.02
N ALA F 821 28.18 5.03 15.34
CA ALA F 821 28.63 6.28 15.96
C ALA F 821 30.13 6.33 16.26
N LEU F 822 30.86 5.29 15.86
CA LEU F 822 32.32 5.23 16.07
C LEU F 822 33.06 6.04 15.03
N THR F 823 32.95 7.37 15.12
CA THR F 823 33.51 8.29 14.14
C THR F 823 35.02 8.36 14.26
N PRO F 824 35.75 8.02 13.17
CA PRO F 824 37.20 8.09 13.18
C PRO F 824 37.71 9.50 13.48
N LYS F 825 38.91 9.57 14.05
CA LYS F 825 39.54 10.81 14.47
C LYS F 825 39.59 11.82 13.34
N ALA F 826 40.13 11.39 12.20
CA ALA F 826 40.31 12.23 11.02
C ALA F 826 39.01 12.82 10.49
N GLU F 827 37.91 12.09 10.70
CA GLU F 827 36.58 12.51 10.26
C GLU F 827 36.05 13.69 11.09
N ILE F 828 36.20 13.63 12.42
CA ILE F 828 35.80 14.71 13.31
C ILE F 828 36.70 15.91 13.11
N GLU F 829 37.99 15.65 12.98
CA GLU F 829 38.98 16.69 12.75
C GLU F 829 38.84 17.32 11.36
N GLY F 830 38.37 16.53 10.39
CA GLY F 830 38.03 17.04 9.06
C GLY F 830 36.69 17.76 9.06
N GLU F 831 36.29 18.28 7.90
CA GLU F 831 35.00 18.97 7.76
C GLU F 831 33.91 18.00 7.35
N ILE F 832 32.68 18.51 7.25
CA ILE F 832 31.59 17.72 6.70
C ILE F 832 31.63 17.86 5.19
N GLY F 833 31.73 16.72 4.50
CA GLY F 833 32.00 16.70 3.09
C GLY F 833 33.34 16.03 2.82
N ASP F 834 34.31 16.25 3.71
CA ASP F 834 35.60 15.56 3.62
C ASP F 834 35.32 14.08 3.51
N SER F 835 35.78 13.45 2.43
CA SER F 835 35.51 12.03 2.23
C SER F 835 36.63 11.18 2.77
N HIS F 836 36.25 10.22 3.60
CA HIS F 836 37.20 9.30 4.17
C HIS F 836 36.78 7.90 3.72
N MET F 837 37.16 7.54 2.49
CA MET F 837 36.82 6.24 1.90
C MET F 837 37.20 5.10 2.82
N GLY F 838 36.21 4.29 3.19
CA GLY F 838 36.40 3.13 4.09
C GLY F 838 37.46 3.25 5.17
N LEU F 839 37.61 4.47 5.71
CA LEU F 839 38.52 4.72 6.82
C LEU F 839 37.90 4.08 8.06
N ALA F 840 36.58 4.26 8.19
CA ALA F 840 35.85 3.72 9.32
C ALA F 840 36.01 2.20 9.38
N ALA F 841 35.83 1.55 8.23
CA ALA F 841 35.87 0.08 8.10
C ALA F 841 37.25 -0.50 8.37
N ARG F 842 38.28 0.21 7.87
CA ARG F 842 39.66 -0.18 8.05
C ARG F 842 40.03 -0.08 9.53
N MET F 843 39.40 0.87 10.20
CA MET F 843 39.60 1.05 11.63
C MET F 843 39.04 -0.13 12.40
N MET F 844 37.81 -0.51 12.06
CA MET F 844 37.13 -1.67 12.66
C MET F 844 37.94 -2.94 12.51
N SER F 845 38.48 -3.13 11.31
CA SER F 845 39.21 -4.32 10.96
C SER F 845 40.48 -4.45 11.79
N GLN F 846 41.09 -3.30 12.11
CA GLN F 846 42.24 -3.27 12.96
C GLN F 846 41.84 -3.57 14.40
N ALA F 847 40.73 -3.00 14.83
CA ALA F 847 40.23 -3.19 16.19
C ALA F 847 39.95 -4.65 16.48
N MET F 848 39.27 -5.32 15.56
CA MET F 848 38.96 -6.75 15.68
C MET F 848 40.18 -7.60 15.96
N ARG F 849 41.20 -7.47 15.12
CA ARG F 849 42.48 -8.15 15.28
C ARG F 849 43.05 -8.03 16.69
N LYS F 850 43.13 -6.79 17.19
CA LYS F 850 43.66 -6.51 18.52
C LYS F 850 42.79 -7.02 19.67
N LEU F 851 41.48 -6.95 19.51
CA LEU F 851 40.57 -7.27 20.60
C LEU F 851 40.36 -8.76 20.84
N ALA F 852 40.23 -9.55 19.78
CA ALA F 852 39.96 -10.97 19.89
C ALA F 852 40.86 -11.65 20.93
N GLY F 853 42.18 -11.45 20.79
CA GLY F 853 43.15 -12.04 21.70
C GLY F 853 42.99 -11.61 23.13
N ASN F 854 42.83 -10.30 23.33
CA ASN F 854 42.69 -9.72 24.66
C ASN F 854 41.36 -10.05 25.35
N LEU F 855 40.34 -10.35 24.56
CA LEU F 855 39.02 -10.64 25.11
C LEU F 855 38.90 -12.08 25.61
N LYS F 856 39.57 -13.01 24.92
CA LYS F 856 39.52 -14.41 25.31
C LYS F 856 40.38 -14.64 26.54
N GLN F 857 41.61 -14.13 26.53
CA GLN F 857 42.53 -14.32 27.66
C GLN F 857 42.05 -13.61 28.93
N SER F 858 41.08 -12.71 28.78
CA SER F 858 40.47 -12.00 29.90
C SER F 858 39.10 -12.56 30.26
N ASN F 859 38.59 -13.43 29.40
CA ASN F 859 37.22 -13.92 29.50
C ASN F 859 36.21 -12.77 29.63
N THR F 860 36.31 -11.82 28.70
CA THR F 860 35.47 -10.62 28.70
C THR F 860 34.55 -10.60 27.48
N LEU F 861 33.25 -10.45 27.71
CA LEU F 861 32.26 -10.37 26.62
C LEU F 861 32.18 -8.95 26.07
N LEU F 862 32.12 -8.82 24.75
CA LEU F 862 31.94 -7.52 24.08
C LEU F 862 30.76 -7.55 23.11
N ILE F 863 29.77 -6.68 23.35
CA ILE F 863 28.62 -6.54 22.47
C ILE F 863 28.63 -5.21 21.70
N PHE F 864 28.61 -5.30 20.37
CA PHE F 864 28.49 -4.12 19.54
C PHE F 864 27.04 -3.96 19.08
N ILE F 865 26.45 -2.81 19.39
CA ILE F 865 25.17 -2.46 18.78
C ILE F 865 25.42 -1.78 17.43
N ASN F 866 24.68 -2.21 16.41
CA ASN F 866 24.84 -1.60 15.11
C ASN F 866 23.51 -1.16 14.50
N GLN F 867 23.59 -0.15 13.64
CA GLN F 867 22.43 0.34 12.90
C GLN F 867 22.37 -0.28 11.52
N ILE F 868 21.21 -0.15 10.88
CA ILE F 868 20.99 -0.63 9.53
C ILE F 868 21.09 0.52 8.52
N ARG F 869 21.88 0.30 7.47
CA ARG F 869 21.91 1.21 6.34
C ARG F 869 21.41 0.44 5.13
N MET F 870 20.95 1.17 4.14
CA MET F 870 20.51 0.54 2.92
C MET F 870 21.67 0.54 1.96
N LYS F 871 21.84 -0.58 1.25
CA LYS F 871 22.79 -0.61 0.14
C LYS F 871 22.01 -0.40 -1.13
N ILE F 872 22.55 0.46 -1.96
CA ILE F 872 21.85 0.90 -3.14
C ILE F 872 22.48 0.25 -4.38
N GLY F 873 21.63 -0.17 -5.30
CA GLY F 873 22.06 -0.88 -6.49
C GLY F 873 22.10 -2.38 -6.29
N VAL F 874 21.23 -2.88 -5.42
CA VAL F 874 21.07 -4.33 -5.21
C VAL F 874 19.60 -4.72 -5.37
N MET F 875 19.33 -5.66 -6.27
CA MET F 875 17.96 -6.02 -6.68
C MET F 875 17.55 -7.42 -6.20
N PHE F 876 18.53 -8.33 -6.21
CA PHE F 876 18.42 -9.61 -5.52
C PHE F 876 18.58 -9.41 -3.98
N GLY F 877 18.61 -10.50 -3.23
CA GLY F 877 18.90 -10.49 -1.79
C GLY F 877 18.08 -9.51 -0.99
N ASN F 878 18.67 -8.99 0.06
CA ASN F 878 18.06 -7.89 0.78
C ASN F 878 18.96 -6.67 0.67
N PRO F 879 18.36 -5.47 0.69
CA PRO F 879 19.16 -4.27 0.49
C PRO F 879 19.71 -3.68 1.80
N GLU F 880 19.87 -4.50 2.83
CA GLU F 880 20.29 -4.01 4.14
C GLU F 880 21.73 -4.35 4.48
N THR F 881 22.46 -3.39 5.05
CA THR F 881 23.77 -3.69 5.62
C THR F 881 23.91 -3.13 7.01
N THR F 882 25.18 -3.07 7.42
CA THR F 882 25.62 -2.84 8.76
C THR F 882 26.82 -1.91 8.64
N THR F 883 26.87 -0.87 9.47
CA THR F 883 27.95 0.12 9.39
C THR F 883 29.28 -0.49 9.82
N GLY F 884 30.38 0.03 9.31
CA GLY F 884 31.71 -0.38 9.77
C GLY F 884 32.25 -1.63 9.11
N GLY F 885 31.93 -1.79 7.82
CA GLY F 885 32.54 -2.81 6.99
C GLY F 885 32.27 -4.24 7.37
N ASN F 886 33.16 -5.12 6.91
CA ASN F 886 32.95 -6.57 6.98
C ASN F 886 33.65 -7.23 8.15
N ALA F 887 34.54 -6.48 8.80
CA ALA F 887 35.36 -7.02 9.87
C ALA F 887 34.51 -7.68 10.96
N LEU F 888 33.50 -6.97 11.44
CA LEU F 888 32.72 -7.45 12.57
C LEU F 888 31.90 -8.70 12.28
N LYS F 889 31.36 -8.80 11.06
CA LYS F 889 30.61 -10.01 10.59
C LYS F 889 31.37 -11.31 10.91
N PHE F 890 32.67 -11.31 10.58
CA PHE F 890 33.53 -12.48 10.72
C PHE F 890 33.88 -12.80 12.18
N TYR F 891 34.27 -11.79 12.92
CA TYR F 891 34.79 -12.00 14.26
C TYR F 891 33.69 -12.29 15.27
N ALA F 892 32.48 -11.82 15.02
CA ALA F 892 31.37 -12.03 15.95
C ALA F 892 31.06 -13.52 16.06
N SER F 893 30.86 -13.98 17.29
CA SER F 893 30.52 -15.37 17.53
C SER F 893 29.02 -15.54 17.48
N VAL F 894 28.30 -14.47 17.78
CA VAL F 894 26.85 -14.42 17.67
C VAL F 894 26.40 -13.10 17.00
N ARG F 895 25.42 -13.18 16.11
CA ARG F 895 24.88 -12.00 15.46
C ARG F 895 23.37 -11.99 15.55
N LEU F 896 22.81 -10.95 16.12
CA LEU F 896 21.38 -10.86 16.38
C LEU F 896 20.69 -9.82 15.54
N ASP F 897 19.51 -10.17 15.05
CA ASP F 897 18.68 -9.24 14.28
C ASP F 897 17.37 -8.98 15.02
N ILE F 898 17.26 -7.81 15.65
CA ILE F 898 16.08 -7.48 16.46
C ILE F 898 15.14 -6.52 15.73
N ARG F 899 13.84 -6.77 15.83
CA ARG F 899 12.83 -5.96 15.15
C ARG F 899 11.54 -5.81 15.94
N ARG F 900 11.00 -4.59 15.94
CA ARG F 900 9.68 -4.32 16.52
C ARG F 900 8.62 -4.82 15.53
N ILE F 901 7.78 -5.75 15.96
CA ILE F 901 6.83 -6.39 15.07
C ILE F 901 5.39 -5.96 15.29
N GLY F 902 5.11 -5.41 16.47
CA GLY F 902 3.76 -4.96 16.82
C GLY F 902 3.74 -4.12 18.08
N ALA F 903 2.56 -3.62 18.40
CA ALA F 903 2.41 -2.77 19.58
C ALA F 903 1.74 -3.56 20.70
N VAL F 904 2.21 -3.38 21.93
CA VAL F 904 1.56 -3.98 23.12
C VAL F 904 0.52 -3.00 23.64
N LYS F 905 -0.75 -3.25 23.30
CA LYS F 905 -1.80 -2.28 23.54
C LYS F 905 -2.51 -2.43 24.89
N GLU F 906 -3.24 -1.39 25.29
CA GLU F 906 -3.93 -1.32 26.55
C GLU F 906 -5.28 -0.64 26.34
N GLY F 907 -6.05 -1.19 25.40
CA GLY F 907 -7.29 -0.54 24.96
C GLY F 907 -6.93 0.69 24.14
N GLU F 908 -6.58 1.76 24.83
CA GLU F 908 -6.16 3.00 24.19
C GLU F 908 -4.65 3.10 24.11
N ASN F 909 -3.98 2.76 25.21
CA ASN F 909 -2.54 2.97 25.37
C ASN F 909 -1.64 1.99 24.65
N VAL F 910 -0.48 2.49 24.22
CA VAL F 910 0.60 1.65 23.73
C VAL F 910 1.62 1.59 24.85
N VAL F 911 1.71 0.42 25.51
CA VAL F 911 2.54 0.24 26.71
C VAL F 911 3.85 -0.55 26.46
N GLY F 912 3.99 -1.10 25.24
CA GLY F 912 5.18 -1.86 24.89
C GLY F 912 5.34 -2.18 23.41
N SER F 913 6.48 -2.77 23.07
CA SER F 913 6.78 -3.20 21.71
C SER F 913 6.85 -4.71 21.65
N GLU F 914 6.02 -5.32 20.81
CA GLU F 914 6.16 -6.73 20.48
C GLU F 914 7.45 -6.89 19.67
N THR F 915 8.27 -7.87 20.06
CA THR F 915 9.64 -7.94 19.56
C THR F 915 10.02 -9.33 19.06
N ARG F 916 10.80 -9.37 18.00
CA ARG F 916 11.31 -10.62 17.44
C ARG F 916 12.81 -10.48 17.16
N VAL F 917 13.58 -11.44 17.68
CA VAL F 917 15.02 -11.50 17.44
C VAL F 917 15.34 -12.77 16.62
N LYS F 918 16.17 -12.64 15.59
CA LYS F 918 16.67 -13.78 14.84
C LYS F 918 18.14 -13.99 15.14
N VAL F 919 18.53 -15.23 15.43
CA VAL F 919 19.96 -15.54 15.50
C VAL F 919 20.48 -15.73 14.08
N VAL F 920 21.31 -14.80 13.63
CA VAL F 920 21.70 -14.74 12.23
C VAL F 920 23.06 -15.38 12.03
N LYS F 921 23.93 -15.27 13.03
CA LYS F 921 25.17 -16.04 13.04
C LYS F 921 25.31 -16.74 14.38
N ASN F 922 25.82 -17.96 14.35
CA ASN F 922 26.05 -18.73 15.58
C ASN F 922 27.25 -19.66 15.52
N LYS F 923 28.28 -19.32 16.28
CA LYS F 923 29.50 -20.11 16.35
C LYS F 923 29.46 -20.97 17.60
N ILE F 924 28.36 -20.86 18.34
CA ILE F 924 28.24 -21.47 19.66
C ILE F 924 27.24 -22.63 19.68
N ALA F 925 26.21 -22.52 18.85
CA ALA F 925 25.18 -23.56 18.67
C ALA F 925 24.65 -23.48 17.24
N ALA F 926 23.59 -24.23 16.94
CA ALA F 926 22.90 -24.10 15.65
C ALA F 926 22.31 -22.68 15.48
N PRO F 927 22.51 -22.06 14.30
CA PRO F 927 21.99 -20.73 14.03
C PRO F 927 20.56 -20.73 13.53
N PHE F 928 20.02 -19.54 13.32
CA PHE F 928 18.72 -19.33 12.66
C PHE F 928 17.46 -19.65 13.46
N LYS F 929 17.60 -19.89 14.75
CA LYS F 929 16.45 -19.97 15.64
C LYS F 929 16.01 -18.55 15.92
N GLN F 930 14.73 -18.35 16.22
CA GLN F 930 14.25 -17.01 16.52
C GLN F 930 13.38 -16.96 17.77
N ALA F 931 13.43 -15.83 18.46
CA ALA F 931 12.68 -15.63 19.69
C ALA F 931 11.81 -14.39 19.59
N GLU F 932 10.59 -14.50 20.11
CA GLU F 932 9.70 -13.36 20.23
C GLU F 932 9.46 -13.05 21.70
N PHE F 933 9.14 -11.79 22.00
CA PHE F 933 8.80 -11.41 23.36
C PHE F 933 8.25 -9.99 23.41
N GLN F 934 7.99 -9.51 24.62
CA GLN F 934 7.50 -8.17 24.81
C GLN F 934 8.50 -7.28 25.54
N ILE F 935 8.71 -6.06 25.02
CA ILE F 935 9.40 -5.03 25.77
C ILE F 935 8.34 -4.08 26.29
N LEU F 936 8.17 -4.09 27.60
CA LEU F 936 7.26 -3.16 28.28
C LEU F 936 8.00 -1.89 28.63
N TYR F 937 7.58 -0.77 28.06
CA TYR F 937 8.29 0.49 28.22
C TYR F 937 8.42 0.82 29.70
N GLY F 938 9.64 1.10 30.13
CA GLY F 938 9.89 1.48 31.53
C GLY F 938 10.07 0.30 32.47
N GLU F 939 9.96 -0.91 31.93
CA GLU F 939 10.12 -2.12 32.73
C GLU F 939 11.18 -3.03 32.15
N GLY F 940 11.09 -3.28 30.84
CA GLY F 940 12.08 -4.09 30.15
C GLY F 940 11.43 -5.27 29.45
N ILE F 941 12.24 -6.31 29.23
CA ILE F 941 11.81 -7.56 28.61
C ILE F 941 10.84 -8.25 29.49
N ASN F 942 9.72 -8.55 28.89
CA ASN F 942 8.76 -9.25 29.65
C ASN F 942 9.19 -10.71 29.79
N PHE F 943 10.07 -10.96 30.76
CA PHE F 943 10.66 -12.27 30.97
C PHE F 943 9.63 -13.27 31.44
N TYR F 944 8.84 -12.86 32.42
CA TYR F 944 7.83 -13.74 32.97
C TYR F 944 6.73 -14.02 31.98
N GLY F 945 6.45 -13.04 31.11
CA GLY F 945 5.57 -13.24 29.98
C GLY F 945 6.04 -14.42 29.16
N GLU F 946 7.29 -14.39 28.73
CA GLU F 946 7.90 -15.49 27.99
C GLU F 946 7.70 -16.78 28.74
N LEU F 947 8.00 -16.75 30.04
CA LEU F 947 7.96 -17.95 30.91
C LEU F 947 6.59 -18.61 30.96
N VAL F 948 5.55 -17.81 31.06
CA VAL F 948 4.18 -18.30 31.01
C VAL F 948 3.97 -19.06 29.70
N ASP F 949 4.23 -18.41 28.57
CA ASP F 949 3.99 -19.00 27.27
C ASP F 949 4.78 -20.26 27.03
N LEU F 950 6.06 -20.21 27.35
CA LEU F 950 6.94 -21.35 27.21
C LEU F 950 6.46 -22.50 28.10
N GLY F 951 6.02 -22.17 29.31
CA GLY F 951 5.53 -23.17 30.26
C GLY F 951 4.27 -23.89 29.80
N VAL F 952 3.33 -23.13 29.24
CA VAL F 952 2.08 -23.66 28.71
C VAL F 952 2.35 -24.56 27.50
N LYS F 953 3.30 -24.12 26.68
CA LYS F 953 3.69 -24.82 25.47
C LYS F 953 4.31 -26.18 25.79
N GLU F 954 5.06 -26.27 26.88
CA GLU F 954 5.72 -27.50 27.28
C GLU F 954 4.86 -28.35 28.19
N LYS F 955 3.62 -27.90 28.41
CA LYS F 955 2.66 -28.59 29.25
C LYS F 955 3.03 -28.60 30.75
N LEU F 956 3.87 -27.64 31.16
CA LEU F 956 4.20 -27.46 32.58
C LEU F 956 3.17 -26.58 33.27
N ILE F 957 2.55 -25.69 32.52
CA ILE F 957 1.44 -24.88 33.01
C ILE F 957 0.18 -25.29 32.27
N GLU F 958 -0.91 -25.48 33.02
CA GLU F 958 -2.18 -25.88 32.45
C GLU F 958 -2.99 -24.66 32.03
N LYS F 959 -3.54 -24.68 30.83
CA LYS F 959 -4.42 -23.58 30.38
C LYS F 959 -5.85 -24.06 30.08
N ALA F 960 -6.75 -23.82 31.03
CA ALA F 960 -8.18 -24.14 30.88
C ALA F 960 -8.95 -22.90 30.39
N GLY F 961 -8.86 -22.64 29.09
CA GLY F 961 -9.47 -21.46 28.49
C GLY F 961 -8.73 -20.17 28.85
N ALA F 962 -9.28 -19.44 29.81
CA ALA F 962 -8.67 -18.21 30.32
C ALA F 962 -7.97 -18.42 31.66
N TRP F 963 -8.09 -19.64 32.21
CA TRP F 963 -7.50 -19.99 33.50
C TRP F 963 -6.16 -20.72 33.38
N TYR F 964 -5.19 -20.29 34.17
CA TYR F 964 -3.85 -20.86 34.18
C TYR F 964 -3.58 -21.59 35.48
N SER F 965 -3.24 -22.87 35.39
CA SER F 965 -2.98 -23.69 36.57
C SER F 965 -1.57 -24.25 36.57
N TYR F 966 -0.92 -24.24 37.72
CA TYR F 966 0.35 -24.94 37.88
C TYR F 966 0.26 -26.00 38.97
N LYS F 967 0.51 -27.26 38.59
CA LYS F 967 0.43 -28.38 39.51
C LYS F 967 -0.88 -28.38 40.29
N GLY F 968 -2.00 -28.13 39.59
CA GLY F 968 -3.33 -28.17 40.19
C GLY F 968 -3.79 -26.88 40.82
N GLU F 969 -2.83 -26.07 41.26
CA GLU F 969 -3.12 -24.77 41.86
C GLU F 969 -3.35 -23.75 40.76
N LYS F 970 -4.49 -23.08 40.81
CA LYS F 970 -4.82 -22.03 39.84
C LYS F 970 -4.02 -20.78 40.16
N ILE F 971 -3.29 -20.27 39.17
CA ILE F 971 -2.33 -19.17 39.39
C ILE F 971 -2.71 -17.84 38.73
N GLY F 972 -3.66 -17.88 37.81
CA GLY F 972 -4.11 -16.65 37.19
C GLY F 972 -5.30 -16.83 36.28
N GLN F 973 -5.86 -15.70 35.85
CA GLN F 973 -6.92 -15.68 34.86
C GLN F 973 -6.45 -14.77 33.73
N GLY F 974 -6.06 -15.38 32.61
CA GLY F 974 -5.47 -14.64 31.49
C GLY F 974 -4.00 -14.31 31.71
N LYS F 975 -3.22 -14.37 30.62
CA LYS F 975 -1.76 -14.19 30.67
C LYS F 975 -1.29 -13.06 31.60
N ALA F 976 -2.07 -11.99 31.66
CA ALA F 976 -1.80 -10.85 32.54
C ALA F 976 -1.50 -11.27 33.99
N ASN F 977 -2.44 -11.97 34.60
CA ASN F 977 -2.31 -12.39 36.00
C ASN F 977 -1.31 -13.49 36.23
N ALA F 978 -1.29 -14.46 35.32
CA ALA F 978 -0.36 -15.58 35.40
C ALA F 978 1.07 -15.07 35.47
N THR F 979 1.36 -14.05 34.65
CA THR F 979 2.65 -13.37 34.66
C THR F 979 2.90 -12.75 36.02
N ALA F 980 1.90 -12.01 36.51
CA ALA F 980 2.03 -11.36 37.80
C ALA F 980 2.23 -12.34 38.95
N TRP F 981 1.67 -13.54 38.81
CA TRP F 981 1.81 -14.57 39.84
C TRP F 981 3.23 -15.14 39.91
N LEU F 982 3.81 -15.45 38.76
CA LEU F 982 5.19 -15.89 38.69
C LEU F 982 6.14 -14.80 39.21
N LYS F 983 5.72 -13.55 39.04
CA LYS F 983 6.47 -12.43 39.58
C LYS F 983 6.50 -12.59 41.10
N ASP F 984 5.34 -12.91 41.68
CA ASP F 984 5.15 -12.98 43.13
C ASP F 984 5.75 -14.22 43.77
N ASN F 985 5.95 -15.27 42.98
CA ASN F 985 6.53 -16.52 43.47
C ASN F 985 7.84 -16.81 42.75
N PRO F 986 8.90 -16.08 43.10
CA PRO F 986 10.15 -16.18 42.34
C PRO F 986 10.74 -17.58 42.46
N GLU F 987 10.45 -18.24 43.58
CA GLU F 987 10.92 -19.58 43.87
C GLU F 987 10.36 -20.60 42.89
N THR F 988 9.05 -20.56 42.70
CA THR F 988 8.36 -21.46 41.78
C THR F 988 8.73 -21.12 40.35
N ALA F 989 9.00 -19.84 40.10
CA ALA F 989 9.38 -19.37 38.77
C ALA F 989 10.71 -19.98 38.34
N LYS F 990 11.69 -19.98 39.24
CA LYS F 990 13.00 -20.58 38.98
C LYS F 990 12.83 -22.05 38.62
N GLU F 991 11.94 -22.72 39.35
CA GLU F 991 11.67 -24.14 39.18
C GLU F 991 11.15 -24.46 37.79
N ILE F 992 10.25 -23.63 37.29
CA ILE F 992 9.68 -23.81 35.97
C ILE F 992 10.72 -23.48 34.90
N GLU F 993 11.42 -22.36 35.09
CA GLU F 993 12.45 -21.94 34.13
C GLU F 993 13.49 -23.05 33.94
N LYS F 994 13.98 -23.60 35.05
CA LYS F 994 15.01 -24.64 35.01
C LYS F 994 14.55 -25.81 34.15
N LYS F 995 13.31 -26.26 34.37
CA LYS F 995 12.73 -27.38 33.61
C LYS F 995 12.60 -27.06 32.12
N VAL F 996 12.24 -25.82 31.81
CA VAL F 996 12.14 -25.38 30.42
C VAL F 996 13.51 -25.41 29.75
N ARG F 997 14.51 -24.88 30.44
CA ARG F 997 15.88 -24.89 29.95
C ARG F 997 16.37 -26.30 29.71
N GLU F 998 16.09 -27.21 30.63
CA GLU F 998 16.44 -28.62 30.44
C GLU F 998 15.72 -29.21 29.24
N LEU F 999 14.43 -28.86 29.11
CA LEU F 999 13.59 -29.38 28.05
C LEU F 999 13.93 -28.84 26.67
N LEU F 1000 14.47 -27.63 26.60
CA LEU F 1000 14.59 -26.93 25.30
C LEU F 1000 15.96 -26.42 24.84
N LEU F 1001 16.98 -26.48 25.71
CA LEU F 1001 18.34 -26.06 25.30
C LEU F 1001 19.10 -27.13 24.50
N SER F 1002 19.56 -26.75 23.29
CA SER F 1002 20.19 -27.72 22.34
C SER F 1002 21.66 -28.09 22.60
N ASN F 1003 22.46 -27.16 23.14
CA ASN F 1003 23.76 -27.53 23.75
C ASN F 1003 23.91 -26.79 25.09
N PRO F 1004 23.55 -27.45 26.22
CA PRO F 1004 23.57 -26.80 27.54
C PRO F 1004 24.97 -26.53 28.15
N ASN F 1005 25.14 -25.27 28.60
CA ASN F 1005 26.34 -24.66 29.25
C ASN F 1005 27.16 -25.52 30.24
N SER F 1006 27.62 -24.88 31.32
CA SER F 1006 28.35 -25.53 32.41
C SER F 1006 28.01 -24.85 33.74
N ALA F 1024 40.16 -12.46 48.45
CA ALA F 1024 41.56 -12.78 48.04
C ALA F 1024 41.71 -12.77 46.52
N ILE F 1025 40.60 -13.00 45.82
CA ILE F 1025 40.60 -13.18 44.36
C ILE F 1025 40.16 -11.92 43.61
N ASP F 1026 39.05 -11.32 44.05
CA ASP F 1026 38.51 -10.10 43.45
C ASP F 1026 39.18 -8.80 43.94
N GLU F 1027 40.06 -8.97 44.93
CA GLU F 1027 40.82 -7.85 45.49
C GLU F 1027 41.97 -7.48 44.56
N ASN F 1028 42.48 -8.48 43.84
CA ASN F 1028 43.45 -8.27 42.77
C ASN F 1028 42.85 -7.59 41.55
N LYS F 1029 41.57 -7.87 41.31
CA LYS F 1029 40.83 -7.29 40.18
C LYS F 1029 40.74 -5.77 40.27
N GLN F 1030 40.48 -5.26 41.47
CA GLN F 1030 40.31 -3.84 41.68
C GLN F 1030 41.62 -3.06 41.61
N LYS F 1031 42.73 -3.76 41.82
CA LYS F 1031 44.05 -3.22 41.61
C LYS F 1031 44.23 -2.86 40.14
N ALA F 1032 44.05 -3.86 39.27
CA ALA F 1032 44.20 -3.69 37.81
C ALA F 1032 43.10 -2.84 37.17
N LEU F 1033 41.94 -2.79 37.82
CA LEU F 1033 40.84 -1.92 37.40
C LEU F 1033 41.23 -0.46 37.56
N ALA F 1034 41.49 -0.05 38.81
CA ALA F 1034 41.88 1.31 39.13
C ALA F 1034 43.07 1.76 38.29
N ALA F 1035 43.99 0.82 38.04
CA ALA F 1035 45.14 1.06 37.18
C ALA F 1035 44.74 1.40 35.73
N ALA F 1036 43.71 0.73 35.22
CA ALA F 1036 43.23 0.99 33.87
C ALA F 1036 42.55 2.34 33.78
N LEU F 1037 41.74 2.67 34.79
CA LEU F 1037 41.02 3.94 34.81
C LEU F 1037 41.95 5.16 34.90
N GLY F 1038 43.02 5.04 35.68
CA GLY F 1038 44.04 6.09 35.76
C GLY F 1038 44.70 6.30 34.41
N GLN F 1039 45.12 5.19 33.80
CA GLN F 1039 45.63 5.15 32.43
C GLN F 1039 44.71 5.92 31.48
N ILE F 1040 43.43 5.53 31.45
CA ILE F 1040 42.45 6.08 30.53
C ILE F 1040 42.27 7.58 30.68
N GLU F 1041 42.08 8.04 31.92
CA GLU F 1041 41.77 9.44 32.16
C GLU F 1041 42.95 10.37 31.93
N LYS F 1042 44.17 9.88 32.17
CA LYS F 1042 45.36 10.66 31.88
C LYS F 1042 45.75 10.52 30.42
N GLN F 1043 44.82 9.99 29.62
CA GLN F 1043 45.01 9.79 28.19
C GLN F 1043 43.91 10.41 27.33
N PHE F 1044 42.68 10.40 27.84
CA PHE F 1044 41.54 10.85 27.06
C PHE F 1044 40.70 11.91 27.77
N GLY F 1045 41.27 12.54 28.78
CA GLY F 1045 40.63 13.69 29.39
C GLY F 1045 40.17 13.50 30.81
N LYS F 1046 39.99 14.64 31.48
CA LYS F 1046 39.66 14.75 32.91
C LYS F 1046 38.65 13.70 33.37
N GLY F 1047 37.52 13.61 32.68
CA GLY F 1047 36.43 12.72 33.09
C GLY F 1047 35.82 11.95 31.94
N SER F 1048 36.68 11.35 31.14
CA SER F 1048 36.25 10.57 29.96
C SER F 1048 35.46 9.30 30.34
N ILE F 1049 35.89 8.64 31.40
CA ILE F 1049 35.17 7.47 31.93
C ILE F 1049 34.84 7.64 33.43
N MET F 1050 33.59 7.40 33.80
CA MET F 1050 33.19 7.42 35.20
C MET F 1050 31.95 6.58 35.45
N ARG F 1051 31.62 6.39 36.73
CA ARG F 1051 30.39 5.68 37.12
C ARG F 1051 29.14 6.47 36.72
N LEU F 1052 28.25 5.79 36.00
CA LEU F 1052 27.07 6.41 35.44
C LEU F 1052 26.28 7.20 36.48
N GLY F 1053 26.25 6.68 37.70
CA GLY F 1053 25.43 7.26 38.77
C GLY F 1053 25.88 8.63 39.26
N GLU F 1054 27.13 8.98 39.00
CA GLU F 1054 27.64 10.25 39.44
C GLU F 1054 27.88 11.24 38.31
N ASP F 1055 27.84 10.77 37.06
CA ASP F 1055 27.99 11.65 35.89
C ASP F 1055 26.77 12.57 35.75
N ARG F 1056 26.98 13.86 36.05
CA ARG F 1056 25.91 14.87 36.03
C ARG F 1056 25.48 15.26 34.61
N SER F 1057 26.44 15.30 33.69
CA SER F 1057 26.20 15.71 32.31
C SER F 1057 25.34 14.69 31.57
N MET F 1058 24.98 13.62 32.27
CA MET F 1058 24.20 12.53 31.70
C MET F 1058 22.70 12.67 31.99
N ASP F 1059 22.35 13.51 32.96
CA ASP F 1059 20.95 13.72 33.36
C ASP F 1059 20.19 14.45 32.26
N VAL F 1060 18.87 14.26 32.26
CA VAL F 1060 18.06 14.78 31.17
C VAL F 1060 17.30 16.05 31.55
N GLU F 1061 17.50 17.10 30.76
CA GLU F 1061 16.82 18.36 30.97
C GLU F 1061 15.93 18.64 29.76
N THR F 1062 14.78 19.30 29.97
CA THR F 1062 13.84 19.58 28.87
C THR F 1062 13.43 21.07 28.70
N ILE F 1063 12.91 21.38 27.52
CA ILE F 1063 12.42 22.71 27.15
C ILE F 1063 10.98 22.57 26.68
N SER F 1064 10.10 23.48 27.09
CA SER F 1064 8.72 23.50 26.61
C SER F 1064 8.65 23.60 25.08
N THR F 1065 7.68 22.93 24.48
CA THR F 1065 7.51 23.01 23.02
C THR F 1065 6.58 24.15 22.65
N GLY F 1066 5.98 24.77 23.67
CA GLY F 1066 4.99 25.81 23.44
C GLY F 1066 3.59 25.23 23.29
N SER F 1067 3.50 23.90 23.26
CA SER F 1067 2.22 23.21 23.36
C SER F 1067 2.20 22.40 24.63
N LEU F 1068 1.18 22.63 25.45
CA LEU F 1068 1.06 21.95 26.73
C LEU F 1068 0.77 20.46 26.54
N SER F 1069 -0.19 20.16 25.66
CA SER F 1069 -0.56 18.77 25.42
C SER F 1069 0.57 17.98 24.78
N LEU F 1070 1.38 18.66 23.96
CA LEU F 1070 2.56 18.03 23.38
C LEU F 1070 3.59 17.73 24.46
N ASP F 1071 3.73 18.65 25.41
CA ASP F 1071 4.66 18.45 26.52
C ASP F 1071 4.24 17.27 27.40
N ILE F 1072 2.93 17.05 27.51
CA ILE F 1072 2.42 15.91 28.26
C ILE F 1072 2.68 14.65 27.46
N ALA F 1073 2.39 14.71 26.16
CA ALA F 1073 2.61 13.59 25.24
C ALA F 1073 4.08 13.15 25.19
N LEU F 1074 4.99 14.10 25.40
CA LEU F 1074 6.41 13.77 25.43
C LEU F 1074 6.82 12.99 26.66
N GLY F 1075 5.95 12.97 27.68
CA GLY F 1075 6.25 12.29 28.93
C GLY F 1075 7.17 13.08 29.85
N ALA F 1076 8.28 13.56 29.29
CA ALA F 1076 9.31 14.26 30.05
C ALA F 1076 8.94 15.72 30.33
N GLY F 1077 7.96 16.23 29.59
CA GLY F 1077 7.51 17.59 29.78
C GLY F 1077 8.10 18.57 28.78
N GLY F 1078 8.87 18.05 27.84
CA GLY F 1078 9.44 18.86 26.78
C GLY F 1078 10.53 18.15 26.01
N LEU F 1079 11.17 18.86 25.09
CA LEU F 1079 12.25 18.30 24.29
C LEU F 1079 13.59 18.27 25.03
N PRO F 1080 14.38 17.20 24.84
CA PRO F 1080 15.62 17.03 25.58
C PRO F 1080 16.82 17.85 25.10
N MET F 1081 17.47 18.54 26.02
CA MET F 1081 18.66 19.33 25.73
C MET F 1081 19.87 18.45 25.42
N GLY F 1082 20.70 18.89 24.48
CA GLY F 1082 21.90 18.13 24.11
C GLY F 1082 21.63 16.89 23.26
N ARG F 1083 20.41 16.81 22.71
CA ARG F 1083 19.96 15.70 21.89
C ARG F 1083 19.51 16.19 20.50
N ILE F 1084 19.19 15.24 19.63
CA ILE F 1084 18.70 15.53 18.28
C ILE F 1084 17.21 15.23 18.19
N VAL F 1085 16.47 16.12 17.57
CA VAL F 1085 15.03 15.93 17.36
C VAL F 1085 14.62 16.15 15.91
N GLU F 1086 13.72 15.30 15.40
CA GLU F 1086 13.16 15.46 14.05
C GLU F 1086 11.67 15.71 14.10
N ILE F 1087 11.21 16.70 13.35
CA ILE F 1087 9.79 16.92 13.12
C ILE F 1087 9.51 16.82 11.65
N TYR F 1088 8.57 15.96 11.30
CA TYR F 1088 8.15 15.84 9.90
C TYR F 1088 6.63 15.87 9.78
N GLY F 1089 6.17 16.15 8.57
CA GLY F 1089 4.74 16.22 8.28
C GLY F 1089 4.50 16.78 6.90
N PRO F 1090 3.24 16.73 6.43
CA PRO F 1090 2.79 17.29 5.15
C PRO F 1090 3.04 18.79 5.06
N GLU F 1091 2.82 19.38 3.89
CA GLU F 1091 3.10 20.80 3.71
C GLU F 1091 2.10 21.67 4.42
N SER F 1092 2.55 22.83 4.90
CA SER F 1092 1.74 23.73 5.69
C SER F 1092 1.06 23.01 6.86
N SER F 1093 1.78 22.12 7.52
CA SER F 1093 1.16 21.36 8.60
C SER F 1093 1.40 22.02 9.94
N GLY F 1094 2.52 22.74 10.04
CA GLY F 1094 2.86 23.48 11.25
C GLY F 1094 4.31 23.34 11.69
N LYS F 1095 5.11 22.65 10.87
CA LYS F 1095 6.51 22.37 11.19
C LYS F 1095 7.30 23.64 11.57
N THR F 1096 7.42 24.59 10.63
CA THR F 1096 8.11 25.87 10.89
C THR F 1096 7.53 26.54 12.14
N THR F 1097 6.22 26.76 12.11
CA THR F 1097 5.50 27.45 13.20
C THR F 1097 5.81 26.87 14.58
N LEU F 1098 5.61 25.56 14.73
CA LEU F 1098 5.87 24.89 15.99
C LEU F 1098 7.29 25.15 16.46
N THR F 1099 8.24 24.94 15.54
CA THR F 1099 9.64 25.20 15.78
C THR F 1099 9.85 26.59 16.42
N LEU F 1100 9.30 27.62 15.79
CA LEU F 1100 9.45 28.99 16.24
C LEU F 1100 8.88 29.20 17.65
N GLN F 1101 7.79 28.51 17.95
CA GLN F 1101 7.19 28.58 19.27
C GLN F 1101 8.13 28.05 20.35
N VAL F 1102 8.93 27.03 20.04
CA VAL F 1102 9.89 26.51 21.02
C VAL F 1102 11.07 27.45 21.18
N ILE F 1103 11.46 28.11 20.08
CA ILE F 1103 12.50 29.15 20.12
C ILE F 1103 12.03 30.29 21.03
N ALA F 1104 10.81 30.77 20.78
CA ALA F 1104 10.19 31.79 21.59
C ALA F 1104 10.26 31.40 23.05
N ALA F 1105 9.76 30.20 23.36
CA ALA F 1105 9.76 29.64 24.71
C ALA F 1105 11.13 29.65 25.35
N ALA F 1106 12.13 29.18 24.60
CA ALA F 1106 13.52 29.10 25.07
C ALA F 1106 14.17 30.49 25.31
N GLN F 1107 13.78 31.45 24.49
CA GLN F 1107 14.28 32.82 24.62
C GLN F 1107 13.67 33.50 25.82
N ARG F 1108 12.44 33.12 26.15
CA ARG F 1108 11.72 33.67 27.29
C ARG F 1108 12.43 33.31 28.59
N GLU F 1109 13.13 32.16 28.57
CA GLU F 1109 13.97 31.74 29.70
C GLU F 1109 15.42 32.15 29.47
N GLY F 1110 15.67 32.89 28.38
CA GLY F 1110 16.98 33.48 28.13
C GLY F 1110 18.00 32.58 27.49
N LYS F 1111 17.55 31.64 26.67
CA LYS F 1111 18.47 30.80 25.94
C LYS F 1111 18.77 31.40 24.57
N THR F 1112 19.97 31.15 24.05
CA THR F 1112 20.36 31.66 22.73
C THR F 1112 19.96 30.66 21.65
N CYS F 1113 19.27 31.15 20.63
CA CYS F 1113 18.80 30.29 19.55
C CYS F 1113 19.40 30.65 18.20
N ALA F 1114 19.42 29.66 17.32
CA ALA F 1114 19.86 29.84 15.94
C ALA F 1114 18.90 29.12 15.02
N PHE F 1115 18.69 29.70 13.84
CA PHE F 1115 17.79 29.15 12.87
C PHE F 1115 18.52 29.03 11.54
N ILE F 1116 18.41 27.87 10.90
CA ILE F 1116 19.03 27.63 9.60
C ILE F 1116 17.96 27.49 8.54
N ASP F 1117 17.64 28.59 7.86
CA ASP F 1117 16.54 28.63 6.90
C ASP F 1117 16.96 28.13 5.52
N ALA F 1118 17.32 26.85 5.45
CA ALA F 1118 17.76 26.26 4.20
C ALA F 1118 16.62 26.24 3.18
N GLU F 1119 15.40 26.23 3.69
CA GLU F 1119 14.21 26.25 2.86
C GLU F 1119 14.03 27.64 2.24
N HIS F 1120 14.78 28.61 2.76
CA HIS F 1120 14.74 30.00 2.29
C HIS F 1120 13.32 30.55 2.26
N ALA F 1121 12.58 30.44 3.36
CA ALA F 1121 11.17 30.78 3.36
C ALA F 1121 10.63 31.44 4.64
N LEU F 1122 11.47 31.52 5.67
CA LEU F 1122 11.10 32.11 6.95
C LEU F 1122 10.74 33.61 6.89
N ASP F 1123 9.55 33.96 7.37
CA ASP F 1123 9.09 35.35 7.38
C ASP F 1123 9.34 35.97 8.76
N PRO F 1124 10.27 36.94 8.85
CA PRO F 1124 10.63 37.55 10.12
C PRO F 1124 9.43 38.13 10.88
N ILE F 1125 8.55 38.83 10.17
CA ILE F 1125 7.40 39.50 10.80
C ILE F 1125 6.48 38.49 11.47
N TYR F 1126 6.18 37.41 10.77
CA TYR F 1126 5.35 36.34 11.32
C TYR F 1126 6.07 35.68 12.50
N ALA F 1127 7.38 35.51 12.40
CA ALA F 1127 8.15 34.94 13.51
C ALA F 1127 7.98 35.80 14.75
N ARG F 1128 8.01 37.12 14.56
CA ARG F 1128 7.82 38.04 15.67
C ARG F 1128 6.41 37.96 16.23
N LYS F 1129 5.43 37.84 15.34
CA LYS F 1129 4.03 37.70 15.74
C LYS F 1129 3.85 36.45 16.60
N LEU F 1130 4.70 35.45 16.38
CA LEU F 1130 4.64 34.21 17.15
C LEU F 1130 5.33 34.41 18.49
N GLY F 1131 6.06 35.50 18.62
CA GLY F 1131 6.65 35.87 19.89
C GLY F 1131 8.13 35.55 19.99
N VAL F 1132 8.80 35.51 18.85
CA VAL F 1132 10.24 35.27 18.83
C VAL F 1132 10.95 36.61 18.94
N ASP F 1133 12.07 36.61 19.66
CA ASP F 1133 12.93 37.77 19.72
C ASP F 1133 13.80 37.79 18.46
N ILE F 1134 13.37 38.57 17.47
CA ILE F 1134 13.98 38.62 16.15
C ILE F 1134 15.40 39.14 16.25
N ASP F 1135 15.58 40.17 17.06
CA ASP F 1135 16.85 40.88 17.15
C ASP F 1135 17.97 40.01 17.71
N ASN F 1136 17.59 39.00 18.47
CA ASN F 1136 18.56 38.10 19.09
C ASN F 1136 18.58 36.67 18.54
N LEU F 1137 17.64 36.37 17.65
CA LEU F 1137 17.63 35.07 16.99
C LEU F 1137 18.66 35.08 15.87
N LEU F 1138 19.71 34.28 16.08
CA LEU F 1138 20.71 34.07 15.06
C LEU F 1138 20.07 33.31 13.93
N CYS F 1139 20.49 33.67 12.72
CA CYS F 1139 19.83 33.15 11.54
C CYS F 1139 20.79 33.09 10.35
N SER F 1140 20.70 31.99 9.62
CA SER F 1140 21.53 31.81 8.43
C SER F 1140 20.74 31.13 7.32
N GLN F 1141 20.85 31.70 6.11
CA GLN F 1141 20.40 31.04 4.91
C GLN F 1141 21.64 30.55 4.17
N PRO F 1142 21.99 29.28 4.34
CA PRO F 1142 23.23 28.75 3.79
C PRO F 1142 23.10 28.46 2.31
N ASP F 1143 24.23 28.29 1.62
CA ASP F 1143 24.23 28.05 0.18
C ASP F 1143 24.26 26.56 -0.14
N THR F 1144 25.18 25.82 0.46
CA THR F 1144 25.20 24.36 0.30
C THR F 1144 24.70 23.69 1.58
N GLY F 1145 24.42 22.40 1.52
CA GLY F 1145 24.00 21.64 2.69
C GLY F 1145 25.15 21.46 3.67
N GLU F 1146 26.34 21.18 3.14
CA GLU F 1146 27.54 20.99 3.94
C GLU F 1146 27.80 22.25 4.75
N GLN F 1147 27.59 23.40 4.11
CA GLN F 1147 27.72 24.69 4.77
C GLN F 1147 26.79 24.77 5.97
N ALA F 1148 25.51 24.47 5.75
CA ALA F 1148 24.50 24.45 6.82
C ALA F 1148 24.93 23.61 8.01
N LEU F 1149 25.41 22.40 7.73
CA LEU F 1149 25.79 21.46 8.78
C LEU F 1149 27.08 21.85 9.46
N GLU F 1150 28.06 22.31 8.68
CA GLU F 1150 29.32 22.82 9.23
C GLU F 1150 29.06 23.97 10.19
N ILE F 1151 28.10 24.82 9.85
CA ILE F 1151 27.68 25.92 10.71
C ILE F 1151 27.21 25.37 12.04
N CYS F 1152 26.33 24.38 12.00
CA CYS F 1152 25.83 23.73 13.21
C CYS F 1152 26.97 23.24 14.09
N ASP F 1153 27.88 22.48 13.48
CA ASP F 1153 29.03 21.93 14.17
C ASP F 1153 29.87 22.99 14.88
N ALA F 1154 30.01 24.16 14.23
CA ALA F 1154 30.67 25.32 14.84
C ALA F 1154 29.89 25.86 16.04
N LEU F 1155 28.59 26.06 15.84
CA LEU F 1155 27.70 26.57 16.89
C LEU F 1155 27.53 25.59 18.04
N ALA F 1156 27.59 24.29 17.74
CA ALA F 1156 27.56 23.28 18.77
C ALA F 1156 28.82 23.40 19.62
N ARG F 1157 29.97 23.20 18.99
CA ARG F 1157 31.27 23.30 19.66
C ARG F 1157 31.49 24.60 20.42
N SER F 1158 30.93 25.70 19.92
CA SER F 1158 31.09 27.01 20.56
C SER F 1158 30.55 26.99 21.98
N GLY F 1159 29.50 26.21 22.20
CA GLY F 1159 28.83 26.11 23.50
C GLY F 1159 28.09 27.39 23.88
N ALA F 1160 27.90 28.26 22.89
CA ALA F 1160 27.26 29.53 23.11
C ALA F 1160 25.77 29.45 22.79
N VAL F 1161 25.44 28.65 21.78
CA VAL F 1161 24.05 28.44 21.39
C VAL F 1161 23.45 27.27 22.15
N ASP F 1162 22.19 27.43 22.54
CA ASP F 1162 21.45 26.44 23.33
C ASP F 1162 20.51 25.63 22.46
N VAL F 1163 19.89 26.27 21.48
CA VAL F 1163 18.97 25.57 20.57
C VAL F 1163 19.15 26.02 19.12
N ILE F 1164 19.33 25.04 18.24
CA ILE F 1164 19.50 25.25 16.80
C ILE F 1164 18.41 24.48 16.06
N VAL F 1165 17.78 25.14 15.10
CA VAL F 1165 16.82 24.46 14.23
C VAL F 1165 17.18 24.63 12.76
N VAL F 1166 17.10 23.52 12.03
CA VAL F 1166 17.36 23.48 10.60
C VAL F 1166 16.03 23.28 9.85
N ASP F 1167 15.64 24.28 9.03
CA ASP F 1167 14.37 24.21 8.31
C ASP F 1167 14.54 23.49 7.00
N SER F 1168 13.99 22.26 7.01
CA SER F 1168 13.98 21.25 5.91
C SER F 1168 15.33 20.59 5.65
N VAL F 1169 15.49 19.37 6.11
CA VAL F 1169 16.66 18.59 5.70
C VAL F 1169 16.46 18.34 4.20
N ALA F 1170 15.20 18.31 3.77
CA ALA F 1170 14.85 18.26 2.36
C ALA F 1170 15.64 19.26 1.54
N ALA F 1171 15.85 20.45 2.10
CA ALA F 1171 16.53 21.56 1.41
C ALA F 1171 18.06 21.59 1.60
N LEU F 1172 18.62 20.59 2.28
CA LEU F 1172 20.06 20.49 2.50
C LEU F 1172 20.78 19.93 1.29
N THR F 1173 20.82 20.71 0.21
CA THR F 1173 21.37 20.27 -1.06
C THR F 1173 22.88 20.15 -1.00
N PRO F 1174 23.43 18.97 -1.27
CA PRO F 1174 24.88 18.78 -1.29
C PRO F 1174 25.58 19.69 -2.29
N LYS F 1175 26.85 19.97 -2.00
CA LYS F 1175 27.67 20.90 -2.78
C LYS F 1175 27.71 20.49 -4.24
N ALA F 1176 28.04 19.21 -4.46
CA ALA F 1176 28.18 18.65 -5.81
C ALA F 1176 26.90 18.73 -6.65
N GLU F 1177 25.75 18.69 -5.96
CA GLU F 1177 24.44 18.76 -6.63
C GLU F 1177 24.17 20.15 -7.16
N ILE F 1178 24.54 21.15 -6.36
CA ILE F 1178 24.42 22.55 -6.79
C ILE F 1178 25.45 22.84 -7.86
N GLU F 1179 26.67 22.37 -7.63
CA GLU F 1179 27.74 22.54 -8.61
C GLU F 1179 27.52 21.75 -9.90
N GLY F 1180 26.85 20.61 -9.79
CA GLY F 1180 26.41 19.84 -10.95
C GLY F 1180 25.19 20.46 -11.63
N GLU F 1181 24.72 19.83 -12.70
CA GLU F 1181 23.52 20.28 -13.40
C GLU F 1181 22.26 19.62 -12.85
N ILE F 1182 21.09 20.02 -13.38
CA ILE F 1182 19.84 19.34 -13.07
C ILE F 1182 19.73 18.17 -14.01
N GLY F 1183 19.62 16.98 -13.42
CA GLY F 1183 19.71 15.73 -14.16
C GLY F 1183 20.90 14.93 -13.69
N ASP F 1184 22.00 15.61 -13.34
CA ASP F 1184 23.16 14.95 -12.78
C ASP F 1184 22.68 14.13 -11.61
N SER F 1185 22.90 12.82 -11.65
CA SER F 1185 22.43 11.95 -10.57
C SER F 1185 23.49 11.74 -9.50
N HIS F 1186 23.11 12.00 -8.26
CA HIS F 1186 23.98 11.83 -7.13
C HIS F 1186 23.34 10.80 -6.23
N MET F 1187 23.51 9.51 -6.58
CA MET F 1187 22.93 8.40 -5.82
C MET F 1187 23.28 8.48 -4.35
N GLY F 1188 22.26 8.51 -3.51
CA GLY F 1188 22.41 8.59 -2.05
C GLY F 1188 23.59 9.40 -1.53
N LEU F 1189 23.97 10.46 -2.24
CA LEU F 1189 25.03 11.37 -1.81
C LEU F 1189 24.49 12.16 -0.64
N ALA F 1190 23.25 12.61 -0.77
CA ALA F 1190 22.57 13.38 0.27
C ALA F 1190 22.54 12.62 1.60
N ALA F 1191 22.14 11.37 1.51
CA ALA F 1191 21.97 10.51 2.67
C ALA F 1191 23.31 10.19 3.33
N ARG F 1192 24.35 10.01 2.52
CA ARG F 1192 25.69 9.73 3.00
C ARG F 1192 26.24 10.95 3.72
N MET F 1193 25.82 12.13 3.27
CA MET F 1193 26.23 13.39 3.90
C MET F 1193 25.60 13.50 5.27
N MET F 1194 24.31 13.21 5.36
CA MET F 1194 23.58 13.21 6.63
C MET F 1194 24.21 12.28 7.65
N SER F 1195 24.58 11.08 7.17
CA SER F 1195 25.11 10.02 8.01
C SER F 1195 26.43 10.43 8.61
N GLN F 1196 27.21 11.19 7.86
CA GLN F 1196 28.47 11.75 8.36
C GLN F 1196 28.20 12.87 9.37
N ALA F 1197 27.20 13.70 9.07
CA ALA F 1197 26.86 14.82 9.93
C ALA F 1197 26.46 14.31 11.30
N MET F 1198 25.59 13.32 11.33
CA MET F 1198 25.13 12.72 12.59
C MET F 1198 26.27 12.32 13.51
N ARG F 1199 27.20 11.53 12.98
CA ARG F 1199 28.37 11.08 13.71
C ARG F 1199 29.12 12.24 14.38
N LYS F 1200 29.41 13.28 13.61
CA LYS F 1200 30.13 14.45 14.11
C LYS F 1200 29.36 15.28 15.14
N LEU F 1201 28.05 15.41 14.94
CA LEU F 1201 27.23 16.30 15.77
C LEU F 1201 26.87 15.73 17.15
N ALA F 1202 26.54 14.45 17.21
CA ALA F 1202 26.11 13.82 18.46
C ALA F 1202 27.03 14.19 19.62
N GLY F 1203 28.33 13.95 19.43
CA GLY F 1203 29.34 14.24 20.46
C GLY F 1203 29.40 15.71 20.86
N ASN F 1204 29.42 16.59 19.87
CA ASN F 1204 29.50 18.03 20.09
C ASN F 1204 28.24 18.65 20.68
N LEU F 1205 27.11 18.01 20.47
CA LEU F 1205 25.84 18.52 20.98
C LEU F 1205 25.60 18.18 22.46
N LYS F 1206 26.04 17.01 22.88
CA LYS F 1206 25.88 16.61 24.27
C LYS F 1206 26.85 17.39 25.17
N GLN F 1207 28.12 17.43 24.78
CA GLN F 1207 29.14 18.13 25.57
C GLN F 1207 28.92 19.65 25.64
N SER F 1208 28.04 20.16 24.79
CA SER F 1208 27.65 21.57 24.78
C SER F 1208 26.29 21.78 25.37
N ASN F 1209 25.59 20.69 25.63
CA ASN F 1209 24.19 20.73 26.04
C ASN F 1209 23.36 21.62 25.11
N THR F 1210 23.44 21.34 23.81
CA THR F 1210 22.75 22.10 22.78
C THR F 1210 21.70 21.25 22.07
N LEU F 1211 20.47 21.74 22.01
CA LEU F 1211 19.38 21.05 21.31
C LEU F 1211 19.38 21.35 19.81
N LEU F 1212 19.18 20.32 18.99
CA LEU F 1212 19.10 20.51 17.53
C LEU F 1212 17.82 19.87 16.98
N ILE F 1213 16.99 20.68 16.34
CA ILE F 1213 15.77 20.19 15.71
C ILE F 1213 15.86 20.25 14.20
N PHE F 1214 15.64 19.11 13.56
CA PHE F 1214 15.58 19.07 12.10
C PHE F 1214 14.12 19.02 11.65
N ILE F 1215 13.71 19.98 10.82
CA ILE F 1215 12.42 19.86 10.16
C ILE F 1215 12.57 19.06 8.87
N ASN F 1216 11.66 18.12 8.64
CA ASN F 1216 11.73 17.30 7.45
C ASN F 1216 10.41 17.23 6.71
N GLN F 1217 10.50 17.00 5.40
CA GLN F 1217 9.34 16.88 4.54
C GLN F 1217 9.03 15.43 4.32
N ILE F 1218 7.84 15.15 3.80
CA ILE F 1218 7.42 13.80 3.48
C ILE F 1218 7.53 13.56 1.97
N ARG F 1219 8.16 12.45 1.61
CA ARG F 1219 8.15 11.98 0.23
C ARG F 1219 7.43 10.66 0.18
N MET F 1220 6.93 10.32 -1.01
CA MET F 1220 6.30 9.05 -1.19
C MET F 1220 7.32 8.02 -1.66
N LYS F 1221 7.26 6.82 -1.11
CA LYS F 1221 8.05 5.72 -1.63
C LYS F 1221 7.16 4.90 -2.52
N ILE F 1222 7.68 4.59 -3.69
CA ILE F 1222 6.89 3.96 -4.73
C ILE F 1222 7.27 2.50 -4.83
N GLY F 1223 6.26 1.64 -5.04
CA GLY F 1223 6.46 0.19 -5.05
C GLY F 1223 6.33 -0.46 -3.68
N VAL F 1224 5.53 0.16 -2.80
CA VAL F 1224 5.22 -0.40 -1.48
C VAL F 1224 3.68 -0.48 -1.32
N MET F 1225 3.19 -1.69 -1.03
CA MET F 1225 1.76 -1.97 -0.99
C MET F 1225 1.24 -2.24 0.42
N PHE F 1226 2.08 -2.90 1.22
CA PHE F 1226 1.89 -2.99 2.67
C PHE F 1226 2.26 -1.65 3.32
N GLY F 1227 2.23 -1.62 4.66
CA GLY F 1227 2.69 -0.47 5.45
C GLY F 1227 2.13 0.87 5.05
N ASN F 1228 2.94 1.89 5.26
CA ASN F 1228 2.60 3.19 4.72
C ASN F 1228 3.63 3.59 3.69
N PRO F 1229 3.19 4.32 2.66
CA PRO F 1229 4.11 4.66 1.58
C PRO F 1229 4.87 5.95 1.79
N GLU F 1230 5.04 6.37 3.05
CA GLU F 1230 5.66 7.64 3.37
C GLU F 1230 7.09 7.50 3.87
N THR F 1231 8.00 8.36 3.41
CA THR F 1231 9.32 8.47 4.01
C THR F 1231 9.71 9.90 4.28
N THR F 1232 11.01 10.05 4.52
CA THR F 1232 11.61 11.23 5.07
C THR F 1232 12.89 11.43 4.27
N THR F 1233 13.17 12.66 3.85
CA THR F 1233 14.35 12.93 3.03
C THR F 1233 15.65 12.75 3.84
N GLY F 1234 16.73 12.40 3.14
CA GLY F 1234 18.04 12.36 3.78
C GLY F 1234 18.35 11.07 4.48
N GLY F 1235 17.86 9.97 3.91
CA GLY F 1235 18.22 8.63 4.35
C GLY F 1235 17.82 8.22 5.75
N ASN F 1236 18.54 7.22 6.26
CA ASN F 1236 18.18 6.58 7.52
C ASN F 1236 18.93 7.10 8.74
N ALA F 1237 19.99 7.87 8.50
CA ALA F 1237 20.86 8.35 9.56
C ALA F 1237 20.06 9.03 10.66
N LEU F 1238 19.22 9.99 10.29
CA LEU F 1238 18.53 10.79 11.29
C LEU F 1238 17.54 10.00 12.15
N LYS F 1239 16.87 9.02 11.56
CA LYS F 1239 15.93 8.14 12.29
C LYS F 1239 16.55 7.61 13.58
N PHE F 1240 17.77 7.12 13.45
CA PHE F 1240 18.49 6.46 14.53
C PHE F 1240 18.98 7.43 15.59
N TYR F 1241 19.56 8.54 15.15
CA TYR F 1241 20.21 9.47 16.07
C TYR F 1241 19.22 10.35 16.82
N ALA F 1242 18.04 10.56 16.23
CA ALA F 1242 17.02 11.40 16.89
C ALA F 1242 16.56 10.76 18.20
N SER F 1243 16.46 11.56 19.24
CA SER F 1243 15.99 11.07 20.54
C SER F 1243 14.47 11.22 20.61
N VAL F 1244 13.94 12.16 19.83
CA VAL F 1244 12.49 12.35 19.68
C VAL F 1244 12.16 12.55 18.20
N ARG F 1245 11.08 11.93 17.73
CA ARG F 1245 10.61 12.10 16.35
C ARG F 1245 9.12 12.42 16.35
N LEU F 1246 8.78 13.56 15.76
CA LEU F 1246 7.41 14.05 15.78
C LEU F 1246 6.73 14.01 14.41
N ASP F 1247 5.46 13.61 14.39
CA ASP F 1247 4.67 13.59 13.18
C ASP F 1247 3.49 14.55 13.31
N ILE F 1248 3.61 15.70 12.67
CA ILE F 1248 2.58 16.76 12.76
C ILE F 1248 1.68 16.82 11.51
N ARG F 1249 0.38 17.00 11.74
CA ARG F 1249 -0.61 17.00 10.66
C ARG F 1249 -1.76 17.95 10.92
N ARG F 1250 -2.17 18.67 9.87
CA ARG F 1250 -3.35 19.52 9.92
C ARG F 1250 -4.55 18.61 9.76
N ILE F 1251 -5.44 18.61 10.75
CA ILE F 1251 -6.58 17.68 10.77
C ILE F 1251 -7.91 18.34 10.48
N GLY F 1252 -7.97 19.66 10.66
CA GLY F 1252 -9.21 20.43 10.44
C GLY F 1252 -8.98 21.94 10.41
N ALA F 1253 -10.05 22.66 10.10
CA ALA F 1253 -9.96 24.10 10.02
C ALA F 1253 -10.59 24.73 11.26
N VAL F 1254 -9.96 25.77 11.80
CA VAL F 1254 -10.53 26.55 12.89
C VAL F 1254 -11.39 27.66 12.30
N LYS F 1255 -12.69 27.46 12.29
CA LYS F 1255 -13.59 28.36 11.58
C LYS F 1255 -14.15 29.51 12.42
N GLU F 1256 -14.69 30.51 11.73
CA GLU F 1256 -15.23 31.73 12.33
C GLU F 1256 -16.50 32.13 11.61
N GLY F 1257 -17.44 31.19 11.52
CA GLY F 1257 -18.63 31.37 10.68
C GLY F 1257 -18.22 31.26 9.21
N GLU F 1258 -17.67 32.36 8.69
CA GLU F 1258 -17.17 32.39 7.32
C GLU F 1258 -15.67 32.13 7.25
N ASN F 1259 -14.92 32.75 8.16
CA ASN F 1259 -13.46 32.78 8.11
C ASN F 1259 -12.77 31.51 8.57
N VAL F 1260 -11.62 31.22 7.97
CA VAL F 1260 -10.72 30.19 8.46
C VAL F 1260 -9.60 30.93 9.17
N VAL F 1261 -9.58 30.85 10.49
CA VAL F 1261 -8.64 31.61 11.31
C VAL F 1261 -7.47 30.77 11.89
N GLY F 1262 -7.54 29.44 11.70
CA GLY F 1262 -6.50 28.54 12.20
C GLY F 1262 -6.57 27.11 11.68
N SER F 1263 -5.55 26.32 12.03
CA SER F 1263 -5.47 24.92 11.67
C SER F 1263 -5.59 24.07 12.92
N GLU F 1264 -6.57 23.19 12.94
CA GLU F 1264 -6.65 22.14 13.94
C GLU F 1264 -5.49 21.17 13.71
N THR F 1265 -4.76 20.82 14.76
CA THR F 1265 -3.48 20.14 14.60
C THR F 1265 -3.34 18.93 15.51
N ARG F 1266 -2.67 17.90 15.00
CA ARG F 1266 -2.39 16.72 15.79
C ARG F 1266 -0.94 16.30 15.58
N VAL F 1267 -0.23 16.09 16.70
CA VAL F 1267 1.14 15.63 16.67
C VAL F 1267 1.22 14.22 17.30
N LYS F 1268 1.92 13.30 16.65
CA LYS F 1268 2.20 11.97 17.22
C LYS F 1268 3.66 11.85 17.61
N VAL F 1269 3.94 11.37 18.82
CA VAL F 1269 5.31 11.05 19.18
C VAL F 1269 5.61 9.69 18.58
N VAL F 1270 6.50 9.67 17.60
CA VAL F 1270 6.74 8.47 16.82
C VAL F 1270 7.99 7.74 17.30
N LYS F 1271 8.97 8.49 17.76
CA LYS F 1271 10.10 7.89 18.48
C LYS F 1271 10.31 8.61 19.80
N ASN F 1272 10.66 7.85 20.83
CA ASN F 1272 10.94 8.44 22.13
C ASN F 1272 12.00 7.70 22.93
N LYS F 1273 13.16 8.34 23.10
CA LYS F 1273 14.27 7.80 23.86
C LYS F 1273 14.30 8.40 25.25
N ILE F 1274 13.31 9.25 25.51
CA ILE F 1274 13.27 10.04 26.73
C ILE F 1274 12.14 9.61 27.67
N ALA F 1275 11.04 9.13 27.09
CA ALA F 1275 9.88 8.62 27.82
C ALA F 1275 9.17 7.56 26.96
N ALA F 1276 8.00 7.08 27.39
CA ALA F 1276 7.18 6.18 26.57
C ALA F 1276 6.76 6.89 25.28
N PRO F 1277 6.91 6.21 24.13
CA PRO F 1277 6.52 6.79 22.83
C PRO F 1277 5.02 6.63 22.51
N PHE F 1278 4.61 7.16 21.37
CA PHE F 1278 3.29 6.90 20.78
C PHE F 1278 2.11 7.59 21.45
N LYS F 1279 2.38 8.52 22.36
CA LYS F 1279 1.34 9.41 22.84
C LYS F 1279 1.12 10.48 21.80
N GLN F 1280 -0.08 11.04 21.75
CA GLN F 1280 -0.36 12.09 20.76
C GLN F 1280 -1.06 13.30 21.36
N ALA F 1281 -0.81 14.46 20.78
CA ALA F 1281 -1.37 15.70 21.27
C ALA F 1281 -2.08 16.41 20.14
N GLU F 1282 -3.23 16.99 20.45
CA GLU F 1282 -3.96 17.85 19.52
C GLU F 1282 -4.01 19.27 20.05
N PHE F 1283 -4.14 20.24 19.14
CA PHE F 1283 -4.25 21.64 19.53
C PHE F 1283 -4.61 22.51 18.34
N GLN F 1284 -4.64 23.83 18.58
CA GLN F 1284 -4.98 24.78 17.54
C GLN F 1284 -3.79 25.68 17.25
N ILE F 1285 -3.50 25.85 15.95
CA ILE F 1285 -2.61 26.91 15.51
C ILE F 1285 -3.47 28.02 14.96
N LEU F 1286 -3.48 29.15 15.67
CA LEU F 1286 -4.19 30.33 15.21
C LEU F 1286 -3.24 31.16 14.35
N TYR F 1287 -3.61 31.37 13.10
CA TYR F 1287 -2.74 32.06 12.15
C TYR F 1287 -2.41 33.45 12.68
N GLY F 1288 -1.11 33.74 12.75
CA GLY F 1288 -0.65 35.06 13.18
C GLY F 1288 -0.51 35.20 14.68
N GLU F 1289 -0.84 34.14 15.40
CA GLU F 1289 -0.75 34.14 16.84
C GLU F 1289 0.13 32.99 17.33
N GLY F 1290 -0.15 31.78 16.84
CA GLY F 1290 0.63 30.61 17.20
C GLY F 1290 -0.22 29.52 17.79
N ILE F 1291 0.43 28.64 18.55
CA ILE F 1291 -0.25 27.55 19.26
C ILE F 1291 -1.20 28.14 20.27
N ASN F 1292 -2.50 28.00 20.01
CA ASN F 1292 -3.54 28.38 20.94
C ASN F 1292 -3.36 27.66 22.28
N PHE F 1293 -2.53 28.23 23.14
CA PHE F 1293 -2.14 27.64 24.41
C PHE F 1293 -3.32 27.56 25.36
N TYR F 1294 -4.04 28.67 25.47
CA TYR F 1294 -5.17 28.73 26.39
C TYR F 1294 -6.29 27.83 25.91
N GLY F 1295 -6.42 27.70 24.60
CA GLY F 1295 -7.32 26.69 24.02
C GLY F 1295 -7.04 25.31 24.58
N GLU F 1296 -5.79 24.86 24.46
CA GLU F 1296 -5.35 23.60 25.03
C GLU F 1296 -5.73 23.55 26.50
N LEU F 1297 -5.43 24.62 27.23
CA LEU F 1297 -5.63 24.65 28.68
C LEU F 1297 -7.08 24.43 29.08
N VAL F 1298 -8.00 25.04 28.34
CA VAL F 1298 -9.42 24.84 28.57
C VAL F 1298 -9.75 23.36 28.43
N ASP F 1299 -9.39 22.78 27.28
CA ASP F 1299 -9.71 21.39 27.02
C ASP F 1299 -9.10 20.42 28.02
N LEU F 1300 -7.82 20.60 28.30
CA LEU F 1300 -7.13 19.76 29.27
C LEU F 1300 -7.77 19.90 30.65
N GLY F 1301 -8.16 21.12 31.01
CA GLY F 1301 -8.80 21.40 32.29
C GLY F 1301 -10.16 20.73 32.46
N VAL F 1302 -10.97 20.77 31.40
CA VAL F 1302 -12.29 20.13 31.40
C VAL F 1302 -12.14 18.60 31.49
N LYS F 1303 -11.13 18.10 30.79
CA LYS F 1303 -10.85 16.68 30.74
C LYS F 1303 -10.44 16.13 32.10
N GLU F 1304 -9.69 16.93 32.86
CA GLU F 1304 -9.22 16.53 34.19
C GLU F 1304 -10.21 16.87 35.29
N LYS F 1305 -11.37 17.40 34.90
CA LYS F 1305 -12.44 17.79 35.82
C LYS F 1305 -12.08 19.00 36.71
N LEU F 1306 -11.10 19.79 36.27
CA LEU F 1306 -10.74 21.03 36.96
C LEU F 1306 -11.64 22.18 36.52
N ILE F 1307 -12.13 22.10 35.28
CA ILE F 1307 -13.10 23.05 34.76
C ILE F 1307 -14.42 22.31 34.50
N GLU F 1308 -15.51 22.93 34.94
CA GLU F 1308 -16.85 22.33 34.80
C GLU F 1308 -17.45 22.74 33.48
N LYS F 1309 -18.00 21.76 32.74
CA LYS F 1309 -18.71 22.08 31.49
C LYS F 1309 -20.18 21.67 31.55
N ALA F 1310 -21.05 22.66 31.76
CA ALA F 1310 -22.50 22.46 31.77
C ALA F 1310 -23.09 22.81 30.41
N GLY F 1311 -22.96 21.89 29.46
CA GLY F 1311 -23.40 22.08 28.08
C GLY F 1311 -22.48 23.04 27.33
N ALA F 1312 -22.91 24.29 27.20
CA ALA F 1312 -22.13 25.35 26.55
C ALA F 1312 -21.47 26.29 27.57
N TRP F 1313 -21.77 26.08 28.85
CA TRP F 1313 -21.23 26.90 29.95
C TRP F 1313 -20.02 26.27 30.64
N TYR F 1314 -19.00 27.10 30.84
CA TYR F 1314 -17.77 26.68 31.48
C TYR F 1314 -17.62 27.34 32.85
N SER F 1315 -17.47 26.51 33.88
CA SER F 1315 -17.33 27.01 35.25
C SER F 1315 -16.01 26.58 35.87
N TYR F 1316 -15.37 27.48 36.60
CA TYR F 1316 -14.20 27.13 37.41
C TYR F 1316 -14.44 27.45 38.88
N LYS F 1317 -14.39 26.42 39.72
CA LYS F 1317 -14.64 26.54 41.16
C LYS F 1317 -15.94 27.29 41.45
N GLY F 1318 -17.00 26.93 40.72
CA GLY F 1318 -18.33 27.53 40.94
C GLY F 1318 -18.59 28.82 40.16
N GLU F 1319 -17.52 29.55 39.86
CA GLU F 1319 -17.63 30.80 39.09
C GLU F 1319 -17.70 30.46 37.61
N LYS F 1320 -18.73 30.96 36.95
CA LYS F 1320 -18.90 30.78 35.50
C LYS F 1320 -17.92 31.67 34.77
N ILE F 1321 -17.14 31.08 33.86
CA ILE F 1321 -16.03 31.80 33.21
C ILE F 1321 -16.21 32.05 31.72
N GLY F 1322 -17.17 31.35 31.12
CA GLY F 1322 -17.43 31.54 29.71
C GLY F 1322 -18.62 30.77 29.19
N GLN F 1323 -19.01 31.09 27.96
CA GLN F 1323 -20.05 30.37 27.26
C GLN F 1323 -19.44 29.90 25.94
N GLY F 1324 -19.14 28.61 25.86
CA GLY F 1324 -18.45 28.05 24.69
C GLY F 1324 -16.96 28.30 24.72
N LYS F 1325 -16.20 27.32 24.26
CA LYS F 1325 -14.72 27.34 24.31
C LYS F 1325 -14.10 28.70 23.96
N ALA F 1326 -14.71 29.41 23.02
CA ALA F 1326 -14.28 30.75 22.61
C ALA F 1326 -14.03 31.68 23.80
N ASN F 1327 -15.06 31.86 24.62
CA ASN F 1327 -15.02 32.78 25.76
C ASN F 1327 -14.20 32.27 26.92
N ALA F 1328 -14.31 30.97 27.18
CA ALA F 1328 -13.55 30.35 28.25
C ALA F 1328 -12.06 30.58 28.05
N THR F 1329 -11.62 30.44 26.80
CA THR F 1329 -10.24 30.73 26.41
C THR F 1329 -9.90 32.19 26.70
N ALA F 1330 -10.76 33.10 26.25
CA ALA F 1330 -10.57 34.53 26.46
C ALA F 1330 -10.52 34.90 27.94
N TRP F 1331 -11.24 34.16 28.77
CA TRP F 1331 -11.27 34.42 30.20
C TRP F 1331 -9.94 34.05 30.88
N LEU F 1332 -9.42 32.87 30.55
CA LEU F 1332 -8.11 32.45 31.04
C LEU F 1332 -7.01 33.40 30.56
N LYS F 1333 -7.23 34.01 29.39
CA LYS F 1333 -6.34 35.02 28.87
C LYS F 1333 -6.34 36.20 29.86
N ASP F 1334 -7.53 36.59 30.31
CA ASP F 1334 -7.72 37.77 31.17
C ASP F 1334 -7.33 37.54 32.62
N ASN F 1335 -7.27 36.28 33.05
CA ASN F 1335 -6.88 35.96 34.41
C ASN F 1335 -5.63 35.10 34.42
N PRO F 1336 -4.47 35.72 34.14
CA PRO F 1336 -3.26 34.93 33.94
C PRO F 1336 -2.89 34.19 35.22
N GLU F 1337 -3.28 34.77 36.36
CA GLU F 1337 -3.00 34.23 37.69
C GLU F 1337 -3.69 32.89 37.91
N THR F 1338 -4.98 32.86 37.59
CA THR F 1338 -5.78 31.66 37.71
C THR F 1338 -5.38 30.63 36.66
N ALA F 1339 -4.94 31.11 35.51
CA ALA F 1339 -4.48 30.24 34.44
C ALA F 1339 -3.25 29.43 34.86
N LYS F 1340 -2.28 30.11 35.48
CA LYS F 1340 -1.07 29.46 35.98
C LYS F 1340 -1.44 28.36 36.97
N GLU F 1341 -2.41 28.66 37.84
CA GLU F 1341 -2.89 27.74 38.87
C GLU F 1341 -3.46 26.45 38.27
N ILE F 1342 -4.23 26.59 37.19
CA ILE F 1342 -4.81 25.42 36.53
C ILE F 1342 -3.73 24.65 35.78
N GLU F 1343 -2.87 25.36 35.04
CA GLU F 1343 -1.77 24.72 34.31
C GLU F 1343 -0.91 23.87 35.22
N LYS F 1344 -0.48 24.44 36.35
CA LYS F 1344 0.35 23.74 37.32
C LYS F 1344 -0.27 22.41 37.75
N LYS F 1345 -1.57 22.44 38.09
CA LYS F 1345 -2.30 21.25 38.52
C LYS F 1345 -2.38 20.21 37.41
N VAL F 1346 -2.55 20.68 36.17
CA VAL F 1346 -2.59 19.79 35.00
C VAL F 1346 -1.23 19.11 34.80
N ARG F 1347 -0.17 19.90 34.90
CA ARG F 1347 1.19 19.38 34.78
C ARG F 1347 1.49 18.35 35.86
N GLU F 1348 1.06 18.62 37.10
CA GLU F 1348 1.20 17.66 38.18
C GLU F 1348 0.39 16.40 37.91
N LEU F 1349 -0.83 16.58 37.40
CA LEU F 1349 -1.73 15.47 37.12
C LEU F 1349 -1.32 14.61 35.93
N LEU F 1350 -0.58 15.17 34.97
CA LEU F 1350 -0.36 14.49 33.68
C LEU F 1350 1.07 14.29 33.16
N LEU F 1351 2.06 14.88 33.82
CA LEU F 1351 3.47 14.69 33.41
C LEU F 1351 4.02 13.35 33.91
N SER F 1352 4.34 12.49 32.95
CA SER F 1352 5.03 11.23 33.23
C SER F 1352 6.20 11.44 34.20
N ASN F 1353 6.89 12.58 34.07
CA ASN F 1353 7.91 13.04 35.03
C ASN F 1353 8.50 14.41 34.68
N PRO F 1354 8.33 15.40 35.59
CA PRO F 1354 8.98 16.73 35.46
C PRO F 1354 10.42 16.75 36.05
N ASN F 1355 11.13 17.86 35.83
CA ASN F 1355 12.53 17.99 36.24
C ASN F 1355 13.07 19.42 35.98
N SER F 1356 14.26 19.69 36.51
CA SER F 1356 15.01 20.92 36.26
C SER F 1356 15.41 21.06 34.79
N ALA F 1373 30.00 36.95 35.33
CA ALA F 1373 31.30 36.21 35.42
C ALA F 1373 31.27 34.92 34.60
N ILE F 1374 30.07 34.39 34.40
CA ILE F 1374 29.88 33.07 33.78
C ILE F 1374 29.50 33.17 32.29
N ASP F 1375 28.53 34.03 31.99
CA ASP F 1375 28.04 34.26 30.62
C ASP F 1375 28.91 35.24 29.81
N GLU F 1376 29.89 35.84 30.50
CA GLU F 1376 30.82 36.78 29.88
C GLU F 1376 31.88 36.01 29.10
N ASN F 1377 32.19 34.80 29.58
CA ASN F 1377 33.05 33.88 28.86
C ASN F 1377 32.39 33.28 27.62
N LYS F 1378 31.07 33.15 27.69
CA LYS F 1378 30.27 32.62 26.57
C LYS F 1378 30.36 33.50 25.34
N GLN F 1379 30.28 34.81 25.53
CA GLN F 1379 30.29 35.77 24.43
C GLN F 1379 31.66 35.92 23.79
N LYS F 1380 32.70 35.56 24.54
CA LYS F 1380 34.06 35.46 24.00
C LYS F 1380 34.10 34.37 22.91
N ALA F 1381 33.71 33.15 23.28
CA ALA F 1381 33.72 32.00 22.37
C ALA F 1381 32.65 32.08 21.27
N LEU F 1382 31.57 32.85 21.54
CA LEU F 1382 30.53 33.11 20.55
C LEU F 1382 31.10 33.96 19.41
N ALA F 1383 31.55 35.16 19.75
CA ALA F 1383 32.12 36.09 18.78
C ALA F 1383 33.24 35.42 17.98
N ALA F 1384 34.02 34.58 18.66
CA ALA F 1384 35.09 33.80 18.03
C ALA F 1384 34.57 32.85 16.95
N ALA F 1385 33.42 32.23 17.21
CA ALA F 1385 32.80 31.31 16.27
C ALA F 1385 32.26 32.05 15.05
N LEU F 1386 31.62 33.18 15.29
CA LEU F 1386 31.05 33.98 14.21
C LEU F 1386 32.11 34.55 13.26
N GLY F 1387 33.24 34.97 13.81
CA GLY F 1387 34.38 35.43 13.00
C GLY F 1387 34.90 34.31 12.13
N GLN F 1388 35.12 33.16 12.76
CA GLN F 1388 35.46 31.92 12.07
C GLN F 1388 34.52 31.67 10.89
N ILE F 1389 33.22 31.64 11.17
CA ILE F 1389 32.19 31.31 10.18
C ILE F 1389 32.22 32.27 8.98
N GLU F 1390 32.24 33.57 9.25
CA GLU F 1390 32.08 34.54 8.19
C GLU F 1390 33.32 34.65 7.31
N LYS F 1391 34.50 34.39 7.88
CA LYS F 1391 35.74 34.38 7.11
C LYS F 1391 35.93 33.02 6.45
N GLN F 1392 34.86 32.23 6.44
CA GLN F 1392 34.86 30.89 5.85
C GLN F 1392 33.74 30.67 4.84
N PHE F 1393 32.58 31.26 5.10
CA PHE F 1393 31.42 31.04 4.26
C PHE F 1393 30.78 32.32 3.71
N GLY F 1394 31.54 33.41 3.73
CA GLY F 1394 31.11 34.63 3.07
C GLY F 1394 30.81 35.79 3.98
N LYS F 1395 30.83 36.98 3.37
CA LYS F 1395 30.67 38.27 4.03
C LYS F 1395 29.60 38.27 5.12
N GLY F 1396 28.40 37.83 4.80
CA GLY F 1396 27.28 37.87 5.73
C GLY F 1396 26.46 36.60 5.77
N SER F 1397 27.16 35.47 5.88
CA SER F 1397 26.50 34.15 5.88
C SER F 1397 25.63 33.92 7.12
N ILE F 1398 26.08 34.40 8.28
CA ILE F 1398 25.32 34.34 9.52
C ILE F 1398 25.20 35.73 10.16
N MET F 1399 23.98 36.11 10.53
CA MET F 1399 23.75 37.36 11.26
C MET F 1399 22.46 37.33 12.06
N ARG F 1400 22.25 38.35 12.87
CA ARG F 1400 21.02 38.49 13.66
C ARG F 1400 19.84 38.75 12.75
N LEU F 1401 18.79 37.94 12.91
CA LEU F 1401 17.62 37.99 12.05
C LEU F 1401 17.03 39.39 11.91
N GLY F 1402 17.08 40.15 12.99
CA GLY F 1402 16.48 41.48 13.06
C GLY F 1402 17.11 42.52 12.17
N GLU F 1403 18.35 42.28 11.77
CA GLU F 1403 19.07 43.24 10.95
C GLU F 1403 19.28 42.78 9.51
N ASP F 1404 19.05 41.51 9.25
CA ASP F 1404 19.16 40.98 7.90
C ASP F 1404 18.04 41.54 7.01
N ARG F 1405 18.41 42.43 6.09
CA ARG F 1405 17.47 43.09 5.19
C ARG F 1405 16.91 42.17 4.10
N SER F 1406 17.78 41.29 3.58
CA SER F 1406 17.41 40.38 2.50
C SER F 1406 16.35 39.36 2.93
N MET F 1407 15.96 39.44 4.20
CA MET F 1407 15.01 38.51 4.79
C MET F 1407 13.58 39.05 4.78
N ASP F 1408 13.45 40.36 4.58
CA ASP F 1408 12.15 41.01 4.58
C ASP F 1408 11.39 40.60 3.34
N VAL F 1409 10.09 40.68 3.43
CA VAL F 1409 9.27 40.19 2.35
C VAL F 1409 8.77 41.32 1.46
N GLU F 1410 9.00 41.19 0.16
CA GLU F 1410 8.53 42.16 -0.83
C GLU F 1410 7.53 41.48 -1.76
N THR F 1411 6.53 42.23 -2.24
CA THR F 1411 5.49 41.64 -3.12
C THR F 1411 5.27 42.36 -4.46
N ILE F 1412 4.64 41.65 -5.39
CA ILE F 1412 4.30 42.15 -6.73
C ILE F 1412 2.80 41.96 -6.92
N SER F 1413 2.13 42.95 -7.52
CA SER F 1413 0.71 42.83 -7.85
C SER F 1413 0.45 41.64 -8.78
N THR F 1414 -0.68 40.96 -8.58
CA THR F 1414 -1.04 39.83 -9.45
C THR F 1414 -1.84 40.30 -10.65
N GLY F 1415 -2.22 41.57 -10.63
CA GLY F 1415 -3.07 42.12 -11.67
C GLY F 1415 -4.54 41.97 -11.31
N SER F 1416 -4.79 41.25 -10.22
CA SER F 1416 -6.13 41.19 -9.64
C SER F 1416 -6.09 41.82 -8.26
N LEU F 1417 -6.95 42.80 -8.05
CA LEU F 1417 -6.99 43.51 -6.78
C LEU F 1417 -7.51 42.61 -5.67
N SER F 1418 -8.62 41.92 -5.94
CA SER F 1418 -9.21 41.08 -4.92
C SER F 1418 -8.29 39.90 -4.58
N LEU F 1419 -7.51 39.42 -5.55
CA LEU F 1419 -6.52 38.38 -5.29
C LEU F 1419 -5.41 38.91 -4.41
N ASP F 1420 -5.03 40.16 -4.64
CA ASP F 1420 -3.99 40.82 -3.85
C ASP F 1420 -4.43 40.98 -2.40
N ILE F 1421 -5.72 41.21 -2.20
CA ILE F 1421 -6.28 41.29 -0.85
C ILE F 1421 -6.31 39.91 -0.21
N ALA F 1422 -6.77 38.92 -0.97
CA ALA F 1422 -6.83 37.53 -0.54
C ALA F 1422 -5.46 36.99 -0.15
N LEU F 1423 -4.41 37.50 -0.78
CA LEU F 1423 -3.05 37.10 -0.45
C LEU F 1423 -2.58 37.63 0.90
N GLY F 1424 -3.30 38.62 1.42
CA GLY F 1424 -2.95 39.24 2.69
C GLY F 1424 -1.80 40.23 2.56
N ALA F 1425 -0.72 39.81 1.91
CA ALA F 1425 0.49 40.63 1.78
C ALA F 1425 0.36 41.70 0.72
N GLY F 1426 -0.62 41.56 -0.16
CA GLY F 1426 -0.83 42.53 -1.22
C GLY F 1426 -0.27 42.11 -2.56
N GLY F 1427 0.28 40.90 -2.63
CA GLY F 1427 0.81 40.38 -3.88
C GLY F 1427 1.69 39.16 -3.65
N LEU F 1428 2.30 38.67 -4.71
CA LEU F 1428 3.16 37.49 -4.64
C LEU F 1428 4.57 37.84 -4.15
N PRO F 1429 5.19 36.95 -3.34
CA PRO F 1429 6.48 37.23 -2.73
C PRO F 1429 7.70 37.04 -3.64
N MET F 1430 8.55 38.06 -3.69
CA MET F 1430 9.79 38.01 -4.45
C MET F 1430 10.81 37.06 -3.85
N GLY F 1431 11.55 36.37 -4.71
CA GLY F 1431 12.58 35.43 -4.25
C GLY F 1431 12.02 34.13 -3.67
N ARG F 1432 10.76 33.88 -3.95
CA ARG F 1432 10.06 32.68 -3.47
C ARG F 1432 9.50 31.87 -4.65
N ILE F 1433 8.94 30.69 -4.35
CA ILE F 1433 8.32 29.85 -5.36
C ILE F 1433 6.81 29.87 -5.21
N VAL F 1434 6.12 29.98 -6.33
CA VAL F 1434 4.66 29.97 -6.34
C VAL F 1434 4.08 28.95 -7.33
N GLU F 1435 3.01 28.27 -6.94
CA GLU F 1435 2.32 27.36 -7.85
C GLU F 1435 0.88 27.83 -8.08
N ILE F 1436 0.47 27.83 -9.36
CA ILE F 1436 -0.93 28.00 -9.71
C ILE F 1436 -1.42 26.77 -10.45
N TYR F 1437 -2.51 26.19 -9.96
CA TYR F 1437 -3.11 25.05 -10.64
C TYR F 1437 -4.60 25.25 -10.80
N GLY F 1438 -5.19 24.49 -11.73
CA GLY F 1438 -6.61 24.53 -12.00
C GLY F 1438 -6.97 23.73 -13.22
N PRO F 1439 -8.28 23.55 -13.48
CA PRO F 1439 -8.80 22.88 -14.67
C PRO F 1439 -8.36 23.56 -15.97
N GLU F 1440 -8.63 22.96 -17.12
CA GLU F 1440 -8.20 23.53 -18.38
C GLU F 1440 -9.01 24.76 -18.75
N SER F 1441 -8.34 25.69 -19.44
CA SER F 1441 -8.91 26.98 -19.81
C SER F 1441 -9.52 27.71 -18.59
N SER F 1442 -8.86 27.63 -17.45
CA SER F 1442 -9.42 28.23 -16.23
C SER F 1442 -8.91 29.66 -16.05
N GLY F 1443 -7.70 29.91 -16.55
CA GLY F 1443 -7.10 31.24 -16.49
C GLY F 1443 -5.64 31.24 -16.08
N LYS F 1444 -5.06 30.05 -15.94
CA LYS F 1444 -3.69 29.89 -15.46
C LYS F 1444 -2.67 30.71 -16.27
N THR F 1445 -2.55 30.44 -17.57
CA THR F 1445 -1.66 31.22 -18.46
C THR F 1445 -1.97 32.72 -18.36
N THR F 1446 -3.23 33.07 -18.63
CA THR F 1446 -3.71 34.47 -18.63
C THR F 1446 -3.29 35.22 -17.40
N LEU F 1447 -3.65 34.68 -16.24
CA LEU F 1447 -3.31 35.30 -14.95
C LEU F 1447 -1.81 35.57 -14.83
N THR F 1448 -1.04 34.53 -15.12
CA THR F 1448 0.41 34.62 -15.16
C THR F 1448 0.90 35.83 -15.97
N LEU F 1449 0.40 35.95 -17.21
CA LEU F 1449 0.79 37.05 -18.09
C LEU F 1449 0.45 38.43 -17.52
N GLN F 1450 -0.67 38.51 -16.81
CA GLN F 1450 -1.09 39.75 -16.15
C GLN F 1450 -0.08 40.19 -15.09
N VAL F 1451 0.52 39.24 -14.38
CA VAL F 1451 1.51 39.59 -13.36
C VAL F 1451 2.82 40.02 -14.02
N ILE F 1452 3.16 39.39 -15.15
CA ILE F 1452 4.31 39.78 -15.96
C ILE F 1452 4.13 41.22 -16.42
N ALA F 1453 2.97 41.49 -17.00
CA ALA F 1453 2.60 42.82 -17.45
C ALA F 1453 2.81 43.81 -16.31
N ALA F 1454 2.21 43.50 -15.16
CA ALA F 1454 2.32 44.33 -13.95
C ALA F 1454 3.76 44.61 -13.55
N ALA F 1455 4.58 43.56 -13.53
CA ALA F 1455 5.99 43.65 -13.15
C ALA F 1455 6.83 44.45 -14.14
N GLN F 1456 6.47 44.37 -15.42
CA GLN F 1456 7.16 45.10 -16.47
C GLN F 1456 6.81 46.58 -16.42
N ARG F 1457 5.59 46.87 -15.97
CA ARG F 1457 5.12 48.24 -15.83
C ARG F 1457 5.95 48.99 -14.78
N GLU F 1458 6.47 48.25 -13.81
CA GLU F 1458 7.40 48.77 -12.81
C GLU F 1458 8.86 48.57 -13.23
N GLY F 1459 9.06 48.02 -14.42
CA GLY F 1459 10.39 47.87 -14.99
C GLY F 1459 11.19 46.66 -14.54
N LYS F 1460 10.51 45.57 -14.22
CA LYS F 1460 11.21 44.33 -13.88
C LYS F 1460 11.39 43.46 -15.13
N THR F 1461 12.47 42.68 -15.15
CA THR F 1461 12.74 41.78 -16.28
C THR F 1461 12.07 40.45 -16.06
N CYS F 1462 11.32 40.00 -17.06
CA CYS F 1462 10.59 38.73 -16.97
C CYS F 1462 11.05 37.71 -18.00
N ALA F 1463 10.81 36.44 -17.66
CA ALA F 1463 11.09 35.33 -18.55
C ALA F 1463 9.92 34.37 -18.49
N PHE F 1464 9.63 33.75 -19.62
CA PHE F 1464 8.54 32.79 -19.73
C PHE F 1464 9.07 31.49 -20.33
N ILE F 1465 8.71 30.37 -19.70
CA ILE F 1465 9.13 29.07 -20.19
C ILE F 1465 7.90 28.30 -20.71
N ASP F 1466 7.66 28.40 -22.01
CA ASP F 1466 6.45 27.83 -22.62
C ASP F 1466 6.62 26.35 -22.93
N ALA F 1467 6.77 25.54 -21.89
CA ALA F 1467 6.96 24.11 -22.05
C ALA F 1467 5.72 23.49 -22.65
N GLU F 1468 4.58 24.11 -22.39
CA GLU F 1468 3.31 23.66 -22.93
C GLU F 1468 3.23 23.92 -24.43
N HIS F 1469 4.18 24.72 -24.94
CA HIS F 1469 4.28 25.10 -26.35
C HIS F 1469 2.95 25.63 -26.90
N ALA F 1470 2.35 26.62 -26.23
CA ALA F 1470 1.00 27.06 -26.56
C ALA F 1470 0.73 28.56 -26.44
N LEU F 1471 1.70 29.31 -25.92
CA LEU F 1471 1.58 30.75 -25.71
C LEU F 1471 1.45 31.55 -27.01
N ASP F 1472 0.39 32.36 -27.09
CA ASP F 1472 0.12 33.21 -28.26
C ASP F 1472 0.64 34.62 -27.99
N PRO F 1473 1.71 35.04 -28.71
CA PRO F 1473 2.31 36.36 -28.51
C PRO F 1473 1.32 37.52 -28.65
N ILE F 1474 0.47 37.48 -29.68
CA ILE F 1474 -0.51 38.54 -29.94
C ILE F 1474 -1.46 38.73 -28.76
N TYR F 1475 -2.00 37.63 -28.24
CA TYR F 1475 -2.87 37.67 -27.08
C TYR F 1475 -2.12 38.14 -25.85
N ALA F 1476 -0.87 37.72 -25.70
CA ALA F 1476 -0.03 38.20 -24.60
C ALA F 1476 0.09 39.73 -24.64
N ARG F 1477 0.27 40.27 -25.84
CA ARG F 1477 0.36 41.71 -26.03
C ARG F 1477 -0.96 42.39 -25.71
N LYS F 1478 -2.07 41.77 -26.13
CA LYS F 1478 -3.41 42.27 -25.84
C LYS F 1478 -3.65 42.35 -24.34
N LEU F 1479 -3.00 41.48 -23.59
CA LEU F 1479 -3.11 41.48 -22.15
C LEU F 1479 -2.23 42.56 -21.54
N GLY F 1480 -1.35 43.13 -22.36
CA GLY F 1480 -0.53 44.26 -21.94
C GLY F 1480 0.88 43.90 -21.55
N VAL F 1481 1.39 42.81 -22.11
CA VAL F 1481 2.76 42.40 -21.87
C VAL F 1481 3.68 43.05 -22.88
N ASP F 1482 4.86 43.44 -22.44
CA ASP F 1482 5.89 43.94 -23.35
C ASP F 1482 6.56 42.75 -24.02
N ILE F 1483 6.09 42.43 -25.22
CA ILE F 1483 6.53 41.26 -25.97
C ILE F 1483 8.02 41.35 -26.30
N ASP F 1484 8.44 42.54 -26.73
CA ASP F 1484 9.79 42.76 -27.21
C ASP F 1484 10.84 42.55 -26.14
N ASN F 1485 10.45 42.70 -24.88
CA ASN F 1485 11.37 42.56 -23.75
C ASN F 1485 11.12 41.34 -22.86
N LEU F 1486 10.04 40.62 -23.13
CA LEU F 1486 9.75 39.39 -22.42
C LEU F 1486 10.64 38.28 -22.98
N LEU F 1487 11.58 37.83 -22.17
CA LEU F 1487 12.40 36.69 -22.50
C LEU F 1487 11.53 35.47 -22.54
N CYS F 1488 11.80 34.59 -23.49
CA CYS F 1488 10.93 33.47 -23.73
C CYS F 1488 11.69 32.28 -24.27
N SER F 1489 11.37 31.09 -23.75
CA SER F 1489 11.99 29.87 -24.21
C SER F 1489 10.98 28.73 -24.31
N GLN F 1490 11.00 28.02 -25.43
CA GLN F 1490 10.31 26.75 -25.56
C GLN F 1490 11.37 25.66 -25.52
N PRO F 1491 11.56 25.06 -24.34
CA PRO F 1491 12.62 24.08 -24.14
C PRO F 1491 12.24 22.72 -24.73
N ASP F 1492 13.24 21.87 -24.91
CA ASP F 1492 13.02 20.55 -25.50
C ASP F 1492 12.80 19.48 -24.43
N THR F 1493 13.68 19.41 -23.44
CA THR F 1493 13.49 18.51 -22.31
C THR F 1493 13.07 19.30 -21.06
N GLY F 1494 12.62 18.60 -20.03
CA GLY F 1494 12.25 19.21 -18.76
C GLY F 1494 13.47 19.72 -18.04
N GLU F 1495 14.53 18.90 -18.04
CA GLU F 1495 15.81 19.27 -17.42
C GLU F 1495 16.36 20.57 -18.00
N GLN F 1496 16.24 20.70 -19.32
CA GLN F 1496 16.62 21.90 -20.03
C GLN F 1496 15.86 23.10 -19.47
N ALA F 1497 14.54 22.99 -19.42
CA ALA F 1497 13.69 24.04 -18.87
C ALA F 1497 14.17 24.49 -17.49
N LEU F 1498 14.44 23.53 -16.61
CA LEU F 1498 14.81 23.82 -15.22
C LEU F 1498 16.23 24.36 -15.12
N GLU F 1499 17.14 23.76 -15.89
CA GLU F 1499 18.52 24.26 -15.96
C GLU F 1499 18.55 25.72 -16.39
N ILE F 1500 17.68 26.07 -17.34
CA ILE F 1500 17.53 27.44 -17.80
C ILE F 1500 17.16 28.35 -16.63
N CYS F 1501 16.15 27.95 -15.86
CA CYS F 1501 15.75 28.69 -14.66
C CYS F 1501 16.92 28.94 -13.73
N ASP F 1502 17.63 27.85 -13.39
CA ASP F 1502 18.78 27.92 -12.51
C ASP F 1502 19.84 28.92 -12.98
N ALA F 1503 20.05 29.00 -14.30
CA ALA F 1503 20.95 29.99 -14.89
C ALA F 1503 20.40 31.40 -14.73
N LEU F 1504 19.12 31.58 -15.06
CA LEU F 1504 18.45 32.88 -14.94
C LEU F 1504 18.30 33.35 -13.50
N ALA F 1505 18.14 32.40 -12.58
CA ALA F 1505 18.12 32.71 -11.15
C ALA F 1505 19.48 33.23 -10.74
N ARG F 1506 20.51 32.39 -10.89
CA ARG F 1506 21.89 32.76 -10.57
C ARG F 1506 22.40 34.04 -11.24
N SER F 1507 21.93 34.32 -12.45
CA SER F 1507 22.34 35.52 -13.17
C SER F 1507 21.99 36.79 -12.40
N GLY F 1508 20.86 36.75 -11.68
CA GLY F 1508 20.36 37.88 -10.91
C GLY F 1508 19.86 39.01 -11.78
N ALA F 1509 19.68 38.70 -13.07
CA ALA F 1509 19.26 39.68 -14.05
C ALA F 1509 17.75 39.65 -14.20
N VAL F 1510 17.18 38.46 -14.12
CA VAL F 1510 15.74 38.30 -14.21
C VAL F 1510 15.08 38.41 -12.85
N ASP F 1511 13.92 39.06 -12.83
CA ASP F 1511 13.17 39.31 -11.60
C ASP F 1511 12.02 38.33 -11.41
N VAL F 1512 11.36 37.98 -12.51
CA VAL F 1512 10.24 37.02 -12.45
C VAL F 1512 10.28 36.04 -13.61
N ILE F 1513 10.21 34.76 -13.26
CA ILE F 1513 10.22 33.64 -14.21
C ILE F 1513 8.94 32.83 -14.04
N VAL F 1514 8.28 32.51 -15.15
CA VAL F 1514 7.14 31.60 -15.10
C VAL F 1514 7.33 30.41 -16.03
N VAL F 1515 6.99 29.25 -15.51
CA VAL F 1515 7.05 27.99 -16.26
C VAL F 1515 5.63 27.52 -16.56
N ASP F 1516 5.27 27.45 -17.85
CA ASP F 1516 3.92 27.05 -18.25
C ASP F 1516 3.80 25.53 -18.35
N SER F 1517 3.09 24.99 -17.34
CA SER F 1517 2.81 23.56 -17.11
C SER F 1517 4.01 22.74 -16.64
N VAL F 1518 4.06 22.43 -15.35
CA VAL F 1518 5.03 21.45 -14.88
C VAL F 1518 4.64 20.12 -15.50
N ALA F 1519 3.33 19.98 -15.76
CA ALA F 1519 2.79 18.87 -16.51
C ALA F 1519 3.59 18.59 -17.78
N ALA F 1520 4.03 19.66 -18.43
CA ALA F 1520 4.74 19.54 -19.71
C ALA F 1520 6.27 19.41 -19.57
N LEU F 1521 6.76 19.35 -18.33
CA LEU F 1521 8.20 19.20 -18.07
C LEU F 1521 8.67 17.76 -18.23
N THR F 1522 8.68 17.29 -19.49
CA THR F 1522 8.99 15.91 -19.80
C THR F 1522 10.47 15.61 -19.60
N PRO F 1523 10.80 14.63 -18.74
CA PRO F 1523 12.19 14.25 -18.53
C PRO F 1523 12.88 13.78 -19.81
N LYS F 1524 14.21 13.95 -19.84
CA LYS F 1524 15.03 13.65 -21.00
C LYS F 1524 14.81 12.22 -21.45
N ALA F 1525 14.93 11.29 -20.50
CA ALA F 1525 14.82 9.85 -20.77
C ALA F 1525 13.47 9.45 -21.35
N GLU F 1526 12.42 10.19 -20.98
CA GLU F 1526 11.07 9.94 -21.47
C GLU F 1526 10.90 10.28 -22.96
N ALA F 1540 8.90 13.19 -10.99
CA ALA F 1540 8.78 13.67 -9.61
C ALA F 1540 10.12 13.80 -8.92
N ARG F 1541 11.00 12.83 -9.17
CA ARG F 1541 12.34 12.83 -8.61
C ARG F 1541 13.14 13.98 -9.20
N MET F 1542 12.83 14.30 -10.45
CA MET F 1542 13.47 15.42 -11.13
C MET F 1542 13.07 16.74 -10.51
N MET F 1543 11.77 16.90 -10.28
CA MET F 1543 11.23 18.08 -9.60
C MET F 1543 11.85 18.31 -8.21
N SER F 1544 11.98 17.22 -7.46
CA SER F 1544 12.48 17.25 -6.11
C SER F 1544 13.93 17.71 -6.07
N GLN F 1545 14.68 17.35 -7.10
CA GLN F 1545 16.05 17.82 -7.23
C GLN F 1545 16.08 19.28 -7.63
N ALA F 1546 15.17 19.67 -8.52
CA ALA F 1546 15.10 21.05 -8.99
C ALA F 1546 14.82 21.98 -7.84
N MET F 1547 13.83 21.64 -7.02
CA MET F 1547 13.48 22.46 -5.86
C MET F 1547 14.67 22.79 -4.97
N ARG F 1548 15.40 21.75 -4.56
CA ARG F 1548 16.59 21.90 -3.73
C ARG F 1548 17.57 22.93 -4.29
N LYS F 1549 17.87 22.82 -5.58
CA LYS F 1549 18.82 23.71 -6.26
C LYS F 1549 18.32 25.13 -6.43
N LEU F 1550 17.02 25.28 -6.69
CA LEU F 1550 16.46 26.58 -7.01
C LEU F 1550 16.20 27.51 -5.80
N ALA F 1551 15.68 26.95 -4.71
CA ALA F 1551 15.35 27.73 -3.52
C ALA F 1551 16.46 28.71 -3.15
N GLY F 1552 17.68 28.18 -3.01
CA GLY F 1552 18.85 28.98 -2.64
C GLY F 1552 19.17 30.07 -3.64
N ASN F 1553 19.20 29.72 -4.92
CA ASN F 1553 19.50 30.67 -5.99
C ASN F 1553 18.43 31.73 -6.23
N LEU F 1554 17.19 31.43 -5.84
CA LEU F 1554 16.08 32.34 -6.07
C LEU F 1554 16.01 33.42 -5.00
N LYS F 1555 16.34 33.05 -3.76
CA LYS F 1555 16.32 34.02 -2.67
C LYS F 1555 17.48 34.99 -2.78
N GLN F 1556 18.69 34.47 -2.99
CA GLN F 1556 19.89 35.31 -3.08
C GLN F 1556 19.89 36.21 -4.30
N SER F 1557 18.97 35.93 -5.24
CA SER F 1557 18.79 36.74 -6.45
C SER F 1557 17.55 37.60 -6.36
N ASN F 1558 16.74 37.35 -5.34
CA ASN F 1558 15.43 37.98 -5.19
C ASN F 1558 14.62 37.84 -6.47
N THR F 1559 14.49 36.60 -6.93
CA THR F 1559 13.78 36.29 -8.18
C THR F 1559 12.54 35.45 -7.92
N LEU F 1560 11.38 35.90 -8.41
CA LEU F 1560 10.13 35.14 -8.25
C LEU F 1560 9.99 34.08 -9.32
N LEU F 1561 9.54 32.89 -8.93
CA LEU F 1561 9.28 31.80 -9.88
C LEU F 1561 7.87 31.24 -9.70
N ILE F 1562 7.08 31.31 -10.78
CA ILE F 1562 5.73 30.75 -10.76
C ILE F 1562 5.62 29.51 -11.65
N PHE F 1563 5.17 28.40 -11.07
CA PHE F 1563 4.90 27.19 -11.83
C PHE F 1563 3.40 27.07 -12.08
N ILE F 1564 3.03 26.96 -13.35
CA ILE F 1564 1.64 26.61 -13.68
C ILE F 1564 1.52 25.09 -13.71
N ASN F 1565 0.47 24.57 -13.08
CA ASN F 1565 0.27 23.13 -13.05
C ASN F 1565 -1.13 22.74 -13.47
N GLN F 1566 -1.26 21.54 -14.00
CA GLN F 1566 -2.54 20.98 -14.39
C GLN F 1566 -3.06 20.06 -13.31
N ILE F 1567 -4.34 19.73 -13.43
CA ILE F 1567 -4.99 18.80 -12.50
C ILE F 1567 -5.11 17.41 -13.12
N ARG F 1568 -4.70 16.39 -12.36
CA ARG F 1568 -4.94 14.99 -12.70
C ARG F 1568 -5.86 14.37 -11.67
N ASN F 1577 -10.74 14.76 -1.70
CA ASN F 1577 -10.98 15.06 -3.10
C ASN F 1577 -10.06 14.22 -3.99
N PRO F 1578 -10.53 13.84 -5.19
CA PRO F 1578 -9.73 12.95 -6.03
C PRO F 1578 -8.78 13.70 -6.97
N GLU F 1579 -8.39 14.92 -6.61
CA GLU F 1579 -7.55 15.74 -7.47
C GLU F 1579 -6.10 15.82 -7.00
N THR F 1580 -5.15 15.72 -7.94
CA THR F 1580 -3.76 16.05 -7.64
C THR F 1580 -3.15 16.98 -8.68
N THR F 1581 -1.83 17.00 -8.63
CA THR F 1581 -0.99 17.96 -9.29
C THR F 1581 0.17 17.15 -9.84
N THR F 1582 0.55 17.41 -11.10
CA THR F 1582 1.66 16.67 -11.72
C THR F 1582 3.01 17.00 -11.08
N GLY F 1583 3.94 16.06 -11.14
CA GLY F 1583 5.29 16.33 -10.69
C GLY F 1583 5.50 16.16 -9.20
N GLY F 1584 4.79 15.21 -8.61
CA GLY F 1584 5.03 14.77 -7.24
C GLY F 1584 4.76 15.78 -6.15
N ASN F 1585 5.39 15.53 -5.00
CA ASN F 1585 5.13 16.29 -3.78
C ASN F 1585 6.10 17.44 -3.52
N ALA F 1586 7.22 17.44 -4.26
CA ALA F 1586 8.29 18.40 -4.04
C ALA F 1586 7.75 19.85 -4.02
N LEU F 1587 7.01 20.21 -5.07
CA LEU F 1587 6.56 21.58 -5.22
C LEU F 1587 5.58 22.06 -4.13
N LYS F 1588 4.72 21.16 -3.66
CA LYS F 1588 3.77 21.47 -2.59
C LYS F 1588 4.49 22.13 -1.42
N PHE F 1589 5.63 21.55 -1.03
CA PHE F 1589 6.38 21.95 0.14
C PHE F 1589 7.12 23.27 -0.07
N TYR F 1590 7.80 23.38 -1.20
CA TYR F 1590 8.67 24.51 -1.44
C TYR F 1590 7.94 25.79 -1.81
N ALA F 1591 6.74 25.64 -2.37
CA ALA F 1591 5.93 26.82 -2.73
C ALA F 1591 5.55 27.64 -1.50
N SER F 1592 5.69 28.95 -1.61
CA SER F 1592 5.34 29.85 -0.51
C SER F 1592 3.88 30.28 -0.63
N VAL F 1593 3.37 30.22 -1.87
CA VAL F 1593 1.97 30.46 -2.17
C VAL F 1593 1.45 29.41 -3.17
N ARG F 1594 0.25 28.89 -2.94
CA ARG F 1594 -0.37 27.93 -3.86
C ARG F 1594 -1.78 28.37 -4.20
N LEU F 1595 -2.04 28.55 -5.48
CA LEU F 1595 -3.31 29.08 -5.93
C LEU F 1595 -4.16 28.06 -6.69
N ASP F 1596 -5.47 28.08 -6.42
CA ASP F 1596 -6.42 27.21 -7.10
C ASP F 1596 -7.42 28.05 -7.88
N ILE F 1597 -7.23 28.11 -9.20
CA ILE F 1597 -8.08 28.94 -10.06
C ILE F 1597 -9.12 28.11 -10.81
N ARG F 1598 -10.34 28.64 -10.90
CA ARG F 1598 -11.46 27.94 -11.54
C ARG F 1598 -12.43 28.87 -12.25
N ARG F 1599 -12.85 28.47 -13.45
CA ARG F 1599 -13.90 29.17 -14.18
C ARG F 1599 -15.25 28.78 -13.55
N ILE F 1600 -15.98 29.77 -13.05
CA ILE F 1600 -17.21 29.50 -12.31
C ILE F 1600 -18.47 29.86 -13.09
N GLY F 1601 -18.32 30.72 -14.09
CA GLY F 1601 -19.45 31.16 -14.89
C GLY F 1601 -19.04 31.89 -16.15
N ALA F 1602 -20.03 32.23 -16.98
CA ALA F 1602 -19.77 32.93 -18.21
C ALA F 1602 -20.13 34.40 -18.07
N VAL F 1603 -19.29 35.28 -18.62
CA VAL F 1603 -19.60 36.71 -18.70
C VAL F 1603 -20.36 36.96 -20.01
N LYS F 1604 -21.68 37.09 -19.90
CA LYS F 1604 -22.54 37.15 -21.07
C LYS F 1604 -22.82 38.56 -21.60
N GLU F 1605 -23.29 38.62 -22.84
CA GLU F 1605 -23.57 39.86 -23.55
C GLU F 1605 -24.87 39.72 -24.34
N GLY F 1606 -25.93 39.33 -23.64
CA GLY F 1606 -27.18 38.95 -24.28
C GLY F 1606 -26.99 37.62 -24.98
N GLU F 1607 -26.37 37.66 -26.15
CA GLU F 1607 -26.07 36.46 -26.93
C GLU F 1607 -24.64 35.99 -26.68
N ASN F 1608 -23.70 36.93 -26.66
CA ASN F 1608 -22.27 36.63 -26.64
C ASN F 1608 -21.70 36.22 -25.29
N VAL F 1609 -20.69 35.35 -25.35
CA VAL F 1609 -19.89 35.04 -24.19
C VAL F 1609 -18.59 35.80 -24.37
N VAL F 1610 -18.41 36.85 -23.57
CA VAL F 1610 -17.26 37.75 -23.73
C VAL F 1610 -16.16 37.54 -22.66
N GLY F 1611 -16.43 36.70 -21.67
CA GLY F 1611 -15.46 36.44 -20.59
C GLY F 1611 -15.78 35.27 -19.68
N SER F 1612 -14.84 34.97 -18.79
CA SER F 1612 -15.00 33.91 -17.80
C SER F 1612 -15.06 34.51 -16.41
N GLU F 1613 -16.16 34.23 -15.70
CA GLU F 1613 -16.24 34.52 -14.28
C GLU F 1613 -15.27 33.58 -13.57
N THR F 1614 -14.45 34.13 -12.66
CA THR F 1614 -13.32 33.40 -12.14
C THR F 1614 -13.22 33.48 -10.62
N ARG F 1615 -12.79 32.38 -10.02
CA ARG F 1615 -12.56 32.32 -8.58
C ARG F 1615 -11.23 31.65 -8.27
N VAL F 1616 -10.42 32.33 -7.46
CA VAL F 1616 -9.13 31.81 -7.04
C VAL F 1616 -9.16 31.59 -5.52
N LYS F 1617 -8.68 30.43 -5.06
CA LYS F 1617 -8.51 30.14 -3.64
C LYS F 1617 -7.03 30.15 -3.29
N VAL F 1618 -6.67 30.85 -2.21
CA VAL F 1618 -5.31 30.70 -1.67
C VAL F 1618 -5.28 29.42 -0.85
N VAL F 1619 -4.56 28.42 -1.35
CA VAL F 1619 -4.59 27.09 -0.77
C VAL F 1619 -3.40 26.86 0.18
N LYS F 1620 -2.26 27.46 -0.15
CA LYS F 1620 -1.14 27.53 0.77
C LYS F 1620 -0.66 28.97 0.89
N ASN F 1621 -0.31 29.37 2.11
CA ASN F 1621 0.23 30.71 2.36
C ASN F 1621 1.28 30.76 3.47
N LYS F 1622 2.52 31.05 3.08
CA LYS F 1622 3.65 31.14 4.00
C LYS F 1622 3.93 32.61 4.27
N ILE F 1623 3.11 33.46 3.68
CA ILE F 1623 3.34 34.90 3.66
C ILE F 1623 2.31 35.65 4.50
N ALA F 1624 1.09 35.12 4.53
CA ALA F 1624 -0.03 35.67 5.30
C ALA F 1624 -0.97 34.53 5.67
N ALA F 1625 -2.13 34.85 6.24
CA ALA F 1625 -3.16 33.86 6.52
C ALA F 1625 -3.65 33.24 5.20
N PRO F 1626 -3.75 31.89 5.14
CA PRO F 1626 -4.22 31.20 3.94
C PRO F 1626 -5.75 31.12 3.85
N PHE F 1627 -6.24 30.53 2.76
CA PHE F 1627 -7.67 30.17 2.60
C PHE F 1627 -8.64 31.32 2.33
N LYS F 1628 -8.12 32.51 2.06
CA LYS F 1628 -8.96 33.59 1.55
C LYS F 1628 -9.17 33.33 0.07
N GLN F 1629 -10.27 33.80 -0.48
CA GLN F 1629 -10.53 33.60 -1.89
C GLN F 1629 -10.99 34.86 -2.59
N ALA F 1630 -10.64 34.96 -3.87
CA ALA F 1630 -10.97 36.14 -4.69
C ALA F 1630 -11.73 35.72 -5.93
N GLU F 1631 -12.73 36.50 -6.29
CA GLU F 1631 -13.46 36.31 -7.54
C GLU F 1631 -13.23 37.50 -8.43
N PHE F 1632 -13.35 37.30 -9.74
CA PHE F 1632 -13.24 38.39 -10.70
C PHE F 1632 -13.62 37.95 -12.11
N GLN F 1633 -13.45 38.86 -13.06
CA GLN F 1633 -13.77 38.57 -14.44
C GLN F 1633 -12.53 38.59 -15.32
N ILE F 1634 -12.39 37.56 -16.16
CA ILE F 1634 -11.43 37.59 -17.25
C ILE F 1634 -12.20 37.88 -18.53
N LEU F 1635 -11.95 39.05 -19.07
CA LEU F 1635 -12.55 39.45 -20.32
C LEU F 1635 -11.62 39.03 -21.45
N TYR F 1636 -12.12 38.16 -22.32
CA TYR F 1636 -11.31 37.59 -23.39
C TYR F 1636 -10.73 38.69 -24.26
N GLY F 1637 -9.42 38.66 -24.42
CA GLY F 1637 -8.71 39.64 -25.26
C GLY F 1637 -8.35 40.92 -24.53
N GLU F 1638 -8.71 41.01 -23.26
CA GLU F 1638 -8.42 42.19 -22.47
C GLU F 1638 -7.66 41.82 -21.21
N GLY F 1639 -8.17 40.83 -20.48
CA GLY F 1639 -7.52 40.35 -19.28
C GLY F 1639 -8.42 40.41 -18.08
N ILE F 1640 -7.81 40.48 -16.91
CA ILE F 1640 -8.51 40.58 -15.63
C ILE F 1640 -9.21 41.91 -15.53
N ASN F 1641 -10.50 41.85 -15.21
CA ASN F 1641 -11.21 43.08 -15.04
C ASN F 1641 -10.84 43.74 -13.72
N PHE F 1642 -9.69 44.42 -13.72
CA PHE F 1642 -9.12 45.04 -12.53
C PHE F 1642 -10.00 46.17 -12.02
N TYR F 1643 -10.41 47.05 -12.94
CA TYR F 1643 -11.23 48.20 -12.57
C TYR F 1643 -12.61 47.74 -12.10
N GLY F 1644 -13.10 46.65 -12.68
CA GLY F 1644 -14.31 46.00 -12.19
C GLY F 1644 -14.18 45.71 -10.70
N GLU F 1645 -13.13 44.98 -10.33
CA GLU F 1645 -12.83 44.69 -8.93
C GLU F 1645 -12.82 45.97 -8.13
N LEU F 1646 -12.12 46.99 -8.65
CA LEU F 1646 -11.92 48.25 -7.94
C LEU F 1646 -13.23 48.96 -7.61
N VAL F 1647 -14.16 48.94 -8.56
CA VAL F 1647 -15.48 49.49 -8.34
C VAL F 1647 -16.14 48.79 -7.17
N ASP F 1648 -16.22 47.46 -7.24
CA ASP F 1648 -16.90 46.67 -6.21
C ASP F 1648 -16.28 46.82 -4.83
N LEU F 1649 -14.96 46.71 -4.77
CA LEU F 1649 -14.22 46.88 -3.52
C LEU F 1649 -14.43 48.29 -2.94
N GLY F 1650 -14.43 49.30 -3.82
CA GLY F 1650 -14.64 50.71 -3.42
C GLY F 1650 -16.02 50.97 -2.82
N VAL F 1651 -17.06 50.40 -3.44
CA VAL F 1651 -18.45 50.52 -2.96
C VAL F 1651 -18.62 49.80 -1.61
N LYS F 1652 -17.96 48.65 -1.49
CA LYS F 1652 -18.00 47.83 -0.29
C LYS F 1652 -17.37 48.54 0.90
N GLU F 1653 -16.30 49.28 0.66
CA GLU F 1653 -15.59 50.03 1.71
C GLU F 1653 -16.16 51.43 1.94
N LYS F 1654 -17.24 51.75 1.23
CA LYS F 1654 -17.92 53.04 1.33
C LYS F 1654 -17.09 54.22 0.78
N LEU F 1655 -16.11 53.91 -0.08
CA LEU F 1655 -15.32 54.94 -0.76
C LEU F 1655 -16.04 55.44 -2.02
N ILE F 1656 -16.84 54.56 -2.61
CA ILE F 1656 -17.71 54.92 -3.73
C ILE F 1656 -19.18 54.79 -3.30
N GLU F 1657 -19.96 55.81 -3.64
CA GLU F 1657 -21.38 55.86 -3.29
C GLU F 1657 -22.23 55.18 -4.35
N LYS F 1658 -23.13 54.30 -3.94
CA LYS F 1658 -24.05 53.66 -4.88
C LYS F 1658 -25.51 53.99 -4.58
N ALA F 1659 -26.05 54.94 -5.34
CA ALA F 1659 -27.46 55.34 -5.24
C ALA F 1659 -28.29 54.59 -6.29
N GLY F 1660 -28.60 53.33 -5.98
CA GLY F 1660 -29.33 52.44 -6.90
C GLY F 1660 -28.47 51.99 -8.06
N ALA F 1661 -28.65 52.63 -9.21
CA ALA F 1661 -27.86 52.34 -10.40
C ALA F 1661 -26.78 53.40 -10.65
N TRP F 1662 -26.77 54.43 -9.81
CA TRP F 1662 -25.82 55.54 -9.92
C TRP F 1662 -24.62 55.41 -8.98
N TYR F 1663 -23.43 55.63 -9.52
CA TYR F 1663 -22.19 55.54 -8.76
C TYR F 1663 -21.56 56.91 -8.60
N SER F 1664 -21.30 57.31 -7.35
CA SER F 1664 -20.72 58.61 -7.05
C SER F 1664 -19.41 58.47 -6.31
N TYR F 1665 -18.41 59.28 -6.67
CA TYR F 1665 -17.18 59.39 -5.88
C TYR F 1665 -16.96 60.81 -5.42
N LYS F 1666 -16.91 60.98 -4.10
CA LYS F 1666 -16.75 62.29 -3.46
C LYS F 1666 -17.74 63.32 -4.01
N GLY F 1667 -19.00 62.92 -4.14
CA GLY F 1667 -20.06 63.82 -4.60
C GLY F 1667 -20.24 63.90 -6.11
N GLU F 1668 -19.16 63.66 -6.84
CA GLU F 1668 -19.19 63.66 -8.29
C GLU F 1668 -19.71 62.32 -8.80
N LYS F 1669 -20.76 62.36 -9.63
CA LYS F 1669 -21.34 61.15 -10.22
C LYS F 1669 -20.42 60.65 -11.33
N ILE F 1670 -20.03 59.38 -11.25
CA ILE F 1670 -19.01 58.82 -12.15
C ILE F 1670 -19.52 57.78 -13.16
N GLY F 1671 -20.73 57.26 -12.92
CA GLY F 1671 -21.30 56.30 -13.83
C GLY F 1671 -22.72 55.91 -13.51
N GLN F 1672 -23.33 55.20 -14.44
CA GLN F 1672 -24.65 54.64 -14.23
C GLN F 1672 -24.54 53.15 -14.50
N GLY F 1673 -24.55 52.35 -13.43
CA GLY F 1673 -24.32 50.91 -13.53
C GLY F 1673 -22.85 50.54 -13.65
N LYS F 1674 -22.45 49.44 -13.01
CA LYS F 1674 -21.05 49.01 -12.92
C LYS F 1674 -20.27 49.18 -14.23
N ALA F 1675 -20.94 48.96 -15.36
CA ALA F 1675 -20.37 49.11 -16.70
C ALA F 1675 -19.63 50.44 -16.86
N ASN F 1676 -20.35 51.54 -16.65
CA ASN F 1676 -19.80 52.89 -16.83
C ASN F 1676 -18.82 53.32 -15.75
N ALA F 1677 -19.12 52.96 -14.51
CA ALA F 1677 -18.27 53.26 -13.37
C ALA F 1677 -16.86 52.72 -13.59
N THR F 1678 -16.80 51.49 -14.10
CA THR F 1678 -15.55 50.85 -14.50
C THR F 1678 -14.85 51.66 -15.57
N ALA F 1679 -15.59 52.02 -16.63
CA ALA F 1679 -15.05 52.81 -17.74
C ALA F 1679 -14.56 54.19 -17.29
N TRP F 1680 -15.16 54.75 -16.25
CA TRP F 1680 -14.75 56.05 -15.72
C TRP F 1680 -13.41 55.98 -15.00
N LEU F 1681 -13.25 54.97 -14.15
CA LEU F 1681 -11.98 54.73 -13.46
C LEU F 1681 -10.86 54.42 -14.46
N LYS F 1682 -11.25 53.83 -15.59
CA LYS F 1682 -10.33 53.60 -16.70
C LYS F 1682 -9.84 54.96 -17.20
N ASP F 1683 -10.76 55.91 -17.35
CA ASP F 1683 -10.47 57.24 -17.90
C ASP F 1683 -9.76 58.19 -16.93
N ASN F 1684 -9.87 57.92 -15.64
CA ASN F 1684 -9.22 58.74 -14.62
C ASN F 1684 -8.21 57.92 -13.85
N PRO F 1685 -7.05 57.59 -14.46
CA PRO F 1685 -6.12 56.65 -13.83
C PRO F 1685 -5.58 57.22 -12.51
N GLU F 1686 -5.53 58.55 -12.44
CA GLU F 1686 -5.04 59.28 -11.27
C GLU F 1686 -5.93 59.05 -10.05
N THR F 1687 -7.23 59.21 -10.25
CA THR F 1687 -8.23 59.01 -9.20
C THR F 1687 -8.33 57.52 -8.84
N ALA F 1688 -8.11 56.66 -9.82
CA ALA F 1688 -8.12 55.22 -9.64
C ALA F 1688 -7.02 54.75 -8.69
N LYS F 1689 -5.81 55.26 -8.89
CA LYS F 1689 -4.68 54.97 -8.00
C LYS F 1689 -5.00 55.38 -6.56
N GLU F 1690 -5.63 56.55 -6.41
CA GLU F 1690 -6.02 57.10 -5.12
C GLU F 1690 -6.98 56.19 -4.36
N ILE F 1691 -7.96 55.64 -5.07
CA ILE F 1691 -8.94 54.73 -4.46
C ILE F 1691 -8.29 53.38 -4.13
N GLU F 1692 -7.53 52.84 -5.08
CA GLU F 1692 -6.80 51.58 -4.89
C GLU F 1692 -5.94 51.62 -3.64
N LYS F 1693 -5.13 52.69 -3.52
CA LYS F 1693 -4.23 52.86 -2.37
C LYS F 1693 -4.98 52.77 -1.04
N LYS F 1694 -6.11 53.49 -0.94
CA LYS F 1694 -6.94 53.49 0.26
C LYS F 1694 -7.55 52.13 0.57
N VAL F 1695 -7.94 51.41 -0.47
CA VAL F 1695 -8.46 50.05 -0.33
C VAL F 1695 -7.37 49.11 0.20
N ARG F 1696 -6.18 49.21 -0.37
CA ARG F 1696 -5.03 48.43 0.08
C ARG F 1696 -4.68 48.70 1.54
N GLU F 1697 -4.70 49.97 1.93
CA GLU F 1697 -4.49 50.36 3.32
C GLU F 1697 -5.59 49.81 4.21
N LEU F 1698 -6.83 49.88 3.73
CA LEU F 1698 -8.00 49.42 4.48
C LEU F 1698 -8.09 47.91 4.63
N LEU F 1699 -7.54 47.16 3.67
CA LEU F 1699 -7.82 45.70 3.59
C LEU F 1699 -6.64 44.71 3.55
N LEU F 1700 -5.40 45.21 3.45
CA LEU F 1700 -4.23 44.32 3.48
C LEU F 1700 -3.81 43.90 4.90
MG MG G . -52.52 27.34 -13.14
AL ALF H . -50.49 25.24 -11.39
F1 ALF H . -49.87 23.61 -11.01
F2 ALF H . -51.19 26.87 -11.70
F3 ALF H . -49.08 25.99 -10.57
F4 ALF H . -51.82 24.44 -12.26
MG MG I . -39.68 13.55 9.31
AL ALF J . -37.02 11.63 8.48
F1 ALF J . -35.98 10.75 7.35
F2 ALF J . -38.09 12.43 9.68
F3 ALF J . -35.88 11.23 9.77
F4 ALF J . -38.11 12.03 7.11
MG MG K . -24.84 -11.45 10.09
AL ALF L . -22.12 -11.44 8.08
F1 ALF L . -21.08 -10.68 6.88
F2 ALF L . -23.16 -12.21 9.34
F3 ALF L . -20.70 -12.40 8.57
F4 ALF L . -23.47 -10.41 7.52
MG MG M . -7.68 -23.96 -9.25
AL ALF N . -5.08 -22.17 -10.30
F1 ALF N . -4.20 -20.66 -10.42
F2 ALF N . -6.00 -23.72 -10.22
F3 ALF N . -3.58 -23.07 -10.60
F4 ALF N . -6.52 -21.21 -9.95
MG MG O . 9.55 -12.85 -29.61
AL ALF P . 11.80 -10.91 -28.41
F1 ALF P . 12.64 -9.89 -27.16
F2 ALF P . 11.01 -11.90 -29.67
F3 ALF P . 13.18 -10.73 -29.54
F4 ALF P . 10.41 -11.09 -27.29
PB ADP Q . -49.22 26.94 -13.65
O1B ADP Q . -50.46 27.83 -13.64
O2B ADP Q . -48.87 26.34 -14.99
O3B ADP Q . -49.15 25.94 -12.51
PA ADP Q . -48.21 29.50 -13.16
O1A ADP Q . -48.76 30.08 -14.45
O2A ADP Q . -48.99 29.57 -11.84
O3A ADP Q . -47.97 27.95 -13.46
O5' ADP Q . -46.74 30.09 -12.91
C5' ADP Q . -45.80 30.04 -13.98
C4' ADP Q . -44.53 30.73 -13.56
O4' ADP Q . -44.85 32.00 -13.04
C3' ADP Q . -43.81 29.93 -12.49
O3' ADP Q . -42.39 29.96 -12.72
C2' ADP Q . -44.09 30.69 -11.20
O2' ADP Q . -43.04 30.61 -10.23
C1' ADP Q . -44.33 32.10 -11.71
N9 ADP Q . -45.30 32.75 -10.81
C8 ADP Q . -46.58 32.33 -10.55
N7 ADP Q . -47.18 33.17 -9.67
C5 ADP Q . -46.29 34.15 -9.34
C6 ADP Q . -46.25 35.34 -8.47
N6 ADP Q . -47.36 35.66 -7.75
N1 ADP Q . -45.11 36.10 -8.41
C2 ADP Q . -44.02 35.80 -9.13
N3 ADP Q . -43.97 34.72 -9.95
C4 ADP Q . -45.05 33.86 -10.10
PB ADP R . -36.41 14.58 8.44
O1B ADP R . -37.82 14.71 9.00
O2B ADP R . -36.14 15.48 7.30
O3B ADP R . -35.97 13.14 8.21
PA ADP R . -35.55 15.77 11.00
O1A ADP R . -36.05 17.16 11.00
O2A ADP R . -36.27 14.68 11.78
O3A ADP R . -35.33 15.26 9.47
O5' ADP R . -34.05 15.86 11.58
C5' ADP R . -33.13 16.76 10.97
C4' ADP R . -31.93 16.92 11.89
O4' ADP R . -32.30 17.09 13.26
C3' ADP R . -31.05 15.69 11.83
O3' ADP R . -29.73 16.22 11.85
C2' ADP R . -31.37 14.94 13.11
O2' ADP R . -30.31 14.07 13.55
C1' ADP R . -31.70 16.07 14.08
N9 ADP R . -32.64 15.57 15.11
C8 ADP R . -33.84 15.00 14.87
N7 ADP R . -34.47 14.63 16.01
C5 ADP R . -33.64 14.96 17.00
C6 ADP R . -33.68 14.83 18.46
N6 ADP R . -34.78 14.27 19.01
N1 ADP R . -32.63 15.31 19.15
C2 ADP R . -31.57 15.88 18.55
N3 ADP R . -31.45 16.02 17.22
C4 ADP R . -32.45 15.58 16.41
PB ADP S . -21.77 -9.98 10.79
O1B ADP S . -23.12 -10.60 11.17
O2B ADP S . -21.69 -8.51 10.90
O3B ADP S . -21.23 -10.51 9.46
PA ADP S . -21.02 -11.40 13.10
O1A ADP S . -21.77 -10.69 14.18
O2A ADP S . -21.60 -12.65 12.49
O3A ADP S . -20.71 -10.36 11.93
O5' ADP S . -19.56 -11.74 13.69
C5' ADP S . -18.82 -10.68 14.26
C4' ADP S . -17.59 -11.21 14.95
O4' ADP S . -17.92 -12.34 15.75
C3' ADP S . -16.58 -11.68 13.94
O3' ADP S . -15.31 -11.20 14.37
C2' ADP S . -16.65 -13.18 14.01
O2' ADP S . -15.35 -13.76 13.85
C1' ADP S . -17.13 -13.46 15.42
N9 ADP S . -17.96 -14.68 15.44
C8 ADP S . -19.12 -14.88 14.77
N7 ADP S . -19.64 -16.11 15.02
C5 ADP S . -18.78 -16.73 15.84
C6 ADP S . -18.70 -18.05 16.48
N6 ADP S . -19.67 -18.98 16.28
N1 ADP S . -17.65 -18.32 17.28
C2 ADP S . -16.68 -17.41 17.50
N3 ADP S . -16.68 -16.19 16.93
C4 ADP S . -17.69 -15.79 16.11
PB ADP T . -4.62 -23.68 -7.74
O1B ADP T . -5.92 -24.38 -8.05
O2B ADP T . -4.56 -23.07 -6.37
O3B ADP T . -4.10 -22.80 -8.84
PA ADP T . -3.69 -26.40 -7.63
O1A ADP T . -4.45 -26.97 -6.45
O2A ADP T . -4.24 -26.59 -9.03
O3A ADP T . -3.49 -24.80 -7.48
O5' ADP T . -2.18 -26.92 -7.54
C5' ADP T . -1.46 -26.75 -6.34
C4' ADP T . -0.16 -27.50 -6.42
O4' ADP T . -0.34 -28.79 -7.00
C3' ADP T . 0.82 -26.81 -7.33
O3' ADP T . 2.11 -27.04 -6.77
C2' ADP T . 0.69 -27.54 -8.65
O2' ADP T . 1.86 -27.38 -9.44
C1' ADP T . 0.46 -28.95 -8.17
N9 ADP T . -0.27 -29.74 -9.18
C8 ADP T . -1.45 -29.40 -9.73
N7 ADP T . -1.89 -30.31 -10.62
C5 ADP T . -0.95 -31.27 -10.65
C6 ADP T . -0.78 -32.53 -11.38
N6 ADP T . -1.72 -32.94 -12.26
N1 ADP T . 0.32 -33.25 -11.13
C2 ADP T . 1.26 -32.85 -10.25
N3 ADP T . 1.16 -31.70 -9.55
C4 ADP T . 0.10 -30.89 -9.70
PB ADP U . 13.04 -13.79 -28.06
O1B ADP U . 11.76 -14.18 -28.75
O2B ADP U . 13.29 -14.39 -26.71
O3B ADP U . 13.33 -12.32 -28.07
PA ADP U . 14.07 -15.13 -30.33
O1A ADP U . 13.51 -16.50 -30.12
O2A ADP U . 13.38 -14.18 -31.31
O3A ADP U . 14.26 -14.38 -28.91
O5' ADP U . 15.63 -15.27 -30.69
C5' ADP U . 16.55 -15.92 -29.81
C4' ADP U . 17.92 -16.02 -30.50
O4' ADP U . 17.79 -16.40 -31.90
C3' ADP U . 18.65 -14.69 -30.45
O3' ADP U . 20.05 -14.89 -30.17
C2' ADP U . 18.48 -14.12 -31.84
O2' ADP U . 19.61 -13.34 -32.22
C1' ADP U . 18.35 -15.37 -32.73
N9 ADP U . 17.49 -15.04 -33.89
C8 ADP U . 16.21 -14.59 -33.86
N7 ADP U . 15.72 -14.37 -35.11
C5 ADP U . 16.71 -14.67 -35.96
C6 ADP U . 16.85 -14.65 -37.42
N6 ADP U . 15.81 -14.27 -38.19
N1 ADP U . 18.04 -15.04 -37.91
C2 ADP U . 19.08 -15.42 -37.13
N3 ADP U . 19.02 -15.47 -35.79
C4 ADP U . 17.88 -15.10 -35.17
MG MG V . 54.90 -21.13 -10.95
AL ALF W . 52.32 -20.21 -9.33
F1 ALF W . 51.43 -18.87 -8.60
F2 ALF W . 53.25 -21.61 -10.01
F3 ALF W . 50.82 -21.17 -9.36
F4 ALF W . 53.78 -19.18 -9.31
MG MG X . 36.04 -19.68 11.26
AL ALF Y . 33.83 -17.25 10.66
F1 ALF Y . 33.21 -15.85 9.80
F2 ALF Y . 34.48 -18.61 11.64
F3 ALF Y . 32.21 -17.64 11.31
F4 ALF Y . 35.42 -16.87 10.01
MG MG Z . 20.58 2.18 20.73
AL ALF AA . 18.55 3.65 18.63
F1 ALF AA . 18.01 4.00 16.99
F2 ALF AA . 19.07 3.33 20.31
F3 ALF AA . 17.03 4.33 19.25
F4 ALF AA . 20.05 2.96 17.96
MG MG BA . 8.59 25.04 6.83
AL ALF CA . 6.29 24.06 4.49
F1 ALF CA . 5.46 22.86 3.52
F2 ALF CA . 7.14 25.26 5.53
F3 ALF CA . 4.85 25.10 4.38
F4 ALF CA . 7.71 23.00 4.53
MG MG DA . -2.08 27.27 -19.68
AL ALF EA . -4.49 24.97 -20.56
F1 ALF EA . -5.58 23.57 -20.25
F2 ALF EA . -3.30 26.30 -20.92
F3 ALF EA . -5.59 25.51 -21.89
F4 ALF EA . -3.39 24.38 -19.27
PB ADP FA . 52.02 -20.15 -12.46
O1B ADP FA . 53.31 -20.96 -12.47
O2B ADP FA . 51.98 -18.91 -13.30
O3B ADP FA . 51.54 -19.91 -11.03
PA ADP FA . 51.00 -22.50 -13.72
O1A ADP FA . 51.87 -22.54 -14.95
O2A ADP FA . 51.33 -23.29 -12.47
O3A ADP FA . 50.87 -20.97 -13.26
O5' ADP FA . 49.52 -22.93 -14.17
C5' ADP FA . 48.86 -22.30 -15.26
C4' ADP FA . 47.52 -22.97 -15.52
O4' ADP FA . 47.63 -24.39 -15.68
C3' ADP FA . 46.55 -22.73 -14.37
O3' ADP FA . 45.26 -22.49 -14.91
C2' ADP FA . 46.58 -24.02 -13.59
O2' ADP FA . 45.38 -24.29 -12.88
C1' ADP FA . 46.88 -25.06 -14.66
N9 ADP FA . 47.60 -26.18 -14.02
C8 ADP FA . 48.70 -26.11 -13.24
N7 ADP FA . 49.11 -27.34 -12.79
C5 ADP FA . 48.22 -28.21 -13.29
C6 ADP FA . 48.03 -29.67 -13.22
N6 ADP FA . 48.87 -30.45 -12.51
N1 ADP FA . 46.98 -30.20 -13.89
C2 ADP FA . 46.11 -29.43 -14.61
N3 ADP FA . 46.21 -28.09 -14.71
C4 ADP FA . 47.23 -27.44 -14.09
PB ADP GA . 33.30 -19.88 9.02
O1B ADP GA . 34.49 -20.44 9.83
O2B ADP GA . 33.34 -20.05 7.54
O3B ADP GA . 32.96 -18.45 9.47
PA ADP GA . 31.98 -22.09 10.36
O1A ADP GA . 32.78 -23.24 9.79
O2A ADP GA . 32.32 -21.52 11.73
O3A ADP GA . 32.02 -20.86 9.29
O5' ADP GA . 30.44 -22.54 10.40
C5' ADP GA . 29.83 -22.98 9.19
C4' ADP GA . 28.42 -23.40 9.53
O4' ADP GA . 28.48 -24.18 10.71
C3' ADP GA . 27.56 -22.18 9.82
O3' ADP GA . 26.28 -22.34 9.20
C2' ADP GA . 27.38 -22.20 11.32
O2' ADP GA . 26.09 -21.70 11.66
C1' ADP GA . 27.53 -23.68 11.64
N9 ADP GA . 28.07 -23.86 12.99
C8 ADP GA . 29.26 -23.41 13.40
N7 ADP GA . 29.47 -23.73 14.71
C5 ADP GA . 28.39 -24.41 15.15
C6 ADP GA . 27.96 -25.04 16.43
N6 ADP GA . 28.72 -25.02 17.53
N1 ADP GA . 26.77 -25.65 16.47
C2 ADP GA . 25.97 -25.68 15.38
N3 ADP GA . 26.29 -25.13 14.19
C4 ADP GA . 27.46 -24.49 14.00
PB ADP HA . 17.33 1.19 19.84
O1B ADP HA . 18.56 1.30 20.74
O2B ADP HA . 17.13 -0.10 19.11
O3B ADP HA . 17.22 2.39 18.93
PA ADP HA . 15.92 1.31 22.37
O1A ADP HA . 16.38 0.02 22.99
O2A ADP HA . 16.59 2.59 22.73
O3A ADP HA . 15.98 1.13 20.76
O5' ADP HA . 14.37 1.46 22.69
C5' ADP HA . 13.51 0.41 22.30
C4' ADP HA . 12.09 0.72 22.75
O4' ADP HA . 12.14 1.24 24.08
C3' ADP HA . 11.42 1.80 21.90
O3' ADP HA . 10.10 1.31 21.68
C2' ADP HA . 11.47 3.08 22.73
O2' ADP HA . 10.35 3.95 22.58
C1' ADP HA . 11.52 2.53 24.14
N9 ADP HA . 12.28 3.44 25.05
C8 ADP HA . 13.59 3.75 24.94
N7 ADP HA . 13.99 4.59 25.94
C5 ADP HA . 12.92 4.81 26.72
C6 ADP HA . 12.64 5.59 27.94
N6 ADP HA . 13.63 6.33 28.53
N1 ADP HA . 11.39 5.54 28.43
C2 ADP HA . 10.39 4.80 27.85
N3 ADP HA . 10.56 4.08 26.74
C4 ADP HA . 11.79 4.04 26.14
PB ADP IA . 5.31 24.00 7.36
O1B ADP IA . 6.59 24.75 7.74
O2B ADP IA . 5.00 22.74 8.09
O3B ADP IA . 5.10 23.75 5.88
PA ADP IA . 4.17 26.35 8.53
O1A ADP IA . 4.60 26.23 9.95
O2A ADP IA . 4.98 27.12 7.52
O3A ADP IA . 4.06 24.88 7.89
O5' ADP IA . 2.66 26.86 8.51
C5' ADP IA . 1.74 26.18 9.34
C4' ADP IA . 0.46 26.97 9.27
O4' ADP IA . 0.72 28.34 9.56
C3' ADP IA . -0.19 26.95 7.91
O3' ADP IA . -1.59 26.79 8.11
C2' ADP IA . 0.05 28.34 7.32
O2' ADP IA . -1.02 28.83 6.50
C1' ADP IA . 0.17 29.20 8.55
N9 ADP IA . 1.09 30.31 8.24
C8 ADP IA . 2.38 30.17 7.84
N7 ADP IA . 2.98 31.38 7.65
C5 ADP IA . 2.05 32.31 7.92
C6 ADP IA . 2.01 33.78 7.90
N6 ADP IA . 3.11 34.50 7.55
N1 ADP IA . 0.84 34.37 8.24
C2 ADP IA . -0.26 33.66 8.60
N3 ADP IA . -0.31 32.33 8.64
C4 ADP IA . 0.80 31.61 8.32
PB ADP JA . -5.38 27.70 -18.96
O1B ADP JA . -3.96 28.25 -19.09
O2B ADP JA . -5.90 27.68 -17.55
O3B ADP JA . -5.54 26.38 -19.73
PA ADP JA . -5.94 30.09 -20.39
O1A ADP JA . -5.46 31.07 -19.36
O2A ADP JA . -5.01 29.80 -21.57
O3A ADP JA . -6.41 28.74 -19.64
O5' ADP JA . -7.34 30.60 -20.94
C5' ADP JA . -8.47 30.80 -20.09
C4' ADP JA . -9.59 31.43 -20.91
O4' ADP JA . -9.07 32.38 -21.85
C3' ADP JA . -10.36 30.41 -21.74
O3' ADP JA . -11.76 30.64 -21.61
C2' ADP JA . -9.94 30.66 -23.18
O2' ADP JA . -11.02 30.57 -24.08
C1' ADP JA . -9.50 32.09 -23.18
N9 ADP JA . -8.36 32.27 -24.11
C8 ADP JA . -7.11 31.80 -23.95
N7 ADP JA . -6.29 32.16 -24.99
C5 ADP JA . -7.06 32.89 -25.83
C6 ADP JA . -6.83 33.56 -27.12
N6 ADP JA . -5.60 33.51 -27.69
N1 ADP JA . -7.89 34.20 -27.68
C2 ADP JA . -9.10 34.23 -27.08
N3 ADP JA . -9.39 33.63 -25.89
C4 ADP JA . -8.42 32.95 -25.25
#